data_4I9H
#
_entry.id   4I9H
#
_cell.length_a   83.866
_cell.length_b   139.690
_cell.length_c   138.810
_cell.angle_alpha   90.000
_cell.angle_beta   94.430
_cell.angle_gamma   90.000
#
_symmetry.space_group_name_H-M   'P 1 21 1'
#
loop_
_entity.id
_entity.type
_entity.pdbx_description
1 polymer 'L-lactate dehydrogenase A chain'
2 non-polymer 1-O-[3-(5-carboxypyridin-2-yl)-5-fluorophenyl]-6-O-[4-({[(5-carboxypyridin-2-yl)sulfanyl]acetyl}amino)-2-chloro-5-methoxyphenyl]-D-mannitol
3 water water
#
_entity_poly.entity_id   1
_entity_poly.type   'polypeptide(L)'
_entity_poly.pdbx_seq_one_letter_code
;AALKDQLIHNLLKEEHVPQNKITVVGVGAVGMACAISILMKDLADELALVDVMEDKLKGEMMDLQHGSLFLRTPKIVSGK
DYSVTANSKLVIITAGARQQEGESRLNLVQRNVNIFKFIIPNVVKYSPHCKLLVVSNPVDILTYVAWKISGFPKNRVIGS
GCNLDSARFRYLMGERLGVHALSCHGWILGEHGDSSVPVWSGMNVAGVSLKTLHPELGTDADKEQWKQVHKQVVDSAYEV
IKLKGYTTWAIGLSVADLAESIMKNLRRVHPISTMLKGLYGIKEDVFLSVPCVLGQNGISDVVKVTLTSEEEAHLKKSAD
TLWGIQKELQF
;
_entity_poly.pdbx_strand_id   A,B,C,D,E,F,G,H
#
# COMPACT_ATOMS: atom_id res chain seq x y z
N ALA A 1 -24.92 -65.83 21.02
CA ALA A 1 -23.55 -65.39 21.45
C ALA A 1 -23.60 -63.95 21.94
N ALA A 2 -22.55 -63.54 22.65
CA ALA A 2 -22.45 -62.17 23.14
C ALA A 2 -22.41 -61.21 21.97
N LEU A 3 -22.90 -59.99 22.17
CA LEU A 3 -22.98 -59.01 21.09
C LEU A 3 -21.60 -58.77 20.49
N LYS A 4 -20.58 -58.80 21.33
CA LYS A 4 -19.22 -58.62 20.85
C LYS A 4 -18.87 -59.66 19.80
N ASP A 5 -19.28 -60.90 20.05
CA ASP A 5 -18.92 -62.01 19.17
C ASP A 5 -19.80 -62.05 17.94
N GLN A 6 -21.00 -61.49 18.05
CA GLN A 6 -21.85 -61.34 16.88
C GLN A 6 -21.25 -60.26 15.99
N LEU A 7 -20.66 -59.25 16.64
CA LEU A 7 -20.14 -58.10 15.92
C LEU A 7 -18.75 -58.38 15.34
N ILE A 8 -17.97 -59.15 16.08
CA ILE A 8 -16.54 -59.26 15.81
C ILE A 8 -16.05 -60.70 15.81
N HIS A 9 -15.42 -61.10 14.71
CA HIS A 9 -14.79 -62.42 14.66
C HIS A 9 -13.31 -62.32 15.00
N ASN A 10 -12.90 -63.03 16.05
CA ASN A 10 -11.51 -63.01 16.49
C ASN A 10 -10.67 -63.98 15.65
N LEU A 11 -9.56 -63.50 15.13
CA LEU A 11 -8.71 -64.30 14.28
C LEU A 11 -7.37 -64.64 14.92
N LEU A 12 -7.04 -63.96 16.00
CA LEU A 12 -5.74 -64.12 16.61
C LEU A 12 -5.86 -64.24 18.12
N LYS A 13 -5.04 -65.09 18.71
CA LYS A 13 -4.93 -65.14 20.15
C LYS A 13 -3.93 -64.09 20.58
N GLU A 14 -4.43 -63.04 21.21
CA GLU A 14 -3.66 -61.82 21.37
C GLU A 14 -2.78 -61.84 22.61
N GLU A 15 -1.49 -61.71 22.37
CA GLU A 15 -0.51 -61.48 23.41
C GLU A 15 -0.35 -59.97 23.58
N HIS A 16 -0.59 -59.45 24.77
CA HIS A 16 -0.27 -58.05 25.00
C HIS A 16 1.11 -57.88 25.61
N VAL A 17 2.07 -57.60 24.75
CA VAL A 17 3.42 -57.25 25.18
C VAL A 17 3.69 -55.79 24.85
N PRO A 18 3.61 -54.91 25.86
CA PRO A 18 3.80 -53.47 25.61
C PRO A 18 5.13 -53.23 24.91
N GLN A 19 5.12 -52.28 23.97
CA GLN A 19 6.30 -52.03 23.16
C GLN A 19 6.98 -50.74 23.53
N ASN A 20 6.19 -49.70 23.76
CA ASN A 20 6.75 -48.42 24.12
C ASN A 20 6.08 -47.88 25.38
N LYS A 21 6.22 -48.66 26.46
CA LYS A 21 5.53 -48.39 27.70
C LYS A 21 6.34 -47.43 28.58
N ILE A 22 5.63 -46.49 29.21
CA ILE A 22 6.25 -45.56 30.14
C ILE A 22 5.49 -45.64 31.46
N THR A 23 6.23 -45.67 32.57
CA THR A 23 5.60 -45.58 33.89
C THR A 23 5.94 -44.27 34.56
N VAL A 24 4.96 -43.69 35.24
CA VAL A 24 5.18 -42.56 36.12
C VAL A 24 4.88 -42.99 37.56
N VAL A 25 5.88 -42.88 38.43
CA VAL A 25 5.70 -43.25 39.83
C VAL A 25 5.44 -41.98 40.63
N GLY A 26 4.31 -41.96 41.33
CA GLY A 26 3.87 -40.75 42.01
C GLY A 26 2.86 -39.99 41.16
N VAL A 27 1.63 -39.90 41.65
CA VAL A 27 0.59 -39.21 40.91
C VAL A 27 0.23 -37.90 41.58
N GLY A 28 1.26 -37.21 42.07
CA GLY A 28 1.06 -35.86 42.55
C GLY A 28 0.94 -34.89 41.40
N ALA A 29 0.97 -33.60 41.69
CA ALA A 29 0.79 -32.60 40.66
C ALA A 29 1.93 -32.70 39.63
N VAL A 30 3.12 -33.05 40.08
CA VAL A 30 4.24 -33.24 39.16
C VAL A 30 4.09 -34.49 38.29
N GLY A 31 3.78 -35.61 38.91
CA GLY A 31 3.64 -36.85 38.16
C GLY A 31 2.56 -36.73 37.10
N MET A 32 1.42 -36.15 37.48
CA MET A 32 0.28 -36.04 36.59
C MET A 32 0.55 -35.05 35.44
N ALA A 33 1.37 -34.03 35.70
CA ALA A 33 1.80 -33.12 34.64
C ALA A 33 2.72 -33.82 33.63
N CYS A 34 3.61 -34.65 34.14
CA CYS A 34 4.44 -35.50 33.30
C CYS A 34 3.56 -36.42 32.49
N ALA A 35 2.51 -36.93 33.13
CA ALA A 35 1.62 -37.90 32.49
C ALA A 35 0.87 -37.29 31.31
N ILE A 36 0.20 -36.16 31.53
CA ILE A 36 -0.62 -35.60 30.48
C ILE A 36 0.29 -35.06 29.35
N SER A 37 1.45 -34.52 29.71
CA SER A 37 2.41 -34.06 28.72
C SER A 37 2.89 -35.20 27.82
N ILE A 38 3.17 -36.35 28.44
CA ILE A 38 3.59 -37.52 27.68
C ILE A 38 2.44 -38.05 26.84
N LEU A 39 1.23 -38.05 27.40
CA LEU A 39 0.09 -38.56 26.65
C LEU A 39 -0.17 -37.68 25.43
N MET A 40 0.03 -36.38 25.55
CA MET A 40 -0.26 -35.49 24.44
C MET A 40 0.85 -35.41 23.41
N LYS A 41 2.02 -35.99 23.74
CA LYS A 41 3.11 -36.04 22.78
C LYS A 41 3.19 -37.40 22.07
N ASP A 42 2.28 -38.29 22.42
CA ASP A 42 2.22 -39.61 21.78
C ASP A 42 3.53 -40.39 21.90
N LEU A 43 4.10 -40.43 23.09
CA LEU A 43 5.41 -41.05 23.24
C LEU A 43 5.33 -42.52 23.66
N ALA A 44 4.15 -42.96 24.08
CA ALA A 44 4.00 -44.32 24.60
C ALA A 44 2.77 -45.00 24.02
N ASP A 45 2.82 -46.32 23.91
CA ASP A 45 1.60 -47.07 23.59
C ASP A 45 0.94 -47.59 24.86
N GLU A 46 1.61 -47.41 26.00
CA GLU A 46 1.02 -47.74 27.30
C GLU A 46 1.59 -46.88 28.43
N LEU A 47 0.69 -46.32 29.25
CA LEU A 47 1.12 -45.56 30.41
C LEU A 47 0.66 -46.27 31.66
N ALA A 48 1.58 -46.46 32.61
CA ALA A 48 1.23 -46.99 33.92
C ALA A 48 1.44 -45.93 34.99
N LEU A 49 0.52 -45.83 35.95
CA LEU A 49 0.69 -44.97 37.10
C LEU A 49 0.76 -45.78 38.38
N VAL A 50 1.70 -45.46 39.26
CA VAL A 50 1.81 -46.11 40.55
C VAL A 50 1.93 -45.08 41.68
N ASP A 51 1.27 -45.36 42.80
CA ASP A 51 1.39 -44.53 43.99
C ASP A 51 0.94 -45.38 45.17
N VAL A 52 1.04 -44.85 46.40
CA VAL A 52 0.52 -45.56 47.57
C VAL A 52 -0.87 -45.09 47.98
N MET A 53 -1.31 -43.95 47.45
CA MET A 53 -2.67 -43.49 47.72
C MET A 53 -3.61 -44.04 46.66
N GLU A 54 -4.25 -45.17 46.97
CA GLU A 54 -4.99 -45.94 45.97
C GLU A 54 -6.22 -45.23 45.40
N ASP A 55 -6.95 -44.51 46.24
CA ASP A 55 -8.10 -43.75 45.74
C ASP A 55 -7.69 -42.68 44.74
N LYS A 56 -6.77 -41.81 45.17
CA LYS A 56 -6.19 -40.81 44.29
C LYS A 56 -5.72 -41.43 42.97
N LEU A 57 -4.96 -42.51 43.08
CA LEU A 57 -4.39 -43.22 41.96
C LEU A 57 -5.47 -43.68 40.98
N LYS A 58 -6.47 -44.39 41.48
CA LYS A 58 -7.56 -44.90 40.64
C LYS A 58 -8.31 -43.76 39.96
N GLY A 59 -8.56 -42.69 40.71
CA GLY A 59 -9.25 -41.53 40.18
C GLY A 59 -8.49 -40.84 39.06
N GLU A 60 -7.18 -40.72 39.20
CA GLU A 60 -6.36 -40.12 38.14
C GLU A 60 -6.35 -40.99 36.90
N MET A 61 -6.17 -42.30 37.09
CA MET A 61 -6.19 -43.23 35.96
C MET A 61 -7.50 -43.06 35.19
N MET A 62 -8.61 -43.08 35.90
CA MET A 62 -9.93 -43.03 35.29
C MET A 62 -10.13 -41.75 34.51
N ASP A 63 -9.65 -40.65 35.08
CA ASP A 63 -9.77 -39.34 34.46
C ASP A 63 -9.00 -39.33 33.13
N LEU A 64 -7.83 -39.97 33.10
CA LEU A 64 -7.04 -40.04 31.88
C LEU A 64 -7.71 -40.97 30.87
N GLN A 65 -8.21 -42.10 31.35
CA GLN A 65 -8.84 -43.07 30.48
C GLN A 65 -10.04 -42.43 29.77
N HIS A 66 -10.74 -41.56 30.48
CA HIS A 66 -11.94 -40.96 29.93
C HIS A 66 -11.66 -40.07 28.73
N GLY A 67 -10.42 -39.60 28.61
CA GLY A 67 -10.05 -38.83 27.44
C GLY A 67 -9.45 -39.67 26.33
N SER A 68 -9.64 -41.00 26.40
CA SER A 68 -9.06 -41.92 25.43
C SER A 68 -9.34 -41.51 23.98
N LEU A 69 -10.57 -41.07 23.72
CA LEU A 69 -11.02 -40.70 22.40
C LEU A 69 -10.12 -39.64 21.79
N PHE A 70 -9.61 -38.75 22.65
CA PHE A 70 -8.78 -37.64 22.19
C PHE A 70 -7.26 -37.92 22.24
N LEU A 71 -6.89 -39.17 22.52
CA LEU A 71 -5.49 -39.52 22.67
C LEU A 71 -5.11 -40.64 21.71
N ARG A 72 -3.81 -40.90 21.60
CA ARG A 72 -3.33 -42.00 20.78
C ARG A 72 -2.47 -42.96 21.60
N THR A 73 -2.82 -43.09 22.88
CA THR A 73 -2.14 -44.01 23.79
C THR A 73 -3.18 -44.99 24.30
N PRO A 74 -3.27 -46.17 23.69
CA PRO A 74 -4.45 -47.04 23.84
C PRO A 74 -4.62 -47.70 25.20
N LYS A 75 -3.54 -47.80 25.98
CA LYS A 75 -3.66 -48.45 27.27
C LYS A 75 -3.11 -47.61 28.42
N ILE A 76 -3.96 -47.41 29.43
CA ILE A 76 -3.58 -46.68 30.63
C ILE A 76 -4.00 -47.49 31.83
N VAL A 77 -3.03 -47.82 32.68
CA VAL A 77 -3.25 -48.70 33.82
C VAL A 77 -2.67 -48.08 35.08
N SER A 78 -3.08 -48.61 36.24
CA SER A 78 -2.58 -48.14 37.53
C SER A 78 -2.78 -49.17 38.63
N GLY A 79 -2.15 -48.92 39.76
CA GLY A 79 -2.26 -49.82 40.91
C GLY A 79 -1.08 -49.61 41.85
N LYS A 80 -1.26 -49.98 43.12
CA LYS A 80 -0.19 -49.89 44.11
C LYS A 80 0.82 -51.00 43.87
N ASP A 81 0.41 -52.03 43.15
CA ASP A 81 1.29 -53.16 42.85
C ASP A 81 2.09 -52.94 41.57
N TYR A 82 3.40 -53.16 41.64
CA TYR A 82 4.27 -52.80 40.52
C TYR A 82 4.23 -53.79 39.36
N SER A 83 3.38 -54.81 39.46
CA SER A 83 3.18 -55.70 38.32
C SER A 83 2.59 -54.90 37.17
N VAL A 84 1.80 -53.88 37.51
CA VAL A 84 1.25 -52.96 36.50
C VAL A 84 2.31 -52.21 35.71
N THR A 85 3.54 -52.15 36.22
CA THR A 85 4.59 -51.39 35.52
C THR A 85 5.46 -52.26 34.63
N ALA A 86 5.11 -53.53 34.49
CA ALA A 86 6.01 -54.51 33.86
C ALA A 86 6.40 -54.10 32.43
N ASN A 87 7.67 -54.31 32.10
CA ASN A 87 8.14 -54.12 30.73
C ASN A 87 8.09 -52.67 30.25
N SER A 88 8.27 -51.72 31.16
CA SER A 88 8.40 -50.31 30.79
C SER A 88 9.77 -50.07 30.15
N LYS A 89 9.78 -49.27 29.09
CA LYS A 89 11.04 -48.78 28.54
C LYS A 89 11.61 -47.66 29.40
N LEU A 90 10.73 -46.88 30.01
CA LEU A 90 11.13 -45.73 30.81
C LEU A 90 10.23 -45.60 32.04
N VAL A 91 10.86 -45.37 33.19
CA VAL A 91 10.14 -45.25 34.45
C VAL A 91 10.55 -43.95 35.12
N ILE A 92 9.56 -43.11 35.41
CA ILE A 92 9.81 -41.75 35.85
C ILE A 92 9.40 -41.66 37.32
N ILE A 93 10.31 -41.19 38.17
CA ILE A 93 10.09 -41.23 39.61
C ILE A 93 9.82 -39.82 40.10
N THR A 94 8.59 -39.58 40.54
CA THR A 94 8.25 -38.28 41.12
C THR A 94 7.85 -38.43 42.58
N ALA A 95 8.11 -39.60 43.15
CA ALA A 95 7.74 -39.87 44.55
C ALA A 95 8.63 -39.14 45.53
N GLY A 96 8.03 -38.61 46.59
CA GLY A 96 8.80 -37.89 47.58
C GLY A 96 8.11 -37.88 48.94
N ALA A 97 8.88 -37.63 49.99
CA ALA A 97 8.35 -37.70 51.35
C ALA A 97 7.66 -36.41 51.75
N ARG A 98 6.70 -36.51 52.67
CA ARG A 98 5.96 -35.35 53.15
C ARG A 98 6.67 -34.72 54.35
N GLN A 99 6.92 -33.42 54.27
CA GLN A 99 7.64 -32.71 55.32
C GLN A 99 6.82 -32.57 56.60
N LEU A 106 16.76 -31.72 59.35
CA LEU A 106 16.37 -32.22 58.04
C LEU A 106 15.96 -33.69 58.15
N ASN A 107 16.80 -34.58 57.63
CA ASN A 107 16.53 -36.02 57.65
C ASN A 107 15.44 -36.38 56.66
N LEU A 108 15.20 -35.48 55.72
CA LEU A 108 14.22 -35.72 54.66
C LEU A 108 14.80 -36.71 53.66
N VAL A 109 15.94 -36.34 53.09
CA VAL A 109 16.60 -37.19 52.11
C VAL A 109 16.62 -38.62 52.62
N GLN A 110 16.75 -38.78 53.93
CA GLN A 110 16.77 -40.12 54.49
C GLN A 110 15.41 -40.79 54.28
N ARG A 111 14.34 -40.04 54.54
CA ARG A 111 13.00 -40.59 54.34
C ARG A 111 12.69 -40.79 52.86
N ASN A 112 13.15 -39.87 52.01
CA ASN A 112 13.07 -40.10 50.57
C ASN A 112 13.85 -41.35 50.18
N VAL A 113 15.04 -41.52 50.77
CA VAL A 113 15.84 -42.72 50.56
C VAL A 113 15.07 -43.96 50.98
N ASN A 114 14.41 -43.88 52.14
CA ASN A 114 13.58 -44.98 52.59
C ASN A 114 12.50 -45.27 51.54
N ILE A 115 11.83 -44.22 51.07
CA ILE A 115 10.88 -44.39 49.98
C ILE A 115 11.51 -45.10 48.77
N PHE A 116 12.70 -44.68 48.38
CA PHE A 116 13.34 -45.26 47.21
C PHE A 116 13.79 -46.69 47.45
N LYS A 117 14.04 -47.04 48.72
CA LYS A 117 14.44 -48.39 49.09
C LYS A 117 13.31 -49.36 48.82
N PHE A 118 12.08 -48.85 48.85
CA PHE A 118 10.94 -49.67 48.53
C PHE A 118 10.60 -49.63 47.03
N ILE A 119 10.60 -48.43 46.45
CA ILE A 119 10.15 -48.24 45.08
C ILE A 119 11.10 -48.84 44.04
N ILE A 120 12.38 -48.50 44.13
CA ILE A 120 13.30 -48.85 43.06
C ILE A 120 13.41 -50.37 42.83
N PRO A 121 13.64 -51.16 43.88
CA PRO A 121 13.73 -52.61 43.65
C PRO A 121 12.43 -53.17 43.05
N ASN A 122 11.30 -52.59 43.45
CA ASN A 122 10.01 -52.95 42.87
C ASN A 122 9.96 -52.60 41.38
N VAL A 123 10.52 -51.44 41.04
CA VAL A 123 10.59 -51.03 39.66
C VAL A 123 11.49 -51.95 38.87
N VAL A 124 12.68 -52.22 39.39
CA VAL A 124 13.66 -53.02 38.68
C VAL A 124 13.19 -54.46 38.51
N LYS A 125 12.46 -54.96 39.51
CA LYS A 125 11.89 -56.30 39.46
C LYS A 125 10.98 -56.51 38.24
N TYR A 126 10.13 -55.53 37.95
CA TYR A 126 9.15 -55.67 36.89
C TYR A 126 9.56 -55.10 35.54
N SER A 127 10.54 -54.20 35.54
CA SER A 127 11.12 -53.70 34.29
C SER A 127 12.64 -53.75 34.35
N PRO A 128 13.21 -54.95 34.22
CA PRO A 128 14.66 -55.16 34.40
C PRO A 128 15.51 -54.31 33.44
N HIS A 129 14.95 -53.93 32.31
CA HIS A 129 15.71 -53.28 31.24
C HIS A 129 15.38 -51.81 31.02
N CYS A 130 14.62 -51.22 31.94
CA CYS A 130 14.13 -49.86 31.72
C CYS A 130 15.23 -48.83 31.92
N LYS A 131 15.00 -47.62 31.42
CA LYS A 131 15.76 -46.45 31.84
C LYS A 131 15.03 -45.85 33.03
N LEU A 132 15.79 -45.30 33.98
CA LEU A 132 15.22 -44.60 35.12
C LEU A 132 15.44 -43.10 34.99
N LEU A 133 14.37 -42.32 35.12
CA LEU A 133 14.44 -40.86 35.12
C LEU A 133 13.92 -40.38 36.48
N VAL A 134 14.83 -39.87 37.30
CA VAL A 134 14.45 -39.36 38.61
C VAL A 134 14.18 -37.85 38.54
N VAL A 135 13.07 -37.42 39.14
CA VAL A 135 12.69 -36.01 39.15
C VAL A 135 12.55 -35.54 40.61
N SER A 136 12.32 -36.48 41.53
CA SER A 136 12.14 -36.14 42.96
C SER A 136 13.32 -35.36 43.51
N ASN A 137 13.05 -34.43 44.43
CA ASN A 137 14.12 -33.63 45.03
C ASN A 137 14.52 -34.17 46.39
N PRO A 138 15.79 -33.99 46.77
CA PRO A 138 16.87 -33.35 45.99
C PRO A 138 17.38 -34.24 44.85
N VAL A 139 17.26 -33.77 43.62
CA VAL A 139 17.30 -34.68 42.49
C VAL A 139 18.65 -35.33 42.22
N ASP A 140 19.75 -34.61 42.43
CA ASP A 140 21.08 -35.18 42.19
C ASP A 140 21.38 -36.28 43.20
N ILE A 141 20.97 -36.06 44.44
CA ILE A 141 21.16 -37.07 45.48
C ILE A 141 20.29 -38.31 45.25
N LEU A 142 18.99 -38.09 45.00
CA LEU A 142 18.08 -39.22 44.84
C LEU A 142 18.38 -40.02 43.59
N THR A 143 18.89 -39.34 42.56
CA THR A 143 19.29 -40.04 41.35
C THR A 143 20.47 -40.96 41.66
N TYR A 144 21.39 -40.50 42.52
CA TYR A 144 22.49 -41.35 42.99
C TYR A 144 21.94 -42.55 43.76
N VAL A 145 20.97 -42.30 44.63
CA VAL A 145 20.36 -43.37 45.42
C VAL A 145 19.69 -44.38 44.50
N ALA A 146 18.87 -43.89 43.56
CA ALA A 146 18.18 -44.75 42.60
C ALA A 146 19.17 -45.64 41.88
N TRP A 147 20.27 -45.03 41.43
CA TRP A 147 21.34 -45.74 40.73
C TRP A 147 21.94 -46.86 41.58
N LYS A 148 22.34 -46.52 42.80
CA LYS A 148 22.97 -47.50 43.69
C LYS A 148 22.03 -48.67 44.00
N ILE A 149 20.80 -48.34 44.39
CA ILE A 149 19.80 -49.36 44.71
C ILE A 149 19.43 -50.21 43.49
N SER A 150 19.38 -49.59 42.32
CA SER A 150 18.86 -50.27 41.13
C SER A 150 19.81 -51.34 40.60
N GLY A 151 21.10 -51.14 40.79
CA GLY A 151 22.07 -52.06 40.24
C GLY A 151 22.37 -51.79 38.77
N PHE A 152 21.69 -50.80 38.20
CA PHE A 152 21.80 -50.47 36.77
C PHE A 152 23.14 -49.84 36.42
N PRO A 153 23.64 -50.11 35.19
CA PRO A 153 24.77 -49.33 34.70
C PRO A 153 24.36 -47.86 34.60
N LYS A 154 25.36 -46.98 34.68
CA LYS A 154 25.10 -45.57 34.87
C LYS A 154 24.40 -44.92 33.68
N ASN A 155 24.55 -45.45 32.48
CA ASN A 155 23.90 -44.83 31.32
C ASN A 155 22.38 -44.87 31.42
N ARG A 156 21.85 -45.77 32.24
CA ARG A 156 20.40 -45.96 32.30
C ARG A 156 19.71 -45.24 33.47
N VAL A 157 20.46 -44.46 34.24
CA VAL A 157 19.86 -43.72 35.34
C VAL A 157 20.09 -42.23 35.20
N ILE A 158 19.00 -41.48 35.09
CA ILE A 158 19.06 -40.08 34.69
C ILE A 158 18.28 -39.20 35.68
N GLY A 159 18.85 -38.05 36.02
CA GLY A 159 18.15 -37.10 36.85
C GLY A 159 17.71 -35.91 36.02
N SER A 160 16.50 -35.42 36.24
CA SER A 160 16.01 -34.26 35.52
C SER A 160 16.97 -33.07 35.69
N GLY A 161 17.68 -33.05 36.82
CA GLY A 161 18.75 -32.08 37.01
C GLY A 161 18.37 -30.65 36.65
N CYS A 162 19.22 -29.99 35.86
CA CYS A 162 19.03 -28.58 35.54
C CYS A 162 18.27 -28.34 34.23
N ASN A 163 17.60 -29.38 33.74
CA ASN A 163 16.92 -29.33 32.47
C ASN A 163 15.89 -28.20 32.50
N LEU A 164 15.06 -28.18 33.53
CA LEU A 164 14.01 -27.16 33.64
C LEU A 164 14.59 -25.78 33.89
N ASP A 165 15.57 -25.69 34.79
CA ASP A 165 16.14 -24.39 35.10
C ASP A 165 16.80 -23.78 33.86
N SER A 166 17.32 -24.63 32.99
CA SER A 166 17.89 -24.17 31.74
C SER A 166 16.80 -23.62 30.82
N ALA A 167 15.71 -24.35 30.73
CA ALA A 167 14.55 -23.91 29.96
C ALA A 167 14.00 -22.59 30.54
N ARG A 168 14.04 -22.46 31.85
CA ARG A 168 13.64 -21.22 32.50
C ARG A 168 14.60 -20.09 32.11
N PHE A 169 15.89 -20.39 32.11
CA PHE A 169 16.89 -19.38 31.84
C PHE A 169 16.69 -18.85 30.42
N ARG A 170 16.50 -19.78 29.49
CA ARG A 170 16.33 -19.42 28.09
C ARG A 170 15.04 -18.62 27.89
N TYR A 171 14.00 -18.98 28.61
CA TYR A 171 12.77 -18.20 28.59
C TYR A 171 13.05 -16.78 29.02
N LEU A 172 13.79 -16.62 30.11
CA LEU A 172 14.06 -15.28 30.64
C LEU A 172 15.01 -14.53 29.70
N MET A 173 15.91 -15.27 29.07
CA MET A 173 16.79 -14.69 28.07
C MET A 173 15.93 -14.12 26.95
N GLY A 174 14.96 -14.91 26.50
CA GLY A 174 14.10 -14.47 25.41
C GLY A 174 13.23 -13.26 25.69
N GLU A 175 12.81 -13.08 26.94
CA GLU A 175 12.05 -11.90 27.31
C GLU A 175 12.93 -10.66 27.24
N ARG A 176 14.18 -10.80 27.65
CA ARG A 176 15.11 -9.68 27.65
C ARG A 176 15.52 -9.29 26.23
N LEU A 177 15.64 -10.26 25.34
CA LEU A 177 16.14 -9.99 24.00
C LEU A 177 15.01 -9.84 22.98
N GLY A 178 13.82 -10.32 23.31
CA GLY A 178 12.70 -10.21 22.40
C GLY A 178 12.65 -11.29 21.33
N VAL A 179 13.23 -12.45 21.60
CA VAL A 179 13.12 -13.58 20.68
C VAL A 179 12.75 -14.86 21.42
N HIS A 180 12.20 -15.82 20.68
CA HIS A 180 11.73 -17.04 21.31
C HIS A 180 12.85 -17.80 22.03
N ALA A 181 12.51 -18.43 23.15
CA ALA A 181 13.46 -19.20 23.95
C ALA A 181 14.20 -20.23 23.10
N LEU A 182 13.51 -20.78 22.10
CA LEU A 182 14.10 -21.75 21.17
C LEU A 182 15.34 -21.19 20.49
N SER A 183 15.37 -19.89 20.29
CA SER A 183 16.44 -19.23 19.58
C SER A 183 17.45 -18.60 20.53
N CYS A 184 17.16 -18.62 21.83
CA CYS A 184 18.12 -18.18 22.82
C CYS A 184 18.82 -19.36 23.48
N HIS A 185 20.14 -19.34 23.47
CA HIS A 185 20.87 -20.48 23.98
C HIS A 185 21.66 -20.16 25.24
N GLY A 186 21.57 -21.05 26.21
CA GLY A 186 22.24 -20.83 27.48
C GLY A 186 22.15 -22.08 28.31
N TRP A 187 23.18 -22.32 29.13
CA TRP A 187 23.25 -23.57 29.86
C TRP A 187 23.49 -23.34 31.35
N ILE A 188 22.58 -23.87 32.14
CA ILE A 188 22.77 -23.97 33.57
C ILE A 188 23.17 -25.40 33.94
N LEU A 189 24.32 -25.53 34.58
CA LEU A 189 24.91 -26.83 34.84
C LEU A 189 25.21 -27.05 36.31
N GLY A 190 25.70 -28.25 36.62
CA GLY A 190 26.16 -28.54 37.96
C GLY A 190 25.08 -29.09 38.87
N GLU A 191 25.16 -28.70 40.14
CA GLU A 191 24.20 -29.14 41.14
C GLU A 191 22.89 -28.39 40.97
N HIS A 192 21.78 -29.13 40.90
CA HIS A 192 20.46 -28.52 40.75
C HIS A 192 20.19 -27.60 41.95
N GLY A 193 19.62 -26.42 41.69
CA GLY A 193 19.28 -25.53 42.79
C GLY A 193 20.15 -24.29 42.89
N ASP A 194 20.28 -23.76 44.11
CA ASP A 194 20.99 -22.51 44.36
C ASP A 194 22.45 -22.53 43.95
N SER A 195 23.05 -23.72 43.87
CA SER A 195 24.48 -23.82 43.59
C SER A 195 24.79 -24.10 42.12
N SER A 196 23.75 -24.06 41.28
CA SER A 196 23.92 -24.33 39.87
C SER A 196 24.77 -23.27 39.17
N VAL A 197 25.36 -23.64 38.05
CA VAL A 197 26.34 -22.78 37.37
C VAL A 197 25.81 -22.20 36.08
N PRO A 198 25.60 -20.86 36.04
CA PRO A 198 25.28 -20.21 34.78
C PRO A 198 26.54 -20.06 33.95
N VAL A 199 26.65 -20.88 32.89
CA VAL A 199 27.81 -20.82 32.02
C VAL A 199 27.68 -19.64 31.08
N TRP A 200 28.10 -18.47 31.57
CA TRP A 200 27.98 -17.22 30.82
C TRP A 200 28.57 -17.29 29.42
N SER A 201 29.67 -18.03 29.27
CA SER A 201 30.42 -18.03 28.03
C SER A 201 29.67 -18.65 26.86
N GLY A 202 28.69 -19.50 27.16
CA GLY A 202 28.00 -20.22 26.11
C GLY A 202 26.69 -19.58 25.69
N MET A 203 26.30 -18.51 26.36
CA MET A 203 25.02 -17.85 26.06
C MET A 203 25.13 -17.09 24.74
N ASN A 204 24.17 -17.34 23.85
CA ASN A 204 24.24 -16.77 22.53
C ASN A 204 22.91 -16.84 21.79
N VAL A 205 22.75 -15.95 20.82
CA VAL A 205 21.72 -16.08 19.79
C VAL A 205 22.44 -16.21 18.45
N ALA A 206 22.06 -17.22 17.67
CA ALA A 206 22.59 -17.38 16.31
C ALA A 206 24.11 -17.45 16.29
N GLY A 207 24.71 -18.02 17.32
CA GLY A 207 26.16 -18.18 17.35
C GLY A 207 26.93 -16.94 17.76
N VAL A 208 26.22 -15.92 18.22
CA VAL A 208 26.86 -14.67 18.66
C VAL A 208 27.02 -14.67 20.18
N SER A 209 28.26 -14.71 20.64
CA SER A 209 28.53 -14.78 22.07
C SER A 209 28.10 -13.50 22.76
N LEU A 210 27.20 -13.61 23.72
CA LEU A 210 26.77 -12.43 24.48
C LEU A 210 27.91 -11.91 25.35
N LYS A 211 28.68 -12.82 25.93
CA LYS A 211 29.79 -12.45 26.77
C LYS A 211 30.86 -11.68 25.96
N THR A 212 31.05 -12.03 24.71
CA THR A 212 32.04 -11.32 23.91
C THR A 212 31.52 -9.94 23.53
N LEU A 213 30.22 -9.84 23.28
CA LEU A 213 29.59 -8.54 23.04
C LEU A 213 29.62 -7.68 24.31
N HIS A 214 29.62 -8.35 25.45
CA HIS A 214 29.38 -7.68 26.73
C HIS A 214 30.17 -8.40 27.81
N PRO A 215 31.48 -8.12 27.89
CA PRO A 215 32.39 -8.89 28.75
C PRO A 215 31.96 -8.88 30.22
N GLU A 216 31.17 -7.90 30.60
CA GLU A 216 30.76 -7.80 32.00
C GLU A 216 29.59 -8.74 32.29
N LEU A 217 29.08 -9.39 31.24
CA LEU A 217 27.96 -10.32 31.39
C LEU A 217 28.16 -11.22 32.61
N GLY A 218 27.20 -11.18 33.52
CA GLY A 218 27.19 -12.10 34.64
C GLY A 218 28.04 -11.68 35.83
N THR A 219 28.60 -10.47 35.79
CA THR A 219 29.39 -9.97 36.90
C THR A 219 28.61 -8.95 37.72
N ASP A 220 29.13 -8.62 38.89
CA ASP A 220 28.52 -7.59 39.74
C ASP A 220 28.52 -6.24 39.05
N ALA A 221 29.56 -5.99 38.24
CA ALA A 221 29.74 -4.70 37.59
C ALA A 221 28.87 -4.57 36.35
N ASP A 222 28.08 -5.61 36.08
CA ASP A 222 27.22 -5.63 34.91
C ASP A 222 26.06 -4.69 35.14
N LYS A 223 25.94 -3.68 34.30
CA LYS A 223 24.91 -2.67 34.47
C LYS A 223 23.53 -3.22 34.13
N GLU A 224 23.51 -4.29 33.32
CA GLU A 224 22.26 -4.94 32.97
C GLU A 224 21.90 -6.06 33.94
N GLN A 225 22.83 -6.36 34.84
CA GLN A 225 22.50 -7.24 35.97
C GLN A 225 22.08 -8.64 35.53
N TRP A 226 22.75 -9.18 34.52
CA TRP A 226 22.38 -10.50 34.02
C TRP A 226 22.53 -11.58 35.08
N LYS A 227 23.41 -11.37 36.04
CA LYS A 227 23.54 -12.29 37.15
C LYS A 227 22.20 -12.53 37.85
N GLN A 228 21.35 -11.51 37.85
CA GLN A 228 20.06 -11.62 38.53
C GLN A 228 19.11 -12.55 37.76
N VAL A 229 19.38 -12.76 36.46
CA VAL A 229 18.61 -13.71 35.69
C VAL A 229 18.81 -15.14 36.21
N HIS A 230 20.06 -15.52 36.49
CA HIS A 230 20.31 -16.83 37.08
C HIS A 230 19.66 -16.88 38.46
N LYS A 231 19.78 -15.78 39.19
CA LYS A 231 19.17 -15.68 40.51
C LYS A 231 17.67 -15.93 40.41
N GLN A 232 17.05 -15.31 39.42
CA GLN A 232 15.62 -15.42 39.21
C GLN A 232 15.20 -16.85 38.82
N VAL A 233 16.07 -17.55 38.09
CA VAL A 233 15.81 -18.94 37.76
C VAL A 233 15.86 -19.80 39.01
N VAL A 234 16.87 -19.55 39.84
CA VAL A 234 17.08 -20.34 41.05
C VAL A 234 15.98 -20.10 42.08
N ASP A 235 15.32 -18.95 42.00
CA ASP A 235 14.22 -18.61 42.91
C ASP A 235 12.85 -18.94 42.31
N SER A 236 12.78 -19.09 41.00
CA SER A 236 11.48 -19.04 40.34
C SER A 236 10.52 -20.09 40.91
N ALA A 237 11.05 -21.27 41.20
CA ALA A 237 10.26 -22.35 41.79
C ALA A 237 9.65 -21.93 43.12
N TYR A 238 10.50 -21.39 43.99
CA TYR A 238 10.05 -20.82 45.25
C TYR A 238 8.96 -19.77 45.04
N GLU A 239 9.11 -18.94 44.01
CA GLU A 239 8.12 -17.89 43.76
C GLU A 239 6.80 -18.48 43.28
N VAL A 240 6.86 -19.51 42.44
CA VAL A 240 5.64 -20.13 41.92
C VAL A 240 4.92 -20.89 43.02
N ILE A 241 5.66 -21.66 43.81
CA ILE A 241 5.10 -22.33 44.99
C ILE A 241 4.41 -21.34 45.93
N LYS A 242 5.03 -20.18 46.13
CA LYS A 242 4.47 -19.14 46.97
C LYS A 242 3.11 -18.68 46.44
N LEU A 243 2.98 -18.65 45.11
CA LEU A 243 1.79 -18.13 44.46
C LEU A 243 0.68 -19.16 44.30
N LYS A 244 1.04 -20.40 43.94
CA LYS A 244 0.04 -21.42 43.64
C LYS A 244 0.22 -22.71 44.43
N GLY A 245 1.24 -22.72 45.30
CA GLY A 245 1.36 -23.82 46.25
C GLY A 245 2.37 -24.89 45.84
N TYR A 246 2.64 -24.97 44.53
CA TYR A 246 3.54 -25.96 43.97
C TYR A 246 3.79 -25.54 42.52
N THR A 247 4.70 -26.22 41.84
CA THR A 247 4.81 -26.08 40.38
C THR A 247 4.49 -27.41 39.71
N THR A 248 4.05 -27.35 38.45
CA THR A 248 3.66 -28.56 37.73
C THR A 248 3.90 -28.55 36.24
N TRP A 249 3.30 -27.58 35.56
CA TRP A 249 3.25 -27.59 34.11
C TRP A 249 4.64 -27.57 33.47
N ALA A 250 5.49 -26.64 33.91
CA ALA A 250 6.81 -26.46 33.34
C ALA A 250 7.69 -27.70 33.58
N ILE A 251 7.72 -28.19 34.81
CA ILE A 251 8.45 -29.41 35.10
C ILE A 251 7.91 -30.59 34.27
N GLY A 252 6.59 -30.66 34.14
CA GLY A 252 5.97 -31.71 33.34
C GLY A 252 6.36 -31.69 31.87
N LEU A 253 6.32 -30.51 31.26
CA LEU A 253 6.77 -30.32 29.88
C LEU A 253 8.24 -30.67 29.68
N SER A 254 9.09 -30.31 30.64
CA SER A 254 10.52 -30.55 30.50
C SER A 254 10.85 -32.04 30.60
N VAL A 255 10.08 -32.76 31.40
CA VAL A 255 10.26 -34.20 31.52
C VAL A 255 9.78 -34.97 30.29
N ALA A 256 8.69 -34.50 29.69
CA ALA A 256 8.20 -35.07 28.44
C ALA A 256 9.21 -34.83 27.33
N ASP A 257 9.95 -33.73 27.40
CA ASP A 257 10.96 -33.46 26.38
C ASP A 257 12.07 -34.50 26.46
N LEU A 258 12.46 -34.87 27.68
CA LEU A 258 13.48 -35.89 27.88
C LEU A 258 12.95 -37.25 27.48
N ALA A 259 11.70 -37.54 27.85
CA ALA A 259 11.08 -38.79 27.45
C ALA A 259 11.13 -38.90 25.94
N GLU A 260 10.94 -37.78 25.26
CA GLU A 260 10.91 -37.81 23.80
C GLU A 260 12.26 -38.24 23.24
N SER A 261 13.34 -37.61 23.70
CA SER A 261 14.67 -37.95 23.22
C SER A 261 14.97 -39.43 23.46
N ILE A 262 14.53 -39.93 24.60
CA ILE A 262 14.73 -41.33 24.97
C ILE A 262 13.94 -42.26 24.05
N MET A 263 12.63 -42.05 23.99
CA MET A 263 11.76 -42.95 23.22
C MET A 263 12.04 -42.94 21.72
N LYS A 264 12.49 -41.81 21.17
CA LYS A 264 12.73 -41.71 19.74
C LYS A 264 14.22 -41.72 19.39
N ASN A 265 15.03 -42.08 20.38
CA ASN A 265 16.47 -42.20 20.21
C ASN A 265 17.08 -41.01 19.47
N LEU A 266 16.69 -39.80 19.88
CA LEU A 266 17.07 -38.60 19.13
C LEU A 266 18.54 -38.22 19.27
N ARG A 267 19.14 -38.56 20.41
CA ARG A 267 20.50 -38.13 20.70
C ARG A 267 20.60 -36.61 20.64
N ARG A 268 19.64 -35.94 21.25
CA ARG A 268 19.78 -34.51 21.49
C ARG A 268 20.62 -34.31 22.74
N VAL A 269 21.14 -33.11 22.91
CA VAL A 269 21.90 -32.76 24.10
C VAL A 269 21.02 -32.04 25.10
N HIS A 270 20.94 -32.53 26.32
CA HIS A 270 20.16 -31.88 27.36
C HIS A 270 21.02 -31.66 28.59
N PRO A 271 20.78 -30.57 29.32
CA PRO A 271 21.42 -30.35 30.63
C PRO A 271 20.74 -31.19 31.72
N ILE A 272 21.22 -32.42 31.88
CA ILE A 272 20.63 -33.34 32.83
C ILE A 272 21.70 -34.01 33.68
N SER A 273 21.28 -34.63 34.77
CA SER A 273 22.20 -35.10 35.81
C SER A 273 22.65 -36.53 35.56
N THR A 274 23.97 -36.73 35.43
CA THR A 274 24.54 -38.02 35.08
C THR A 274 25.67 -38.35 36.05
N MET A 275 25.96 -39.64 36.23
CA MET A 275 27.07 -40.05 37.08
C MET A 275 28.37 -39.69 36.36
N LEU A 276 29.03 -38.62 36.80
CA LEU A 276 30.14 -38.10 36.02
C LEU A 276 31.52 -38.28 36.64
N LYS A 277 31.61 -39.19 37.61
CA LYS A 277 32.91 -39.62 38.12
C LYS A 277 33.81 -39.88 36.94
N GLY A 278 35.03 -39.34 36.96
CA GLY A 278 35.95 -39.58 35.86
C GLY A 278 36.08 -38.41 34.88
N LEU A 279 35.08 -37.53 34.86
CA LEU A 279 35.09 -36.36 33.98
C LEU A 279 34.99 -35.07 34.80
N TYR A 280 35.36 -33.94 34.19
CA TYR A 280 35.26 -32.65 34.86
C TYR A 280 36.06 -32.59 36.17
N GLY A 281 37.11 -33.41 36.26
CA GLY A 281 37.96 -33.39 37.45
C GLY A 281 37.29 -33.99 38.68
N ILE A 282 36.16 -34.67 38.49
CA ILE A 282 35.42 -35.22 39.61
C ILE A 282 35.79 -36.68 39.92
N LYS A 283 35.97 -36.99 41.21
CA LYS A 283 36.49 -38.29 41.62
C LYS A 283 35.55 -39.07 42.51
N GLU A 284 34.36 -38.53 42.77
CA GLU A 284 33.38 -39.24 43.58
C GLU A 284 32.26 -39.80 42.72
N ASP A 285 31.60 -40.85 43.20
CA ASP A 285 30.34 -41.30 42.65
C ASP A 285 29.24 -40.27 42.94
N VAL A 286 29.15 -39.22 42.12
CA VAL A 286 28.07 -38.26 42.25
C VAL A 286 27.39 -37.96 40.91
N PHE A 287 26.20 -37.39 40.98
CA PHE A 287 25.47 -36.98 39.79
C PHE A 287 25.42 -35.46 39.72
N LEU A 288 25.85 -34.91 38.58
CA LEU A 288 25.76 -33.49 38.29
C LEU A 288 25.27 -33.28 36.86
N SER A 289 24.63 -32.14 36.61
CA SER A 289 24.16 -31.83 35.28
C SER A 289 25.27 -31.33 34.38
N VAL A 290 25.45 -32.02 33.26
CA VAL A 290 26.31 -31.56 32.18
C VAL A 290 25.55 -31.79 30.87
N PRO A 291 26.04 -31.24 29.75
CA PRO A 291 25.33 -31.50 28.49
C PRO A 291 25.48 -32.98 28.08
N CYS A 292 24.38 -33.73 28.12
CA CYS A 292 24.40 -35.17 27.87
C CYS A 292 23.67 -35.50 26.57
N VAL A 293 24.25 -36.39 25.78
CA VAL A 293 23.58 -36.94 24.62
C VAL A 293 22.58 -38.01 25.07
N LEU A 294 21.30 -37.78 24.81
CA LEU A 294 20.25 -38.63 25.35
C LEU A 294 19.51 -39.40 24.25
N GLY A 295 19.47 -40.72 24.39
CA GLY A 295 18.86 -41.56 23.39
C GLY A 295 18.31 -42.85 23.99
N GLN A 296 18.09 -43.86 23.15
CA GLN A 296 17.38 -45.06 23.56
C GLN A 296 18.12 -45.86 24.62
N ASN A 297 19.40 -45.57 24.82
CA ASN A 297 20.20 -46.22 25.85
C ASN A 297 20.52 -45.29 27.02
N GLY A 298 19.74 -44.22 27.14
CA GLY A 298 19.98 -43.26 28.20
C GLY A 298 21.07 -42.29 27.79
N ILE A 299 21.97 -41.98 28.72
CA ILE A 299 23.07 -41.08 28.46
C ILE A 299 24.28 -41.89 27.97
N SER A 300 24.73 -41.58 26.76
CA SER A 300 25.76 -42.39 26.13
C SER A 300 27.05 -41.61 25.94
N ASP A 301 26.92 -40.29 26.02
CA ASP A 301 28.02 -39.37 25.79
C ASP A 301 27.73 -38.07 26.53
N VAL A 302 28.79 -37.36 26.92
CA VAL A 302 28.61 -36.05 27.52
C VAL A 302 29.51 -35.06 26.79
N VAL A 303 29.02 -33.85 26.63
CA VAL A 303 29.84 -32.78 26.09
C VAL A 303 30.76 -32.25 27.20
N LYS A 304 32.05 -32.11 26.89
CA LYS A 304 32.99 -31.53 27.82
C LYS A 304 33.06 -30.02 27.64
N VAL A 305 32.35 -29.29 28.48
CA VAL A 305 32.27 -27.84 28.35
C VAL A 305 33.59 -27.23 28.81
N THR A 306 34.10 -26.25 28.07
CA THR A 306 35.28 -25.52 28.50
C THR A 306 34.90 -24.50 29.57
N LEU A 307 35.28 -24.75 30.81
CA LEU A 307 34.89 -23.93 31.94
C LEU A 307 36.04 -23.01 32.37
N THR A 308 35.71 -21.91 33.02
CA THR A 308 36.73 -21.08 33.66
C THR A 308 37.23 -21.85 34.86
N SER A 309 38.37 -21.43 35.39
CA SER A 309 38.99 -22.12 36.50
C SER A 309 38.08 -22.10 37.73
N GLU A 310 37.28 -21.05 37.88
CA GLU A 310 36.37 -21.00 39.03
C GLU A 310 35.06 -21.74 38.79
N GLU A 311 34.59 -21.75 37.54
CA GLU A 311 33.46 -22.61 37.18
C GLU A 311 33.86 -24.05 37.48
N GLU A 312 35.07 -24.41 37.07
CA GLU A 312 35.60 -25.74 37.35
C GLU A 312 35.60 -26.02 38.85
N ALA A 313 36.13 -25.09 39.63
CA ALA A 313 36.23 -25.27 41.08
C ALA A 313 34.85 -25.36 41.73
N HIS A 314 33.88 -24.73 41.09
CA HIS A 314 32.52 -24.71 41.60
C HIS A 314 31.83 -26.07 41.43
N LEU A 315 32.09 -26.74 40.31
CA LEU A 315 31.53 -28.07 40.04
C LEU A 315 32.14 -29.09 40.98
N LYS A 316 33.45 -28.96 41.21
CA LYS A 316 34.19 -29.85 42.11
C LYS A 316 33.70 -29.70 43.54
N LYS A 317 33.36 -28.48 43.91
CA LYS A 317 32.78 -28.20 45.22
C LYS A 317 31.42 -28.86 45.40
N SER A 318 30.58 -28.80 44.37
CA SER A 318 29.29 -29.49 44.41
C SER A 318 29.47 -31.00 44.51
N ALA A 319 30.46 -31.54 43.81
CA ALA A 319 30.73 -32.97 43.89
C ALA A 319 31.00 -33.32 45.36
N ASP A 320 31.88 -32.56 46.00
CA ASP A 320 32.26 -32.85 47.39
C ASP A 320 31.08 -32.58 48.32
N THR A 321 30.28 -31.57 48.00
CA THR A 321 29.04 -31.29 48.73
C THR A 321 28.11 -32.51 48.69
N LEU A 322 27.80 -32.97 47.48
CA LEU A 322 26.89 -34.11 47.31
C LEU A 322 27.44 -35.37 47.98
N TRP A 323 28.71 -35.66 47.73
CA TRP A 323 29.33 -36.84 48.33
C TRP A 323 29.24 -36.78 49.85
N GLY A 324 29.45 -35.58 50.39
CA GLY A 324 29.38 -35.41 51.83
C GLY A 324 28.02 -35.83 52.36
N ILE A 325 26.96 -35.39 51.67
CA ILE A 325 25.60 -35.77 52.05
C ILE A 325 25.33 -37.26 51.83
N GLN A 326 25.84 -37.80 50.72
CA GLN A 326 25.63 -39.20 50.41
C GLN A 326 26.29 -40.11 51.45
N LYS A 327 27.41 -39.66 52.01
CA LYS A 327 28.16 -40.46 52.98
C LYS A 327 27.34 -40.78 54.24
N GLU A 328 26.30 -39.99 54.50
CA GLU A 328 25.46 -40.22 55.66
C GLU A 328 24.39 -41.26 55.37
N LEU A 329 23.54 -41.00 54.38
CA LEU A 329 22.54 -41.97 53.93
C LEU A 329 22.90 -43.46 54.10
N GLN A 330 21.89 -44.25 54.43
CA GLN A 330 22.05 -45.70 54.38
C GLN A 330 20.98 -46.50 53.62
N PHE A 331 21.45 -47.43 52.79
CA PHE A 331 20.55 -48.33 52.08
C PHE A 331 20.96 -49.77 52.36
N ALA B 1 44.26 -34.97 19.22
CA ALA B 1 42.87 -35.50 19.42
C ALA B 1 41.89 -34.85 18.45
N ALA B 2 41.08 -35.68 17.80
CA ALA B 2 40.02 -35.20 16.93
C ALA B 2 39.13 -34.20 17.68
N LEU B 3 38.49 -33.29 16.93
CA LEU B 3 37.60 -32.31 17.53
C LEU B 3 36.45 -33.00 18.23
N LYS B 4 35.90 -34.02 17.60
CA LYS B 4 34.77 -34.73 18.16
C LYS B 4 35.12 -35.27 19.55
N ASP B 5 36.35 -35.75 19.69
CA ASP B 5 36.81 -36.32 20.95
C ASP B 5 37.15 -35.25 21.99
N GLN B 6 37.58 -34.09 21.50
CA GLN B 6 37.79 -32.93 22.36
C GLN B 6 36.45 -32.46 22.90
N LEU B 7 35.43 -32.48 22.04
CA LEU B 7 34.12 -31.96 22.38
C LEU B 7 33.31 -32.92 23.26
N ILE B 8 33.35 -34.20 22.87
CA ILE B 8 32.45 -35.19 23.45
C ILE B 8 33.24 -36.35 24.02
N HIS B 9 32.92 -36.73 25.26
CA HIS B 9 33.48 -37.93 25.85
C HIS B 9 32.49 -39.07 25.76
N ASN B 10 32.91 -40.18 25.16
CA ASN B 10 32.01 -41.31 25.02
C ASN B 10 32.03 -42.15 26.30
N LEU B 11 30.85 -42.35 26.88
CA LEU B 11 30.71 -43.09 28.12
C LEU B 11 30.14 -44.48 27.87
N LEU B 12 29.43 -44.62 26.76
CA LEU B 12 28.76 -45.87 26.47
C LEU B 12 29.12 -46.34 25.09
N LYS B 13 29.44 -47.62 24.98
CA LYS B 13 29.74 -48.21 23.70
C LYS B 13 28.60 -49.16 23.38
N GLU B 14 27.74 -48.75 22.45
CA GLU B 14 26.46 -49.43 22.27
C GLU B 14 26.20 -49.81 20.83
N GLU B 15 25.14 -50.58 20.61
CA GLU B 15 24.89 -51.18 19.31
C GLU B 15 23.48 -50.90 18.78
N HIS B 16 23.42 -50.29 17.60
CA HIS B 16 22.32 -50.48 16.65
C HIS B 16 20.88 -50.49 17.17
N VAL B 17 20.42 -51.66 17.60
CA VAL B 17 19.09 -52.16 17.24
C VAL B 17 17.93 -51.16 17.34
N PRO B 18 17.36 -50.81 16.20
CA PRO B 18 16.22 -49.88 16.11
C PRO B 18 14.98 -50.49 16.79
N GLN B 19 14.17 -49.65 17.42
CA GLN B 19 13.04 -50.17 18.20
C GLN B 19 11.71 -49.99 17.49
N ASN B 20 11.63 -49.05 16.56
CA ASN B 20 10.38 -48.82 15.85
C ASN B 20 10.64 -48.53 14.38
N LYS B 21 11.32 -49.48 13.73
CA LYS B 21 11.84 -49.25 12.40
C LYS B 21 10.80 -49.55 11.34
N ILE B 22 10.70 -48.67 10.35
CA ILE B 22 9.81 -48.90 9.24
C ILE B 22 10.59 -48.92 7.93
N THR B 23 10.28 -49.87 7.06
CA THR B 23 10.88 -49.89 5.73
C THR B 23 9.83 -49.62 4.65
N VAL B 24 10.19 -48.76 3.69
CA VAL B 24 9.40 -48.64 2.48
C VAL B 24 10.18 -49.21 1.30
N VAL B 25 9.58 -50.16 0.59
CA VAL B 25 10.19 -50.75 -0.60
C VAL B 25 9.56 -50.10 -1.83
N GLY B 26 10.40 -49.54 -2.68
CA GLY B 26 9.92 -48.79 -3.83
C GLY B 26 9.89 -47.31 -3.52
N VAL B 27 10.77 -46.55 -4.17
CA VAL B 27 10.78 -45.11 -3.95
C VAL B 27 10.23 -44.32 -5.14
N GLY B 28 9.19 -44.87 -5.76
CA GLY B 28 8.41 -44.08 -6.70
C GLY B 28 7.56 -43.05 -5.97
N ALA B 29 6.64 -42.43 -6.69
CA ALA B 29 5.86 -41.35 -6.11
C ALA B 29 5.05 -41.84 -4.91
N VAL B 30 4.52 -43.06 -5.02
CA VAL B 30 3.73 -43.62 -3.93
C VAL B 30 4.61 -43.95 -2.73
N GLY B 31 5.72 -44.65 -2.96
CA GLY B 31 6.62 -44.98 -1.87
C GLY B 31 7.06 -43.76 -1.09
N MET B 32 7.48 -42.71 -1.80
CA MET B 32 7.98 -41.49 -1.15
C MET B 32 6.88 -40.70 -0.44
N ALA B 33 5.65 -40.76 -0.94
CA ALA B 33 4.52 -40.12 -0.25
C ALA B 33 4.23 -40.83 1.06
N CYS B 34 4.33 -42.16 1.06
CA CYS B 34 4.25 -42.94 2.28
C CYS B 34 5.37 -42.51 3.22
N ALA B 35 6.59 -42.38 2.69
CA ALA B 35 7.75 -42.04 3.50
C ALA B 35 7.62 -40.69 4.21
N ILE B 36 7.31 -39.63 3.47
CA ILE B 36 7.26 -38.32 4.08
C ILE B 36 6.07 -38.24 5.05
N SER B 37 4.97 -38.91 4.72
CA SER B 37 3.83 -38.92 5.62
C SER B 37 4.16 -39.61 6.94
N ILE B 38 4.89 -40.73 6.86
CA ILE B 38 5.29 -41.44 8.05
C ILE B 38 6.29 -40.63 8.88
N LEU B 39 7.27 -40.02 8.21
CA LEU B 39 8.26 -39.18 8.88
C LEU B 39 7.61 -38.01 9.63
N MET B 40 6.60 -37.41 9.01
CA MET B 40 5.98 -36.24 9.62
C MET B 40 4.92 -36.60 10.66
N LYS B 41 4.66 -37.89 10.82
CA LYS B 41 3.80 -38.36 11.91
C LYS B 41 4.59 -38.95 13.07
N ASP B 42 5.91 -38.91 13.00
CA ASP B 42 6.77 -39.46 14.06
C ASP B 42 6.42 -40.90 14.38
N LEU B 43 6.30 -41.73 13.35
CA LEU B 43 5.89 -43.12 13.56
C LEU B 43 7.06 -44.06 13.76
N ALA B 44 8.25 -43.63 13.38
CA ALA B 44 9.43 -44.51 13.38
C ALA B 44 10.67 -43.86 13.98
N ASP B 45 11.53 -44.67 14.59
CA ASP B 45 12.83 -44.16 14.98
C ASP B 45 13.91 -44.44 13.94
N GLU B 46 13.60 -45.28 12.96
CA GLU B 46 14.47 -45.47 11.81
C GLU B 46 13.65 -45.76 10.56
N LEU B 47 14.01 -45.11 9.45
CA LEU B 47 13.33 -45.34 8.18
C LEU B 47 14.30 -45.86 7.13
N ALA B 48 14.00 -47.03 6.58
CA ALA B 48 14.82 -47.61 5.52
C ALA B 48 14.08 -47.54 4.20
N LEU B 49 14.79 -47.17 3.13
CA LEU B 49 14.22 -47.21 1.78
C LEU B 49 14.94 -48.28 0.95
N VAL B 50 14.21 -49.02 0.12
CA VAL B 50 14.90 -49.86 -0.86
C VAL B 50 14.23 -49.85 -2.23
N ASP B 51 15.07 -49.89 -3.27
CA ASP B 51 14.60 -49.97 -4.64
C ASP B 51 15.69 -50.65 -5.46
N VAL B 52 15.46 -50.83 -6.75
CA VAL B 52 16.52 -51.28 -7.65
C VAL B 52 17.17 -50.13 -8.40
N MET B 53 16.50 -48.98 -8.46
CA MET B 53 17.06 -47.79 -9.08
C MET B 53 17.96 -47.07 -8.09
N GLU B 54 19.24 -47.41 -8.10
CA GLU B 54 20.15 -47.06 -7.02
C GLU B 54 20.46 -45.57 -6.89
N ASP B 55 20.54 -44.86 -8.01
CA ASP B 55 20.78 -43.43 -7.97
C ASP B 55 19.56 -42.73 -7.38
N LYS B 56 18.39 -43.01 -7.96
CA LYS B 56 17.12 -42.47 -7.48
C LYS B 56 16.98 -42.74 -5.99
N LEU B 57 17.29 -43.98 -5.60
CA LEU B 57 17.20 -44.43 -4.22
C LEU B 57 18.09 -43.58 -3.31
N LYS B 58 19.35 -43.39 -3.74
CA LYS B 58 20.29 -42.61 -2.95
C LYS B 58 19.88 -41.15 -2.88
N GLY B 59 19.37 -40.62 -3.99
CA GLY B 59 18.96 -39.24 -4.02
C GLY B 59 17.76 -38.95 -3.12
N GLU B 60 16.81 -39.88 -3.06
CA GLU B 60 15.67 -39.73 -2.18
C GLU B 60 16.08 -39.83 -0.70
N MET B 61 17.00 -40.75 -0.40
CA MET B 61 17.48 -40.88 0.96
C MET B 61 18.14 -39.58 1.40
N MET B 62 19.02 -39.04 0.55
CA MET B 62 19.75 -37.82 0.88
C MET B 62 18.82 -36.63 1.08
N ASP B 63 17.82 -36.51 0.22
CA ASP B 63 16.89 -35.38 0.28
C ASP B 63 16.15 -35.43 1.62
N LEU B 64 15.68 -36.62 2.00
CA LEU B 64 15.03 -36.79 3.31
C LEU B 64 15.99 -36.45 4.44
N GLN B 65 17.21 -36.95 4.36
CA GLN B 65 18.20 -36.73 5.42
C GLN B 65 18.46 -35.23 5.63
N HIS B 66 18.51 -34.46 4.55
CA HIS B 66 18.80 -33.03 4.66
C HIS B 66 17.74 -32.32 5.47
N GLY B 67 16.60 -32.97 5.67
CA GLY B 67 15.53 -32.37 6.42
C GLY B 67 15.49 -32.82 7.88
N SER B 68 16.56 -33.47 8.33
CA SER B 68 16.65 -34.00 9.70
C SER B 68 16.29 -32.97 10.75
N LEU B 69 16.84 -31.77 10.61
CA LEU B 69 16.61 -30.71 11.58
C LEU B 69 15.13 -30.57 11.89
N PHE B 70 14.29 -30.85 10.89
CA PHE B 70 12.86 -30.59 10.96
C PHE B 70 12.03 -31.84 11.29
N LEU B 71 12.69 -32.97 11.47
CA LEU B 71 12.00 -34.22 11.74
C LEU B 71 12.39 -34.75 13.12
N ARG B 72 11.74 -35.81 13.55
CA ARG B 72 12.11 -36.47 14.80
C ARG B 72 12.29 -37.96 14.55
N THR B 73 12.91 -38.28 13.42
CA THR B 73 13.27 -39.65 13.08
C THR B 73 14.76 -39.62 12.77
N PRO B 74 15.58 -40.06 13.74
CA PRO B 74 17.02 -39.81 13.75
C PRO B 74 17.82 -40.57 12.70
N LYS B 75 17.27 -41.66 12.19
CA LYS B 75 18.03 -42.43 11.23
C LYS B 75 17.23 -42.75 9.97
N ILE B 76 17.79 -42.37 8.83
CA ILE B 76 17.20 -42.68 7.54
C ILE B 76 18.29 -43.33 6.69
N VAL B 77 18.06 -44.58 6.30
CA VAL B 77 19.04 -45.34 5.52
C VAL B 77 18.41 -45.87 4.24
N SER B 78 19.26 -46.25 3.29
CA SER B 78 18.79 -46.86 2.04
C SER B 78 19.84 -47.79 1.46
N GLY B 79 19.39 -48.68 0.59
CA GLY B 79 20.32 -49.51 -0.15
C GLY B 79 19.57 -50.49 -1.02
N LYS B 80 20.24 -50.97 -2.06
CA LYS B 80 19.69 -52.00 -2.91
C LYS B 80 19.67 -53.30 -2.10
N ASP B 81 20.59 -53.41 -1.15
CA ASP B 81 20.74 -54.64 -0.40
C ASP B 81 19.88 -54.66 0.86
N TYR B 82 19.08 -55.70 1.02
CA TYR B 82 18.02 -55.69 2.01
C TYR B 82 18.47 -55.74 3.46
N SER B 83 19.77 -55.88 3.70
CA SER B 83 20.28 -55.85 5.07
C SER B 83 20.00 -54.50 5.71
N VAL B 84 19.86 -53.46 4.90
CA VAL B 84 19.50 -52.15 5.40
C VAL B 84 18.12 -52.15 6.06
N THR B 85 17.32 -53.18 5.78
CA THR B 85 15.95 -53.22 6.27
C THR B 85 15.80 -54.02 7.57
N ALA B 86 16.91 -54.45 8.14
CA ALA B 86 16.87 -55.44 9.21
C ALA B 86 16.04 -54.97 10.41
N ASN B 87 15.32 -55.89 11.03
CA ASN B 87 14.58 -55.63 12.26
C ASN B 87 13.51 -54.53 12.15
N SER B 88 12.91 -54.40 10.97
CA SER B 88 11.77 -53.50 10.79
C SER B 88 10.55 -54.06 11.52
N LYS B 89 9.78 -53.18 12.16
CA LYS B 89 8.50 -53.60 12.72
C LYS B 89 7.48 -53.77 11.60
N LEU B 90 7.62 -52.95 10.56
CA LEU B 90 6.63 -52.87 9.50
C LEU B 90 7.35 -52.63 8.17
N VAL B 91 7.00 -53.43 7.16
CA VAL B 91 7.55 -53.23 5.83
C VAL B 91 6.43 -52.99 4.83
N ILE B 92 6.56 -51.90 4.07
CA ILE B 92 5.51 -51.42 3.20
C ILE B 92 5.94 -51.62 1.75
N ILE B 93 5.16 -52.41 1.00
CA ILE B 93 5.54 -52.74 -0.38
C ILE B 93 4.79 -51.88 -1.38
N THR B 94 5.54 -51.05 -2.11
CA THR B 94 4.93 -50.22 -3.15
C THR B 94 5.59 -50.50 -4.50
N ALA B 95 6.37 -51.59 -4.56
CA ALA B 95 7.06 -51.97 -5.77
C ALA B 95 6.11 -52.59 -6.81
N GLY B 96 6.34 -52.26 -8.08
CA GLY B 96 5.62 -52.93 -9.14
C GLY B 96 6.27 -52.80 -10.51
N ALA B 97 5.80 -53.62 -11.45
CA ALA B 97 6.15 -53.44 -12.86
C ALA B 97 5.17 -52.44 -13.43
N ARG B 98 5.47 -51.89 -14.60
CA ARG B 98 4.51 -50.98 -15.23
C ARG B 98 4.09 -51.38 -16.64
N GLN B 99 2.76 -51.49 -16.80
CA GLN B 99 2.07 -51.27 -18.05
C GLN B 99 3.02 -50.73 -19.12
N SER B 104 -0.29 -56.06 -22.93
CA SER B 104 -0.83 -57.31 -22.40
C SER B 104 -1.68 -57.06 -21.16
N ARG B 105 -1.87 -58.12 -20.38
CA ARG B 105 -2.21 -57.99 -18.96
C ARG B 105 -2.33 -59.42 -18.44
N LEU B 106 -2.50 -59.58 -17.13
CA LEU B 106 -2.36 -60.90 -16.52
C LEU B 106 -0.89 -61.27 -16.59
N ASN B 107 -0.26 -60.83 -17.67
CA ASN B 107 1.17 -60.93 -17.80
C ASN B 107 1.79 -59.81 -16.99
N LEU B 108 0.99 -58.79 -16.73
CA LEU B 108 1.39 -57.69 -15.85
C LEU B 108 1.41 -58.18 -14.40
N VAL B 109 0.41 -58.99 -14.05
CA VAL B 109 0.33 -59.60 -12.73
C VAL B 109 1.51 -60.54 -12.49
N GLN B 110 1.88 -61.30 -13.52
CA GLN B 110 2.95 -62.28 -13.38
C GLN B 110 4.29 -61.59 -13.19
N ARG B 111 4.47 -60.45 -13.87
CA ARG B 111 5.70 -59.68 -13.74
C ARG B 111 5.79 -59.08 -12.33
N ASN B 112 4.65 -58.64 -11.80
CA ASN B 112 4.62 -58.16 -10.42
C ASN B 112 4.87 -59.33 -9.47
N VAL B 113 4.36 -60.50 -9.80
CA VAL B 113 4.62 -61.69 -9.00
C VAL B 113 6.11 -62.02 -9.01
N ASN B 114 6.75 -61.88 -10.16
CA ASN B 114 8.19 -62.13 -10.26
C ASN B 114 8.96 -61.08 -9.46
N ILE B 115 8.53 -59.83 -9.53
CA ILE B 115 9.11 -58.82 -8.65
C ILE B 115 9.01 -59.25 -7.18
N PHE B 116 7.83 -59.67 -6.77
CA PHE B 116 7.66 -60.13 -5.39
C PHE B 116 8.48 -61.40 -5.07
N LYS B 117 8.66 -62.28 -6.04
CA LYS B 117 9.46 -63.48 -5.80
C LYS B 117 10.88 -63.12 -5.34
N PHE B 118 11.35 -61.93 -5.73
CA PHE B 118 12.67 -61.46 -5.30
C PHE B 118 12.60 -60.65 -4.00
N ILE B 119 11.68 -59.69 -3.95
CA ILE B 119 11.55 -58.79 -2.80
C ILE B 119 11.17 -59.52 -1.51
N ILE B 120 10.13 -60.33 -1.54
CA ILE B 120 9.54 -60.81 -0.30
C ILE B 120 10.47 -61.74 0.50
N PRO B 121 11.12 -62.71 -0.17
CA PRO B 121 12.10 -63.53 0.54
C PRO B 121 13.19 -62.68 1.20
N ASN B 122 13.66 -61.66 0.51
CA ASN B 122 14.64 -60.74 1.08
C ASN B 122 14.11 -59.99 2.29
N VAL B 123 12.89 -59.47 2.20
CA VAL B 123 12.28 -58.79 3.33
C VAL B 123 12.19 -59.72 4.54
N VAL B 124 11.68 -60.93 4.34
CA VAL B 124 11.46 -61.83 5.46
C VAL B 124 12.79 -62.31 6.02
N LYS B 125 13.82 -62.33 5.20
CA LYS B 125 15.13 -62.75 5.69
C LYS B 125 15.67 -61.83 6.77
N TYR B 126 15.55 -60.52 6.56
CA TYR B 126 16.10 -59.57 7.50
C TYR B 126 15.08 -59.04 8.50
N SER B 127 13.81 -59.34 8.29
CA SER B 127 12.80 -59.01 9.29
C SER B 127 11.76 -60.11 9.47
N PRO B 128 12.16 -61.24 10.07
CA PRO B 128 11.27 -62.40 10.15
C PRO B 128 9.98 -62.09 10.91
N HIS B 129 9.97 -61.01 11.69
CA HIS B 129 8.83 -60.73 12.57
C HIS B 129 8.02 -59.50 12.19
N CYS B 130 8.31 -58.92 11.03
CA CYS B 130 7.66 -57.67 10.64
C CYS B 130 6.20 -57.89 10.29
N LYS B 131 5.41 -56.81 10.29
CA LYS B 131 4.15 -56.82 9.58
C LYS B 131 4.41 -56.43 8.12
N LEU B 132 3.71 -57.09 7.20
CA LEU B 132 3.81 -56.78 5.78
C LEU B 132 2.59 -56.00 5.32
N LEU B 133 2.81 -54.80 4.81
CA LEU B 133 1.72 -54.00 4.24
C LEU B 133 1.96 -53.76 2.76
N VAL B 134 1.11 -54.39 1.95
CA VAL B 134 1.21 -54.35 0.50
C VAL B 134 0.30 -53.28 -0.06
N VAL B 135 0.84 -52.42 -0.93
CA VAL B 135 0.08 -51.33 -1.53
C VAL B 135 0.03 -51.49 -3.06
N SER B 136 0.96 -52.27 -3.61
CA SER B 136 1.08 -52.44 -5.05
C SER B 136 -0.20 -53.00 -5.67
N ASN B 137 -0.52 -52.55 -6.89
CA ASN B 137 -1.71 -53.03 -7.59
C ASN B 137 -1.42 -54.18 -8.56
N PRO B 138 -2.36 -55.13 -8.66
CA PRO B 138 -3.61 -55.20 -7.89
C PRO B 138 -3.43 -55.71 -6.46
N VAL B 139 -3.85 -54.90 -5.49
CA VAL B 139 -3.44 -55.10 -4.11
C VAL B 139 -3.98 -56.38 -3.46
N ASP B 140 -5.20 -56.78 -3.78
CA ASP B 140 -5.76 -57.98 -3.15
C ASP B 140 -4.97 -59.21 -3.60
N ILE B 141 -4.64 -59.24 -4.89
CA ILE B 141 -3.87 -60.34 -5.46
C ILE B 141 -2.43 -60.31 -4.98
N LEU B 142 -1.81 -59.14 -5.02
CA LEU B 142 -0.42 -59.03 -4.63
C LEU B 142 -0.24 -59.28 -3.15
N THR B 143 -1.24 -58.93 -2.35
CA THR B 143 -1.17 -59.21 -0.92
C THR B 143 -1.21 -60.72 -0.65
N TYR B 144 -2.06 -61.42 -1.40
CA TYR B 144 -2.08 -62.88 -1.37
C TYR B 144 -0.72 -63.46 -1.79
N VAL B 145 -0.09 -62.83 -2.77
CA VAL B 145 1.19 -63.28 -3.28
C VAL B 145 2.30 -63.10 -2.23
N ALA B 146 2.36 -61.92 -1.61
CA ALA B 146 3.28 -61.69 -0.49
C ALA B 146 3.05 -62.70 0.63
N TRP B 147 1.79 -63.00 0.92
CA TRP B 147 1.44 -63.94 1.97
C TRP B 147 1.98 -65.34 1.68
N LYS B 148 1.80 -65.80 0.44
CA LYS B 148 2.23 -67.13 0.05
C LYS B 148 3.75 -67.22 0.06
N ILE B 149 4.41 -66.21 -0.51
CA ILE B 149 5.86 -66.25 -0.61
C ILE B 149 6.52 -66.11 0.75
N SER B 150 5.95 -65.26 1.61
CA SER B 150 6.57 -64.95 2.89
C SER B 150 6.50 -66.10 3.87
N GLY B 151 5.39 -66.83 3.84
CA GLY B 151 5.17 -67.86 4.83
C GLY B 151 4.66 -67.30 6.14
N PHE B 152 4.31 -66.02 6.16
CA PHE B 152 3.80 -65.39 7.39
C PHE B 152 2.39 -65.87 7.74
N PRO B 153 2.05 -65.83 9.03
CA PRO B 153 0.66 -65.98 9.44
C PRO B 153 -0.16 -64.81 8.92
N LYS B 154 -1.42 -65.07 8.59
CA LYS B 154 -2.24 -64.13 7.86
C LYS B 154 -2.43 -62.81 8.61
N ASN B 155 -2.40 -62.85 9.94
CA ASN B 155 -2.57 -61.62 10.72
C ASN B 155 -1.49 -60.58 10.44
N ARG B 156 -0.35 -61.04 9.93
CA ARG B 156 0.78 -60.13 9.67
C ARG B 156 0.97 -59.74 8.22
N VAL B 157 0.06 -60.15 7.33
CA VAL B 157 0.14 -59.72 5.95
C VAL B 157 -1.11 -58.92 5.57
N ILE B 158 -0.92 -57.62 5.34
CA ILE B 158 -2.04 -56.68 5.20
C ILE B 158 -2.00 -56.00 3.83
N GLY B 159 -3.17 -55.77 3.24
CA GLY B 159 -3.23 -55.04 1.99
C GLY B 159 -3.89 -53.69 2.20
N SER B 160 -3.37 -52.63 1.57
CA SER B 160 -3.98 -51.32 1.73
C SER B 160 -5.44 -51.36 1.33
N GLY B 161 -5.77 -52.19 0.35
CA GLY B 161 -7.16 -52.51 0.09
C GLY B 161 -8.04 -51.30 -0.23
N CYS B 162 -9.21 -51.23 0.42
CA CYS B 162 -10.16 -50.15 0.17
C CYS B 162 -10.02 -48.99 1.14
N ASN B 163 -8.88 -48.90 1.83
CA ASN B 163 -8.71 -47.88 2.86
C ASN B 163 -8.75 -46.46 2.26
N LEU B 164 -8.02 -46.24 1.18
CA LEU B 164 -8.09 -44.96 0.48
C LEU B 164 -9.46 -44.69 -0.14
N ASP B 165 -10.03 -45.69 -0.81
CA ASP B 165 -11.31 -45.45 -1.48
C ASP B 165 -12.43 -45.10 -0.50
N SER B 166 -12.44 -45.73 0.67
CA SER B 166 -13.39 -45.35 1.72
C SER B 166 -13.16 -43.92 2.22
N ALA B 167 -11.90 -43.50 2.30
CA ALA B 167 -11.57 -42.15 2.70
C ALA B 167 -12.08 -41.14 1.65
N ARG B 168 -11.94 -41.50 0.37
CA ARG B 168 -12.44 -40.69 -0.73
C ARG B 168 -13.95 -40.60 -0.67
N PHE B 169 -14.59 -41.73 -0.39
CA PHE B 169 -16.05 -41.79 -0.26
C PHE B 169 -16.50 -40.80 0.78
N ARG B 170 -15.86 -40.84 1.94
CA ARG B 170 -16.21 -39.98 3.06
C ARG B 170 -15.96 -38.52 2.74
N TYR B 171 -14.89 -38.24 2.03
CA TYR B 171 -14.65 -36.87 1.54
C TYR B 171 -15.79 -36.43 0.63
N LEU B 172 -16.17 -37.27 -0.32
CA LEU B 172 -17.21 -36.87 -1.26
C LEU B 172 -18.53 -36.69 -0.51
N MET B 173 -18.82 -37.63 0.39
CA MET B 173 -19.95 -37.54 1.28
C MET B 173 -19.91 -36.21 2.03
N GLY B 174 -18.74 -35.88 2.58
CA GLY B 174 -18.59 -34.62 3.27
C GLY B 174 -18.87 -33.42 2.39
N GLU B 175 -18.47 -33.50 1.12
CA GLU B 175 -18.77 -32.44 0.16
C GLU B 175 -20.27 -32.27 -0.08
N ARG B 176 -21.00 -33.37 -0.12
CA ARG B 176 -22.43 -33.33 -0.36
C ARG B 176 -23.23 -32.82 0.82
N LEU B 177 -22.72 -33.05 2.04
CA LEU B 177 -23.50 -32.80 3.25
C LEU B 177 -23.09 -31.54 4.00
N GLY B 178 -21.92 -31.01 3.67
CA GLY B 178 -21.46 -29.79 4.29
C GLY B 178 -20.81 -30.03 5.65
N VAL B 179 -20.30 -31.24 5.86
CA VAL B 179 -19.55 -31.53 7.07
C VAL B 179 -18.24 -32.24 6.76
N HIS B 180 -17.29 -32.15 7.68
CA HIS B 180 -15.99 -32.75 7.50
C HIS B 180 -16.09 -34.27 7.30
N ALA B 181 -15.16 -34.82 6.52
CA ALA B 181 -15.13 -36.26 6.24
C ALA B 181 -14.99 -37.04 7.54
N LEU B 182 -14.33 -36.44 8.53
CA LEU B 182 -14.14 -37.08 9.83
C LEU B 182 -15.49 -37.43 10.46
N SER B 183 -16.51 -36.62 10.17
CA SER B 183 -17.83 -36.79 10.76
C SER B 183 -18.76 -37.57 9.84
N CYS B 184 -18.32 -37.85 8.62
CA CYS B 184 -19.13 -38.64 7.70
C CYS B 184 -18.65 -40.09 7.65
N HIS B 185 -19.56 -41.02 7.86
CA HIS B 185 -19.17 -42.42 7.96
C HIS B 185 -19.76 -43.24 6.82
N GLY B 186 -18.93 -44.10 6.23
CA GLY B 186 -19.37 -44.98 5.18
C GLY B 186 -18.24 -45.89 4.75
N TRP B 187 -18.58 -47.12 4.34
CA TRP B 187 -17.58 -48.12 4.05
C TRP B 187 -17.65 -48.67 2.62
N ILE B 188 -16.49 -48.68 1.97
CA ILE B 188 -16.34 -49.42 0.73
C ILE B 188 -15.51 -50.65 1.03
N LEU B 189 -16.08 -51.82 0.72
CA LEU B 189 -15.53 -53.10 1.10
C LEU B 189 -15.29 -54.02 -0.09
N GLY B 190 -14.64 -55.16 0.18
CA GLY B 190 -14.53 -56.18 -0.83
C GLY B 190 -13.33 -55.98 -1.72
N GLU B 191 -13.52 -56.14 -3.01
CA GLU B 191 -12.40 -56.10 -3.96
C GLU B 191 -12.06 -54.63 -4.28
N HIS B 192 -10.79 -54.28 -4.15
CA HIS B 192 -10.34 -52.91 -4.46
C HIS B 192 -10.57 -52.64 -5.95
N GLY B 193 -11.08 -51.45 -6.28
CA GLY B 193 -11.35 -51.15 -7.68
C GLY B 193 -12.82 -51.10 -8.07
N ASP B 194 -13.10 -51.34 -9.36
CA ASP B 194 -14.44 -51.15 -9.92
C ASP B 194 -15.48 -52.06 -9.26
N SER B 195 -15.02 -53.16 -8.69
CA SER B 195 -15.93 -54.15 -8.11
C SER B 195 -16.14 -53.96 -6.62
N SER B 196 -15.59 -52.89 -6.05
CA SER B 196 -15.74 -52.67 -4.62
C SER B 196 -17.21 -52.46 -4.26
N VAL B 197 -17.55 -52.71 -2.99
CA VAL B 197 -18.94 -52.71 -2.56
C VAL B 197 -19.18 -51.52 -1.63
N PRO B 198 -19.97 -50.53 -2.07
CA PRO B 198 -20.39 -49.43 -1.19
C PRO B 198 -21.53 -49.89 -0.28
N VAL B 199 -21.32 -49.87 1.03
CA VAL B 199 -22.32 -50.42 1.94
C VAL B 199 -23.31 -49.36 2.38
N TRP B 200 -24.30 -49.10 1.52
CA TRP B 200 -25.21 -47.97 1.70
C TRP B 200 -25.84 -47.96 3.08
N SER B 201 -26.09 -49.15 3.63
CA SER B 201 -26.76 -49.27 4.92
C SER B 201 -25.93 -48.73 6.08
N GLY B 202 -24.62 -48.59 5.88
CA GLY B 202 -23.76 -48.15 6.97
C GLY B 202 -23.50 -46.66 6.99
N MET B 203 -23.89 -45.97 5.92
CA MET B 203 -23.59 -44.55 5.78
C MET B 203 -24.42 -43.71 6.74
N ASN B 204 -23.76 -42.82 7.46
CA ASN B 204 -24.44 -42.03 8.49
C ASN B 204 -23.64 -40.82 8.94
N VAL B 205 -24.34 -39.85 9.52
CA VAL B 205 -23.73 -38.79 10.30
C VAL B 205 -24.33 -38.82 11.72
N ALA B 206 -23.48 -38.79 12.74
CA ALA B 206 -23.91 -38.85 14.13
C ALA B 206 -24.91 -39.97 14.40
N GLY B 207 -24.67 -41.13 13.80
CA GLY B 207 -25.50 -42.28 14.08
C GLY B 207 -26.80 -42.32 13.29
N VAL B 208 -27.02 -41.36 12.40
CA VAL B 208 -28.27 -41.27 11.66
C VAL B 208 -28.16 -41.90 10.27
N SER B 209 -28.85 -43.01 10.09
CA SER B 209 -28.79 -43.79 8.85
C SER B 209 -29.34 -42.99 7.67
N LEU B 210 -28.49 -42.77 6.67
CA LEU B 210 -28.90 -42.04 5.48
C LEU B 210 -29.88 -42.86 4.68
N LYS B 211 -29.61 -44.17 4.60
CA LYS B 211 -30.47 -45.08 3.85
C LYS B 211 -31.87 -45.11 4.45
N THR B 212 -31.96 -44.90 5.76
CA THR B 212 -33.26 -44.90 6.42
C THR B 212 -34.00 -43.59 6.16
N LEU B 213 -33.30 -42.46 6.21
CA LEU B 213 -33.90 -41.20 5.81
C LEU B 213 -34.29 -41.23 4.35
N HIS B 214 -33.59 -42.04 3.56
CA HIS B 214 -33.64 -41.91 2.11
C HIS B 214 -33.49 -43.27 1.46
N PRO B 215 -34.57 -44.05 1.46
CA PRO B 215 -34.59 -45.48 1.07
C PRO B 215 -34.05 -45.75 -0.33
N GLU B 216 -34.22 -44.79 -1.23
CA GLU B 216 -33.75 -44.95 -2.60
C GLU B 216 -32.22 -44.83 -2.67
N LEU B 217 -31.61 -44.51 -1.53
CA LEU B 217 -30.18 -44.24 -1.50
C LEU B 217 -29.39 -45.33 -2.18
N GLY B 218 -28.61 -44.96 -3.19
CA GLY B 218 -27.72 -45.92 -3.83
C GLY B 218 -28.33 -46.67 -4.99
N THR B 219 -29.64 -46.52 -5.21
CA THR B 219 -30.32 -47.22 -6.29
C THR B 219 -30.37 -46.36 -7.54
N ASP B 220 -30.79 -46.96 -8.65
CA ASP B 220 -30.91 -46.22 -9.91
C ASP B 220 -32.03 -45.19 -9.83
N ALA B 221 -33.00 -45.44 -8.95
CA ALA B 221 -34.14 -44.54 -8.84
C ALA B 221 -33.85 -43.35 -7.94
N ASP B 222 -32.64 -43.31 -7.40
CA ASP B 222 -32.26 -42.25 -6.47
C ASP B 222 -32.12 -40.93 -7.23
N LYS B 223 -33.03 -40.01 -6.94
CA LYS B 223 -33.07 -38.72 -7.63
C LYS B 223 -31.75 -37.99 -7.42
N GLU B 224 -31.09 -38.29 -6.31
CA GLU B 224 -29.85 -37.62 -5.94
C GLU B 224 -28.63 -38.42 -6.40
N GLN B 225 -28.86 -39.59 -6.96
CA GLN B 225 -27.81 -40.30 -7.68
C GLN B 225 -26.60 -40.60 -6.82
N TRP B 226 -26.83 -41.00 -5.57
CA TRP B 226 -25.72 -41.33 -4.69
C TRP B 226 -24.87 -42.47 -5.23
N LYS B 227 -25.49 -43.32 -6.06
CA LYS B 227 -24.75 -44.38 -6.72
C LYS B 227 -23.54 -43.82 -7.47
N GLN B 228 -23.66 -42.61 -7.98
CA GLN B 228 -22.59 -42.00 -8.76
C GLN B 228 -21.41 -41.61 -7.89
N VAL B 229 -21.66 -41.40 -6.61
CA VAL B 229 -20.58 -41.10 -5.68
C VAL B 229 -19.61 -42.27 -5.61
N HIS B 230 -20.15 -43.49 -5.50
CA HIS B 230 -19.30 -44.66 -5.52
C HIS B 230 -18.52 -44.76 -6.83
N LYS B 231 -19.19 -44.53 -7.95
CA LYS B 231 -18.51 -44.59 -9.24
C LYS B 231 -17.42 -43.52 -9.35
N GLN B 232 -17.69 -42.36 -8.76
CA GLN B 232 -16.69 -41.30 -8.70
C GLN B 232 -15.46 -41.75 -7.88
N VAL B 233 -15.71 -42.46 -6.79
CA VAL B 233 -14.60 -43.05 -6.04
C VAL B 233 -13.81 -43.98 -6.94
N VAL B 234 -14.49 -44.94 -7.55
CA VAL B 234 -13.85 -45.92 -8.42
C VAL B 234 -13.05 -45.28 -9.55
N ASP B 235 -13.52 -44.14 -10.05
CA ASP B 235 -12.88 -43.47 -11.19
C ASP B 235 -11.78 -42.48 -10.79
N SER B 236 -11.71 -42.10 -9.52
CA SER B 236 -10.93 -40.93 -9.15
C SER B 236 -9.42 -41.14 -9.37
N ALA B 237 -8.94 -42.35 -9.10
CA ALA B 237 -7.55 -42.69 -9.40
C ALA B 237 -7.30 -42.46 -10.90
N TYR B 238 -8.20 -42.98 -11.72
CA TYR B 238 -8.13 -42.80 -13.17
C TYR B 238 -8.17 -41.30 -13.53
N GLU B 239 -9.07 -40.55 -12.90
CA GLU B 239 -9.18 -39.13 -13.19
C GLU B 239 -7.90 -38.38 -12.80
N VAL B 240 -7.35 -38.70 -11.63
CA VAL B 240 -6.16 -38.00 -11.15
C VAL B 240 -4.93 -38.36 -11.98
N ILE B 241 -4.79 -39.65 -12.33
CA ILE B 241 -3.68 -40.07 -13.20
C ILE B 241 -3.76 -39.29 -14.51
N LYS B 242 -4.99 -39.11 -14.99
CA LYS B 242 -5.24 -38.43 -16.24
C LYS B 242 -4.75 -36.98 -16.17
N LEU B 243 -4.89 -36.38 -14.99
CA LEU B 243 -4.55 -34.97 -14.81
C LEU B 243 -3.08 -34.73 -14.47
N LYS B 244 -2.51 -35.54 -13.59
CA LYS B 244 -1.14 -35.31 -13.14
C LYS B 244 -0.19 -36.46 -13.40
N GLY B 245 -0.71 -37.59 -13.87
CA GLY B 245 0.15 -38.66 -14.33
C GLY B 245 0.27 -39.83 -13.37
N TYR B 246 -0.23 -39.64 -12.15
CA TYR B 246 -0.17 -40.67 -11.11
C TYR B 246 -0.94 -40.10 -9.93
N THR B 247 -1.09 -40.87 -8.86
CA THR B 247 -1.53 -40.30 -7.59
C THR B 247 -0.49 -40.60 -6.51
N THR B 248 -0.43 -39.76 -5.49
CA THR B 248 0.55 -39.93 -4.44
C THR B 248 0.09 -39.54 -3.05
N TRP B 249 -0.37 -38.30 -2.92
CA TRP B 249 -0.54 -37.73 -1.59
C TRP B 249 -1.60 -38.46 -0.77
N ALA B 250 -2.77 -38.70 -1.37
CA ALA B 250 -3.85 -39.33 -0.62
C ALA B 250 -3.47 -40.75 -0.21
N ILE B 251 -2.94 -41.53 -1.14
CA ILE B 251 -2.57 -42.91 -0.83
C ILE B 251 -1.47 -42.89 0.23
N GLY B 252 -0.54 -41.96 0.10
CA GLY B 252 0.51 -41.79 1.10
C GLY B 252 -0.03 -41.55 2.49
N LEU B 253 -0.95 -40.59 2.61
CA LEU B 253 -1.61 -40.28 3.88
C LEU B 253 -2.37 -41.47 4.43
N SER B 254 -3.06 -42.19 3.55
CA SER B 254 -3.87 -43.32 4.00
C SER B 254 -2.96 -44.44 4.53
N VAL B 255 -1.84 -44.69 3.86
CA VAL B 255 -0.90 -45.70 4.32
C VAL B 255 -0.26 -45.31 5.66
N ALA B 256 -0.02 -44.02 5.87
CA ALA B 256 0.59 -43.57 7.11
C ALA B 256 -0.38 -43.76 8.26
N ASP B 257 -1.67 -43.65 7.96
CA ASP B 257 -2.70 -43.81 8.98
C ASP B 257 -2.79 -45.29 9.43
N LEU B 258 -2.58 -46.21 8.50
CA LEU B 258 -2.54 -47.62 8.83
C LEU B 258 -1.31 -47.91 9.68
N ALA B 259 -0.19 -47.31 9.30
CA ALA B 259 1.07 -47.50 10.01
C ALA B 259 0.90 -47.02 11.46
N GLU B 260 0.18 -45.93 11.63
CA GLU B 260 -0.05 -45.41 12.97
C GLU B 260 -0.80 -46.42 13.85
N SER B 261 -1.84 -47.03 13.29
CA SER B 261 -2.62 -48.01 14.05
C SER B 261 -1.76 -49.19 14.46
N ILE B 262 -0.88 -49.61 13.56
CA ILE B 262 0.06 -50.70 13.82
C ILE B 262 1.13 -50.32 14.87
N MET B 263 1.91 -49.28 14.58
CA MET B 263 3.02 -48.89 15.46
C MET B 263 2.57 -48.42 16.86
N LYS B 264 1.34 -47.92 16.97
CA LYS B 264 0.84 -47.46 18.29
C LYS B 264 -0.18 -48.44 18.88
N ASN B 265 -0.37 -49.57 18.21
CA ASN B 265 -1.28 -50.62 18.68
C ASN B 265 -2.67 -50.07 18.99
N LEU B 266 -3.19 -49.19 18.15
CA LEU B 266 -4.41 -48.47 18.48
C LEU B 266 -5.64 -49.35 18.48
N ARG B 267 -5.60 -50.43 17.71
CA ARG B 267 -6.76 -51.29 17.49
C ARG B 267 -7.95 -50.47 16.99
N ARG B 268 -7.69 -49.57 16.06
CA ARG B 268 -8.77 -48.93 15.30
C ARG B 268 -9.26 -49.86 14.19
N VAL B 269 -10.47 -49.61 13.70
CA VAL B 269 -11.02 -50.41 12.62
C VAL B 269 -10.83 -49.72 11.26
N HIS B 270 -10.17 -50.41 10.33
CA HIS B 270 -9.89 -49.86 8.99
C HIS B 270 -10.44 -50.81 7.92
N PRO B 271 -10.90 -50.27 6.78
CA PRO B 271 -11.30 -51.14 5.67
C PRO B 271 -10.08 -51.57 4.83
N ILE B 272 -9.48 -52.71 5.20
CA ILE B 272 -8.25 -53.17 4.57
C ILE B 272 -8.38 -54.65 4.20
N SER B 273 -7.58 -55.11 3.24
CA SER B 273 -7.73 -56.46 2.74
C SER B 273 -7.00 -57.47 3.61
N THR B 274 -7.74 -58.48 4.05
CA THR B 274 -7.21 -59.48 4.97
C THR B 274 -7.60 -60.84 4.38
N MET B 275 -6.84 -61.88 4.71
CA MET B 275 -7.14 -63.23 4.23
C MET B 275 -8.41 -63.69 4.95
N LEU B 276 -9.54 -63.75 4.24
CA LEU B 276 -10.80 -63.95 4.94
C LEU B 276 -11.52 -65.27 4.72
N LYS B 277 -10.81 -66.26 4.22
CA LYS B 277 -11.35 -67.61 4.16
C LYS B 277 -12.05 -67.92 5.49
N GLY B 278 -13.24 -68.51 5.41
CA GLY B 278 -13.96 -68.88 6.61
C GLY B 278 -14.91 -67.83 7.15
N LEU B 279 -14.86 -66.64 6.57
CA LEU B 279 -15.76 -65.56 6.97
C LEU B 279 -16.51 -65.05 5.74
N TYR B 280 -17.60 -64.34 5.96
CA TYR B 280 -18.38 -63.75 4.86
C TYR B 280 -18.76 -64.78 3.79
N GLY B 281 -18.89 -66.04 4.20
CA GLY B 281 -19.30 -67.08 3.27
C GLY B 281 -18.23 -67.45 2.28
N ILE B 282 -17.00 -67.03 2.53
CA ILE B 282 -15.93 -67.24 1.55
C ILE B 282 -15.07 -68.45 1.89
N LYS B 283 -14.79 -69.27 0.88
CA LYS B 283 -14.11 -70.55 1.10
C LYS B 283 -12.74 -70.65 0.45
N GLU B 284 -12.31 -69.58 -0.24
CA GLU B 284 -11.04 -69.61 -0.96
C GLU B 284 -10.00 -68.82 -0.17
N ASP B 285 -8.73 -69.13 -0.41
CA ASP B 285 -7.65 -68.32 0.13
C ASP B 285 -7.53 -67.02 -0.64
N VAL B 286 -8.27 -66.00 -0.22
CA VAL B 286 -8.22 -64.71 -0.89
C VAL B 286 -8.23 -63.60 0.14
N PHE B 287 -7.82 -62.42 -0.29
CA PHE B 287 -7.86 -61.24 0.55
C PHE B 287 -8.92 -60.30 -0.01
N LEU B 288 -9.83 -59.88 0.85
CA LEU B 288 -10.80 -58.85 0.52
C LEU B 288 -10.81 -57.81 1.64
N SER B 289 -11.28 -56.61 1.33
CA SER B 289 -11.39 -55.57 2.34
C SER B 289 -12.67 -55.74 3.17
N VAL B 290 -12.50 -55.89 4.47
CA VAL B 290 -13.60 -55.83 5.43
C VAL B 290 -13.12 -54.97 6.60
N PRO B 291 -14.02 -54.56 7.50
CA PRO B 291 -13.52 -53.72 8.61
C PRO B 291 -12.65 -54.55 9.57
N CYS B 292 -11.37 -54.21 9.67
CA CYS B 292 -10.41 -54.98 10.46
C CYS B 292 -9.88 -54.22 11.66
N VAL B 293 -9.69 -54.94 12.77
CA VAL B 293 -9.03 -54.39 13.95
C VAL B 293 -7.51 -54.50 13.78
N LEU B 294 -6.84 -53.35 13.78
CA LEU B 294 -5.45 -53.26 13.35
C LEU B 294 -4.56 -52.81 14.50
N GLY B 295 -3.55 -53.61 14.81
CA GLY B 295 -2.72 -53.30 15.96
C GLY B 295 -1.30 -53.81 15.80
N GLN B 296 -0.58 -53.91 16.92
CA GLN B 296 0.84 -54.21 16.90
C GLN B 296 1.08 -55.63 16.36
N ASN B 297 0.02 -56.42 16.32
CA ASN B 297 0.09 -57.77 15.76
C ASN B 297 -0.60 -57.86 14.40
N GLY B 298 -0.81 -56.71 13.77
CA GLY B 298 -1.49 -56.69 12.49
C GLY B 298 -3.00 -56.79 12.65
N ILE B 299 -3.63 -57.64 11.84
CA ILE B 299 -5.08 -57.79 11.89
C ILE B 299 -5.46 -58.96 12.80
N SER B 300 -6.10 -58.65 13.93
CA SER B 300 -6.39 -59.64 14.97
C SER B 300 -7.87 -60.00 15.06
N ASP B 301 -8.70 -59.16 14.48
CA ASP B 301 -10.15 -59.29 14.57
C ASP B 301 -10.76 -58.64 13.35
N VAL B 302 -11.91 -59.16 12.93
CA VAL B 302 -12.64 -58.65 11.78
C VAL B 302 -14.08 -58.35 12.19
N VAL B 303 -14.59 -57.17 11.82
CA VAL B 303 -15.99 -56.87 12.05
C VAL B 303 -16.84 -57.60 11.00
N LYS B 304 -17.87 -58.30 11.47
CA LYS B 304 -18.80 -58.98 10.60
C LYS B 304 -19.95 -58.05 10.23
N VAL B 305 -19.85 -57.43 9.06
CA VAL B 305 -20.85 -56.50 8.58
C VAL B 305 -22.08 -57.24 8.08
N THR B 306 -23.25 -56.83 8.53
CA THR B 306 -24.49 -57.39 8.01
C THR B 306 -24.73 -56.89 6.60
N LEU B 307 -24.70 -57.80 5.65
CA LEU B 307 -24.84 -57.44 4.24
C LEU B 307 -26.18 -57.93 3.69
N THR B 308 -26.65 -57.29 2.63
CA THR B 308 -27.78 -57.82 1.88
C THR B 308 -27.28 -59.05 1.15
N SER B 309 -28.20 -59.91 0.72
CA SER B 309 -27.82 -61.13 0.02
C SER B 309 -27.18 -60.74 -1.30
N GLU B 310 -27.57 -59.59 -1.83
CA GLU B 310 -26.94 -59.05 -3.02
C GLU B 310 -25.49 -58.64 -2.75
N GLU B 311 -25.25 -58.03 -1.59
CA GLU B 311 -23.89 -57.70 -1.18
C GLU B 311 -23.06 -58.95 -0.90
N GLU B 312 -23.64 -59.94 -0.23
CA GLU B 312 -22.94 -61.20 0.03
C GLU B 312 -22.49 -61.88 -1.27
N ALA B 313 -23.41 -62.02 -2.22
CA ALA B 313 -23.10 -62.70 -3.49
C ALA B 313 -22.04 -61.93 -4.26
N HIS B 314 -22.04 -60.61 -4.12
CA HIS B 314 -21.09 -59.77 -4.81
C HIS B 314 -19.70 -60.00 -4.23
N LEU B 315 -19.65 -60.23 -2.93
CA LEU B 315 -18.41 -60.50 -2.21
C LEU B 315 -17.86 -61.89 -2.56
N LYS B 316 -18.76 -62.86 -2.64
CA LYS B 316 -18.40 -64.20 -3.04
C LYS B 316 -17.92 -64.24 -4.48
N LYS B 317 -18.52 -63.41 -5.32
CA LYS B 317 -18.10 -63.32 -6.71
C LYS B 317 -16.67 -62.79 -6.81
N SER B 318 -16.34 -61.77 -6.01
CA SER B 318 -14.98 -61.23 -5.98
C SER B 318 -13.98 -62.31 -5.53
N ALA B 319 -14.33 -63.03 -4.47
CA ALA B 319 -13.49 -64.13 -4.01
C ALA B 319 -13.19 -65.09 -5.16
N ASP B 320 -14.23 -65.51 -5.87
CA ASP B 320 -14.06 -66.49 -6.96
C ASP B 320 -13.25 -65.93 -8.13
N THR B 321 -13.41 -64.64 -8.43
CA THR B 321 -12.62 -64.10 -9.52
C THR B 321 -11.17 -63.93 -9.07
N LEU B 322 -10.97 -63.47 -7.83
CA LEU B 322 -9.62 -63.35 -7.26
C LEU B 322 -8.93 -64.71 -7.27
N TRP B 323 -9.63 -65.74 -6.79
CA TRP B 323 -9.07 -67.07 -6.77
C TRP B 323 -8.76 -67.56 -8.19
N GLY B 324 -9.69 -67.30 -9.11
CA GLY B 324 -9.48 -67.70 -10.49
C GLY B 324 -8.21 -67.10 -11.06
N ILE B 325 -7.91 -65.85 -10.72
CA ILE B 325 -6.67 -65.24 -11.17
C ILE B 325 -5.45 -65.85 -10.48
N GLN B 326 -5.59 -66.17 -9.20
CA GLN B 326 -4.45 -66.66 -8.44
C GLN B 326 -3.99 -68.04 -8.90
N LYS B 327 -4.90 -68.82 -9.47
CA LYS B 327 -4.56 -70.14 -9.98
C LYS B 327 -3.65 -70.09 -11.20
N GLU B 328 -3.71 -69.00 -11.96
CA GLU B 328 -2.89 -68.86 -13.16
C GLU B 328 -1.48 -68.33 -12.86
N LEU B 329 -1.22 -68.00 -11.60
CA LEU B 329 0.07 -67.46 -11.20
C LEU B 329 1.10 -68.57 -10.99
N GLN B 330 2.36 -68.30 -11.35
CA GLN B 330 3.46 -69.25 -11.07
C GLN B 330 4.40 -68.78 -9.96
N PHE B 331 4.47 -69.56 -8.88
CA PHE B 331 5.28 -69.23 -7.71
C PHE B 331 6.62 -69.95 -7.63
N ALA C 1 24.35 0.45 22.65
CA ALA C 1 25.01 0.33 23.98
C ALA C 1 24.43 -0.85 24.76
N ALA C 2 23.12 -0.85 24.97
CA ALA C 2 22.46 -1.99 25.59
C ALA C 2 22.79 -3.28 24.84
N LEU C 3 22.83 -4.39 25.55
CA LEU C 3 23.24 -5.66 24.95
C LEU C 3 22.25 -6.08 23.85
N LYS C 4 20.96 -6.03 24.16
CA LYS C 4 19.94 -6.40 23.18
C LYS C 4 20.12 -5.60 21.89
N ASP C 5 20.35 -4.30 22.03
CA ASP C 5 20.53 -3.43 20.87
C ASP C 5 21.88 -3.66 20.18
N GLN C 6 22.86 -4.13 20.94
CA GLN C 6 24.14 -4.53 20.37
C GLN C 6 23.97 -5.79 19.52
N LEU C 7 23.15 -6.71 20.01
CA LEU C 7 22.95 -8.00 19.36
C LEU C 7 21.97 -7.91 18.19
N ILE C 8 20.94 -7.09 18.38
CA ILE C 8 19.77 -7.16 17.53
C ILE C 8 19.48 -5.79 16.92
N HIS C 9 19.40 -5.75 15.59
CA HIS C 9 18.94 -4.56 14.93
C HIS C 9 17.43 -4.61 14.68
N ASN C 10 16.72 -3.62 15.23
CA ASN C 10 15.28 -3.57 15.08
C ASN C 10 14.89 -2.85 13.80
N LEU C 11 14.04 -3.49 13.00
CA LEU C 11 13.65 -2.96 11.71
C LEU C 11 12.17 -2.56 11.69
N LEU C 12 11.40 -3.11 12.62
CA LEU C 12 9.96 -2.94 12.58
C LEU C 12 9.40 -2.58 13.94
N LYS C 13 8.46 -1.65 13.96
CA LYS C 13 7.79 -1.26 15.18
C LYS C 13 6.69 -2.27 15.53
N GLU C 14 6.14 -2.17 16.74
CA GLU C 14 5.12 -3.10 17.21
C GLU C 14 3.71 -2.73 16.73
N GLU C 15 3.05 -3.67 16.07
CA GLU C 15 1.62 -3.53 15.77
C GLU C 15 0.88 -4.70 16.43
N HIS C 16 1.48 -5.25 17.47
CA HIS C 16 1.09 -6.56 17.99
C HIS C 16 -0.42 -6.75 18.16
N VAL C 17 -1.02 -7.45 17.21
CA VAL C 17 -2.41 -7.87 17.31
C VAL C 17 -2.50 -9.40 17.24
N PRO C 18 -3.21 -10.02 18.20
CA PRO C 18 -3.39 -11.47 18.26
C PRO C 18 -4.23 -11.97 17.09
N GLN C 19 -3.80 -13.07 16.48
CA GLN C 19 -4.53 -13.62 15.34
C GLN C 19 -5.42 -14.79 15.74
N ASN C 20 -4.92 -15.65 16.61
CA ASN C 20 -5.69 -16.77 17.12
C ASN C 20 -5.59 -16.87 18.64
N LYS C 21 -6.16 -15.88 19.32
CA LYS C 21 -6.10 -15.79 20.77
C LYS C 21 -7.25 -16.55 21.45
N ILE C 22 -6.92 -17.30 22.49
CA ILE C 22 -7.93 -17.95 23.30
C ILE C 22 -7.80 -17.50 24.75
N THR C 23 -8.91 -17.15 25.37
CA THR C 23 -8.94 -16.87 26.78
C THR C 23 -9.63 -18.01 27.51
N VAL C 24 -9.05 -18.43 28.62
CA VAL C 24 -9.73 -19.32 29.57
C VAL C 24 -10.01 -18.52 30.84
N VAL C 25 -11.28 -18.49 31.25
CA VAL C 25 -11.71 -17.82 32.46
C VAL C 25 -11.85 -18.86 33.57
N GLY C 26 -11.13 -18.65 34.66
CA GLY C 26 -11.11 -19.63 35.74
C GLY C 26 -9.89 -20.51 35.66
N VAL C 27 -8.99 -20.42 36.64
CA VAL C 27 -7.78 -21.23 36.63
C VAL C 27 -7.79 -22.32 37.68
N GLY C 28 -8.98 -22.87 37.94
CA GLY C 28 -9.07 -24.05 38.78
C GLY C 28 -8.56 -25.24 37.99
N ALA C 29 -8.74 -26.44 38.54
CA ALA C 29 -8.18 -27.61 37.90
C ALA C 29 -8.72 -27.80 36.47
N VAL C 30 -10.02 -27.55 36.29
CA VAL C 30 -10.63 -27.63 34.97
C VAL C 30 -10.05 -26.59 34.01
N GLY C 31 -10.02 -25.34 34.46
CA GLY C 31 -9.47 -24.28 33.64
C GLY C 31 -8.06 -24.56 33.15
N MET C 32 -7.19 -25.00 34.05
CA MET C 32 -5.80 -25.21 33.68
C MET C 32 -5.64 -26.45 32.81
N ALA C 33 -6.54 -27.41 32.97
CA ALA C 33 -6.53 -28.60 32.12
C ALA C 33 -6.89 -28.20 30.69
N CYS C 34 -7.83 -27.28 30.54
CA CYS C 34 -8.17 -26.78 29.21
C CYS C 34 -6.95 -26.05 28.65
N ALA C 35 -6.31 -25.24 29.49
CA ALA C 35 -5.17 -24.44 29.05
C ALA C 35 -4.01 -25.31 28.59
N ILE C 36 -3.65 -26.32 29.38
CA ILE C 36 -2.51 -27.14 29.01
C ILE C 36 -2.82 -27.92 27.74
N SER C 37 -4.04 -28.44 27.64
CA SER C 37 -4.43 -29.20 26.44
C SER C 37 -4.40 -28.32 25.19
N ILE C 38 -4.90 -27.09 25.33
CA ILE C 38 -4.88 -26.14 24.22
C ILE C 38 -3.46 -25.76 23.82
N LEU C 39 -2.60 -25.51 24.81
CA LEU C 39 -1.22 -25.17 24.53
C LEU C 39 -0.48 -26.30 23.78
N MET C 40 -0.73 -27.54 24.16
CA MET C 40 -0.01 -28.66 23.57
C MET C 40 -0.58 -29.14 22.24
N LYS C 41 -1.73 -28.61 21.85
CA LYS C 41 -2.26 -28.86 20.51
C LYS C 41 -2.09 -27.66 19.57
N ASP C 42 -1.36 -26.65 20.03
CA ASP C 42 -1.01 -25.50 19.19
C ASP C 42 -2.24 -24.87 18.54
N LEU C 43 -3.27 -24.57 19.33
CA LEU C 43 -4.51 -24.04 18.79
C LEU C 43 -4.54 -22.50 18.80
N ALA C 44 -3.62 -21.89 19.55
CA ALA C 44 -3.65 -20.46 19.80
C ALA C 44 -2.26 -19.85 19.64
N ASP C 45 -2.19 -18.59 19.23
CA ASP C 45 -0.90 -17.89 19.20
C ASP C 45 -0.74 -16.95 20.39
N GLU C 46 -1.77 -16.91 21.22
CA GLU C 46 -1.72 -16.18 22.48
C GLU C 46 -2.75 -16.79 23.43
N LEU C 47 -2.37 -16.98 24.68
CA LEU C 47 -3.30 -17.49 25.68
C LEU C 47 -3.45 -16.48 26.81
N ALA C 48 -4.70 -16.22 27.21
CA ALA C 48 -4.94 -15.35 28.35
C ALA C 48 -5.73 -16.08 29.42
N LEU C 49 -5.37 -15.86 30.69
CA LEU C 49 -6.07 -16.47 31.80
C LEU C 49 -6.63 -15.36 32.70
N VAL C 50 -7.89 -15.49 33.10
CA VAL C 50 -8.43 -14.57 34.10
C VAL C 50 -9.07 -15.33 35.24
N ASP C 51 -8.94 -14.77 36.44
CA ASP C 51 -9.58 -15.30 37.63
C ASP C 51 -9.59 -14.17 38.67
N VAL C 52 -10.19 -14.41 39.82
CA VAL C 52 -10.22 -13.41 40.89
C VAL C 52 -9.19 -13.68 41.98
N MET C 53 -8.72 -14.92 42.06
CA MET C 53 -7.63 -15.26 42.96
C MET C 53 -6.28 -14.92 42.34
N GLU C 54 -5.76 -13.74 42.67
CA GLU C 54 -4.70 -13.12 41.90
C GLU C 54 -3.33 -13.79 42.06
N ASP C 55 -3.03 -14.25 43.27
CA ASP C 55 -1.81 -15.02 43.49
C ASP C 55 -1.85 -16.30 42.64
N LYS C 56 -2.90 -17.08 42.81
CA LYS C 56 -3.06 -18.33 42.08
C LYS C 56 -2.92 -18.09 40.58
N LEU C 57 -3.59 -17.05 40.09
CA LEU C 57 -3.58 -16.69 38.67
C LEU C 57 -2.15 -16.44 38.16
N LYS C 58 -1.47 -15.46 38.75
CA LYS C 58 -0.10 -15.15 38.37
C LYS C 58 0.78 -16.42 38.41
N GLY C 59 0.55 -17.24 39.43
CA GLY C 59 1.37 -18.43 39.61
C GLY C 59 1.21 -19.42 38.48
N GLU C 60 -0.04 -19.61 38.06
CA GLU C 60 -0.34 -20.52 36.97
C GLU C 60 0.26 -19.99 35.67
N MET C 61 0.13 -18.69 35.45
CA MET C 61 0.70 -18.06 34.26
C MET C 61 2.20 -18.32 34.18
N MET C 62 2.91 -17.98 35.27
CA MET C 62 4.37 -18.14 35.30
C MET C 62 4.81 -19.58 35.01
N ASP C 63 4.12 -20.54 35.61
CA ASP C 63 4.45 -21.96 35.45
C ASP C 63 4.34 -22.32 33.97
N LEU C 64 3.23 -21.95 33.34
CA LEU C 64 3.09 -22.13 31.92
C LEU C 64 4.22 -21.47 31.14
N GLN C 65 4.51 -20.21 31.46
CA GLN C 65 5.53 -19.45 30.74
C GLN C 65 6.90 -20.12 30.80
N HIS C 66 7.18 -20.78 31.92
CA HIS C 66 8.47 -21.43 32.14
C HIS C 66 8.60 -22.63 31.21
N GLY C 67 7.46 -23.06 30.66
CA GLY C 67 7.45 -24.15 29.71
C GLY C 67 7.55 -23.70 28.27
N SER C 68 7.75 -22.41 28.05
CA SER C 68 7.75 -21.85 26.70
C SER C 68 8.65 -22.61 25.73
N LEU C 69 9.86 -22.94 26.18
CA LEU C 69 10.83 -23.61 25.32
C LEU C 69 10.18 -24.80 24.62
N PHE C 70 9.21 -25.42 25.29
CA PHE C 70 8.64 -26.66 24.80
C PHE C 70 7.27 -26.44 24.16
N LEU C 71 6.89 -25.18 24.01
CA LEU C 71 5.62 -24.86 23.38
C LEU C 71 5.79 -24.01 22.12
N ARG C 72 4.71 -23.89 21.34
CA ARG C 72 4.68 -23.08 20.14
C ARG C 72 3.55 -22.05 20.26
N THR C 73 3.35 -21.56 21.48
CA THR C 73 2.38 -20.49 21.75
C THR C 73 3.14 -19.35 22.45
N PRO C 74 3.59 -18.36 21.67
CA PRO C 74 4.65 -17.43 22.11
C PRO C 74 4.20 -16.44 23.19
N LYS C 75 2.90 -16.25 23.34
CA LYS C 75 2.43 -15.26 24.30
C LYS C 75 1.36 -15.81 25.25
N ILE C 76 1.71 -15.84 26.53
CA ILE C 76 0.78 -16.22 27.59
C ILE C 76 0.68 -15.03 28.54
N VAL C 77 -0.55 -14.56 28.77
CA VAL C 77 -0.81 -13.45 29.67
C VAL C 77 -1.94 -13.75 30.67
N SER C 78 -2.02 -12.97 31.74
CA SER C 78 -3.09 -13.13 32.71
C SER C 78 -3.34 -11.85 33.48
N GLY C 79 -4.51 -11.78 34.11
CA GLY C 79 -4.84 -10.62 34.91
C GLY C 79 -6.24 -10.73 35.47
N LYS C 80 -6.53 -9.93 36.49
CA LYS C 80 -7.88 -9.86 37.04
C LYS C 80 -8.70 -8.93 36.15
N ASP C 81 -8.02 -8.05 35.42
CA ASP C 81 -8.71 -7.13 34.52
C ASP C 81 -8.87 -7.74 33.13
N TYR C 82 -10.07 -7.64 32.59
CA TYR C 82 -10.41 -8.33 31.35
C TYR C 82 -9.80 -7.72 30.10
N SER C 83 -9.01 -6.67 30.27
CA SER C 83 -8.34 -6.07 29.13
C SER C 83 -7.28 -7.01 28.55
N VAL C 84 -6.81 -7.94 29.38
CA VAL C 84 -5.84 -8.95 28.93
C VAL C 84 -6.50 -9.96 27.98
N THR C 85 -7.83 -10.02 27.99
CA THR C 85 -8.54 -10.98 27.16
C THR C 85 -8.99 -10.42 25.81
N ALA C 86 -8.64 -9.17 25.51
CA ALA C 86 -9.22 -8.47 24.35
C ALA C 86 -8.86 -9.11 23.02
N ASN C 87 -9.82 -9.16 22.11
CA ASN C 87 -9.60 -9.72 20.77
C ASN C 87 -9.34 -11.23 20.82
N SER C 88 -10.08 -11.92 21.68
CA SER C 88 -10.07 -13.38 21.69
C SER C 88 -11.03 -13.89 20.63
N LYS C 89 -10.61 -14.91 19.88
CA LYS C 89 -11.50 -15.58 18.95
C LYS C 89 -12.45 -16.46 19.76
N LEU C 90 -11.90 -17.02 20.84
CA LEU C 90 -12.61 -17.98 21.66
C LEU C 90 -12.38 -17.69 23.14
N VAL C 91 -13.46 -17.66 23.92
CA VAL C 91 -13.33 -17.45 25.35
C VAL C 91 -14.04 -18.58 26.07
N ILE C 92 -13.30 -19.30 26.90
CA ILE C 92 -13.80 -20.49 27.54
C ILE C 92 -14.14 -20.19 29.01
N ILE C 93 -15.37 -20.47 29.41
CA ILE C 93 -15.81 -20.13 30.76
C ILE C 93 -15.85 -21.36 31.65
N THR C 94 -15.00 -21.35 32.67
CA THR C 94 -14.96 -22.46 33.63
C THR C 94 -15.13 -21.97 35.07
N ALA C 95 -15.46 -20.69 35.23
CA ALA C 95 -15.69 -20.14 36.56
C ALA C 95 -16.96 -20.71 37.19
N GLY C 96 -16.91 -20.94 38.49
CA GLY C 96 -18.07 -21.47 39.19
C GLY C 96 -18.11 -21.03 40.64
N ALA C 97 -19.28 -21.15 41.28
CA ALA C 97 -19.44 -20.78 42.68
C ALA C 97 -19.11 -21.97 43.60
N ARG C 98 -18.50 -21.67 44.74
CA ARG C 98 -18.16 -22.71 45.71
C ARG C 98 -19.28 -22.84 46.73
N GLY C 102 -25.41 -28.02 52.16
CA GLY C 102 -26.32 -28.74 51.30
C GLY C 102 -27.52 -27.91 50.85
N GLU C 103 -27.41 -26.59 50.99
CA GLU C 103 -28.49 -25.70 50.58
C GLU C 103 -27.94 -24.54 49.76
N SER C 104 -28.51 -24.27 48.60
CA SER C 104 -29.54 -25.10 47.98
C SER C 104 -29.27 -25.10 46.47
N ARG C 105 -29.97 -25.95 45.72
CA ARG C 105 -29.70 -26.04 44.29
C ARG C 105 -29.96 -24.70 43.61
N LEU C 106 -31.23 -24.32 43.52
CA LEU C 106 -31.62 -23.09 42.86
C LEU C 106 -30.76 -21.92 43.35
N ASN C 107 -30.41 -21.96 44.63
CA ASN C 107 -29.61 -20.91 45.24
C ASN C 107 -28.15 -20.97 44.80
N LEU C 108 -27.68 -22.18 44.53
CA LEU C 108 -26.37 -22.39 43.92
C LEU C 108 -26.33 -21.79 42.52
N VAL C 109 -27.33 -22.12 41.71
CA VAL C 109 -27.40 -21.67 40.33
C VAL C 109 -27.39 -20.15 40.27
N GLN C 110 -28.12 -19.52 41.19
CA GLN C 110 -28.27 -18.07 41.18
C GLN C 110 -26.93 -17.40 41.45
N ARG C 111 -26.11 -18.01 42.30
CA ARG C 111 -24.82 -17.43 42.61
C ARG C 111 -23.82 -17.61 41.44
N ASN C 112 -23.99 -18.68 40.68
CA ASN C 112 -23.29 -18.79 39.40
C ASN C 112 -23.78 -17.76 38.40
N VAL C 113 -25.10 -17.60 38.31
CA VAL C 113 -25.67 -16.52 37.50
C VAL C 113 -25.02 -15.20 37.93
N ASN C 114 -24.95 -14.98 39.23
CA ASN C 114 -24.34 -13.77 39.76
C ASN C 114 -22.89 -13.62 39.26
N ILE C 115 -22.15 -14.71 39.20
CA ILE C 115 -20.78 -14.66 38.70
C ILE C 115 -20.74 -14.27 37.23
N PHE C 116 -21.65 -14.86 36.45
CA PHE C 116 -21.71 -14.59 35.02
C PHE C 116 -22.16 -13.15 34.75
N LYS C 117 -22.99 -12.60 35.65
CA LYS C 117 -23.42 -11.21 35.50
C LYS C 117 -22.21 -10.30 35.55
N PHE C 118 -21.21 -10.70 36.32
CA PHE C 118 -19.96 -9.95 36.35
C PHE C 118 -19.02 -10.34 35.20
N ILE C 119 -18.89 -11.64 34.95
CA ILE C 119 -17.93 -12.11 33.95
C ILE C 119 -18.34 -11.83 32.50
N ILE C 120 -19.51 -12.29 32.10
CA ILE C 120 -19.89 -12.25 30.69
C ILE C 120 -19.82 -10.85 30.07
N PRO C 121 -20.35 -9.83 30.77
CA PRO C 121 -20.25 -8.49 30.17
C PRO C 121 -18.81 -8.06 29.96
N ASN C 122 -17.96 -8.37 30.93
CA ASN C 122 -16.54 -8.08 30.79
C ASN C 122 -15.91 -8.76 29.59
N VAL C 123 -16.30 -10.01 29.34
CA VAL C 123 -15.80 -10.73 28.17
C VAL C 123 -16.24 -10.07 26.86
N VAL C 124 -17.55 -9.83 26.75
CA VAL C 124 -18.15 -9.22 25.56
C VAL C 124 -17.59 -7.83 25.23
N LYS C 125 -17.30 -7.06 26.27
CA LYS C 125 -16.75 -5.72 26.13
C LYS C 125 -15.42 -5.76 25.36
N TYR C 126 -14.60 -6.74 25.69
CA TYR C 126 -13.25 -6.80 25.16
C TYR C 126 -13.11 -7.76 23.98
N SER C 127 -14.09 -8.63 23.78
CA SER C 127 -14.08 -9.51 22.62
C SER C 127 -15.49 -9.62 22.02
N PRO C 128 -15.95 -8.54 21.38
CA PRO C 128 -17.32 -8.45 20.85
C PRO C 128 -17.63 -9.58 19.87
N HIS C 129 -16.61 -10.03 19.15
CA HIS C 129 -16.82 -10.96 18.04
C HIS C 129 -16.43 -12.41 18.36
N CYS C 130 -16.14 -12.70 19.63
CA CYS C 130 -15.67 -14.03 20.00
C CYS C 130 -16.78 -15.06 20.01
N LYS C 131 -16.40 -16.34 20.01
CA LYS C 131 -17.31 -17.40 20.42
C LYS C 131 -17.14 -17.65 21.91
N LEU C 132 -18.26 -17.88 22.60
CA LEU C 132 -18.25 -18.21 24.02
C LEU C 132 -18.43 -19.71 24.18
N LEU C 133 -17.57 -20.36 24.93
CA LEU C 133 -17.75 -21.77 25.24
C LEU C 133 -17.85 -21.97 26.75
N VAL C 134 -19.03 -22.37 27.22
CA VAL C 134 -19.25 -22.51 28.65
C VAL C 134 -19.07 -23.96 29.07
N VAL C 135 -18.38 -24.16 30.18
CA VAL C 135 -18.09 -25.48 30.71
C VAL C 135 -18.66 -25.61 32.13
N SER C 136 -18.82 -24.47 32.81
CA SER C 136 -19.35 -24.40 34.17
C SER C 136 -20.67 -25.14 34.32
N ASN C 137 -20.88 -25.76 35.49
CA ASN C 137 -22.11 -26.50 35.75
C ASN C 137 -23.13 -25.70 36.57
N PRO C 138 -24.42 -25.96 36.33
CA PRO C 138 -24.91 -26.87 35.29
C PRO C 138 -24.84 -26.22 33.92
N VAL C 139 -24.18 -26.88 32.98
CA VAL C 139 -23.70 -26.22 31.78
C VAL C 139 -24.84 -25.76 30.87
N ASP C 140 -25.90 -26.53 30.77
CA ASP C 140 -27.01 -26.17 29.90
C ASP C 140 -27.63 -24.85 30.35
N ILE C 141 -27.85 -24.73 31.66
CA ILE C 141 -28.42 -23.52 32.21
C ILE C 141 -27.45 -22.36 32.11
N LEU C 142 -26.20 -22.60 32.48
CA LEU C 142 -25.22 -21.53 32.47
C LEU C 142 -24.88 -21.09 31.07
N THR C 143 -25.11 -21.94 30.09
CA THR C 143 -24.87 -21.55 28.70
C THR C 143 -26.01 -20.65 28.24
N TYR C 144 -27.23 -20.96 28.69
CA TYR C 144 -28.37 -20.08 28.50
C TYR C 144 -28.13 -18.68 29.10
N VAL C 145 -27.58 -18.64 30.31
CA VAL C 145 -27.36 -17.36 30.98
C VAL C 145 -26.31 -16.52 30.28
N ALA C 146 -25.24 -17.17 29.83
CA ALA C 146 -24.19 -16.50 29.07
C ALA C 146 -24.77 -15.93 27.78
N TRP C 147 -25.65 -16.70 27.14
CA TRP C 147 -26.29 -16.28 25.90
C TRP C 147 -27.17 -15.06 26.14
N LYS C 148 -28.12 -15.19 27.07
CA LYS C 148 -29.01 -14.10 27.44
C LYS C 148 -28.22 -12.85 27.85
N ILE C 149 -27.22 -13.01 28.72
CA ILE C 149 -26.46 -11.85 29.18
C ILE C 149 -25.63 -11.21 28.06
N SER C 150 -24.96 -12.04 27.26
CA SER C 150 -24.01 -11.52 26.30
C SER C 150 -24.73 -10.83 25.13
N GLY C 151 -25.96 -11.23 24.88
CA GLY C 151 -26.66 -10.72 23.71
C GLY C 151 -26.07 -11.21 22.39
N PHE C 152 -25.23 -12.25 22.42
CA PHE C 152 -24.69 -12.83 21.20
C PHE C 152 -25.77 -13.64 20.49
N PRO C 153 -25.69 -13.76 19.16
CA PRO C 153 -26.55 -14.72 18.45
C PRO C 153 -26.23 -16.14 18.91
N LYS C 154 -27.20 -17.04 18.80
CA LYS C 154 -27.07 -18.36 19.40
C LYS C 154 -25.94 -19.20 18.80
N ASN C 155 -25.49 -18.86 17.60
CA ASN C 155 -24.43 -19.64 16.97
C ASN C 155 -23.09 -19.43 17.68
N ARG C 156 -22.96 -18.35 18.43
CA ARG C 156 -21.70 -18.01 19.07
C ARG C 156 -21.64 -18.28 20.58
N VAL C 157 -22.66 -18.92 21.13
CA VAL C 157 -22.61 -19.34 22.52
C VAL C 157 -22.79 -20.85 22.62
N ILE C 158 -21.74 -21.54 23.06
CA ILE C 158 -21.74 -23.01 23.05
C ILE C 158 -21.51 -23.56 24.46
N GLY C 159 -22.25 -24.61 24.81
CA GLY C 159 -21.97 -25.31 26.04
C GLY C 159 -21.29 -26.62 25.74
N SER C 160 -20.26 -26.98 26.49
CA SER C 160 -19.57 -28.25 26.27
C SER C 160 -20.53 -29.41 26.42
N GLY C 161 -21.58 -29.20 27.21
CA GLY C 161 -22.70 -30.14 27.24
C GLY C 161 -22.30 -31.60 27.40
N CYS C 162 -22.77 -32.44 26.47
CA CYS C 162 -22.59 -33.89 26.54
C CYS C 162 -21.37 -34.38 25.74
N ASN C 163 -20.48 -33.45 25.41
CA ASN C 163 -19.31 -33.77 24.61
C ASN C 163 -18.41 -34.80 25.30
N LEU C 164 -18.09 -34.54 26.57
CA LEU C 164 -17.27 -35.47 27.33
C LEU C 164 -18.02 -36.78 27.59
N ASP C 165 -19.30 -36.68 27.92
CA ASP C 165 -20.07 -37.88 28.26
C ASP C 165 -20.16 -38.81 27.06
N SER C 166 -20.25 -38.24 25.86
CA SER C 166 -20.24 -39.07 24.66
C SER C 166 -18.88 -39.76 24.51
N ALA C 167 -17.82 -39.02 24.81
CA ALA C 167 -16.47 -39.55 24.75
C ALA C 167 -16.26 -40.68 25.76
N ARG C 168 -16.80 -40.52 26.96
CA ARG C 168 -16.76 -41.60 27.97
C ARG C 168 -17.53 -42.82 27.48
N PHE C 169 -18.70 -42.58 26.89
CA PHE C 169 -19.58 -43.64 26.41
C PHE C 169 -18.84 -44.46 25.37
N ARG C 170 -18.12 -43.79 24.48
CA ARG C 170 -17.35 -44.46 23.43
C ARG C 170 -16.16 -45.24 24.00
N TYR C 171 -15.53 -44.70 25.03
CA TYR C 171 -14.46 -45.41 25.72
C TYR C 171 -14.95 -46.72 26.36
N LEU C 172 -16.09 -46.66 27.04
CA LEU C 172 -16.63 -47.85 27.69
C LEU C 172 -17.11 -48.85 26.64
N MET C 173 -17.73 -48.34 25.59
CA MET C 173 -18.11 -49.14 24.44
C MET C 173 -16.87 -49.87 23.91
N GLY C 174 -15.78 -49.14 23.78
CA GLY C 174 -14.55 -49.74 23.30
C GLY C 174 -13.99 -50.83 24.20
N GLU C 175 -14.10 -50.64 25.52
CA GLU C 175 -13.60 -51.64 26.46
C GLU C 175 -14.40 -52.93 26.39
N ARG C 176 -15.71 -52.83 26.16
CA ARG C 176 -16.55 -54.01 26.05
C ARG C 176 -16.30 -54.73 24.73
N LEU C 177 -15.98 -53.97 23.69
CA LEU C 177 -15.93 -54.54 22.35
C LEU C 177 -14.52 -54.86 21.92
N GLY C 178 -13.54 -54.32 22.65
CA GLY C 178 -12.16 -54.62 22.36
C GLY C 178 -11.57 -53.83 21.21
N VAL C 179 -12.13 -52.64 20.95
CA VAL C 179 -11.59 -51.75 19.93
C VAL C 179 -11.47 -50.33 20.46
N HIS C 180 -10.68 -49.52 19.77
CA HIS C 180 -10.45 -48.17 20.23
C HIS C 180 -11.74 -47.35 20.19
N ALA C 181 -11.90 -46.42 21.12
CA ALA C 181 -13.07 -45.57 21.14
C ALA C 181 -13.23 -44.79 19.82
N LEU C 182 -12.12 -44.49 19.16
CA LEU C 182 -12.18 -43.81 17.87
C LEU C 182 -13.04 -44.58 16.88
N SER C 183 -13.07 -45.91 17.03
CA SER C 183 -13.82 -46.76 16.11
C SER C 183 -15.19 -47.20 16.65
N CYS C 184 -15.52 -46.77 17.87
CA CYS C 184 -16.83 -47.04 18.46
C CYS C 184 -17.66 -45.78 18.39
N HIS C 185 -18.88 -45.87 17.88
CA HIS C 185 -19.69 -44.68 17.77
C HIS C 185 -20.97 -44.78 18.57
N GLY C 186 -21.21 -43.77 19.38
CA GLY C 186 -22.42 -43.70 20.18
C GLY C 186 -22.66 -42.25 20.53
N TRP C 187 -23.93 -41.88 20.69
CA TRP C 187 -24.29 -40.51 21.02
C TRP C 187 -25.15 -40.37 22.27
N ILE C 188 -24.68 -39.52 23.18
CA ILE C 188 -25.46 -39.07 24.32
C ILE C 188 -25.89 -37.62 24.07
N LEU C 189 -27.19 -37.37 24.15
CA LEU C 189 -27.73 -36.04 23.88
C LEU C 189 -28.59 -35.54 25.03
N GLY C 190 -29.15 -34.35 24.86
CA GLY C 190 -30.10 -33.85 25.82
C GLY C 190 -29.43 -33.07 26.95
N GLU C 191 -30.06 -33.12 28.11
CA GLU C 191 -29.60 -32.37 29.27
C GLU C 191 -28.38 -33.08 29.86
N HIS C 192 -27.32 -32.32 30.10
CA HIS C 192 -26.09 -32.85 30.66
C HIS C 192 -26.36 -33.53 32.01
N GLY C 193 -25.76 -34.69 32.23
CA GLY C 193 -25.91 -35.33 33.52
C GLY C 193 -26.88 -36.50 33.45
N ASP C 194 -27.58 -36.78 34.55
CA ASP C 194 -28.36 -38.00 34.62
C ASP C 194 -29.68 -37.97 33.86
N SER C 195 -30.03 -36.82 33.28
CA SER C 195 -31.19 -36.74 32.38
C SER C 195 -30.80 -36.95 30.92
N SER C 196 -29.49 -37.05 30.65
CA SER C 196 -29.01 -37.22 29.28
C SER C 196 -29.55 -38.50 28.64
N VAL C 197 -29.67 -38.49 27.31
CA VAL C 197 -30.28 -39.59 26.58
C VAL C 197 -29.28 -40.33 25.69
N PRO C 198 -29.06 -41.62 25.96
CA PRO C 198 -28.20 -42.45 25.12
C PRO C 198 -28.99 -42.90 23.89
N VAL C 199 -28.57 -42.50 22.70
CA VAL C 199 -29.32 -42.85 21.50
C VAL C 199 -28.87 -44.21 21.00
N TRP C 200 -29.53 -45.25 21.50
CA TRP C 200 -29.15 -46.63 21.25
C TRP C 200 -29.19 -46.98 19.76
N SER C 201 -30.02 -46.29 19.00
CA SER C 201 -30.22 -46.66 17.60
C SER C 201 -29.07 -46.22 16.69
N GLY C 202 -28.20 -45.35 17.19
CA GLY C 202 -27.09 -44.90 16.39
C GLY C 202 -25.78 -45.58 16.76
N MET C 203 -25.80 -46.36 17.82
CA MET C 203 -24.58 -47.02 18.28
C MET C 203 -24.12 -48.06 17.28
N ASN C 204 -22.86 -47.97 16.87
CA ASN C 204 -22.37 -48.84 15.81
C ASN C 204 -20.85 -48.89 15.73
N VAL C 205 -20.34 -49.96 15.13
CA VAL C 205 -18.95 -50.02 14.70
C VAL C 205 -18.96 -50.27 13.21
N ALA C 206 -18.19 -49.48 12.47
CA ALA C 206 -18.05 -49.67 11.03
C ALA C 206 -19.42 -49.67 10.34
N GLY C 207 -20.33 -48.84 10.84
CA GLY C 207 -21.63 -48.71 10.21
C GLY C 207 -22.55 -49.90 10.49
N VAL C 208 -22.08 -50.82 11.33
CA VAL C 208 -22.91 -51.96 11.70
C VAL C 208 -23.72 -51.63 12.96
N SER C 209 -25.04 -51.51 12.81
CA SER C 209 -25.91 -51.13 13.93
C SER C 209 -25.99 -52.21 14.99
N LEU C 210 -25.55 -51.87 16.21
CA LEU C 210 -25.57 -52.81 17.32
C LEU C 210 -26.99 -53.17 17.74
N LYS C 211 -27.91 -52.24 17.56
CA LYS C 211 -29.30 -52.48 17.97
C LYS C 211 -29.95 -53.47 17.01
N THR C 212 -29.58 -53.39 15.74
CA THR C 212 -30.09 -54.32 14.74
C THR C 212 -29.56 -55.73 15.00
N LEU C 213 -28.29 -55.81 15.38
CA LEU C 213 -27.70 -57.07 15.82
C LEU C 213 -28.33 -57.58 17.10
N HIS C 214 -28.64 -56.66 18.00
CA HIS C 214 -28.98 -56.99 19.39
C HIS C 214 -30.18 -56.14 19.79
N PRO C 215 -31.39 -56.57 19.39
CA PRO C 215 -32.59 -55.72 19.50
C PRO C 215 -32.88 -55.29 20.95
N GLU C 216 -32.42 -56.09 21.90
CA GLU C 216 -32.64 -55.80 23.31
C GLU C 216 -31.73 -54.68 23.83
N LEU C 217 -30.80 -54.22 22.99
CA LEU C 217 -29.80 -53.23 23.40
C LEU C 217 -30.41 -52.03 24.11
N GLY C 218 -30.05 -51.84 25.37
CA GLY C 218 -30.46 -50.63 26.06
C GLY C 218 -31.84 -50.70 26.68
N THR C 219 -32.50 -51.84 26.57
CA THR C 219 -33.74 -52.08 27.30
C THR C 219 -33.40 -52.78 28.61
N ASP C 220 -34.38 -52.92 29.48
CA ASP C 220 -34.15 -53.61 30.74
C ASP C 220 -34.24 -55.11 30.53
N ALA C 221 -34.50 -55.51 29.29
CA ALA C 221 -34.57 -56.93 28.93
C ALA C 221 -33.28 -57.38 28.26
N ASP C 222 -32.14 -56.86 28.73
CA ASP C 222 -30.85 -57.12 28.11
C ASP C 222 -29.94 -57.93 29.05
N LYS C 223 -29.64 -59.17 28.68
CA LYS C 223 -28.80 -60.00 29.53
C LYS C 223 -27.41 -59.39 29.69
N GLU C 224 -27.04 -58.54 28.74
CA GLU C 224 -25.73 -57.88 28.78
C GLU C 224 -25.78 -56.52 29.47
N GLN C 225 -26.99 -56.01 29.71
CA GLN C 225 -27.16 -54.79 30.48
C GLN C 225 -26.36 -53.62 29.91
N TRP C 226 -26.54 -53.32 28.62
CA TRP C 226 -25.83 -52.21 28.02
C TRP C 226 -26.37 -50.87 28.51
N LYS C 227 -27.61 -50.87 28.97
CA LYS C 227 -28.20 -49.69 29.57
C LYS C 227 -27.27 -49.17 30.65
N GLN C 228 -26.59 -50.08 31.32
CA GLN C 228 -25.67 -49.75 32.41
C GLN C 228 -24.43 -48.97 31.97
N VAL C 229 -24.15 -48.97 30.68
CA VAL C 229 -23.02 -48.21 30.18
C VAL C 229 -23.35 -46.73 30.26
N HIS C 230 -24.58 -46.38 29.91
CA HIS C 230 -25.00 -45.01 30.03
C HIS C 230 -24.90 -44.58 31.49
N LYS C 231 -25.41 -45.42 32.38
CA LYS C 231 -25.36 -45.14 33.81
C LYS C 231 -23.92 -44.98 34.26
N GLN C 232 -23.05 -45.88 33.81
CA GLN C 232 -21.63 -45.78 34.09
C GLN C 232 -21.09 -44.41 33.70
N VAL C 233 -21.48 -43.95 32.51
CA VAL C 233 -21.07 -42.64 32.02
C VAL C 233 -21.57 -41.58 32.99
N VAL C 234 -22.87 -41.58 33.22
CA VAL C 234 -23.50 -40.62 34.12
C VAL C 234 -22.77 -40.56 35.45
N ASP C 235 -22.44 -41.73 36.00
CA ASP C 235 -21.89 -41.82 37.35
C ASP C 235 -20.38 -41.54 37.41
N SER C 236 -19.70 -41.68 36.29
CA SER C 236 -18.24 -41.74 36.28
C SER C 236 -17.63 -40.44 36.79
N ALA C 237 -18.30 -39.32 36.50
CA ALA C 237 -17.81 -38.03 36.94
C ALA C 237 -17.72 -38.02 38.46
N TYR C 238 -18.79 -38.45 39.11
CA TYR C 238 -18.85 -38.37 40.56
C TYR C 238 -18.01 -39.47 41.20
N GLU C 239 -17.84 -40.58 40.49
CA GLU C 239 -16.93 -41.62 40.96
C GLU C 239 -15.51 -41.07 41.00
N VAL C 240 -15.11 -40.36 39.95
CA VAL C 240 -13.76 -39.83 39.91
C VAL C 240 -13.61 -38.75 40.98
N ILE C 241 -14.65 -37.93 41.14
CA ILE C 241 -14.68 -36.92 42.19
C ILE C 241 -14.53 -37.55 43.57
N LYS C 242 -15.17 -38.70 43.73
CA LYS C 242 -15.09 -39.45 44.98
C LYS C 242 -13.63 -39.84 45.19
N LEU C 243 -12.93 -40.14 44.09
CA LEU C 243 -11.58 -40.72 44.16
C LEU C 243 -10.46 -39.69 44.26
N LYS C 244 -10.51 -38.64 43.44
CA LYS C 244 -9.46 -37.63 43.43
C LYS C 244 -9.95 -36.23 43.78
N GLY C 245 -11.22 -36.12 44.17
CA GLY C 245 -11.75 -34.84 44.62
C GLY C 245 -12.46 -34.01 43.56
N TYR C 246 -12.07 -34.21 42.30
CA TYR C 246 -12.58 -33.42 41.18
C TYR C 246 -12.23 -34.20 39.89
N THR C 247 -12.64 -33.69 38.74
CA THR C 247 -12.09 -34.23 37.49
C THR C 247 -11.47 -33.10 36.65
N THR C 248 -10.47 -33.43 35.84
CA THR C 248 -9.76 -32.40 35.09
C THR C 248 -9.33 -32.82 33.70
N TRP C 249 -8.61 -33.93 33.62
CA TRP C 249 -7.88 -34.26 32.40
C TRP C 249 -8.81 -34.50 31.22
N ALA C 250 -9.85 -35.30 31.40
CA ALA C 250 -10.74 -35.64 30.29
C ALA C 250 -11.55 -34.44 29.83
N ILE C 251 -12.10 -33.66 30.75
CA ILE C 251 -12.84 -32.46 30.36
C ILE C 251 -11.90 -31.47 29.63
N GLY C 252 -10.66 -31.36 30.11
CA GLY C 252 -9.69 -30.53 29.42
C GLY C 252 -9.49 -30.93 27.96
N LEU C 253 -9.29 -32.21 27.72
CA LEU C 253 -9.05 -32.74 26.38
C LEU C 253 -10.31 -32.58 25.54
N SER C 254 -11.45 -32.79 26.19
CA SER C 254 -12.77 -32.62 25.59
C SER C 254 -12.93 -31.21 25.03
N VAL C 255 -12.56 -30.23 25.84
CA VAL C 255 -12.68 -28.82 25.46
C VAL C 255 -11.66 -28.47 24.37
N ALA C 256 -10.46 -29.02 24.46
CA ALA C 256 -9.45 -28.76 23.43
C ALA C 256 -9.94 -29.25 22.07
N ASP C 257 -10.66 -30.37 22.07
CA ASP C 257 -11.21 -30.92 20.84
C ASP C 257 -12.21 -29.94 20.21
N LEU C 258 -13.07 -29.36 21.03
CA LEU C 258 -14.03 -28.38 20.55
C LEU C 258 -13.32 -27.14 20.00
N ALA C 259 -12.33 -26.66 20.76
CA ALA C 259 -11.53 -25.52 20.36
C ALA C 259 -10.86 -25.75 19.01
N GLU C 260 -10.48 -27.00 18.74
CA GLU C 260 -9.83 -27.34 17.48
C GLU C 260 -10.79 -27.13 16.31
N SER C 261 -12.01 -27.67 16.45
CA SER C 261 -13.00 -27.50 15.40
C SER C 261 -13.27 -26.02 15.15
N ILE C 262 -13.36 -25.22 16.20
CA ILE C 262 -13.63 -23.79 16.05
C ILE C 262 -12.46 -23.07 15.41
N MET C 263 -11.26 -23.21 15.98
CA MET C 263 -10.10 -22.46 15.53
C MET C 263 -9.70 -22.86 14.11
N LYS C 264 -9.94 -24.12 13.73
CA LYS C 264 -9.55 -24.61 12.42
C LYS C 264 -10.73 -24.71 11.46
N ASN C 265 -11.90 -24.31 11.94
CA ASN C 265 -13.11 -24.30 11.12
C ASN C 265 -13.35 -25.66 10.49
N LEU C 266 -13.23 -26.72 11.30
CA LEU C 266 -13.25 -28.07 10.77
C LEU C 266 -14.64 -28.53 10.35
N ARG C 267 -15.67 -27.90 10.91
CA ARG C 267 -17.04 -28.34 10.71
C ARG C 267 -17.14 -29.84 10.97
N ARG C 268 -16.59 -30.27 12.11
CA ARG C 268 -16.88 -31.60 12.62
C ARG C 268 -18.16 -31.56 13.45
N VAL C 269 -18.78 -32.73 13.63
CA VAL C 269 -19.98 -32.84 14.43
C VAL C 269 -19.65 -33.29 15.85
N HIS C 270 -20.09 -32.51 16.83
CA HIS C 270 -19.90 -32.83 18.24
C HIS C 270 -21.25 -32.78 18.95
N PRO C 271 -21.44 -33.63 19.98
CA PRO C 271 -22.64 -33.50 20.81
C PRO C 271 -22.44 -32.37 21.83
N ILE C 272 -22.92 -31.18 21.48
CA ILE C 272 -22.76 -30.02 22.35
C ILE C 272 -24.07 -29.26 22.53
N SER C 273 -24.09 -28.38 23.53
CA SER C 273 -25.33 -27.75 23.95
C SER C 273 -25.59 -26.50 23.14
N THR C 274 -26.75 -26.45 22.51
CA THR C 274 -27.09 -25.33 21.65
C THR C 274 -28.53 -24.89 21.94
N MET C 275 -28.86 -23.65 21.61
CA MET C 275 -30.23 -23.17 21.78
C MET C 275 -31.09 -23.84 20.71
N LEU C 276 -31.87 -24.85 21.09
CA LEU C 276 -32.56 -25.67 20.11
C LEU C 276 -34.06 -25.47 20.11
N LYS C 277 -34.51 -24.29 20.53
CA LYS C 277 -35.92 -23.96 20.40
C LYS C 277 -36.28 -24.05 18.92
N GLY C 278 -37.33 -24.81 18.62
CA GLY C 278 -37.75 -24.94 17.24
C GLY C 278 -37.20 -26.16 16.54
N LEU C 279 -36.47 -27.00 17.28
CA LEU C 279 -36.04 -28.30 16.77
C LEU C 279 -36.24 -29.35 17.85
N TYR C 280 -36.34 -30.61 17.44
CA TYR C 280 -36.54 -31.70 18.38
C TYR C 280 -37.79 -31.50 19.21
N GLY C 281 -38.73 -30.73 18.68
CA GLY C 281 -40.01 -30.55 19.34
C GLY C 281 -39.95 -29.62 20.53
N ILE C 282 -38.88 -28.85 20.62
CA ILE C 282 -38.67 -27.98 21.78
C ILE C 282 -39.17 -26.58 21.50
N LYS C 283 -40.00 -26.07 22.40
CA LYS C 283 -40.69 -24.80 22.19
C LYS C 283 -40.07 -23.64 22.97
N GLU C 284 -39.33 -23.97 24.03
CA GLU C 284 -38.78 -22.97 24.93
C GLU C 284 -37.33 -22.60 24.62
N ASP C 285 -36.90 -21.43 25.10
CA ASP C 285 -35.52 -20.99 24.99
C ASP C 285 -34.60 -21.83 25.88
N VAL C 286 -34.24 -23.01 25.40
CA VAL C 286 -33.50 -23.97 26.20
C VAL C 286 -32.28 -24.49 25.44
N PHE C 287 -31.19 -24.71 26.15
CA PHE C 287 -30.00 -25.31 25.55
C PHE C 287 -29.95 -26.78 25.90
N LEU C 288 -29.91 -27.64 24.88
CA LEU C 288 -29.66 -29.07 25.04
C LEU C 288 -28.55 -29.52 24.09
N SER C 289 -27.95 -30.68 24.38
CA SER C 289 -26.96 -31.26 23.49
C SER C 289 -27.59 -31.99 22.31
N VAL C 290 -27.27 -31.53 21.10
CA VAL C 290 -27.56 -32.28 19.88
C VAL C 290 -26.30 -32.28 19.01
N PRO C 291 -26.24 -33.15 17.99
CA PRO C 291 -25.04 -33.17 17.15
C PRO C 291 -24.97 -31.87 16.35
N CYS C 292 -23.96 -31.05 16.63
CA CYS C 292 -23.84 -29.73 16.00
C CYS C 292 -22.62 -29.68 15.11
N VAL C 293 -22.77 -29.06 13.94
CA VAL C 293 -21.64 -28.75 13.09
C VAL C 293 -20.93 -27.55 13.70
N LEU C 294 -19.64 -27.71 13.98
CA LEU C 294 -18.91 -26.71 14.74
C LEU C 294 -17.72 -26.17 13.93
N GLY C 295 -17.64 -24.85 13.79
CA GLY C 295 -16.57 -24.24 13.03
C GLY C 295 -16.26 -22.83 13.52
N GLN C 296 -15.69 -22.01 12.63
CA GLN C 296 -15.17 -20.70 13.01
C GLN C 296 -16.27 -19.72 13.38
N ASN C 297 -17.50 -20.02 12.98
CA ASN C 297 -18.65 -19.21 13.35
C ASN C 297 -19.49 -19.90 14.41
N GLY C 298 -18.87 -20.79 15.18
CA GLY C 298 -19.62 -21.53 16.18
C GLY C 298 -20.47 -22.62 15.56
N ILE C 299 -21.71 -22.74 16.04
CA ILE C 299 -22.64 -23.78 15.59
C ILE C 299 -23.47 -23.26 14.41
N SER C 300 -23.25 -23.85 13.24
CA SER C 300 -23.85 -23.34 12.01
C SER C 300 -25.00 -24.24 11.53
N ASP C 301 -24.99 -25.48 12.01
CA ASP C 301 -25.96 -26.46 11.58
C ASP C 301 -26.17 -27.47 12.70
N VAL C 302 -27.35 -28.09 12.71
CA VAL C 302 -27.64 -29.15 13.65
C VAL C 302 -28.09 -30.40 12.91
N VAL C 303 -27.55 -31.55 13.28
CA VAL C 303 -28.01 -32.82 12.74
C VAL C 303 -29.32 -33.18 13.41
N LYS C 304 -30.33 -33.50 12.60
CA LYS C 304 -31.61 -33.91 13.15
C LYS C 304 -31.66 -35.41 13.29
N VAL C 305 -31.35 -35.89 14.49
CA VAL C 305 -31.37 -37.32 14.77
C VAL C 305 -32.80 -37.79 14.83
N THR C 306 -33.06 -38.98 14.29
CA THR C 306 -34.37 -39.60 14.39
C THR C 306 -34.57 -40.27 15.75
N LEU C 307 -35.39 -39.67 16.60
CA LEU C 307 -35.59 -40.19 17.94
C LEU C 307 -36.91 -40.95 18.05
N THR C 308 -36.94 -41.93 18.95
CA THR C 308 -38.18 -42.62 19.27
C THR C 308 -39.07 -41.63 20.03
N SER C 309 -40.33 -41.99 20.25
CA SER C 309 -41.24 -41.07 20.92
C SER C 309 -40.83 -40.92 22.39
N GLU C 310 -40.34 -42.00 22.99
CA GLU C 310 -39.81 -41.94 24.34
C GLU C 310 -38.64 -40.95 24.43
N GLU C 311 -37.67 -41.11 23.53
CA GLU C 311 -36.50 -40.27 23.53
C GLU C 311 -36.93 -38.82 23.35
N GLU C 312 -37.87 -38.58 22.45
CA GLU C 312 -38.31 -37.22 22.19
C GLU C 312 -38.98 -36.65 23.42
N ALA C 313 -39.65 -37.52 24.18
CA ALA C 313 -40.35 -37.08 25.38
C ALA C 313 -39.35 -36.67 26.45
N HIS C 314 -38.25 -37.42 26.54
CA HIS C 314 -37.19 -37.13 27.50
C HIS C 314 -36.67 -35.70 27.33
N LEU C 315 -36.45 -35.30 26.08
CA LEU C 315 -35.89 -33.98 25.79
C LEU C 315 -36.92 -32.91 26.13
N LYS C 316 -38.17 -33.16 25.79
CA LYS C 316 -39.27 -32.25 26.14
C LYS C 316 -39.28 -31.99 27.65
N LYS C 317 -39.20 -33.06 28.42
CA LYS C 317 -39.16 -32.95 29.88
C LYS C 317 -38.02 -32.06 30.35
N SER C 318 -36.81 -32.36 29.90
CA SER C 318 -35.65 -31.56 30.27
C SER C 318 -35.85 -30.08 29.90
N ALA C 319 -36.37 -29.84 28.71
CA ALA C 319 -36.67 -28.49 28.28
C ALA C 319 -37.57 -27.79 29.30
N ASP C 320 -38.53 -28.53 29.86
CA ASP C 320 -39.45 -27.97 30.84
C ASP C 320 -38.71 -27.71 32.16
N THR C 321 -37.85 -28.64 32.55
CA THR C 321 -37.06 -28.50 33.76
C THR C 321 -36.19 -27.26 33.65
N LEU C 322 -35.33 -27.23 32.64
CA LEU C 322 -34.43 -26.12 32.43
C LEU C 322 -35.21 -24.81 32.35
N TRP C 323 -36.28 -24.81 31.58
CA TRP C 323 -37.05 -23.60 31.40
C TRP C 323 -37.64 -23.13 32.74
N GLY C 324 -38.13 -24.09 33.52
CA GLY C 324 -38.67 -23.76 34.83
C GLY C 324 -37.63 -23.09 35.71
N ILE C 325 -36.43 -23.67 35.78
CA ILE C 325 -35.36 -23.11 36.60
C ILE C 325 -34.97 -21.71 36.11
N GLN C 326 -34.80 -21.58 34.80
CA GLN C 326 -34.40 -20.32 34.20
C GLN C 326 -35.45 -19.26 34.48
N LYS C 327 -36.71 -19.67 34.45
CA LYS C 327 -37.84 -18.81 34.80
C LYS C 327 -37.63 -18.15 36.18
N GLU C 328 -36.92 -18.84 37.06
CA GLU C 328 -36.77 -18.38 38.44
C GLU C 328 -35.48 -17.63 38.74
N LEU C 329 -34.67 -17.40 37.71
CA LEU C 329 -33.36 -16.77 37.89
C LEU C 329 -33.46 -15.25 37.84
N GLN C 330 -32.62 -14.58 38.62
CA GLN C 330 -32.54 -13.12 38.58
C GLN C 330 -31.36 -12.68 37.72
N PHE C 331 -31.67 -12.06 36.58
CA PHE C 331 -30.62 -11.54 35.70
C PHE C 331 -30.31 -10.09 36.01
N ALA D 1 -37.85 -33.25 -0.09
CA ALA D 1 -36.74 -32.61 0.68
C ALA D 1 -35.42 -33.33 0.40
N ALA D 2 -34.38 -32.59 0.04
CA ALA D 2 -33.08 -33.16 -0.24
C ALA D 2 -32.54 -33.85 1.02
N LEU D 3 -31.82 -34.96 0.85
CA LEU D 3 -31.36 -35.74 1.98
C LEU D 3 -30.61 -34.86 2.98
N LYS D 4 -29.78 -33.97 2.46
CA LYS D 4 -28.99 -33.06 3.28
C LYS D 4 -29.87 -32.22 4.20
N ASP D 5 -30.96 -31.66 3.66
CA ASP D 5 -31.87 -30.85 4.46
C ASP D 5 -32.68 -31.71 5.40
N GLN D 6 -32.94 -32.94 4.97
CA GLN D 6 -33.61 -33.93 5.79
C GLN D 6 -32.74 -34.27 7.01
N LEU D 7 -31.43 -34.38 6.78
CA LEU D 7 -30.48 -34.79 7.82
C LEU D 7 -29.97 -33.62 8.64
N ILE D 8 -29.82 -32.47 8.00
CA ILE D 8 -29.14 -31.34 8.61
C ILE D 8 -30.01 -30.10 8.57
N HIS D 9 -30.16 -29.44 9.72
CA HIS D 9 -30.87 -28.18 9.78
C HIS D 9 -29.87 -27.04 9.84
N ASN D 10 -29.97 -26.14 8.86
CA ASN D 10 -29.07 -25.00 8.76
C ASN D 10 -29.55 -23.84 9.62
N LEU D 11 -28.70 -23.37 10.52
CA LEU D 11 -29.08 -22.32 11.45
C LEU D 11 -28.36 -21.02 11.11
N LEU D 12 -27.34 -21.11 10.26
CA LEU D 12 -26.52 -19.95 9.97
C LEU D 12 -26.19 -19.85 8.50
N LYS D 13 -26.44 -18.69 7.91
CA LYS D 13 -25.99 -18.43 6.55
C LYS D 13 -24.52 -18.09 6.63
N GLU D 14 -23.70 -18.85 5.91
CA GLU D 14 -22.26 -18.72 6.04
C GLU D 14 -21.69 -17.79 4.98
N GLU D 15 -20.93 -16.78 5.42
CA GLU D 15 -20.05 -16.04 4.53
C GLU D 15 -18.61 -16.37 4.88
N HIS D 16 -18.08 -17.42 4.26
CA HIS D 16 -16.78 -17.96 4.65
C HIS D 16 -15.63 -16.99 4.36
N VAL D 17 -14.87 -16.66 5.40
CA VAL D 17 -13.61 -15.95 5.23
C VAL D 17 -12.47 -16.65 5.98
N PRO D 18 -11.41 -17.03 5.26
CA PRO D 18 -10.31 -17.82 5.82
C PRO D 18 -9.50 -17.01 6.84
N GLN D 19 -9.10 -17.67 7.92
CA GLN D 19 -8.37 -16.98 8.99
C GLN D 19 -6.86 -17.18 8.90
N ASN D 20 -6.43 -18.36 8.47
CA ASN D 20 -5.01 -18.66 8.36
C ASN D 20 -4.73 -19.32 7.02
N LYS D 21 -4.98 -18.58 5.95
CA LYS D 21 -4.90 -19.10 4.60
C LYS D 21 -3.46 -19.00 4.10
N ILE D 22 -2.96 -20.07 3.52
CA ILE D 22 -1.66 -20.03 2.88
C ILE D 22 -1.84 -20.35 1.40
N THR D 23 -1.08 -19.68 0.55
CA THR D 23 -1.08 -19.98 -0.87
C THR D 23 0.30 -20.43 -1.32
N VAL D 24 0.33 -21.47 -2.13
CA VAL D 24 1.56 -21.86 -2.79
C VAL D 24 1.44 -21.65 -4.29
N VAL D 25 2.36 -20.86 -4.84
CA VAL D 25 2.36 -20.59 -6.27
C VAL D 25 3.37 -21.48 -6.99
N GLY D 26 2.85 -22.35 -7.85
CA GLY D 26 3.69 -23.31 -8.53
C GLY D 26 3.58 -24.69 -7.90
N VAL D 27 3.00 -25.64 -8.63
CA VAL D 27 2.78 -26.98 -8.10
C VAL D 27 3.76 -27.99 -8.70
N GLY D 28 5.01 -27.55 -8.85
CA GLY D 28 6.08 -28.47 -9.17
C GLY D 28 6.41 -29.31 -7.96
N ALA D 29 7.49 -30.07 -8.04
CA ALA D 29 7.84 -30.96 -6.96
C ALA D 29 8.15 -30.14 -5.70
N VAL D 30 8.75 -28.98 -5.88
CA VAL D 30 9.08 -28.12 -4.75
C VAL D 30 7.79 -27.55 -4.14
N GLY D 31 6.92 -27.01 -4.98
CA GLY D 31 5.64 -26.50 -4.50
C GLY D 31 4.79 -27.49 -3.73
N MET D 32 4.64 -28.70 -4.26
CA MET D 32 3.83 -29.72 -3.61
C MET D 32 4.49 -30.26 -2.34
N ALA D 33 5.81 -30.15 -2.24
CA ALA D 33 6.50 -30.58 -1.03
C ALA D 33 6.21 -29.58 0.08
N CYS D 34 6.32 -28.29 -0.23
CA CYS D 34 5.89 -27.26 0.71
C CYS D 34 4.45 -27.52 1.12
N ALA D 35 3.62 -27.82 0.13
CA ALA D 35 2.17 -27.98 0.33
C ALA D 35 1.84 -29.13 1.27
N ILE D 36 2.48 -30.28 1.07
CA ILE D 36 2.17 -31.43 1.90
C ILE D 36 2.75 -31.19 3.30
N SER D 37 3.94 -30.61 3.38
CA SER D 37 4.55 -30.32 4.66
C SER D 37 3.68 -29.36 5.48
N ILE D 38 3.19 -28.31 4.84
CA ILE D 38 2.32 -27.36 5.52
C ILE D 38 1.04 -28.03 6.00
N LEU D 39 0.47 -28.88 5.17
CA LEU D 39 -0.78 -29.54 5.52
C LEU D 39 -0.58 -30.48 6.72
N MET D 40 0.58 -31.13 6.81
CA MET D 40 0.75 -32.09 7.88
C MET D 40 1.19 -31.44 9.18
N LYS D 41 1.56 -30.16 9.12
CA LYS D 41 1.82 -29.40 10.33
C LYS D 41 0.64 -28.50 10.72
N ASP D 42 -0.49 -28.65 10.04
CA ASP D 42 -1.70 -27.91 10.41
C ASP D 42 -1.44 -26.41 10.59
N LEU D 43 -0.78 -25.79 9.62
CA LEU D 43 -0.45 -24.36 9.74
C LEU D 43 -1.51 -23.43 9.14
N ALA D 44 -2.38 -23.98 8.30
CA ALA D 44 -3.39 -23.18 7.58
C ALA D 44 -4.79 -23.78 7.76
N ASP D 45 -5.82 -22.95 7.71
CA ASP D 45 -7.18 -23.47 7.66
C ASP D 45 -7.70 -23.51 6.23
N GLU D 46 -6.96 -22.89 5.32
CA GLU D 46 -7.26 -23.00 3.90
C GLU D 46 -5.96 -22.98 3.13
N LEU D 47 -5.84 -23.87 2.15
CA LEU D 47 -4.68 -23.91 1.27
C LEU D 47 -5.14 -23.70 -0.16
N ALA D 48 -4.47 -22.78 -0.86
CA ALA D 48 -4.76 -22.53 -2.27
C ALA D 48 -3.52 -22.81 -3.12
N LEU D 49 -3.73 -23.37 -4.30
CA LEU D 49 -2.64 -23.64 -5.23
C LEU D 49 -2.92 -22.92 -6.54
N VAL D 50 -1.88 -22.33 -7.13
CA VAL D 50 -2.00 -21.73 -8.46
C VAL D 50 -0.85 -22.16 -9.35
N ASP D 51 -1.12 -22.23 -10.65
CA ASP D 51 -0.10 -22.55 -11.64
C ASP D 51 -0.69 -22.29 -13.03
N VAL D 52 0.14 -22.37 -14.07
CA VAL D 52 -0.35 -22.19 -15.42
C VAL D 52 -0.74 -23.49 -16.08
N MET D 53 -0.25 -24.61 -15.56
CA MET D 53 -0.63 -25.91 -16.09
C MET D 53 -1.88 -26.39 -15.39
N GLU D 54 -3.02 -26.25 -16.05
CA GLU D 54 -4.31 -26.40 -15.41
C GLU D 54 -4.69 -27.82 -15.08
N ASP D 55 -4.31 -28.77 -15.93
CA ASP D 55 -4.57 -30.17 -15.64
C ASP D 55 -3.77 -30.58 -14.40
N LYS D 56 -2.46 -30.36 -14.47
CA LYS D 56 -1.55 -30.67 -13.38
C LYS D 56 -2.06 -30.06 -12.08
N LEU D 57 -2.44 -28.78 -12.14
CA LEU D 57 -2.95 -28.08 -10.98
C LEU D 57 -4.17 -28.79 -10.39
N LYS D 58 -5.14 -29.10 -11.25
CA LYS D 58 -6.37 -29.72 -10.77
C LYS D 58 -6.08 -31.11 -10.19
N GLY D 59 -5.16 -31.84 -10.82
CA GLY D 59 -4.81 -33.16 -10.34
C GLY D 59 -4.22 -33.12 -8.94
N GLU D 60 -3.29 -32.19 -8.71
CA GLU D 60 -2.66 -32.10 -7.41
C GLU D 60 -3.68 -31.70 -6.35
N MET D 61 -4.56 -30.75 -6.68
CA MET D 61 -5.58 -30.31 -5.73
C MET D 61 -6.43 -31.49 -5.30
N MET D 62 -6.92 -32.26 -6.27
CA MET D 62 -7.80 -33.39 -6.02
C MET D 62 -7.11 -34.48 -5.19
N ASP D 63 -5.84 -34.75 -5.48
CA ASP D 63 -5.08 -35.77 -4.74
C ASP D 63 -5.02 -35.37 -3.27
N LEU D 64 -4.64 -34.12 -2.99
CA LEU D 64 -4.63 -33.63 -1.62
C LEU D 64 -6.02 -33.71 -0.98
N GLN D 65 -7.04 -33.31 -1.72
CA GLN D 65 -8.42 -33.33 -1.23
C GLN D 65 -8.86 -34.72 -0.81
N HIS D 66 -8.40 -35.73 -1.54
CA HIS D 66 -8.78 -37.10 -1.25
C HIS D 66 -8.16 -37.54 0.06
N GLY D 67 -7.17 -36.78 0.54
CA GLY D 67 -6.57 -37.07 1.83
C GLY D 67 -7.20 -36.35 3.02
N SER D 68 -8.31 -35.64 2.78
CA SER D 68 -8.94 -34.80 3.79
C SER D 68 -9.21 -35.51 5.09
N LEU D 69 -9.63 -36.77 5.00
CA LEU D 69 -9.91 -37.55 6.21
C LEU D 69 -8.75 -37.52 7.20
N PHE D 70 -7.52 -37.41 6.68
CA PHE D 70 -6.33 -37.55 7.51
C PHE D 70 -5.67 -36.21 7.82
N LEU D 71 -6.35 -35.12 7.46
CA LEU D 71 -5.79 -33.79 7.63
C LEU D 71 -6.69 -32.94 8.52
N ARG D 72 -6.17 -31.81 9.00
CA ARG D 72 -7.01 -30.85 9.73
C ARG D 72 -6.98 -29.47 9.07
N THR D 73 -6.93 -29.47 7.74
CA THR D 73 -7.08 -28.23 6.96
C THR D 73 -8.31 -28.41 6.07
N PRO D 74 -9.44 -27.81 6.46
CA PRO D 74 -10.76 -28.17 5.92
C PRO D 74 -10.96 -27.73 4.47
N LYS D 75 -10.08 -26.86 3.97
CA LYS D 75 -10.32 -26.29 2.66
C LYS D 75 -9.08 -26.22 1.77
N ILE D 76 -9.11 -26.98 0.69
CA ILE D 76 -8.07 -26.91 -0.33
C ILE D 76 -8.68 -26.50 -1.66
N VAL D 77 -8.15 -25.42 -2.24
CA VAL D 77 -8.69 -24.86 -3.46
C VAL D 77 -7.56 -24.60 -4.44
N SER D 78 -7.88 -24.65 -5.73
CA SER D 78 -6.87 -24.34 -6.74
C SER D 78 -7.50 -23.65 -7.93
N GLY D 79 -6.66 -23.00 -8.72
CA GLY D 79 -7.13 -22.37 -9.93
C GLY D 79 -6.03 -21.54 -10.54
N LYS D 80 -6.13 -21.32 -11.84
CA LYS D 80 -5.18 -20.50 -12.57
C LYS D 80 -5.50 -19.02 -12.32
N ASP D 81 -6.74 -18.73 -11.94
CA ASP D 81 -7.14 -17.36 -11.66
C ASP D 81 -6.87 -17.03 -10.20
N TYR D 82 -6.13 -15.95 -9.98
CA TYR D 82 -5.63 -15.63 -8.65
C TYR D 82 -6.69 -15.20 -7.65
N SER D 83 -7.95 -15.28 -8.04
CA SER D 83 -9.03 -14.96 -7.11
C SER D 83 -9.05 -16.02 -6.00
N VAL D 84 -8.58 -17.22 -6.32
CA VAL D 84 -8.57 -18.32 -5.36
C VAL D 84 -7.57 -18.10 -4.22
N THR D 85 -6.71 -17.10 -4.35
CA THR D 85 -5.67 -16.85 -3.35
C THR D 85 -6.05 -15.72 -2.39
N ALA D 86 -7.24 -15.15 -2.59
CA ALA D 86 -7.64 -13.96 -1.86
C ALA D 86 -7.52 -14.14 -0.34
N ASN D 87 -6.98 -13.13 0.32
CA ASN D 87 -6.95 -13.12 1.79
C ASN D 87 -6.02 -14.19 2.39
N SER D 88 -4.89 -14.44 1.72
CA SER D 88 -3.85 -15.29 2.28
C SER D 88 -3.02 -14.49 3.27
N LYS D 89 -2.58 -15.14 4.33
CA LYS D 89 -1.64 -14.55 5.27
C LYS D 89 -0.24 -14.68 4.69
N LEU D 90 -0.01 -15.81 4.03
CA LEU D 90 1.31 -16.14 3.51
C LEU D 90 1.17 -16.66 2.09
N VAL D 91 1.98 -16.12 1.18
CA VAL D 91 1.99 -16.60 -0.19
C VAL D 91 3.41 -17.03 -0.52
N ILE D 92 3.55 -18.30 -0.89
CA ILE D 92 4.85 -18.90 -1.11
C ILE D 92 5.12 -19.04 -2.60
N ILE D 93 6.17 -18.40 -3.08
CA ILE D 93 6.47 -18.37 -4.52
C ILE D 93 7.51 -19.44 -4.90
N THR D 94 7.08 -20.48 -5.60
CA THR D 94 8.02 -21.47 -6.11
C THR D 94 7.99 -21.59 -7.64
N ALA D 95 7.35 -20.62 -8.30
CA ALA D 95 7.28 -20.64 -9.76
C ALA D 95 8.64 -20.36 -10.36
N GLY D 96 8.94 -21.00 -11.49
CA GLY D 96 10.18 -20.73 -12.19
C GLY D 96 10.13 -21.18 -13.64
N ALA D 97 10.99 -20.58 -14.47
CA ALA D 97 11.21 -21.08 -15.81
C ALA D 97 12.41 -22.03 -15.80
N ARG D 98 12.38 -23.07 -16.62
CA ARG D 98 13.58 -23.91 -16.70
C ARG D 98 14.43 -23.64 -17.92
N GLN D 99 15.74 -23.68 -17.72
CA GLN D 99 16.73 -23.33 -18.73
C GLN D 99 16.48 -24.12 -20.01
N GLN D 100 17.08 -23.69 -21.11
CA GLN D 100 16.94 -24.41 -22.36
C GLN D 100 18.19 -25.19 -22.77
N GLU D 101 19.12 -24.55 -23.48
CA GLU D 101 20.26 -25.30 -24.00
C GLU D 101 21.64 -24.75 -23.58
N GLY D 102 21.95 -23.52 -23.94
CA GLY D 102 21.05 -22.67 -24.71
C GLY D 102 21.11 -21.23 -24.28
N GLU D 103 20.15 -20.82 -23.46
CA GLU D 103 20.08 -19.45 -22.98
C GLU D 103 21.08 -19.24 -21.86
N SER D 104 21.58 -18.01 -21.75
CA SER D 104 22.48 -17.65 -20.67
C SER D 104 21.72 -17.71 -19.34
N ARG D 105 22.45 -17.63 -18.24
CA ARG D 105 21.82 -17.64 -16.94
C ARG D 105 21.13 -16.31 -16.67
N LEU D 106 21.64 -15.25 -17.30
CA LEU D 106 20.98 -13.96 -17.22
C LEU D 106 19.65 -13.99 -17.95
N ASN D 107 19.61 -14.57 -19.15
CA ASN D 107 18.36 -14.67 -19.89
C ASN D 107 17.36 -15.60 -19.20
N LEU D 108 17.88 -16.56 -18.43
CA LEU D 108 17.02 -17.42 -17.65
C LEU D 108 16.43 -16.63 -16.47
N VAL D 109 17.26 -15.81 -15.83
CA VAL D 109 16.78 -14.96 -14.75
C VAL D 109 15.73 -13.97 -15.23
N GLN D 110 15.99 -13.32 -16.37
CA GLN D 110 15.06 -12.33 -16.92
C GLN D 110 13.71 -12.98 -17.23
N ARG D 111 13.74 -14.21 -17.73
CA ARG D 111 12.50 -14.95 -17.98
C ARG D 111 11.75 -15.26 -16.69
N ASN D 112 12.49 -15.44 -15.60
CA ASN D 112 11.88 -15.60 -14.28
C ASN D 112 11.27 -14.28 -13.80
N VAL D 113 12.00 -13.18 -14.02
CA VAL D 113 11.47 -11.85 -13.74
C VAL D 113 10.16 -11.65 -14.51
N ASN D 114 10.16 -12.07 -15.77
CA ASN D 114 8.95 -12.00 -16.59
C ASN D 114 7.82 -12.77 -15.95
N ILE D 115 8.12 -13.93 -15.39
CA ILE D 115 7.11 -14.71 -14.66
C ILE D 115 6.57 -13.94 -13.44
N PHE D 116 7.46 -13.32 -12.69
CA PHE D 116 7.10 -12.62 -11.46
C PHE D 116 6.31 -11.35 -11.75
N LYS D 117 6.64 -10.68 -12.86
CA LYS D 117 5.89 -9.52 -13.32
C LYS D 117 4.41 -9.83 -13.55
N PHE D 118 4.11 -11.09 -13.85
CA PHE D 118 2.72 -11.50 -14.01
C PHE D 118 2.11 -11.98 -12.69
N ILE D 119 2.91 -12.70 -11.90
CA ILE D 119 2.41 -13.31 -10.68
C ILE D 119 2.27 -12.31 -9.54
N ILE D 120 3.33 -11.55 -9.29
CA ILE D 120 3.38 -10.76 -8.07
C ILE D 120 2.25 -9.76 -7.95
N PRO D 121 1.91 -9.05 -9.04
CA PRO D 121 0.78 -8.11 -9.00
C PRO D 121 -0.56 -8.81 -8.76
N ASN D 122 -0.71 -10.00 -9.34
CA ASN D 122 -1.92 -10.78 -9.10
C ASN D 122 -2.03 -11.19 -7.63
N VAL D 123 -0.91 -11.60 -7.05
CA VAL D 123 -0.89 -11.98 -5.65
C VAL D 123 -1.22 -10.76 -4.77
N VAL D 124 -0.47 -9.69 -4.95
CA VAL D 124 -0.65 -8.46 -4.19
C VAL D 124 -2.09 -7.94 -4.26
N LYS D 125 -2.73 -8.11 -5.41
CA LYS D 125 -4.07 -7.58 -5.62
C LYS D 125 -5.10 -8.30 -4.74
N TYR D 126 -4.97 -9.61 -4.61
CA TYR D 126 -5.94 -10.38 -3.87
C TYR D 126 -5.59 -10.58 -2.40
N SER D 127 -4.33 -10.32 -2.05
CA SER D 127 -3.85 -10.45 -0.67
C SER D 127 -2.89 -9.32 -0.33
N PRO D 128 -3.39 -8.08 -0.24
CA PRO D 128 -2.57 -6.87 -0.09
C PRO D 128 -1.73 -6.90 1.17
N HIS D 129 -2.18 -7.67 2.16
CA HIS D 129 -1.54 -7.66 3.48
C HIS D 129 -0.72 -8.91 3.75
N CYS D 130 -0.55 -9.77 2.76
CA CYS D 130 0.15 -11.03 2.98
C CYS D 130 1.64 -10.81 3.23
N LYS D 131 2.30 -11.84 3.74
CA LYS D 131 3.75 -11.93 3.63
C LYS D 131 4.11 -12.73 2.38
N LEU D 132 5.17 -12.32 1.70
CA LEU D 132 5.70 -13.07 0.57
C LEU D 132 6.92 -13.90 0.95
N LEU D 133 6.85 -15.20 0.71
CA LEU D 133 8.03 -16.05 0.85
C LEU D 133 8.45 -16.58 -0.51
N VAL D 134 9.61 -16.11 -0.97
CA VAL D 134 10.13 -16.47 -2.27
C VAL D 134 11.12 -17.63 -2.12
N VAL D 135 10.90 -18.69 -2.91
CA VAL D 135 11.76 -19.85 -2.87
C VAL D 135 12.52 -20.05 -4.19
N SER D 136 11.99 -19.49 -5.27
CA SER D 136 12.54 -19.69 -6.61
C SER D 136 13.97 -19.17 -6.72
N ASN D 137 14.78 -19.83 -7.55
CA ASN D 137 16.17 -19.43 -7.72
C ASN D 137 16.38 -18.61 -8.99
N PRO D 138 17.40 -17.75 -9.00
CA PRO D 138 18.27 -17.48 -7.83
C PRO D 138 17.52 -16.67 -6.77
N VAL D 139 17.48 -17.18 -5.54
CA VAL D 139 16.50 -16.71 -4.57
C VAL D 139 16.71 -15.26 -4.12
N ASP D 140 17.96 -14.87 -3.85
CA ASP D 140 18.24 -13.51 -3.41
C ASP D 140 17.83 -12.47 -4.45
N ILE D 141 18.07 -12.80 -5.72
CA ILE D 141 17.68 -11.91 -6.82
C ILE D 141 16.19 -11.89 -7.06
N LEU D 142 15.55 -13.06 -7.01
CA LEU D 142 14.12 -13.12 -7.26
C LEU D 142 13.31 -12.62 -6.07
N THR D 143 13.90 -12.65 -4.88
CA THR D 143 13.23 -12.07 -3.73
C THR D 143 13.31 -10.55 -3.85
N TYR D 144 14.47 -10.04 -4.23
CA TYR D 144 14.58 -8.62 -4.58
C TYR D 144 13.52 -8.25 -5.61
N VAL D 145 13.37 -9.06 -6.65
CA VAL D 145 12.41 -8.77 -7.69
C VAL D 145 10.96 -8.69 -7.17
N ALA D 146 10.58 -9.63 -6.31
CA ALA D 146 9.21 -9.63 -5.78
C ALA D 146 9.00 -8.42 -4.87
N TRP D 147 10.05 -8.05 -4.14
CA TRP D 147 10.00 -6.89 -3.27
C TRP D 147 9.66 -5.66 -4.11
N LYS D 148 10.42 -5.48 -5.20
CA LYS D 148 10.31 -4.28 -6.02
C LYS D 148 8.97 -4.24 -6.73
N ILE D 149 8.53 -5.38 -7.27
CA ILE D 149 7.26 -5.43 -8.01
C ILE D 149 6.04 -5.26 -7.11
N SER D 150 6.08 -5.88 -5.94
CA SER D 150 4.92 -5.88 -5.04
C SER D 150 4.70 -4.53 -4.39
N GLY D 151 5.80 -3.82 -4.15
CA GLY D 151 5.70 -2.56 -3.43
C GLY D 151 5.53 -2.74 -1.93
N PHE D 152 5.66 -3.97 -1.44
CA PHE D 152 5.52 -4.24 -0.01
C PHE D 152 6.68 -3.64 0.77
N PRO D 153 6.45 -3.30 2.04
CA PRO D 153 7.56 -2.94 2.93
C PRO D 153 8.47 -4.15 3.08
N LYS D 154 9.75 -3.92 3.37
CA LYS D 154 10.72 -4.98 3.31
C LYS D 154 10.46 -6.10 4.33
N ASN D 155 9.86 -5.75 5.47
CA ASN D 155 9.61 -6.76 6.50
C ASN D 155 8.67 -7.87 6.01
N ARG D 156 7.96 -7.61 4.92
CA ARG D 156 6.96 -8.57 4.45
C ARG D 156 7.38 -9.34 3.20
N VAL D 157 8.63 -9.15 2.77
CA VAL D 157 9.13 -9.89 1.62
C VAL D 157 10.39 -10.67 2.01
N ILE D 158 10.22 -11.99 2.05
CA ILE D 158 11.18 -12.92 2.64
C ILE D 158 11.66 -13.92 1.59
N GLY D 159 12.97 -14.13 1.52
CA GLY D 159 13.51 -15.18 0.68
C GLY D 159 14.02 -16.33 1.50
N SER D 160 13.83 -17.55 1.00
CA SER D 160 14.20 -18.75 1.75
C SER D 160 15.70 -18.79 1.95
N GLY D 161 16.43 -18.22 0.99
CA GLY D 161 17.85 -18.03 1.15
C GLY D 161 18.57 -19.23 1.72
N CYS D 162 19.39 -18.99 2.76
CA CYS D 162 20.26 -20.03 3.29
C CYS D 162 19.61 -20.90 4.36
N ASN D 163 18.29 -20.83 4.47
CA ASN D 163 17.61 -21.57 5.52
C ASN D 163 17.93 -23.06 5.39
N LEU D 164 17.65 -23.63 4.22
CA LEU D 164 17.87 -25.07 4.01
C LEU D 164 19.34 -25.45 4.09
N ASP D 165 20.21 -24.65 3.48
CA ASP D 165 21.63 -24.95 3.51
C ASP D 165 22.18 -24.98 4.92
N SER D 166 21.65 -24.12 5.80
CA SER D 166 22.08 -24.14 7.19
C SER D 166 21.59 -25.44 7.86
N ALA D 167 20.41 -25.91 7.48
CA ALA D 167 19.88 -27.17 7.98
C ALA D 167 20.74 -28.35 7.55
N ARG D 168 21.16 -28.33 6.29
CA ARG D 168 22.06 -29.35 5.77
C ARG D 168 23.37 -29.32 6.57
N PHE D 169 23.85 -28.11 6.84
CA PHE D 169 25.11 -27.94 7.53
C PHE D 169 25.05 -28.54 8.93
N ARG D 170 23.94 -28.31 9.62
CA ARG D 170 23.78 -28.82 10.97
C ARG D 170 23.64 -30.33 10.92
N TYR D 171 22.90 -30.84 9.94
CA TYR D 171 22.82 -32.29 9.75
C TYR D 171 24.20 -32.91 9.56
N LEU D 172 24.96 -32.39 8.61
CA LEU D 172 26.31 -32.91 8.36
C LEU D 172 27.21 -32.76 9.58
N MET D 173 27.02 -31.66 10.31
CA MET D 173 27.73 -31.45 11.56
C MET D 173 27.37 -32.56 12.55
N GLY D 174 26.09 -32.87 12.65
CA GLY D 174 25.65 -33.90 13.56
C GLY D 174 26.15 -35.29 13.20
N GLU D 175 26.37 -35.54 11.91
CA GLU D 175 26.90 -36.83 11.48
C GLU D 175 28.36 -37.03 11.88
N ARG D 176 29.16 -35.98 11.80
CA ARG D 176 30.55 -36.05 12.23
C ARG D 176 30.69 -36.12 13.76
N LEU D 177 29.76 -35.50 14.47
CA LEU D 177 29.90 -35.37 15.93
C LEU D 177 29.11 -36.42 16.71
N GLY D 178 28.20 -37.12 16.03
CA GLY D 178 27.38 -38.12 16.70
C GLY D 178 26.22 -37.55 17.50
N VAL D 179 25.71 -36.40 17.07
CA VAL D 179 24.69 -35.66 17.81
C VAL D 179 23.61 -35.21 16.82
N HIS D 180 22.35 -35.14 17.27
CA HIS D 180 21.27 -34.75 16.39
C HIS D 180 21.48 -33.30 15.89
N ALA D 181 21.08 -33.05 14.65
CA ALA D 181 21.20 -31.71 14.06
C ALA D 181 20.58 -30.64 14.97
N LEU D 182 19.52 -31.02 15.68
CA LEU D 182 18.86 -30.10 16.61
C LEU D 182 19.81 -29.54 17.67
N SER D 183 20.85 -30.29 18.01
CA SER D 183 21.78 -29.86 19.04
C SER D 183 23.09 -29.34 18.45
N CYS D 184 23.24 -29.41 17.13
CA CYS D 184 24.40 -28.80 16.46
C CYS D 184 24.04 -27.42 15.91
N HIS D 185 24.83 -26.42 16.26
CA HIS D 185 24.51 -25.06 15.82
C HIS D 185 25.60 -24.51 14.92
N GLY D 186 25.17 -23.94 13.80
CA GLY D 186 26.09 -23.38 12.84
C GLY D 186 25.30 -22.65 11.77
N TRP D 187 25.89 -21.59 11.22
CA TRP D 187 25.16 -20.69 10.34
C TRP D 187 25.84 -20.48 8.99
N ILE D 188 25.06 -20.66 7.92
CA ILE D 188 25.49 -20.30 6.58
C ILE D 188 24.78 -18.99 6.26
N LEU D 189 25.56 -17.96 5.98
CA LEU D 189 25.00 -16.63 5.76
C LEU D 189 25.35 -16.09 4.37
N GLY D 190 24.73 -14.96 4.03
CA GLY D 190 25.07 -14.25 2.82
C GLY D 190 24.30 -14.70 1.60
N GLU D 191 24.99 -14.75 0.47
CA GLU D 191 24.38 -15.08 -0.81
C GLU D 191 24.17 -16.58 -0.90
N HIS D 192 22.95 -16.99 -1.22
CA HIS D 192 22.60 -18.40 -1.36
C HIS D 192 23.50 -19.04 -2.41
N GLY D 193 24.02 -20.23 -2.11
CA GLY D 193 24.77 -20.99 -3.09
C GLY D 193 26.28 -20.95 -2.90
N ASP D 194 27.01 -20.93 -4.01
CA ASP D 194 28.47 -21.04 -4.03
C ASP D 194 29.13 -20.08 -3.06
N SER D 195 28.62 -18.85 -3.01
CA SER D 195 29.33 -17.78 -2.33
C SER D 195 28.87 -17.56 -0.89
N SER D 196 28.07 -18.50 -0.37
CA SER D 196 27.55 -18.39 0.99
C SER D 196 28.68 -18.51 2.00
N VAL D 197 28.45 -18.00 3.21
CA VAL D 197 29.51 -17.86 4.20
C VAL D 197 29.24 -18.76 5.40
N PRO D 198 30.05 -19.82 5.57
CA PRO D 198 29.99 -20.65 6.78
C PRO D 198 30.62 -19.89 7.96
N VAL D 199 29.81 -19.48 8.92
CA VAL D 199 30.33 -18.70 10.04
C VAL D 199 30.92 -19.60 11.13
N TRP D 200 32.20 -19.92 10.96
CA TRP D 200 32.89 -20.87 11.82
C TRP D 200 32.85 -20.45 13.28
N SER D 201 33.01 -19.15 13.53
CA SER D 201 33.07 -18.62 14.89
C SER D 201 31.83 -18.97 15.72
N GLY D 202 30.70 -19.17 15.04
CA GLY D 202 29.46 -19.43 15.77
C GLY D 202 29.11 -20.90 15.95
N MET D 203 29.93 -21.79 15.39
CA MET D 203 29.60 -23.21 15.47
C MET D 203 29.86 -23.74 16.87
N ASN D 204 28.89 -24.48 17.40
CA ASN D 204 28.97 -24.98 18.76
C ASN D 204 27.99 -26.10 19.03
N VAL D 205 28.29 -26.89 20.05
CA VAL D 205 27.32 -27.77 20.67
C VAL D 205 27.26 -27.35 22.14
N ALA D 206 26.05 -27.18 22.65
CA ALA D 206 25.84 -26.84 24.06
C ALA D 206 26.62 -25.59 24.43
N GLY D 207 26.78 -24.67 23.49
CA GLY D 207 27.48 -23.43 23.78
C GLY D 207 28.99 -23.55 23.85
N VAL D 208 29.52 -24.73 23.50
CA VAL D 208 30.96 -24.93 23.43
C VAL D 208 31.45 -24.57 22.03
N SER D 209 32.22 -23.49 21.92
CA SER D 209 32.78 -23.07 20.65
C SER D 209 33.72 -24.13 20.07
N LEU D 210 33.42 -24.60 18.86
CA LEU D 210 34.31 -25.53 18.17
C LEU D 210 35.58 -24.81 17.74
N LYS D 211 35.42 -23.58 17.26
CA LYS D 211 36.54 -22.76 16.82
C LYS D 211 37.56 -22.55 17.94
N THR D 212 37.09 -22.38 19.17
CA THR D 212 37.99 -22.20 20.30
C THR D 212 38.69 -23.51 20.64
N LEU D 213 37.95 -24.61 20.55
CA LEU D 213 38.54 -25.93 20.79
C LEU D 213 39.56 -26.26 19.71
N HIS D 214 39.31 -25.73 18.52
CA HIS D 214 40.04 -26.14 17.31
C HIS D 214 40.24 -24.95 16.39
N PRO D 215 41.23 -24.10 16.70
CA PRO D 215 41.41 -22.81 16.02
C PRO D 215 41.57 -22.92 14.50
N GLU D 216 41.96 -24.10 14.03
CA GLU D 216 42.12 -24.35 12.60
C GLU D 216 40.77 -24.60 11.91
N LEU D 217 39.70 -24.62 12.70
CA LEU D 217 38.35 -24.87 12.18
C LEU D 217 38.07 -24.01 10.95
N GLY D 218 37.87 -24.66 9.81
CA GLY D 218 37.44 -23.95 8.61
C GLY D 218 38.57 -23.31 7.83
N THR D 219 39.81 -23.62 8.20
CA THR D 219 40.97 -23.11 7.48
C THR D 219 41.48 -24.19 6.53
N ASP D 220 42.32 -23.79 5.58
CA ASP D 220 42.98 -24.75 4.69
C ASP D 220 43.92 -25.67 5.46
N ALA D 221 44.54 -25.14 6.51
CA ALA D 221 45.49 -25.90 7.32
C ALA D 221 44.77 -26.86 8.25
N ASP D 222 43.44 -26.87 8.20
CA ASP D 222 42.64 -27.75 9.04
C ASP D 222 42.86 -29.20 8.62
N LYS D 223 43.37 -30.02 9.51
CA LYS D 223 43.68 -31.41 9.18
C LYS D 223 42.40 -32.25 9.09
N GLU D 224 41.33 -31.73 9.69
CA GLU D 224 40.04 -32.40 9.64
C GLU D 224 39.19 -31.87 8.48
N GLN D 225 39.67 -30.82 7.82
CA GLN D 225 39.06 -30.38 6.57
C GLN D 225 37.59 -29.99 6.73
N TRP D 226 37.25 -29.32 7.82
CA TRP D 226 35.86 -28.94 8.03
C TRP D 226 35.30 -28.02 6.95
N LYS D 227 36.17 -27.33 6.22
CA LYS D 227 35.73 -26.54 5.07
C LYS D 227 34.97 -27.40 4.08
N GLN D 228 35.36 -28.67 3.98
CA GLN D 228 34.72 -29.59 3.05
C GLN D 228 33.25 -29.80 3.43
N VAL D 229 32.92 -29.55 4.69
CA VAL D 229 31.54 -29.66 5.10
C VAL D 229 30.74 -28.54 4.47
N HIS D 230 31.31 -27.33 4.41
CA HIS D 230 30.64 -26.25 3.69
C HIS D 230 30.53 -26.58 2.20
N LYS D 231 31.59 -27.15 1.62
CA LYS D 231 31.53 -27.50 0.21
C LYS D 231 30.45 -28.54 0.00
N GLN D 232 30.35 -29.51 0.92
CA GLN D 232 29.27 -30.49 0.88
C GLN D 232 27.89 -29.82 0.84
N VAL D 233 27.68 -28.85 1.73
CA VAL D 233 26.43 -28.11 1.78
C VAL D 233 26.15 -27.47 0.42
N VAL D 234 27.16 -26.78 -0.10
CA VAL D 234 27.08 -26.08 -1.38
C VAL D 234 26.80 -27.00 -2.57
N ASP D 235 27.30 -28.22 -2.52
CA ASP D 235 27.16 -29.14 -3.64
C ASP D 235 25.98 -30.09 -3.49
N SER D 236 25.29 -30.02 -2.36
CA SER D 236 24.34 -31.05 -2.02
C SER D 236 23.13 -31.04 -2.96
N ALA D 237 22.70 -29.85 -3.36
CA ALA D 237 21.58 -29.74 -4.28
C ALA D 237 21.94 -30.39 -5.62
N TYR D 238 23.12 -30.06 -6.12
CA TYR D 238 23.60 -30.63 -7.36
C TYR D 238 23.76 -32.14 -7.23
N GLU D 239 24.29 -32.59 -6.11
CA GLU D 239 24.49 -34.02 -5.91
C GLU D 239 23.15 -34.76 -5.94
N VAL D 240 22.17 -34.20 -5.25
CA VAL D 240 20.84 -34.80 -5.23
C VAL D 240 20.16 -34.72 -6.59
N ILE D 241 20.36 -33.62 -7.31
CA ILE D 241 19.82 -33.48 -8.67
C ILE D 241 20.44 -34.50 -9.61
N LYS D 242 21.73 -34.80 -9.46
CA LYS D 242 22.35 -35.84 -10.25
C LYS D 242 21.68 -37.19 -10.04
N LEU D 243 21.24 -37.46 -8.81
CA LEU D 243 20.72 -38.78 -8.45
C LEU D 243 19.22 -38.94 -8.75
N LYS D 244 18.41 -37.93 -8.40
CA LYS D 244 16.97 -38.03 -8.60
C LYS D 244 16.41 -36.94 -9.50
N GLY D 245 17.27 -36.04 -9.96
CA GLY D 245 16.85 -35.10 -10.99
C GLY D 245 16.25 -33.79 -10.48
N TYR D 246 16.15 -33.65 -9.17
CA TYR D 246 15.63 -32.43 -8.52
C TYR D 246 15.65 -32.69 -7.02
N THR D 247 15.48 -31.65 -6.21
CA THR D 247 15.27 -31.88 -4.78
C THR D 247 13.88 -31.38 -4.40
N THR D 248 13.30 -31.93 -3.35
CA THR D 248 11.98 -31.51 -2.93
C THR D 248 11.73 -31.56 -1.44
N TRP D 249 11.96 -32.73 -0.83
CA TRP D 249 11.50 -32.97 0.53
C TRP D 249 12.14 -32.02 1.52
N ALA D 250 13.45 -31.82 1.40
CA ALA D 250 14.15 -31.02 2.39
C ALA D 250 13.75 -29.55 2.29
N ILE D 251 13.67 -29.03 1.08
CA ILE D 251 13.35 -27.62 0.90
C ILE D 251 11.91 -27.41 1.35
N GLY D 252 11.07 -28.42 1.11
CA GLY D 252 9.68 -28.34 1.53
C GLY D 252 9.54 -28.29 3.05
N LEU D 253 10.31 -29.10 3.75
CA LEU D 253 10.29 -29.11 5.21
C LEU D 253 10.83 -27.79 5.74
N SER D 254 11.89 -27.28 5.12
CA SER D 254 12.49 -26.03 5.59
C SER D 254 11.56 -24.84 5.35
N VAL D 255 10.80 -24.87 4.26
CA VAL D 255 9.84 -23.81 4.00
C VAL D 255 8.69 -23.82 5.02
N ALA D 256 8.19 -25.00 5.36
CA ALA D 256 7.10 -25.11 6.32
C ALA D 256 7.56 -24.64 7.70
N ASP D 257 8.85 -24.79 7.96
CA ASP D 257 9.37 -24.35 9.24
C ASP D 257 9.26 -22.82 9.31
N LEU D 258 9.56 -22.16 8.20
CA LEU D 258 9.45 -20.71 8.13
C LEU D 258 7.97 -20.30 8.19
N ALA D 259 7.14 -21.07 7.49
CA ALA D 259 5.70 -20.87 7.54
C ALA D 259 5.21 -20.93 8.99
N GLU D 260 5.74 -21.88 9.75
CA GLU D 260 5.32 -22.05 11.13
C GLU D 260 5.64 -20.82 11.99
N SER D 261 6.85 -20.30 11.84
CA SER D 261 7.24 -19.13 12.61
C SER D 261 6.37 -17.93 12.28
N ILE D 262 6.03 -17.77 10.99
CA ILE D 262 5.16 -16.69 10.54
C ILE D 262 3.72 -16.86 11.02
N MET D 263 3.13 -18.03 10.81
CA MET D 263 1.72 -18.24 11.13
C MET D 263 1.46 -18.24 12.63
N LYS D 264 2.46 -18.62 13.42
CA LYS D 264 2.32 -18.68 14.88
C LYS D 264 3.04 -17.56 15.61
N ASN D 265 3.58 -16.60 14.87
CA ASN D 265 4.27 -15.45 15.46
C ASN D 265 5.33 -15.85 16.47
N LEU D 266 6.14 -16.85 16.13
CA LEU D 266 7.08 -17.42 17.08
C LEU D 266 8.25 -16.52 17.41
N ARG D 267 8.61 -15.64 16.47
CA ARG D 267 9.82 -14.84 16.61
C ARG D 267 11.04 -15.71 16.89
N ARG D 268 11.14 -16.83 16.17
CA ARG D 268 12.37 -17.60 16.12
C ARG D 268 13.37 -16.94 15.18
N VAL D 269 14.65 -17.29 15.31
CA VAL D 269 15.69 -16.73 14.45
C VAL D 269 16.07 -17.72 13.36
N HIS D 270 15.89 -17.31 12.10
CA HIS D 270 16.16 -18.16 10.95
C HIS D 270 17.19 -17.50 10.03
N PRO D 271 18.07 -18.30 9.42
CA PRO D 271 18.97 -17.79 8.37
C PRO D 271 18.22 -17.64 7.05
N ILE D 272 17.65 -16.47 6.83
CA ILE D 272 16.85 -16.22 5.63
C ILE D 272 17.22 -14.89 5.00
N SER D 273 16.82 -14.73 3.74
CA SER D 273 17.23 -13.59 2.95
C SER D 273 16.29 -12.41 3.12
N THR D 274 16.86 -11.26 3.48
CA THR D 274 16.08 -10.07 3.79
C THR D 274 16.80 -8.87 3.17
N MET D 275 16.08 -7.78 2.98
CA MET D 275 16.68 -6.57 2.41
C MET D 275 17.60 -5.95 3.45
N LEU D 276 18.91 -6.10 3.28
CA LEU D 276 19.83 -5.73 4.35
C LEU D 276 20.65 -4.47 4.06
N LYS D 277 20.23 -3.71 3.06
CA LYS D 277 20.76 -2.38 2.84
C LYS D 277 20.91 -1.64 4.16
N GLY D 278 22.08 -1.07 4.41
CA GLY D 278 22.28 -0.28 5.61
C GLY D 278 22.80 -1.11 6.78
N LEU D 279 22.81 -2.43 6.62
CA LEU D 279 23.34 -3.31 7.65
C LEU D 279 24.49 -4.15 7.11
N TYR D 280 25.25 -4.75 8.02
CA TYR D 280 26.38 -5.59 7.62
C TYR D 280 27.30 -4.86 6.65
N GLY D 281 27.32 -3.54 6.73
CA GLY D 281 28.20 -2.76 5.89
C GLY D 281 27.80 -2.77 4.43
N ILE D 282 26.55 -3.10 4.16
CA ILE D 282 26.05 -3.16 2.79
C ILE D 282 25.35 -1.87 2.36
N LYS D 283 25.80 -1.30 1.24
CA LYS D 283 25.30 -0.01 0.78
C LYS D 283 24.24 -0.14 -0.32
N GLU D 284 23.99 -1.35 -0.79
CA GLU D 284 23.08 -1.54 -1.92
C GLU D 284 21.74 -2.15 -1.52
N ASP D 285 20.75 -2.01 -2.39
CA ASP D 285 19.45 -2.65 -2.21
C ASP D 285 19.52 -4.11 -2.63
N VAL D 286 19.96 -4.97 -1.73
CA VAL D 286 20.01 -6.40 -2.03
C VAL D 286 19.57 -7.25 -0.86
N PHE D 287 19.23 -8.50 -1.16
CA PHE D 287 18.84 -9.47 -0.16
C PHE D 287 19.96 -10.44 0.12
N LEU D 288 20.37 -10.52 1.38
CA LEU D 288 21.30 -11.54 1.83
C LEU D 288 20.74 -12.26 3.05
N SER D 289 21.11 -13.53 3.21
CA SER D 289 20.72 -14.28 4.39
C SER D 289 21.53 -13.84 5.61
N VAL D 290 20.81 -13.43 6.64
CA VAL D 290 21.38 -13.15 7.95
C VAL D 290 20.37 -13.73 8.94
N PRO D 291 20.74 -13.85 10.22
CA PRO D 291 19.78 -14.43 11.17
C PRO D 291 18.63 -13.44 11.45
N CYS D 292 17.42 -13.80 11.03
CA CYS D 292 16.27 -12.90 11.12
C CYS D 292 15.23 -13.38 12.12
N VAL D 293 14.69 -12.45 12.89
CA VAL D 293 13.57 -12.75 13.77
C VAL D 293 12.30 -12.75 12.92
N LEU D 294 11.61 -13.88 12.89
CA LEU D 294 10.51 -14.10 11.96
C LEU D 294 9.21 -14.31 12.73
N GLY D 295 8.19 -13.53 12.38
CA GLY D 295 6.92 -13.59 13.10
C GLY D 295 5.75 -13.23 12.19
N GLN D 296 4.66 -12.76 12.77
CA GLN D 296 3.43 -12.47 12.02
C GLN D 296 3.57 -11.25 11.11
N ASN D 297 4.52 -10.38 11.42
CA ASN D 297 4.83 -9.23 10.56
C ASN D 297 6.06 -9.51 9.70
N GLY D 298 6.37 -10.77 9.50
CA GLY D 298 7.56 -11.11 8.75
C GLY D 298 8.83 -10.88 9.54
N ILE D 299 9.81 -10.26 8.91
CA ILE D 299 11.11 -10.04 9.52
C ILE D 299 11.14 -8.70 10.24
N SER D 300 11.09 -8.75 11.56
CA SER D 300 11.00 -7.55 12.39
C SER D 300 12.37 -7.09 12.86
N ASP D 301 13.29 -8.03 12.99
CA ASP D 301 14.61 -7.75 13.54
C ASP D 301 15.64 -8.66 12.87
N VAL D 302 16.87 -8.18 12.74
CA VAL D 302 17.96 -9.07 12.34
C VAL D 302 19.02 -9.08 13.43
N VAL D 303 19.64 -10.24 13.62
CA VAL D 303 20.75 -10.35 14.55
C VAL D 303 22.01 -9.86 13.85
N LYS D 304 22.84 -9.13 14.57
CA LYS D 304 24.10 -8.66 14.01
C LYS D 304 25.24 -9.59 14.39
N VAL D 305 25.57 -10.50 13.48
CA VAL D 305 26.65 -11.44 13.70
C VAL D 305 27.99 -10.74 13.58
N THR D 306 28.87 -10.94 14.55
CA THR D 306 30.21 -10.39 14.45
C THR D 306 30.98 -11.18 13.41
N LEU D 307 31.31 -10.52 12.31
CA LEU D 307 32.04 -11.17 11.22
C LEU D 307 33.50 -10.77 11.22
N THR D 308 34.35 -11.67 10.76
CA THR D 308 35.75 -11.36 10.54
C THR D 308 35.85 -10.42 9.33
N SER D 309 37.02 -9.85 9.14
CA SER D 309 37.22 -8.93 8.04
C SER D 309 37.00 -9.62 6.68
N GLU D 310 37.43 -10.88 6.58
CA GLU D 310 37.27 -11.60 5.32
C GLU D 310 35.83 -12.05 5.08
N GLU D 311 35.09 -12.26 6.17
CA GLU D 311 33.67 -12.56 6.07
C GLU D 311 32.90 -11.33 5.59
N GLU D 312 33.23 -10.17 6.12
CA GLU D 312 32.55 -8.95 5.70
C GLU D 312 32.85 -8.68 4.23
N ALA D 313 34.07 -8.98 3.80
CA ALA D 313 34.48 -8.78 2.42
C ALA D 313 33.66 -9.65 1.46
N HIS D 314 33.35 -10.87 1.88
CA HIS D 314 32.57 -11.77 1.05
C HIS D 314 31.15 -11.26 0.86
N LEU D 315 30.56 -10.77 1.94
CA LEU D 315 29.18 -10.27 1.88
C LEU D 315 29.12 -9.04 0.99
N LYS D 316 30.01 -8.06 1.23
CA LYS D 316 29.99 -6.87 0.43
C LYS D 316 30.20 -7.21 -1.05
N LYS D 317 31.05 -8.19 -1.32
CA LYS D 317 31.28 -8.63 -2.69
C LYS D 317 30.01 -9.22 -3.30
N SER D 318 29.30 -10.02 -2.50
CA SER D 318 28.06 -10.62 -2.98
C SER D 318 27.03 -9.54 -3.26
N ALA D 319 27.07 -8.48 -2.45
CA ALA D 319 26.14 -7.36 -2.62
C ALA D 319 26.37 -6.68 -3.97
N ASP D 320 27.63 -6.36 -4.26
CA ASP D 320 27.98 -5.74 -5.54
C ASP D 320 27.50 -6.63 -6.68
N THR D 321 27.78 -7.93 -6.57
CA THR D 321 27.46 -8.86 -7.62
C THR D 321 25.96 -8.93 -7.88
N LEU D 322 25.17 -9.05 -6.80
CA LEU D 322 23.73 -9.10 -6.92
C LEU D 322 23.19 -7.79 -7.50
N TRP D 323 23.67 -6.68 -6.97
CA TRP D 323 23.22 -5.37 -7.44
C TRP D 323 23.57 -5.19 -8.90
N GLY D 324 24.70 -5.78 -9.31
CA GLY D 324 25.12 -5.70 -10.69
C GLY D 324 24.17 -6.42 -11.63
N ILE D 325 23.79 -7.63 -11.25
CA ILE D 325 22.81 -8.38 -12.02
C ILE D 325 21.47 -7.66 -12.02
N GLN D 326 21.10 -7.12 -10.87
CA GLN D 326 19.80 -6.47 -10.74
C GLN D 326 19.65 -5.30 -11.70
N LYS D 327 20.71 -4.51 -11.84
CA LYS D 327 20.68 -3.38 -12.77
C LYS D 327 20.49 -3.81 -14.22
N GLU D 328 20.80 -5.07 -14.52
CA GLU D 328 20.68 -5.59 -15.88
C GLU D 328 19.30 -6.14 -16.21
N LEU D 329 18.37 -6.11 -15.26
CA LEU D 329 17.06 -6.72 -15.46
C LEU D 329 16.03 -5.71 -15.98
N GLN D 330 15.09 -6.20 -16.79
CA GLN D 330 13.98 -5.37 -17.28
C GLN D 330 12.76 -5.60 -16.41
N PHE D 331 12.30 -4.56 -15.72
CA PHE D 331 11.08 -4.69 -14.93
C PHE D 331 9.85 -4.19 -15.66
N ALA E 1 38.51 35.59 -1.28
CA ALA E 1 37.50 35.23 -2.32
C ALA E 1 36.13 35.84 -1.99
N ALA E 2 35.51 36.48 -2.96
CA ALA E 2 34.20 37.08 -2.77
C ALA E 2 33.20 35.97 -2.46
N LEU E 3 32.19 36.29 -1.65
CA LEU E 3 31.19 35.29 -1.27
C LEU E 3 30.53 34.73 -2.52
N LYS E 4 30.15 35.62 -3.43
CA LYS E 4 29.55 35.21 -4.70
C LYS E 4 30.41 34.17 -5.39
N ASP E 5 31.73 34.38 -5.37
CA ASP E 5 32.64 33.46 -6.02
C ASP E 5 32.75 32.13 -5.26
N GLN E 6 32.70 32.18 -3.94
CA GLN E 6 32.63 30.96 -3.13
C GLN E 6 31.39 30.16 -3.47
N LEU E 7 30.26 30.86 -3.56
CA LEU E 7 28.96 30.22 -3.76
C LEU E 7 28.78 29.75 -5.19
N ILE E 8 29.15 30.60 -6.14
CA ILE E 8 28.80 30.37 -7.53
C ILE E 8 30.05 30.32 -8.42
N HIS E 9 30.17 29.22 -9.16
CA HIS E 9 31.24 29.10 -10.14
C HIS E 9 30.70 29.52 -11.50
N ASN E 10 31.36 30.51 -12.11
CA ASN E 10 30.90 31.07 -13.38
C ASN E 10 31.43 30.27 -14.57
N LEU E 11 30.52 29.86 -15.45
CA LEU E 11 30.90 28.98 -16.56
C LEU E 11 30.75 29.67 -17.90
N LEU E 12 30.14 30.85 -17.92
CA LEU E 12 29.83 31.50 -19.18
C LEU E 12 30.04 33.01 -19.06
N LYS E 13 30.81 33.57 -19.99
CA LYS E 13 30.96 35.00 -20.08
C LYS E 13 29.91 35.53 -21.04
N GLU E 14 29.38 36.71 -20.74
CA GLU E 14 28.55 37.44 -21.70
C GLU E 14 27.95 38.68 -21.04
N GLU E 15 27.55 39.65 -21.87
CA GLU E 15 26.89 40.85 -21.36
C GLU E 15 25.39 40.64 -21.24
N HIS E 16 24.71 40.54 -22.37
CA HIS E 16 23.27 40.29 -22.43
C HIS E 16 22.64 40.92 -23.68
N VAL E 17 21.82 40.14 -24.37
CA VAL E 17 21.03 40.65 -25.47
C VAL E 17 19.56 40.27 -25.30
N PRO E 18 18.71 41.26 -24.97
CA PRO E 18 17.29 41.01 -24.66
C PRO E 18 16.50 40.51 -25.85
N GLN E 19 15.61 39.54 -25.61
CA GLN E 19 14.90 38.89 -26.70
C GLN E 19 13.49 39.43 -26.91
N ASN E 20 12.89 39.96 -25.84
CA ASN E 20 11.53 40.48 -25.92
C ASN E 20 11.40 41.72 -25.09
N LYS E 21 12.20 42.73 -25.44
CA LYS E 21 12.28 43.95 -24.66
C LYS E 21 11.15 44.91 -25.03
N ILE E 22 10.51 45.47 -24.01
CA ILE E 22 9.50 46.52 -24.21
C ILE E 22 9.90 47.79 -23.46
N THR E 23 9.81 48.93 -24.15
CA THR E 23 10.03 50.21 -23.50
C THR E 23 8.74 51.00 -23.34
N VAL E 24 8.57 51.65 -22.19
CA VAL E 24 7.50 52.62 -22.02
C VAL E 24 8.13 53.99 -21.85
N VAL E 25 7.72 54.94 -22.69
CA VAL E 25 8.22 56.29 -22.59
C VAL E 25 7.17 57.15 -21.90
N GLY E 26 7.57 57.81 -20.81
CA GLY E 26 6.63 58.54 -19.99
C GLY E 26 6.15 57.70 -18.82
N VAL E 27 6.57 58.05 -17.60
CA VAL E 27 6.19 57.28 -16.42
C VAL E 27 5.12 57.96 -15.58
N GLY E 28 4.20 58.66 -16.24
CA GLY E 28 3.03 59.17 -15.57
C GLY E 28 2.08 58.04 -15.23
N ALA E 29 0.89 58.36 -14.72
CA ALA E 29 -0.06 57.32 -14.33
C ALA E 29 -0.41 56.38 -15.49
N VAL E 30 -0.60 56.94 -16.69
CA VAL E 30 -0.92 56.08 -17.82
C VAL E 30 0.27 55.17 -18.15
N GLY E 31 1.47 55.73 -18.13
CA GLY E 31 2.64 54.95 -18.50
C GLY E 31 2.92 53.83 -17.53
N MET E 32 2.76 54.09 -16.24
CA MET E 32 3.00 53.07 -15.22
C MET E 32 1.88 52.03 -15.16
N ALA E 33 0.65 52.42 -15.48
CA ALA E 33 -0.43 51.45 -15.64
C ALA E 33 -0.10 50.52 -16.79
N CYS E 34 0.47 51.06 -17.87
CA CYS E 34 0.87 50.19 -18.98
C CYS E 34 1.96 49.26 -18.50
N ALA E 35 2.92 49.79 -17.75
CA ALA E 35 4.07 48.99 -17.30
C ALA E 35 3.70 47.84 -16.38
N ILE E 36 2.84 48.09 -15.40
CA ILE E 36 2.51 47.06 -14.43
C ILE E 36 1.65 45.99 -15.08
N SER E 37 0.81 46.39 -16.02
CA SER E 37 -0.03 45.46 -16.76
C SER E 37 0.82 44.53 -17.61
N ILE E 38 1.84 45.10 -18.24
CA ILE E 38 2.75 44.33 -19.05
C ILE E 38 3.58 43.37 -18.21
N LEU E 39 4.09 43.85 -17.09
CA LEU E 39 4.84 43.02 -16.16
C LEU E 39 4.00 41.86 -15.63
N MET E 40 2.71 42.08 -15.44
CA MET E 40 1.90 41.01 -14.86
C MET E 40 1.29 40.05 -15.88
N LYS E 41 1.46 40.36 -17.16
CA LYS E 41 1.07 39.43 -18.21
C LYS E 41 2.27 38.74 -18.86
N ASP E 42 3.45 38.94 -18.29
CA ASP E 42 4.65 38.24 -18.77
C ASP E 42 4.91 38.41 -20.25
N LEU E 43 4.87 39.66 -20.72
CA LEU E 43 4.98 39.92 -22.15
C LEU E 43 6.42 40.20 -22.57
N ALA E 44 7.26 40.53 -21.59
CA ALA E 44 8.60 41.03 -21.87
C ALA E 44 9.62 40.35 -20.97
N ASP E 45 10.85 40.20 -21.47
CA ASP E 45 11.95 39.69 -20.64
C ASP E 45 12.83 40.84 -20.18
N GLU E 46 12.56 42.04 -20.70
CA GLU E 46 13.18 43.24 -20.19
C GLU E 46 12.32 44.47 -20.42
N LEU E 47 12.14 45.25 -19.36
CA LEU E 47 11.34 46.46 -19.43
C LEU E 47 12.22 47.68 -19.18
N ALA E 48 12.18 48.62 -20.11
CA ALA E 48 12.88 49.88 -19.92
C ALA E 48 11.88 51.02 -19.75
N LEU E 49 12.20 51.96 -18.87
CA LEU E 49 11.40 53.17 -18.71
C LEU E 49 12.27 54.39 -19.01
N VAL E 50 11.68 55.39 -19.67
CA VAL E 50 12.37 56.65 -19.88
C VAL E 50 11.44 57.85 -19.69
N ASP E 51 11.96 58.88 -19.05
CA ASP E 51 11.23 60.13 -18.86
C ASP E 51 12.26 61.24 -18.69
N VAL E 52 11.80 62.47 -18.51
CA VAL E 52 12.71 63.58 -18.25
C VAL E 52 12.75 64.00 -16.78
N MET E 53 11.75 63.61 -16.00
CA MET E 53 11.79 63.79 -14.56
C MET E 53 12.59 62.65 -13.93
N GLU E 54 13.86 62.92 -13.65
CA GLU E 54 14.80 61.86 -13.31
C GLU E 54 14.54 61.23 -11.95
N ASP E 55 14.08 62.03 -10.99
CA ASP E 55 13.78 61.50 -9.66
C ASP E 55 12.61 60.55 -9.75
N LYS E 56 11.49 61.05 -10.28
CA LYS E 56 10.27 60.27 -10.39
C LYS E 56 10.55 58.97 -11.14
N LEU E 57 11.29 59.08 -12.23
CA LEU E 57 11.63 57.94 -13.08
C LEU E 57 12.32 56.85 -12.26
N LYS E 58 13.37 57.24 -11.55
CA LYS E 58 14.15 56.33 -10.71
C LYS E 58 13.29 55.68 -9.62
N GLY E 59 12.45 56.48 -8.97
CA GLY E 59 11.55 55.96 -7.97
C GLY E 59 10.63 54.87 -8.48
N GLU E 60 10.06 55.08 -9.67
CA GLU E 60 9.17 54.09 -10.27
C GLU E 60 9.94 52.83 -10.65
N MET E 61 11.14 53.01 -11.19
CA MET E 61 11.99 51.86 -11.48
C MET E 61 12.20 51.02 -10.23
N MET E 62 12.68 51.64 -9.16
CA MET E 62 12.99 50.92 -7.91
C MET E 62 11.76 50.21 -7.32
N ASP E 63 10.63 50.92 -7.28
CA ASP E 63 9.35 50.33 -6.83
C ASP E 63 9.06 49.02 -7.58
N LEU E 64 9.12 49.05 -8.91
CA LEU E 64 8.84 47.85 -9.68
C LEU E 64 9.86 46.77 -9.37
N GLN E 65 11.13 47.16 -9.29
CA GLN E 65 12.21 46.20 -9.02
C GLN E 65 12.01 45.46 -7.71
N HIS E 66 11.40 46.14 -6.73
CA HIS E 66 11.24 45.57 -5.41
C HIS E 66 10.18 44.47 -5.45
N GLY E 67 9.37 44.47 -6.50
CA GLY E 67 8.39 43.41 -6.69
C GLY E 67 8.89 42.22 -7.50
N SER E 68 10.18 42.22 -7.82
CA SER E 68 10.75 41.18 -8.69
C SER E 68 10.42 39.76 -8.25
N LEU E 69 10.35 39.53 -6.95
CA LEU E 69 10.06 38.20 -6.42
C LEU E 69 8.78 37.66 -6.99
N PHE E 70 7.82 38.56 -7.23
CA PHE E 70 6.48 38.19 -7.64
C PHE E 70 6.28 38.30 -9.16
N LEU E 71 7.36 38.53 -9.89
CA LEU E 71 7.27 38.75 -11.33
C LEU E 71 8.13 37.79 -12.12
N ARG E 72 7.93 37.77 -13.43
CA ARG E 72 8.70 36.91 -14.32
C ARG E 72 9.37 37.73 -15.41
N THR E 73 9.63 38.99 -15.13
CA THR E 73 10.41 39.86 -16.03
C THR E 73 11.69 40.24 -15.28
N PRO E 74 12.82 39.60 -15.64
CA PRO E 74 14.03 39.65 -14.82
C PRO E 74 14.78 40.97 -14.81
N LYS E 75 14.62 41.75 -15.89
CA LYS E 75 15.36 42.99 -16.00
C LYS E 75 14.46 44.21 -16.18
N ILE E 76 14.52 45.11 -15.21
CA ILE E 76 13.82 46.38 -15.30
C ILE E 76 14.83 47.51 -15.16
N VAL E 77 14.96 48.32 -16.21
CA VAL E 77 15.92 49.42 -16.23
C VAL E 77 15.26 50.75 -16.59
N SER E 78 15.92 51.86 -16.25
CA SER E 78 15.38 53.18 -16.58
C SER E 78 16.49 54.19 -16.77
N GLY E 79 16.17 55.27 -17.46
CA GLY E 79 17.14 56.33 -17.68
C GLY E 79 16.62 57.44 -18.56
N LYS E 80 17.19 58.63 -18.38
CA LYS E 80 16.89 59.78 -19.21
C LYS E 80 17.53 59.57 -20.58
N ASP E 81 18.64 58.83 -20.59
CA ASP E 81 19.41 58.57 -21.81
C ASP E 81 18.84 57.33 -22.51
N TYR E 82 18.40 57.51 -23.75
CA TYR E 82 17.66 56.46 -24.46
C TYR E 82 18.46 55.21 -24.78
N SER E 83 19.71 55.17 -24.36
CA SER E 83 20.52 53.98 -24.57
C SER E 83 19.94 52.81 -23.79
N VAL E 84 19.19 53.11 -22.74
CA VAL E 84 18.54 52.09 -21.92
C VAL E 84 17.45 51.36 -22.69
N THR E 85 16.98 51.95 -23.78
CA THR E 85 15.85 51.38 -24.52
C THR E 85 16.29 50.53 -25.71
N ALA E 86 17.59 50.38 -25.88
CA ALA E 86 18.14 49.75 -27.09
C ALA E 86 17.62 48.34 -27.32
N ASN E 87 17.30 48.04 -28.59
CA ASN E 87 16.84 46.72 -28.98
C ASN E 87 15.46 46.34 -28.42
N SER E 88 14.59 47.34 -28.27
CA SER E 88 13.20 47.09 -27.91
C SER E 88 12.44 46.54 -29.12
N LYS E 89 11.66 45.48 -28.91
CA LYS E 89 10.72 45.01 -29.93
C LYS E 89 9.57 45.99 -30.05
N LEU E 90 9.18 46.59 -28.93
CA LEU E 90 8.03 47.48 -28.87
C LEU E 90 8.33 48.65 -27.96
N VAL E 91 8.08 49.86 -28.45
CA VAL E 91 8.28 51.05 -27.65
C VAL E 91 6.96 51.80 -27.52
N ILE E 92 6.50 51.99 -26.28
CA ILE E 92 5.18 52.56 -26.04
C ILE E 92 5.33 54.03 -25.65
N ILE E 93 4.64 54.91 -26.37
CA ILE E 93 4.77 56.35 -26.14
C ILE E 93 3.57 56.86 -25.36
N THR E 94 3.80 57.28 -24.13
CA THR E 94 2.76 57.92 -23.35
C THR E 94 3.18 59.34 -23.01
N ALA E 95 4.24 59.82 -23.66
CA ALA E 95 4.75 61.15 -23.40
C ALA E 95 3.72 62.20 -23.79
N GLY E 96 3.67 63.29 -23.04
CA GLY E 96 2.81 64.40 -23.43
C GLY E 96 3.13 65.67 -22.68
N ALA E 97 2.80 66.81 -23.28
CA ALA E 97 2.89 68.09 -22.59
C ALA E 97 1.52 68.41 -22.01
N ARG E 98 1.50 69.08 -20.85
CA ARG E 98 0.23 69.51 -20.28
C ARG E 98 -0.12 70.93 -20.70
N GLN E 99 -1.39 71.13 -21.03
CA GLN E 99 -1.89 72.43 -21.45
C GLN E 99 -1.58 73.47 -20.36
N GLN E 100 -1.30 74.69 -20.78
CA GLN E 100 -1.18 75.81 -19.86
C GLN E 100 -2.29 76.82 -20.13
N GLU E 101 -2.58 77.63 -19.13
CA GLU E 101 -3.62 78.64 -19.27
C GLU E 101 -3.23 79.63 -20.35
N GLY E 102 -4.02 79.68 -21.42
CA GLY E 102 -3.85 80.73 -22.41
C GLY E 102 -3.32 80.27 -23.75
N GLU E 103 -2.99 78.99 -23.87
CA GLU E 103 -2.49 78.47 -25.14
C GLU E 103 -3.57 77.68 -25.88
N SER E 104 -3.54 77.75 -27.21
CA SER E 104 -4.55 77.11 -28.04
C SER E 104 -4.36 75.60 -28.13
N ARG E 105 -5.42 74.94 -28.58
CA ARG E 105 -5.36 73.52 -28.90
C ARG E 105 -4.21 73.28 -29.88
N LEU E 106 -4.03 74.18 -30.84
CA LEU E 106 -2.98 74.03 -31.83
C LEU E 106 -1.62 74.06 -31.16
N ASN E 107 -1.42 75.02 -30.26
CA ASN E 107 -0.15 75.19 -29.58
C ASN E 107 0.20 73.96 -28.74
N LEU E 108 -0.80 73.36 -28.11
CA LEU E 108 -0.56 72.19 -27.29
C LEU E 108 -0.09 71.00 -28.13
N VAL E 109 -0.73 70.82 -29.28
CA VAL E 109 -0.35 69.75 -30.19
C VAL E 109 1.05 70.01 -30.74
N GLN E 110 1.38 71.28 -30.92
CA GLN E 110 2.68 71.63 -31.50
C GLN E 110 3.78 71.32 -30.50
N ARG E 111 3.50 71.54 -29.22
CA ARG E 111 4.47 71.25 -28.19
C ARG E 111 4.65 69.75 -28.02
N ASN E 112 3.58 69.00 -28.16
CA ASN E 112 3.69 67.55 -28.18
C ASN E 112 4.51 67.11 -29.39
N VAL E 113 4.23 67.69 -30.55
CA VAL E 113 5.06 67.48 -31.73
C VAL E 113 6.53 67.73 -31.38
N ASN E 114 6.78 68.82 -30.65
CA ASN E 114 8.13 69.19 -30.25
C ASN E 114 8.73 68.14 -29.32
N ILE E 115 7.89 67.58 -28.45
CA ILE E 115 8.30 66.47 -27.60
C ILE E 115 8.67 65.23 -28.42
N PHE E 116 7.86 64.92 -29.43
CA PHE E 116 8.16 63.78 -30.28
C PHE E 116 9.40 64.01 -31.14
N LYS E 117 9.66 65.26 -31.48
CA LYS E 117 10.83 65.58 -32.30
C LYS E 117 12.09 65.17 -31.55
N PHE E 118 12.03 65.24 -30.23
CA PHE E 118 13.15 64.85 -29.39
C PHE E 118 13.14 63.35 -29.08
N ILE E 119 11.96 62.83 -28.78
CA ILE E 119 11.84 61.44 -28.33
C ILE E 119 11.98 60.41 -29.45
N ILE E 120 11.23 60.61 -30.54
CA ILE E 120 11.14 59.59 -31.57
C ILE E 120 12.47 59.27 -32.25
N PRO E 121 13.29 60.29 -32.55
CA PRO E 121 14.60 60.01 -33.16
C PRO E 121 15.49 59.21 -32.21
N ASN E 122 15.39 59.54 -30.94
CA ASN E 122 16.13 58.83 -29.91
C ASN E 122 15.70 57.37 -29.79
N VAL E 123 14.39 57.14 -29.93
CA VAL E 123 13.87 55.78 -29.92
C VAL E 123 14.33 54.99 -31.14
N VAL E 124 14.27 55.64 -32.31
CA VAL E 124 14.60 54.98 -33.57
C VAL E 124 16.08 54.65 -33.64
N LYS E 125 16.88 55.52 -33.02
CA LYS E 125 18.32 55.37 -33.00
C LYS E 125 18.74 54.10 -32.29
N TYR E 126 18.06 53.79 -31.19
CA TYR E 126 18.47 52.68 -30.33
C TYR E 126 17.66 51.41 -30.56
N SER E 127 16.53 51.55 -31.25
CA SER E 127 15.73 50.40 -31.64
C SER E 127 15.18 50.61 -33.05
N PRO E 128 16.05 50.44 -34.07
CA PRO E 128 15.74 50.73 -35.47
C PRO E 128 14.58 49.89 -35.99
N HIS E 129 14.44 48.67 -35.46
CA HIS E 129 13.45 47.73 -35.96
C HIS E 129 12.22 47.55 -35.07
N CYS E 130 12.05 48.38 -34.06
CA CYS E 130 10.91 48.24 -33.15
C CYS E 130 9.58 48.60 -33.81
N LYS E 131 8.49 48.16 -33.21
CA LYS E 131 7.18 48.73 -33.49
C LYS E 131 6.93 49.88 -32.52
N LEU E 132 6.26 50.94 -32.99
CA LEU E 132 5.86 52.04 -32.13
C LEU E 132 4.37 51.99 -31.84
N LEU E 133 4.01 52.07 -30.56
CA LEU E 133 2.62 52.21 -30.15
C LEU E 133 2.44 53.53 -29.44
N VAL E 134 1.67 54.44 -30.03
CA VAL E 134 1.44 55.76 -29.46
C VAL E 134 0.10 55.80 -28.73
N VAL E 135 0.11 56.36 -27.52
CA VAL E 135 -1.10 56.42 -26.70
C VAL E 135 -1.47 57.85 -26.34
N SER E 136 -0.49 58.76 -26.41
CA SER E 136 -0.71 60.17 -26.09
C SER E 136 -1.76 60.84 -26.98
N ASN E 137 -2.48 61.80 -26.42
CA ASN E 137 -3.55 62.48 -27.13
C ASN E 137 -3.13 63.85 -27.68
N PRO E 138 -3.74 64.28 -28.80
CA PRO E 138 -4.71 63.50 -29.57
C PRO E 138 -4.03 62.35 -30.32
N VAL E 139 -4.55 61.14 -30.15
CA VAL E 139 -3.76 59.96 -30.51
C VAL E 139 -3.65 59.77 -32.02
N ASP E 140 -4.73 60.05 -32.74
CA ASP E 140 -4.69 59.90 -34.18
C ASP E 140 -3.62 60.83 -34.76
N ILE E 141 -3.61 62.07 -34.30
CA ILE E 141 -2.63 63.04 -34.77
C ILE E 141 -1.22 62.67 -34.36
N LEU E 142 -1.04 62.35 -33.08
CA LEU E 142 0.30 62.08 -32.56
C LEU E 142 0.87 60.77 -33.11
N THR E 143 0.01 59.85 -33.53
CA THR E 143 0.46 58.65 -34.21
C THR E 143 0.96 59.01 -35.62
N TYR E 144 0.30 59.99 -36.23
CA TYR E 144 0.76 60.52 -37.51
C TYR E 144 2.13 61.17 -37.33
N VAL E 145 2.27 61.95 -36.26
CA VAL E 145 3.53 62.63 -35.98
C VAL E 145 4.66 61.64 -35.76
N ALA E 146 4.42 60.63 -34.91
CA ALA E 146 5.40 59.58 -34.71
C ALA E 146 5.76 58.89 -36.02
N TRP E 147 4.75 58.59 -36.82
CA TRP E 147 4.98 57.93 -38.11
C TRP E 147 5.92 58.76 -38.97
N LYS E 148 5.65 60.06 -39.07
CA LYS E 148 6.42 60.94 -39.93
C LYS E 148 7.84 61.15 -39.41
N ILE E 149 7.97 61.47 -38.12
CA ILE E 149 9.28 61.71 -37.53
C ILE E 149 10.14 60.45 -37.54
N SER E 150 9.53 59.29 -37.32
CA SER E 150 10.32 58.07 -37.22
C SER E 150 10.81 57.58 -38.59
N GLY E 151 9.99 57.80 -39.61
CA GLY E 151 10.33 57.29 -40.94
C GLY E 151 10.07 55.80 -41.09
N PHE E 152 9.36 55.21 -40.13
CA PHE E 152 9.04 53.78 -40.16
C PHE E 152 7.99 53.50 -41.23
N PRO E 153 7.97 52.26 -41.76
CA PRO E 153 6.84 51.85 -42.61
C PRO E 153 5.55 51.82 -41.79
N LYS E 154 4.42 52.09 -42.44
CA LYS E 154 3.19 52.34 -41.70
C LYS E 154 2.74 51.15 -40.86
N ASN E 155 3.20 49.95 -41.21
CA ASN E 155 2.83 48.77 -40.44
C ASN E 155 3.44 48.77 -39.04
N ARG E 156 4.54 49.48 -38.85
CA ARG E 156 5.23 49.49 -37.56
C ARG E 156 4.91 50.70 -36.67
N VAL E 157 3.95 51.52 -37.07
CA VAL E 157 3.55 52.64 -36.23
C VAL E 157 2.05 52.58 -35.97
N ILE E 158 1.70 52.32 -34.71
CA ILE E 158 0.34 51.97 -34.33
C ILE E 158 -0.20 52.96 -33.28
N GLY E 159 -1.46 53.35 -33.44
CA GLY E 159 -2.07 54.25 -32.47
C GLY E 159 -3.14 53.51 -31.69
N SER E 160 -3.14 53.68 -30.37
CA SER E 160 -4.11 52.99 -29.53
C SER E 160 -5.52 53.31 -30.01
N GLY E 161 -5.70 54.52 -30.53
CA GLY E 161 -6.96 54.88 -31.17
C GLY E 161 -8.18 54.50 -30.36
N CYS E 162 -9.12 53.79 -31.00
CA CYS E 162 -10.41 53.47 -30.40
C CYS E 162 -10.47 52.11 -29.67
N ASN E 163 -9.30 51.55 -29.34
CA ASN E 163 -9.22 50.25 -28.70
C ASN E 163 -9.96 50.17 -27.36
N LEU E 164 -9.63 51.10 -26.45
CA LEU E 164 -10.24 51.12 -25.13
C LEU E 164 -11.72 51.51 -25.23
N ASP E 165 -12.04 52.43 -26.12
CA ASP E 165 -13.41 52.88 -26.27
C ASP E 165 -14.30 51.75 -26.74
N SER E 166 -13.80 50.91 -27.64
CA SER E 166 -14.55 49.72 -28.02
C SER E 166 -14.74 48.79 -26.81
N ALA E 167 -13.68 48.60 -26.05
CA ALA E 167 -13.77 47.76 -24.85
C ALA E 167 -14.76 48.35 -23.84
N ARG E 168 -14.79 49.67 -23.72
CA ARG E 168 -15.78 50.31 -22.86
C ARG E 168 -17.18 50.04 -23.40
N PHE E 169 -17.29 50.11 -24.72
CA PHE E 169 -18.57 49.94 -25.38
C PHE E 169 -19.10 48.56 -25.07
N ARG E 170 -18.23 47.57 -25.18
CA ARG E 170 -18.62 46.20 -24.91
C ARG E 170 -19.00 46.00 -23.47
N TYR E 171 -18.28 46.64 -22.56
CA TYR E 171 -18.62 46.60 -21.15
C TYR E 171 -20.04 47.13 -20.89
N LEU E 172 -20.36 48.29 -21.44
CA LEU E 172 -21.68 48.89 -21.23
C LEU E 172 -22.78 48.02 -21.85
N MET E 173 -22.52 47.56 -23.07
CA MET E 173 -23.40 46.61 -23.75
C MET E 173 -23.68 45.42 -22.81
N GLY E 174 -22.62 44.87 -22.22
CA GLY E 174 -22.79 43.73 -21.35
C GLY E 174 -23.59 44.06 -20.11
N GLU E 175 -23.45 45.29 -19.61
CA GLU E 175 -24.22 45.72 -18.46
C GLU E 175 -25.69 45.79 -18.80
N ARG E 176 -26.02 46.25 -20.00
CA ARG E 176 -27.41 46.35 -20.41
C ARG E 176 -28.00 44.97 -20.66
N LEU E 177 -27.18 44.04 -21.16
CA LEU E 177 -27.67 42.75 -21.60
C LEU E 177 -27.49 41.62 -20.57
N GLY E 178 -26.73 41.88 -19.53
CA GLY E 178 -26.54 40.87 -18.49
C GLY E 178 -25.55 39.77 -18.82
N VAL E 179 -24.66 40.00 -19.77
CA VAL E 179 -23.60 39.05 -20.09
C VAL E 179 -22.24 39.75 -20.14
N HIS E 180 -21.18 38.96 -20.13
CA HIS E 180 -19.83 39.51 -20.03
C HIS E 180 -19.41 40.21 -21.32
N ALA E 181 -18.60 41.26 -21.16
CA ALA E 181 -18.06 42.02 -22.29
C ALA E 181 -17.41 41.11 -23.33
N LEU E 182 -16.77 40.03 -22.87
CA LEU E 182 -16.12 39.10 -23.80
C LEU E 182 -17.12 38.56 -24.82
N SER E 183 -18.38 38.42 -24.41
CA SER E 183 -19.40 37.83 -25.26
C SER E 183 -20.23 38.87 -26.02
N CYS E 184 -20.03 40.15 -25.69
CA CYS E 184 -20.69 41.22 -26.43
C CYS E 184 -19.75 41.77 -27.50
N HIS E 185 -20.29 42.06 -28.67
CA HIS E 185 -19.46 42.54 -29.75
C HIS E 185 -19.97 43.85 -30.36
N GLY E 186 -19.06 44.82 -30.42
CA GLY E 186 -19.42 46.12 -30.95
C GLY E 186 -18.15 46.89 -31.26
N TRP E 187 -18.19 47.69 -32.33
CA TRP E 187 -17.01 48.37 -32.79
C TRP E 187 -17.19 49.89 -32.88
N ILE E 188 -16.23 50.60 -32.30
CA ILE E 188 -16.15 52.05 -32.41
C ILE E 188 -14.93 52.39 -33.24
N LEU E 189 -15.16 53.01 -34.39
CA LEU E 189 -14.11 53.20 -35.38
C LEU E 189 -13.87 54.67 -35.67
N GLY E 190 -12.86 54.94 -36.48
CA GLY E 190 -12.64 56.29 -36.95
C GLY E 190 -11.77 57.13 -36.04
N GLU E 191 -12.14 58.40 -35.91
CA GLU E 191 -11.34 59.35 -35.15
C GLU E 191 -11.62 59.17 -33.66
N HIS E 192 -10.57 58.95 -32.89
CA HIS E 192 -10.70 58.76 -31.45
C HIS E 192 -11.40 59.95 -30.81
N GLY E 193 -12.27 59.69 -29.83
CA GLY E 193 -12.95 60.77 -29.14
C GLY E 193 -14.39 60.97 -29.59
N ASP E 194 -14.85 62.21 -29.55
CA ASP E 194 -16.25 62.52 -29.81
C ASP E 194 -16.71 62.16 -31.22
N SER E 195 -15.77 62.20 -32.17
CA SER E 195 -16.14 62.05 -33.57
C SER E 195 -16.07 60.60 -34.03
N SER E 196 -15.96 59.68 -33.08
CA SER E 196 -15.81 58.26 -33.39
C SER E 196 -17.13 57.64 -33.85
N VAL E 197 -17.04 56.64 -34.72
CA VAL E 197 -18.22 56.00 -35.31
C VAL E 197 -18.56 54.68 -34.65
N PRO E 198 -19.72 54.62 -33.98
CA PRO E 198 -20.27 53.35 -33.45
C PRO E 198 -20.90 52.55 -34.60
N VAL E 199 -20.29 51.44 -34.98
CA VAL E 199 -20.81 50.67 -36.09
C VAL E 199 -21.99 49.78 -35.66
N TRP E 200 -23.17 50.39 -35.58
CA TRP E 200 -24.39 49.74 -35.13
C TRP E 200 -24.65 48.41 -35.83
N SER E 201 -24.24 48.29 -37.07
CA SER E 201 -24.59 47.11 -37.86
C SER E 201 -23.78 45.89 -37.45
N GLY E 202 -22.66 46.10 -36.77
CA GLY E 202 -21.82 44.98 -36.40
C GLY E 202 -22.12 44.45 -35.01
N MET E 203 -22.97 45.15 -34.27
CA MET E 203 -23.23 44.80 -32.89
C MET E 203 -24.02 43.51 -32.72
N ASN E 204 -23.46 42.57 -31.98
CA ASN E 204 -24.10 41.27 -31.83
C ASN E 204 -23.68 40.55 -30.55
N VAL E 205 -24.52 39.60 -30.14
CA VAL E 205 -24.10 38.54 -29.24
C VAL E 205 -24.27 37.24 -30.00
N ALA E 206 -23.26 36.39 -29.96
CA ALA E 206 -23.34 35.06 -30.56
C ALA E 206 -23.72 35.13 -32.03
N GLY E 207 -23.41 36.26 -32.67
CA GLY E 207 -23.67 36.41 -34.08
C GLY E 207 -25.10 36.80 -34.41
N VAL E 208 -25.87 37.15 -33.38
CA VAL E 208 -27.24 37.60 -33.60
C VAL E 208 -27.23 39.13 -33.69
N SER E 209 -27.47 39.65 -34.88
CA SER E 209 -27.45 41.10 -35.11
C SER E 209 -28.51 41.81 -34.27
N LEU E 210 -28.06 42.72 -33.43
CA LEU E 210 -28.96 43.48 -32.58
C LEU E 210 -29.79 44.45 -33.42
N LYS E 211 -29.18 44.91 -34.52
CA LYS E 211 -29.82 45.87 -35.42
C LYS E 211 -30.99 45.20 -36.13
N THR E 212 -30.76 44.00 -36.65
CA THR E 212 -31.82 43.23 -37.29
C THR E 212 -32.96 42.96 -36.32
N LEU E 213 -32.65 42.68 -35.06
CA LEU E 213 -33.67 42.48 -34.03
C LEU E 213 -34.41 43.78 -33.71
N HIS E 214 -33.67 44.88 -33.72
CA HIS E 214 -34.19 46.16 -33.28
C HIS E 214 -33.71 47.24 -34.24
N PRO E 215 -34.43 47.43 -35.35
CA PRO E 215 -34.03 48.34 -36.43
C PRO E 215 -33.79 49.78 -35.98
N GLU E 216 -34.47 50.17 -34.90
CA GLU E 216 -34.34 51.52 -34.35
C GLU E 216 -32.96 51.74 -33.73
N LEU E 217 -32.13 50.69 -33.71
CA LEU E 217 -30.86 50.71 -32.99
C LEU E 217 -29.91 51.79 -33.51
N GLY E 218 -29.54 52.72 -32.64
CA GLY E 218 -28.57 53.72 -33.02
C GLY E 218 -29.17 54.94 -33.70
N THR E 219 -30.49 54.96 -33.82
CA THR E 219 -31.18 56.15 -34.31
C THR E 219 -31.67 56.95 -33.12
N ASP E 220 -31.90 58.23 -33.32
CA ASP E 220 -32.38 59.10 -32.25
C ASP E 220 -33.84 58.78 -31.92
N ALA E 221 -34.50 58.05 -32.81
CA ALA E 221 -35.90 57.71 -32.64
C ALA E 221 -36.08 56.37 -31.91
N ASP E 222 -35.05 55.94 -31.20
CA ASP E 222 -35.05 54.66 -30.48
C ASP E 222 -35.51 54.87 -29.03
N LYS E 223 -36.54 54.13 -28.63
CA LYS E 223 -37.06 54.26 -27.27
C LYS E 223 -36.08 53.76 -26.22
N GLU E 224 -35.09 52.97 -26.65
CA GLU E 224 -34.10 52.43 -25.74
C GLU E 224 -32.84 53.28 -25.73
N GLN E 225 -32.75 54.20 -26.68
CA GLN E 225 -31.68 55.20 -26.72
C GLN E 225 -30.29 54.58 -26.63
N TRP E 226 -30.04 53.54 -27.42
CA TRP E 226 -28.74 52.90 -27.43
C TRP E 226 -27.65 53.87 -27.89
N LYS E 227 -28.06 54.85 -28.69
CA LYS E 227 -27.15 55.89 -29.13
C LYS E 227 -26.48 56.53 -27.92
N GLN E 228 -27.17 56.50 -26.78
CA GLN E 228 -26.64 57.05 -25.54
C GLN E 228 -25.48 56.23 -24.98
N VAL E 229 -25.35 54.99 -25.43
CA VAL E 229 -24.25 54.15 -25.00
C VAL E 229 -22.95 54.62 -25.65
N HIS E 230 -23.01 54.93 -26.93
CA HIS E 230 -21.86 55.56 -27.59
C HIS E 230 -21.54 56.88 -26.91
N LYS E 231 -22.57 57.56 -26.41
CA LYS E 231 -22.39 58.82 -25.70
C LYS E 231 -21.62 58.58 -24.41
N GLN E 232 -22.05 57.59 -23.64
CA GLN E 232 -21.35 57.24 -22.41
C GLN E 232 -19.91 56.87 -22.70
N VAL E 233 -19.69 56.05 -23.72
CA VAL E 233 -18.35 55.67 -24.10
C VAL E 233 -17.47 56.89 -24.37
N VAL E 234 -17.96 57.78 -25.23
CA VAL E 234 -17.25 59.01 -25.56
C VAL E 234 -17.05 59.93 -24.35
N ASP E 235 -17.96 59.86 -23.38
CA ASP E 235 -17.90 60.72 -22.19
C ASP E 235 -17.10 60.11 -21.04
N SER E 236 -16.89 58.79 -21.06
CA SER E 236 -16.55 58.10 -19.83
C SER E 236 -15.16 58.47 -19.31
N ALA E 237 -14.21 58.68 -20.21
CA ALA E 237 -12.90 59.18 -19.82
C ALA E 237 -13.02 60.51 -19.07
N TYR E 238 -13.76 61.45 -19.64
CA TYR E 238 -13.92 62.76 -19.00
C TYR E 238 -14.58 62.61 -17.64
N GLU E 239 -15.53 61.68 -17.56
CA GLU E 239 -16.25 61.48 -16.31
C GLU E 239 -15.38 60.83 -15.25
N VAL E 240 -14.47 59.96 -15.67
CA VAL E 240 -13.53 59.38 -14.72
C VAL E 240 -12.54 60.46 -14.32
N ILE E 241 -12.11 61.24 -15.29
CA ILE E 241 -11.19 62.34 -15.02
C ILE E 241 -11.81 63.32 -14.01
N LYS E 242 -13.14 63.50 -14.09
CA LYS E 242 -13.83 64.37 -13.15
C LYS E 242 -13.79 63.78 -11.74
N LEU E 243 -13.80 62.46 -11.66
CA LEU E 243 -13.91 61.81 -10.36
C LEU E 243 -12.56 61.60 -9.69
N LYS E 244 -11.56 61.12 -10.44
CA LYS E 244 -10.25 60.83 -9.85
C LYS E 244 -9.10 61.62 -10.46
N GLY E 245 -9.40 62.48 -11.44
CA GLY E 245 -8.41 63.42 -11.93
C GLY E 245 -7.60 62.94 -13.12
N TYR E 246 -7.82 61.70 -13.53
CA TYR E 246 -7.14 61.14 -14.69
C TYR E 246 -7.67 59.72 -14.84
N THR E 247 -7.32 59.05 -15.93
CA THR E 247 -7.62 57.61 -16.00
C THR E 247 -6.32 56.84 -16.21
N THR E 248 -6.27 55.63 -15.67
CA THR E 248 -5.06 54.81 -15.77
C THR E 248 -5.28 53.34 -16.02
N TRP E 249 -6.08 52.70 -15.18
CA TRP E 249 -6.11 51.23 -15.19
C TRP E 249 -6.61 50.65 -16.51
N ALA E 250 -7.68 51.23 -17.07
CA ALA E 250 -8.32 50.63 -18.24
C ALA E 250 -7.50 50.83 -19.51
N ILE E 251 -6.85 51.98 -19.63
CA ILE E 251 -6.02 52.26 -20.79
C ILE E 251 -4.75 51.39 -20.71
N GLY E 252 -4.18 51.28 -19.51
CA GLY E 252 -3.05 50.38 -19.30
C GLY E 252 -3.38 48.94 -19.68
N LEU E 253 -4.47 48.41 -19.16
CA LEU E 253 -4.92 47.07 -19.52
C LEU E 253 -5.20 46.95 -21.02
N SER E 254 -5.73 48.01 -21.61
CA SER E 254 -6.05 48.04 -23.03
C SER E 254 -4.76 48.02 -23.87
N VAL E 255 -3.77 48.78 -23.43
CA VAL E 255 -2.47 48.79 -24.10
C VAL E 255 -1.77 47.43 -23.96
N ALA E 256 -1.90 46.79 -22.81
CA ALA E 256 -1.22 45.53 -22.55
C ALA E 256 -1.77 44.45 -23.48
N ASP E 257 -3.05 44.55 -23.78
CA ASP E 257 -3.69 43.61 -24.69
C ASP E 257 -3.10 43.74 -26.08
N LEU E 258 -2.92 44.98 -26.54
CA LEU E 258 -2.29 45.24 -27.83
C LEU E 258 -0.86 44.73 -27.85
N ALA E 259 -0.14 44.97 -26.77
CA ALA E 259 1.23 44.48 -26.64
C ALA E 259 1.26 42.96 -26.77
N GLU E 260 0.26 42.32 -26.19
CA GLU E 260 0.19 40.87 -26.23
C GLU E 260 0.10 40.36 -27.65
N SER E 261 -0.78 40.97 -28.45
CA SER E 261 -0.95 40.55 -29.83
C SER E 261 0.35 40.72 -30.59
N ILE E 262 1.08 41.79 -30.31
CA ILE E 262 2.32 42.09 -31.00
C ILE E 262 3.44 41.14 -30.60
N MET E 263 3.66 41.01 -29.30
CA MET E 263 4.74 40.17 -28.80
C MET E 263 4.55 38.69 -29.14
N LYS E 264 3.29 38.25 -29.23
CA LYS E 264 3.01 36.83 -29.45
C LYS E 264 2.55 36.54 -30.87
N ASN E 265 2.58 37.56 -31.72
CA ASN E 265 2.18 37.43 -33.12
C ASN E 265 0.80 36.77 -33.26
N LEU E 266 -0.15 37.24 -32.46
CA LEU E 266 -1.47 36.58 -32.40
C LEU E 266 -2.31 36.82 -33.66
N ARG E 267 -2.00 37.88 -34.40
CA ARG E 267 -2.83 38.28 -35.54
C ARG E 267 -4.31 38.34 -35.15
N ARG E 268 -4.59 38.97 -34.00
CA ARG E 268 -5.96 39.29 -33.61
C ARG E 268 -6.36 40.63 -34.22
N VAL E 269 -7.67 40.88 -34.30
CA VAL E 269 -8.18 42.11 -34.87
C VAL E 269 -8.59 43.09 -33.77
N HIS E 270 -8.03 44.28 -33.80
CA HIS E 270 -8.29 45.31 -32.78
C HIS E 270 -8.74 46.59 -33.47
N PRO E 271 -9.61 47.38 -32.81
CA PRO E 271 -9.96 48.71 -33.32
C PRO E 271 -8.85 49.70 -33.00
N ILE E 272 -7.87 49.81 -33.90
CA ILE E 272 -6.71 50.65 -33.63
C ILE E 272 -6.41 51.63 -34.78
N SER E 273 -5.62 52.65 -34.47
CA SER E 273 -5.41 53.76 -35.38
C SER E 273 -4.25 53.47 -36.33
N THR E 274 -4.50 53.61 -37.63
CA THR E 274 -3.52 53.20 -38.62
C THR E 274 -3.57 54.14 -39.82
N MET E 275 -2.49 54.15 -40.61
CA MET E 275 -2.44 55.02 -41.78
C MET E 275 -3.31 54.43 -42.88
N LEU E 276 -4.46 55.05 -43.12
CA LEU E 276 -5.49 54.43 -43.94
C LEU E 276 -5.64 55.00 -45.34
N LYS E 277 -4.73 55.87 -45.75
CA LYS E 277 -4.84 56.48 -47.07
C LYS E 277 -5.01 55.38 -48.12
N GLY E 278 -6.01 55.51 -48.97
CA GLY E 278 -6.22 54.55 -50.02
C GLY E 278 -7.26 53.50 -49.65
N LEU E 279 -7.79 53.63 -48.43
CA LEU E 279 -8.86 52.76 -47.94
C LEU E 279 -9.98 53.60 -47.36
N TYR E 280 -11.18 53.03 -47.29
CA TYR E 280 -12.32 53.72 -46.69
C TYR E 280 -12.59 55.07 -47.33
N GLY E 281 -12.10 55.26 -48.55
CA GLY E 281 -12.37 56.48 -49.29
C GLY E 281 -11.50 57.65 -48.87
N ILE E 282 -10.49 57.37 -48.05
CA ILE E 282 -9.65 58.44 -47.53
C ILE E 282 -8.44 58.68 -48.43
N LYS E 283 -8.15 59.95 -48.69
CA LYS E 283 -7.12 60.32 -49.65
C LYS E 283 -5.90 60.95 -48.97
N GLU E 284 -6.10 61.54 -47.80
CA GLU E 284 -5.03 62.20 -47.07
C GLU E 284 -4.14 61.18 -46.34
N ASP E 285 -3.01 61.66 -45.84
CA ASP E 285 -2.20 60.89 -44.89
C ASP E 285 -2.74 61.14 -43.50
N VAL E 286 -3.66 60.30 -43.06
CA VAL E 286 -4.23 60.42 -41.72
C VAL E 286 -4.34 59.06 -41.04
N PHE E 287 -4.37 59.07 -39.72
CA PHE E 287 -4.61 57.84 -38.97
C PHE E 287 -6.04 57.84 -38.43
N LEU E 288 -6.79 56.79 -38.80
CA LEU E 288 -8.11 56.54 -38.22
C LEU E 288 -8.17 55.11 -37.68
N SER E 289 -9.05 54.89 -36.71
CA SER E 289 -9.24 53.53 -36.16
C SER E 289 -10.12 52.65 -37.06
N VAL E 290 -9.53 51.56 -37.53
CA VAL E 290 -10.28 50.49 -38.18
C VAL E 290 -9.84 49.14 -37.60
N PRO E 291 -10.59 48.06 -37.88
CA PRO E 291 -10.19 46.76 -37.36
C PRO E 291 -8.90 46.28 -38.07
N CYS E 292 -7.81 46.13 -37.31
CA CYS E 292 -6.52 45.78 -37.87
C CYS E 292 -6.03 44.43 -37.37
N VAL E 293 -5.50 43.61 -38.27
CA VAL E 293 -4.79 42.40 -37.88
C VAL E 293 -3.44 42.79 -37.29
N LEU E 294 -3.22 42.45 -36.03
CA LEU E 294 -2.07 42.93 -35.28
C LEU E 294 -1.12 41.79 -34.92
N GLY E 295 0.14 41.94 -35.28
CA GLY E 295 1.08 40.84 -35.17
C GLY E 295 2.50 41.33 -34.92
N GLN E 296 3.47 40.44 -35.06
CA GLN E 296 4.84 40.79 -34.68
C GLN E 296 5.44 41.79 -35.68
N ASN E 297 4.75 41.99 -36.79
CA ASN E 297 5.13 43.02 -37.75
C ASN E 297 4.18 44.21 -37.67
N GLY E 298 3.44 44.28 -36.57
CA GLY E 298 2.50 45.37 -36.40
C GLY E 298 1.22 45.11 -37.17
N ILE E 299 0.75 46.12 -37.88
CA ILE E 299 -0.48 46.00 -38.64
C ILE E 299 -0.21 45.49 -40.05
N SER E 300 -0.62 44.25 -40.30
CA SER E 300 -0.33 43.59 -41.57
C SER E 300 -1.52 43.67 -42.50
N ASP E 301 -2.71 43.79 -41.92
CA ASP E 301 -3.94 43.70 -42.70
C ASP E 301 -5.01 44.56 -42.04
N VAL E 302 -5.97 44.99 -42.85
CA VAL E 302 -7.08 45.78 -42.36
C VAL E 302 -8.39 45.14 -42.78
N VAL E 303 -9.34 45.07 -41.84
CA VAL E 303 -10.65 44.55 -42.18
C VAL E 303 -11.44 45.68 -42.81
N LYS E 304 -11.99 45.42 -43.99
CA LYS E 304 -12.81 46.41 -44.67
C LYS E 304 -14.25 46.26 -44.19
N VAL E 305 -14.69 47.22 -43.38
CA VAL E 305 -16.04 47.18 -42.84
C VAL E 305 -17.02 47.85 -43.79
N THR E 306 -18.19 47.23 -43.96
CA THR E 306 -19.24 47.82 -44.79
C THR E 306 -19.99 48.90 -44.01
N LEU E 307 -19.76 50.15 -44.39
CA LEU E 307 -20.36 51.27 -43.67
C LEU E 307 -21.54 51.82 -44.44
N THR E 308 -22.45 52.48 -43.74
CA THR E 308 -23.52 53.21 -44.43
C THR E 308 -22.89 54.39 -45.16
N SER E 309 -23.71 55.15 -45.88
CA SER E 309 -23.21 56.36 -46.55
C SER E 309 -22.84 57.39 -45.50
N GLU E 310 -23.71 57.56 -44.51
CA GLU E 310 -23.49 58.52 -43.45
C GLU E 310 -22.24 58.19 -42.63
N GLU E 311 -22.03 56.90 -42.37
CA GLU E 311 -20.85 56.47 -41.63
C GLU E 311 -19.60 56.78 -42.44
N GLU E 312 -19.63 56.41 -43.72
CA GLU E 312 -18.49 56.64 -44.59
C GLU E 312 -18.21 58.13 -44.77
N ALA E 313 -19.26 58.94 -44.61
CA ALA E 313 -19.13 60.39 -44.68
C ALA E 313 -18.48 60.95 -43.42
N HIS E 314 -18.69 60.27 -42.30
CA HIS E 314 -18.07 60.70 -41.05
C HIS E 314 -16.56 60.58 -41.14
N LEU E 315 -16.09 59.40 -41.54
CA LEU E 315 -14.66 59.13 -41.62
C LEU E 315 -13.99 60.07 -42.62
N LYS E 316 -14.79 60.60 -43.54
CA LYS E 316 -14.31 61.62 -44.46
C LYS E 316 -14.12 62.95 -43.73
N LYS E 317 -15.14 63.40 -43.02
CA LYS E 317 -15.05 64.67 -42.31
C LYS E 317 -13.93 64.63 -41.29
N SER E 318 -13.69 63.44 -40.72
CA SER E 318 -12.64 63.27 -39.73
C SER E 318 -11.26 63.30 -40.39
N ALA E 319 -11.14 62.68 -41.56
CA ALA E 319 -9.90 62.71 -42.32
C ALA E 319 -9.53 64.14 -42.69
N ASP E 320 -10.53 64.94 -43.05
CA ASP E 320 -10.33 66.34 -43.42
C ASP E 320 -9.86 67.14 -42.22
N THR E 321 -10.49 66.88 -41.08
CA THR E 321 -10.18 67.60 -39.86
C THR E 321 -8.75 67.30 -39.44
N LEU E 322 -8.40 66.02 -39.46
CA LEU E 322 -7.07 65.60 -39.05
C LEU E 322 -6.03 66.21 -39.97
N TRP E 323 -6.21 66.02 -41.28
CA TRP E 323 -5.27 66.55 -42.25
C TRP E 323 -5.13 68.06 -42.10
N GLY E 324 -6.22 68.72 -41.77
CA GLY E 324 -6.18 70.17 -41.59
C GLY E 324 -5.26 70.58 -40.47
N ILE E 325 -5.44 69.96 -39.30
CA ILE E 325 -4.63 70.26 -38.13
C ILE E 325 -3.16 69.95 -38.41
N GLN E 326 -2.92 68.85 -39.11
CA GLN E 326 -1.55 68.40 -39.35
C GLN E 326 -0.81 69.33 -40.29
N LYS E 327 -1.54 69.98 -41.21
CA LYS E 327 -0.93 70.94 -42.13
C LYS E 327 -0.44 72.18 -41.40
N GLU E 328 -1.00 72.44 -40.23
CA GLU E 328 -0.64 73.64 -39.46
C GLU E 328 0.42 73.36 -38.41
N LEU E 329 0.94 72.13 -38.39
CA LEU E 329 1.97 71.76 -37.42
C LEU E 329 3.35 72.01 -38.01
N GLN E 330 4.30 72.39 -37.16
CA GLN E 330 5.65 72.67 -37.64
C GLN E 330 6.71 71.66 -37.22
N PHE E 331 7.15 70.86 -38.18
CA PHE E 331 8.26 69.92 -37.98
C PHE E 331 9.59 70.62 -38.20
N ALA F 1 -14.03 38.42 -56.71
CA ALA F 1 -12.95 38.51 -55.69
C ALA F 1 -13.20 37.51 -54.56
N ALA F 2 -12.12 36.89 -54.08
CA ALA F 2 -12.22 35.91 -52.99
C ALA F 2 -12.76 36.57 -51.74
N LEU F 3 -13.58 35.83 -50.99
CA LEU F 3 -14.22 36.37 -49.79
C LEU F 3 -13.22 37.04 -48.87
N LYS F 4 -12.09 36.37 -48.63
CA LYS F 4 -11.05 36.89 -47.77
C LYS F 4 -10.56 38.24 -48.27
N ASP F 5 -10.51 38.39 -49.59
CA ASP F 5 -10.07 39.63 -50.22
C ASP F 5 -11.11 40.74 -50.08
N GLN F 6 -12.39 40.38 -50.10
CA GLN F 6 -13.43 41.37 -49.85
C GLN F 6 -13.39 41.84 -48.40
N LEU F 7 -13.24 40.90 -47.48
CA LEU F 7 -13.25 41.21 -46.06
C LEU F 7 -11.98 41.94 -45.63
N ILE F 8 -10.84 41.51 -46.17
CA ILE F 8 -9.56 41.98 -45.67
C ILE F 8 -8.65 42.56 -46.75
N HIS F 9 -8.15 43.76 -46.48
CA HIS F 9 -7.14 44.37 -47.35
C HIS F 9 -5.74 44.10 -46.81
N ASN F 10 -4.90 43.48 -47.64
CA ASN F 10 -3.55 43.14 -47.25
C ASN F 10 -2.61 44.34 -47.38
N LEU F 11 -1.66 44.45 -46.46
CA LEU F 11 -0.74 45.58 -46.45
C LEU F 11 0.71 45.11 -46.38
N LEU F 12 0.95 43.98 -45.72
CA LEU F 12 2.29 43.46 -45.60
C LEU F 12 2.43 42.11 -46.28
N LYS F 13 3.52 41.93 -47.02
CA LYS F 13 3.94 40.60 -47.46
C LYS F 13 4.82 40.01 -46.36
N GLU F 14 4.56 38.76 -46.00
CA GLU F 14 5.09 38.17 -44.78
C GLU F 14 4.64 38.98 -43.56
N VAL F 17 9.27 34.33 -40.04
CA VAL F 17 10.40 34.24 -39.11
C VAL F 17 9.96 34.31 -37.63
N PRO F 18 9.92 33.15 -36.95
CA PRO F 18 9.45 33.03 -35.57
C PRO F 18 10.47 33.50 -34.53
N GLN F 19 9.98 34.09 -33.44
CA GLN F 19 10.85 34.76 -32.49
C GLN F 19 11.06 33.99 -31.19
N ASN F 20 10.09 33.20 -30.78
CA ASN F 20 10.21 32.43 -29.54
C ASN F 20 9.75 31.01 -29.77
N LYS F 21 10.44 30.32 -30.67
CA LYS F 21 9.96 29.05 -31.19
C LYS F 21 10.52 27.90 -30.35
N ILE F 22 9.65 26.97 -29.99
CA ILE F 22 10.08 25.77 -29.28
C ILE F 22 9.72 24.54 -30.11
N THR F 23 10.66 23.60 -30.18
CA THR F 23 10.40 22.31 -30.81
C THR F 23 10.41 21.19 -29.80
N VAL F 24 9.47 20.26 -29.93
CA VAL F 24 9.48 19.04 -29.13
C VAL F 24 9.66 17.84 -30.06
N VAL F 25 10.72 17.08 -29.84
CA VAL F 25 11.03 15.92 -30.65
C VAL F 25 10.56 14.66 -29.93
N GLY F 26 9.61 13.97 -30.54
CA GLY F 26 8.98 12.83 -29.89
C GLY F 26 7.62 13.18 -29.35
N VAL F 27 6.59 12.52 -29.86
CA VAL F 27 5.23 12.86 -29.49
C VAL F 27 4.53 11.72 -28.76
N GLY F 28 5.30 10.99 -27.96
CA GLY F 28 4.68 10.06 -27.04
C GLY F 28 4.13 10.82 -25.84
N ALA F 29 3.81 10.09 -24.79
CA ALA F 29 3.12 10.67 -23.65
C ALA F 29 3.96 11.77 -23.00
N VAL F 30 5.27 11.56 -22.89
CA VAL F 30 6.12 12.59 -22.33
C VAL F 30 6.20 13.84 -23.21
N GLY F 31 6.55 13.66 -24.49
CA GLY F 31 6.65 14.80 -25.39
C GLY F 31 5.38 15.65 -25.44
N MET F 32 4.23 14.99 -25.48
CA MET F 32 2.96 15.70 -25.56
C MET F 32 2.61 16.36 -24.23
N ALA F 33 3.12 15.79 -23.14
CA ALA F 33 2.90 16.39 -21.82
C ALA F 33 3.70 17.69 -21.73
N CYS F 34 4.93 17.65 -22.25
CA CYS F 34 5.72 18.85 -22.40
C CYS F 34 5.03 19.88 -23.29
N ALA F 35 4.47 19.41 -24.41
CA ALA F 35 3.84 20.30 -25.38
C ALA F 35 2.66 21.04 -24.74
N ILE F 36 1.74 20.29 -24.16
CA ILE F 36 0.55 20.92 -23.63
C ILE F 36 0.92 21.89 -22.50
N SER F 37 1.89 21.52 -21.69
CA SER F 37 2.35 22.38 -20.60
C SER F 37 2.95 23.68 -21.11
N ILE F 38 3.83 23.58 -22.11
CA ILE F 38 4.40 24.77 -22.71
C ILE F 38 3.33 25.65 -23.37
N LEU F 39 2.38 25.01 -24.04
CA LEU F 39 1.27 25.75 -24.65
C LEU F 39 0.49 26.53 -23.60
N MET F 40 0.20 25.90 -22.47
CA MET F 40 -0.63 26.59 -21.48
C MET F 40 0.12 27.56 -20.60
N LYS F 41 1.44 27.62 -20.74
CA LYS F 41 2.22 28.65 -20.08
C LYS F 41 2.66 29.77 -21.03
N ASP F 42 2.25 29.68 -22.30
CA ASP F 42 2.50 30.75 -23.27
C ASP F 42 3.99 31.06 -23.40
N LEU F 43 4.82 30.03 -23.52
CA LEU F 43 6.26 30.24 -23.55
C LEU F 43 6.78 30.43 -24.98
N ALA F 44 5.97 30.09 -25.98
CA ALA F 44 6.42 30.12 -27.37
C ALA F 44 5.40 30.81 -28.27
N ASP F 45 5.87 31.38 -29.39
CA ASP F 45 4.95 31.88 -30.41
C ASP F 45 4.78 30.88 -31.54
N GLU F 46 5.62 29.85 -31.54
CA GLU F 46 5.48 28.78 -32.52
C GLU F 46 5.96 27.47 -31.90
N LEU F 47 5.16 26.43 -32.09
CA LEU F 47 5.47 25.11 -31.57
C LEU F 47 5.62 24.10 -32.70
N ALA F 48 6.73 23.38 -32.72
CA ALA F 48 6.97 22.37 -33.73
C ALA F 48 7.14 20.99 -33.11
N LEU F 49 6.45 20.02 -33.69
CA LEU F 49 6.52 18.63 -33.27
C LEU F 49 7.23 17.81 -34.34
N VAL F 50 8.08 16.88 -33.90
CA VAL F 50 8.70 15.95 -34.84
C VAL F 50 8.72 14.53 -34.29
N ASP F 51 8.43 13.58 -35.17
CA ASP F 51 8.51 12.17 -34.82
C ASP F 51 8.65 11.38 -36.12
N VAL F 52 8.93 10.09 -36.03
CA VAL F 52 8.94 9.22 -37.20
C VAL F 52 7.58 8.59 -37.47
N MET F 53 6.72 8.52 -36.47
CA MET F 53 5.37 8.00 -36.65
C MET F 53 4.45 9.09 -37.21
N GLU F 54 4.28 9.08 -38.53
CA GLU F 54 3.73 10.23 -39.23
C GLU F 54 2.25 10.50 -38.93
N ASP F 55 1.46 9.43 -38.77
CA ASP F 55 0.05 9.61 -38.47
C ASP F 55 -0.14 10.14 -37.05
N LYS F 56 0.50 9.47 -36.10
CA LYS F 56 0.44 9.90 -34.72
C LYS F 56 0.83 11.37 -34.64
N LEU F 57 1.92 11.71 -35.29
CA LEU F 57 2.44 13.07 -35.31
C LEU F 57 1.39 14.05 -35.84
N LYS F 58 0.82 13.75 -37.00
CA LYS F 58 -0.20 14.62 -37.57
C LYS F 58 -1.43 14.69 -36.66
N GLY F 59 -1.81 13.55 -36.10
CA GLY F 59 -2.94 13.51 -35.18
C GLY F 59 -2.77 14.39 -33.96
N GLU F 60 -1.57 14.38 -33.38
CA GLU F 60 -1.28 15.23 -32.21
C GLU F 60 -1.29 16.71 -32.57
N MET F 61 -0.63 17.06 -33.68
CA MET F 61 -0.61 18.44 -34.15
C MET F 61 -2.03 18.96 -34.35
N MET F 62 -2.86 18.17 -35.03
CA MET F 62 -4.22 18.58 -35.33
C MET F 62 -5.06 18.75 -34.06
N ASP F 63 -4.89 17.84 -33.11
CA ASP F 63 -5.64 17.91 -31.85
C ASP F 63 -5.27 19.21 -31.14
N LEU F 64 -3.99 19.53 -31.10
CA LEU F 64 -3.53 20.78 -30.49
C LEU F 64 -4.11 21.97 -31.22
N GLN F 65 -4.05 21.93 -32.56
CA GLN F 65 -4.54 23.04 -33.37
C GLN F 65 -6.01 23.34 -33.14
N HIS F 66 -6.82 22.32 -32.92
CA HIS F 66 -8.25 22.54 -32.69
C HIS F 66 -8.48 23.22 -31.36
N GLY F 67 -7.41 23.35 -30.58
CA GLY F 67 -7.50 24.05 -29.32
C GLY F 67 -7.09 25.51 -29.40
N SER F 68 -6.86 26.01 -30.62
CA SER F 68 -6.24 27.33 -30.81
C SER F 68 -7.04 28.45 -30.18
N LEU F 69 -8.35 28.36 -30.27
CA LEU F 69 -9.23 29.36 -29.67
C LEU F 69 -8.88 29.58 -28.20
N PHE F 70 -8.40 28.52 -27.54
CA PHE F 70 -8.15 28.56 -26.11
C PHE F 70 -6.68 28.80 -25.75
N LEU F 71 -5.84 28.98 -26.78
CA LEU F 71 -4.41 29.16 -26.54
C LEU F 71 -3.95 30.52 -27.01
N ARG F 72 -2.67 30.82 -26.79
CA ARG F 72 -2.06 32.05 -27.26
C ARG F 72 -0.74 31.73 -27.94
N THR F 73 -0.73 30.63 -28.68
CA THR F 73 0.42 30.19 -29.44
C THR F 73 -0.05 29.93 -30.86
N PRO F 74 0.09 30.93 -31.74
CA PRO F 74 -0.64 31.04 -33.01
C PRO F 74 -0.22 30.03 -34.07
N LYS F 75 0.99 29.52 -33.99
CA LYS F 75 1.48 28.59 -34.99
C LYS F 75 1.95 27.29 -34.36
N ILE F 76 1.32 26.20 -34.75
CA ILE F 76 1.77 24.88 -34.34
C ILE F 76 1.96 24.07 -35.62
N VAL F 77 3.17 23.55 -35.82
CA VAL F 77 3.48 22.80 -37.02
C VAL F 77 4.05 21.44 -36.68
N SER F 78 4.06 20.54 -37.65
CA SER F 78 4.67 19.23 -37.45
C SER F 78 5.14 18.64 -38.76
N GLY F 79 6.11 17.74 -38.66
CA GLY F 79 6.56 17.02 -39.83
C GLY F 79 7.70 16.08 -39.49
N LYS F 80 7.82 15.00 -40.26
CA LYS F 80 8.93 14.08 -40.15
C LYS F 80 10.22 14.80 -40.53
N ASP F 81 10.08 15.83 -41.36
CA ASP F 81 11.24 16.54 -41.87
C ASP F 81 11.57 17.74 -40.99
N TYR F 82 12.84 17.83 -40.59
CA TYR F 82 13.26 18.79 -39.58
C TYR F 82 13.26 20.23 -40.06
N SER F 83 12.88 20.45 -41.31
CA SER F 83 12.79 21.81 -41.82
C SER F 83 11.72 22.58 -41.04
N VAL F 84 10.76 21.85 -40.47
CA VAL F 84 9.66 22.46 -39.73
C VAL F 84 10.10 23.01 -38.38
N THR F 85 11.32 22.65 -37.96
CA THR F 85 11.82 23.08 -36.66
C THR F 85 12.84 24.23 -36.76
N ALA F 86 13.04 24.73 -37.97
CA ALA F 86 14.06 25.76 -38.20
C ALA F 86 13.88 26.93 -37.25
N ASN F 87 15.00 27.47 -36.76
CA ASN F 87 15.01 28.69 -35.99
C ASN F 87 14.30 28.58 -34.64
N SER F 88 14.39 27.41 -34.01
CA SER F 88 13.90 27.23 -32.65
C SER F 88 14.91 27.79 -31.66
N LYS F 89 14.44 28.49 -30.62
CA LYS F 89 15.32 28.92 -29.55
C LYS F 89 15.60 27.71 -28.66
N LEU F 90 14.61 26.80 -28.61
CA LEU F 90 14.66 25.68 -27.69
C LEU F 90 14.15 24.39 -28.33
N VAL F 91 14.94 23.34 -28.22
CA VAL F 91 14.58 22.04 -28.76
C VAL F 91 14.66 21.00 -27.67
N ILE F 92 13.54 20.34 -27.40
CA ILE F 92 13.43 19.38 -26.31
C ILE F 92 13.38 17.96 -26.86
N ILE F 93 14.32 17.13 -26.43
CA ILE F 93 14.43 15.77 -26.95
C ILE F 93 13.75 14.78 -26.03
N THR F 94 12.67 14.17 -26.51
CA THR F 94 12.00 13.12 -25.76
C THR F 94 11.92 11.83 -26.57
N ALA F 95 12.80 11.71 -27.57
CA ALA F 95 12.82 10.53 -28.43
C ALA F 95 13.52 9.37 -27.74
N GLY F 96 13.01 8.17 -27.96
CA GLY F 96 13.66 6.99 -27.39
C GLY F 96 13.27 5.71 -28.08
N ALA F 97 14.11 4.69 -27.93
CA ALA F 97 13.79 3.35 -28.42
C ALA F 97 13.06 2.57 -27.34
N ARG F 98 11.93 1.97 -27.69
CA ARG F 98 11.21 1.17 -26.71
C ARG F 98 11.92 -0.15 -26.49
N GLN F 99 12.14 -0.49 -25.23
CA GLN F 99 12.92 -1.67 -24.88
C GLN F 99 12.22 -2.94 -25.34
N GLN F 100 13.01 -3.93 -25.72
CA GLN F 100 12.47 -5.20 -26.18
C GLN F 100 13.32 -6.34 -25.62
N GLU F 101 12.81 -7.56 -25.76
CA GLU F 101 13.46 -8.77 -25.26
C GLU F 101 14.93 -8.62 -24.91
N GLY F 102 15.34 -9.22 -23.80
CA GLY F 102 16.75 -9.29 -23.48
C GLY F 102 17.53 -9.73 -24.70
N GLU F 103 18.82 -9.43 -24.76
CA GLU F 103 19.48 -8.65 -23.72
C GLU F 103 19.12 -7.17 -23.83
N SER F 104 20.13 -6.34 -23.58
CA SER F 104 20.10 -4.89 -23.82
C SER F 104 20.55 -4.10 -22.60
N ARG F 105 19.76 -3.09 -22.25
CA ARG F 105 20.21 -1.99 -21.42
C ARG F 105 21.35 -1.24 -22.12
N LEU F 106 22.55 -1.80 -22.07
CA LEU F 106 23.65 -1.20 -22.80
C LEU F 106 23.34 -1.24 -24.30
N ASN F 107 22.53 -2.21 -24.71
CA ASN F 107 22.06 -2.29 -26.09
C ASN F 107 20.91 -1.34 -26.36
N LEU F 108 20.04 -1.18 -25.38
CA LEU F 108 18.93 -0.24 -25.49
C LEU F 108 19.51 1.16 -25.58
N VAL F 109 20.51 1.42 -24.76
CA VAL F 109 21.17 2.72 -24.78
C VAL F 109 21.79 2.95 -26.15
N GLN F 110 22.41 1.92 -26.71
CA GLN F 110 23.05 2.04 -28.02
C GLN F 110 22.03 2.46 -29.07
N ARG F 111 20.85 1.88 -29.00
CA ARG F 111 19.81 2.22 -29.96
C ARG F 111 19.29 3.64 -29.74
N ASN F 112 19.30 4.11 -28.50
CA ASN F 112 18.98 5.50 -28.23
C ASN F 112 20.07 6.41 -28.79
N VAL F 113 21.33 6.00 -28.70
CA VAL F 113 22.40 6.75 -29.33
C VAL F 113 22.25 6.80 -30.85
N ASN F 114 21.87 5.69 -31.46
CA ASN F 114 21.71 5.64 -32.91
C ASN F 114 20.54 6.54 -33.32
N ILE F 115 19.54 6.66 -32.46
CA ILE F 115 18.43 7.57 -32.73
C ILE F 115 18.93 9.01 -32.72
N PHE F 116 19.71 9.35 -31.71
CA PHE F 116 20.22 10.70 -31.56
C PHE F 116 21.20 11.02 -32.70
N LYS F 117 21.92 10.00 -33.15
CA LYS F 117 22.85 10.17 -34.26
C LYS F 117 22.10 10.64 -35.50
N PHE F 118 20.84 10.23 -35.62
CA PHE F 118 20.01 10.71 -36.71
C PHE F 118 19.32 12.04 -36.36
N ILE F 119 18.89 12.18 -35.12
CA ILE F 119 18.08 13.34 -34.72
C ILE F 119 18.90 14.63 -34.53
N ILE F 120 19.95 14.56 -33.72
CA ILE F 120 20.62 15.78 -33.30
C ILE F 120 21.21 16.56 -34.49
N PRO F 121 21.86 15.86 -35.44
CA PRO F 121 22.43 16.56 -36.60
C PRO F 121 21.37 17.35 -37.36
N ASN F 122 20.19 16.76 -37.51
CA ASN F 122 19.08 17.44 -38.14
C ASN F 122 18.68 18.68 -37.36
N VAL F 123 18.59 18.56 -36.04
CA VAL F 123 18.23 19.69 -35.19
C VAL F 123 19.27 20.81 -35.28
N VAL F 124 20.54 20.46 -35.21
CA VAL F 124 21.62 21.45 -35.27
C VAL F 124 21.64 22.17 -36.63
N LYS F 125 21.29 21.44 -37.68
CA LYS F 125 21.26 21.99 -39.02
C LYS F 125 20.28 23.15 -39.12
N TYR F 126 19.06 22.93 -38.61
CA TYR F 126 17.98 23.90 -38.81
C TYR F 126 17.83 24.93 -37.69
N SER F 127 18.49 24.69 -36.56
CA SER F 127 18.50 25.67 -35.46
C SER F 127 19.89 25.70 -34.82
N PRO F 128 20.89 26.22 -35.53
CA PRO F 128 22.29 26.16 -35.12
C PRO F 128 22.57 26.83 -33.78
N HIS F 129 21.63 27.67 -33.34
CA HIS F 129 21.87 28.48 -32.15
C HIS F 129 20.96 28.11 -30.97
N CYS F 130 20.14 27.08 -31.15
CA CYS F 130 19.19 26.69 -30.12
C CYS F 130 19.86 26.17 -28.84
N LYS F 131 19.08 26.08 -27.77
CA LYS F 131 19.44 25.28 -26.61
C LYS F 131 18.80 23.90 -26.76
N LEU F 132 19.53 22.85 -26.41
CA LEU F 132 19.00 21.49 -26.42
C LEU F 132 18.65 21.04 -25.01
N LEU F 133 17.40 20.65 -24.79
CA LEU F 133 17.02 20.07 -23.50
C LEU F 133 16.68 18.60 -23.69
N VAL F 134 17.45 17.73 -23.05
CA VAL F 134 17.30 16.30 -23.23
C VAL F 134 16.54 15.69 -22.05
N VAL F 135 15.50 14.93 -22.34
CA VAL F 135 14.66 14.34 -21.29
C VAL F 135 14.73 12.81 -21.34
N SER F 136 15.01 12.27 -22.53
CA SER F 136 15.15 10.82 -22.74
C SER F 136 16.07 10.17 -21.69
N ASN F 137 15.71 8.97 -21.26
CA ASN F 137 16.54 8.21 -20.31
C ASN F 137 17.42 7.17 -21.01
N PRO F 138 18.60 6.87 -20.43
CA PRO F 138 19.13 7.46 -19.20
C PRO F 138 19.64 8.88 -19.47
N VAL F 139 19.10 9.85 -18.74
CA VAL F 139 19.19 11.24 -19.15
C VAL F 139 20.60 11.83 -19.07
N ASP F 140 21.39 11.40 -18.10
CA ASP F 140 22.75 11.92 -17.98
C ASP F 140 23.64 11.41 -19.13
N ILE F 141 23.37 10.19 -19.59
CA ILE F 141 24.10 9.62 -20.71
C ILE F 141 23.64 10.20 -22.05
N LEU F 142 22.33 10.25 -22.24
CA LEU F 142 21.80 10.78 -23.50
C LEU F 142 22.04 12.28 -23.66
N THR F 143 22.22 12.98 -22.54
CA THR F 143 22.54 14.40 -22.62
C THR F 143 23.99 14.59 -23.06
N TYR F 144 24.89 13.77 -22.54
CA TYR F 144 26.26 13.73 -23.00
C TYR F 144 26.35 13.38 -24.49
N VAL F 145 25.55 12.43 -24.92
CA VAL F 145 25.54 12.02 -26.33
C VAL F 145 25.06 13.13 -27.25
N ALA F 146 24.05 13.88 -26.82
CA ALA F 146 23.57 15.02 -27.60
C ALA F 146 24.66 16.09 -27.67
N TRP F 147 25.33 16.28 -26.54
CA TRP F 147 26.42 17.24 -26.46
C TRP F 147 27.45 16.91 -27.52
N LYS F 148 28.06 15.73 -27.39
CA LYS F 148 29.08 15.25 -28.31
C LYS F 148 28.65 15.39 -29.78
N ILE F 149 27.46 14.89 -30.09
CA ILE F 149 26.98 14.85 -31.47
C ILE F 149 26.71 16.24 -32.03
N SER F 150 26.17 17.12 -31.21
CA SER F 150 25.79 18.46 -31.67
C SER F 150 27.02 19.33 -31.90
N GLY F 151 28.06 19.11 -31.10
CA GLY F 151 29.21 19.99 -31.13
C GLY F 151 28.97 21.29 -30.41
N PHE F 152 27.80 21.43 -29.76
CA PHE F 152 27.46 22.66 -29.05
C PHE F 152 28.39 22.90 -27.87
N PRO F 153 28.58 24.18 -27.50
CA PRO F 153 29.21 24.51 -26.22
C PRO F 153 28.32 23.98 -25.08
N LYS F 154 28.94 23.64 -23.96
CA LYS F 154 28.25 22.93 -22.89
C LYS F 154 27.10 23.72 -22.26
N ASN F 155 27.20 25.05 -22.25
CA ASN F 155 26.13 25.85 -21.65
C ASN F 155 24.81 25.66 -22.39
N ARG F 156 24.89 25.22 -23.65
CA ARG F 156 23.70 25.12 -24.48
C ARG F 156 23.07 23.72 -24.51
N VAL F 157 23.66 22.78 -23.79
CA VAL F 157 23.12 21.43 -23.75
C VAL F 157 22.73 21.09 -22.32
N ILE F 158 21.42 20.96 -22.09
CA ILE F 158 20.88 20.74 -20.75
C ILE F 158 20.17 19.39 -20.66
N GLY F 159 20.43 18.64 -19.59
CA GLY F 159 19.66 17.45 -19.33
C GLY F 159 18.72 17.70 -18.16
N SER F 160 17.49 17.18 -18.24
CA SER F 160 16.52 17.44 -17.18
C SER F 160 16.95 16.82 -15.86
N GLY F 161 17.78 15.79 -15.92
CA GLY F 161 18.44 15.29 -14.72
C GLY F 161 17.54 15.11 -13.52
N CYS F 162 17.90 15.74 -12.41
CA CYS F 162 17.18 15.58 -11.15
C CYS F 162 16.14 16.66 -10.86
N ASN F 163 15.62 17.30 -11.91
CA ASN F 163 14.70 18.40 -11.70
C ASN F 163 13.36 17.90 -11.15
N LEU F 164 12.81 16.87 -11.78
CA LEU F 164 11.55 16.29 -11.36
C LEU F 164 11.66 15.62 -9.99
N ASP F 165 12.71 14.82 -9.80
CA ASP F 165 12.92 14.13 -8.54
C ASP F 165 13.06 15.12 -7.39
N SER F 166 13.74 16.24 -7.62
CA SER F 166 13.79 17.26 -6.59
C SER F 166 12.37 17.80 -6.30
N ALA F 167 11.57 17.96 -7.35
CA ALA F 167 10.21 18.45 -7.19
C ALA F 167 9.33 17.47 -6.42
N ARG F 168 9.46 16.19 -6.73
CA ARG F 168 8.75 15.14 -5.99
C ARG F 168 9.21 15.14 -4.55
N PHE F 169 10.51 15.38 -4.34
CA PHE F 169 11.10 15.37 -3.01
C PHE F 169 10.49 16.47 -2.14
N ARG F 170 10.34 17.65 -2.73
CA ARG F 170 9.78 18.77 -2.02
C ARG F 170 8.29 18.53 -1.76
N TYR F 171 7.64 17.82 -2.68
CA TYR F 171 6.24 17.46 -2.50
C TYR F 171 6.07 16.52 -1.30
N LEU F 172 6.91 15.48 -1.24
CA LEU F 172 6.82 14.50 -0.17
C LEU F 172 7.15 15.15 1.16
N MET F 173 8.19 15.98 1.15
CA MET F 173 8.58 16.75 2.32
C MET F 173 7.41 17.61 2.79
N GLY F 174 6.69 18.21 1.85
CA GLY F 174 5.54 19.03 2.19
C GLY F 174 4.39 18.23 2.78
N GLU F 175 4.16 17.03 2.24
CA GLU F 175 3.13 16.15 2.81
C GLU F 175 3.42 15.76 4.25
N ARG F 176 4.68 15.48 4.58
CA ARG F 176 5.06 15.18 5.96
C ARG F 176 4.95 16.39 6.86
N LEU F 177 5.20 17.58 6.32
CA LEU F 177 5.31 18.77 7.17
C LEU F 177 4.06 19.66 7.21
N GLY F 178 3.08 19.38 6.36
CA GLY F 178 1.85 20.15 6.37
C GLY F 178 2.01 21.51 5.70
N VAL F 179 2.88 21.55 4.68
CA VAL F 179 3.34 22.78 4.07
C VAL F 179 3.50 22.59 2.56
N HIS F 180 3.20 23.63 1.79
CA HIS F 180 3.23 23.50 0.33
C HIS F 180 4.66 23.23 -0.16
N ALA F 181 4.78 22.44 -1.22
CA ALA F 181 6.09 22.12 -1.77
C ALA F 181 6.89 23.38 -2.04
N LEU F 182 6.21 24.44 -2.50
CA LEU F 182 6.86 25.72 -2.77
C LEU F 182 7.63 26.25 -1.56
N SER F 183 7.19 25.90 -0.35
CA SER F 183 7.84 26.41 0.84
C SER F 183 8.79 25.39 1.47
N CYS F 184 8.83 24.20 0.90
CA CYS F 184 9.78 23.19 1.37
C CYS F 184 10.98 23.18 0.44
N HIS F 185 12.16 23.30 1.00
CA HIS F 185 13.36 23.31 0.18
C HIS F 185 14.25 22.10 0.45
N GLY F 186 14.81 21.54 -0.63
CA GLY F 186 15.70 20.41 -0.50
C GLY F 186 16.13 19.98 -1.89
N TRP F 187 17.30 19.34 -1.99
CA TRP F 187 17.91 19.13 -3.30
C TRP F 187 18.36 17.69 -3.52
N ILE F 188 17.95 17.13 -4.65
CA ILE F 188 18.46 15.83 -5.09
C ILE F 188 19.47 16.11 -6.20
N LEU F 189 20.71 15.67 -5.99
CA LEU F 189 21.76 15.99 -6.95
C LEU F 189 22.45 14.76 -7.51
N GLY F 190 23.32 15.01 -8.48
CA GLY F 190 24.19 13.97 -8.99
C GLY F 190 23.55 13.19 -10.12
N GLU F 191 23.79 11.88 -10.10
CA GLU F 191 23.32 10.97 -11.14
C GLU F 191 21.84 10.72 -10.98
N HIS F 192 21.06 10.93 -12.04
CA HIS F 192 19.62 10.72 -12.02
C HIS F 192 19.30 9.24 -11.76
N GLY F 193 18.40 8.98 -10.82
CA GLY F 193 18.02 7.61 -10.52
C GLY F 193 18.51 7.09 -9.18
N ASP F 194 18.74 5.77 -9.11
CA ASP F 194 19.12 5.10 -7.86
C ASP F 194 20.28 5.78 -7.16
N SER F 195 21.23 6.29 -7.93
CA SER F 195 22.47 6.81 -7.34
C SER F 195 22.41 8.29 -6.97
N SER F 196 21.24 8.90 -7.16
CA SER F 196 21.09 10.33 -6.89
C SER F 196 21.32 10.64 -5.42
N VAL F 197 21.70 11.88 -5.13
CA VAL F 197 22.14 12.24 -3.78
C VAL F 197 21.19 13.23 -3.11
N PRO F 198 20.52 12.81 -2.03
CA PRO F 198 19.74 13.71 -1.18
C PRO F 198 20.66 14.57 -0.30
N VAL F 199 20.75 15.87 -0.60
CA VAL F 199 21.60 16.75 0.20
C VAL F 199 20.89 17.19 1.49
N TRP F 200 20.98 16.34 2.52
CA TRP F 200 20.21 16.52 3.75
C TRP F 200 20.50 17.86 4.43
N SER F 201 21.75 18.29 4.35
CA SER F 201 22.17 19.52 5.04
C SER F 201 21.48 20.78 4.50
N GLY F 202 20.96 20.71 3.26
CA GLY F 202 20.34 21.89 2.67
C GLY F 202 18.82 21.94 2.84
N MET F 203 18.26 20.87 3.40
CA MET F 203 16.81 20.80 3.56
C MET F 203 16.33 21.74 4.66
N ASN F 204 15.33 22.55 4.35
CA ASN F 204 14.90 23.58 5.28
C ASN F 204 13.51 24.10 4.95
N VAL F 205 12.89 24.75 5.93
CA VAL F 205 11.72 25.57 5.69
C VAL F 205 12.01 26.94 6.26
N ALA F 206 11.81 27.98 5.46
CA ALA F 206 11.95 29.34 5.95
C ALA F 206 13.36 29.57 6.47
N GLY F 207 14.31 28.81 5.93
CA GLY F 207 15.70 29.00 6.32
C GLY F 207 16.09 28.29 7.61
N VAL F 208 15.19 27.47 8.12
CA VAL F 208 15.48 26.69 9.31
C VAL F 208 15.99 25.30 8.88
N SER F 209 17.27 25.05 9.10
CA SER F 209 17.88 23.77 8.73
C SER F 209 17.23 22.61 9.48
N LEU F 210 16.70 21.64 8.74
CA LEU F 210 16.09 20.48 9.37
C LEU F 210 17.15 19.62 10.05
N LYS F 211 18.32 19.54 9.43
CA LYS F 211 19.43 18.75 9.94
C LYS F 211 19.92 19.28 11.29
N THR F 212 19.90 20.60 11.47
CA THR F 212 20.29 21.19 12.75
C THR F 212 19.31 20.84 13.87
N LEU F 213 18.02 20.80 13.55
CA LEU F 213 17.00 20.42 14.51
C LEU F 213 17.04 18.91 14.80
N HIS F 214 17.38 18.15 13.76
CA HIS F 214 17.31 16.70 13.80
C HIS F 214 18.61 16.17 13.19
N PRO F 215 19.67 16.09 14.00
CA PRO F 215 21.01 15.71 13.56
C PRO F 215 21.04 14.36 12.85
N GLU F 216 20.14 13.46 13.21
CA GLU F 216 20.08 12.13 12.60
C GLU F 216 19.44 12.13 11.21
N LEU F 217 19.03 13.31 10.74
CA LEU F 217 18.31 13.41 9.47
C LEU F 217 19.11 12.74 8.34
N GLY F 218 18.49 11.78 7.68
CA GLY F 218 19.15 11.14 6.56
C GLY F 218 20.23 10.14 6.94
N THR F 219 20.33 9.82 8.22
CA THR F 219 21.16 8.69 8.66
C THR F 219 20.29 7.47 8.91
N ASP F 220 20.90 6.30 8.86
CA ASP F 220 20.17 5.05 9.05
C ASP F 220 19.65 4.96 10.48
N ALA F 221 20.29 5.70 11.38
CA ALA F 221 19.90 5.73 12.79
C ALA F 221 18.65 6.58 12.98
N ASP F 222 18.25 7.28 11.94
CA ASP F 222 17.06 8.14 11.99
C ASP F 222 15.82 7.32 12.37
N LYS F 223 15.14 7.73 13.43
CA LYS F 223 13.94 7.04 13.86
C LYS F 223 12.73 7.46 13.03
N GLU F 224 12.86 8.58 12.31
CA GLU F 224 11.78 9.03 11.45
C GLU F 224 12.03 8.59 10.01
N GLN F 225 13.17 7.95 9.79
CA GLN F 225 13.45 7.28 8.51
C GLN F 225 13.25 8.21 7.32
N TRP F 226 13.84 9.40 7.39
CA TRP F 226 13.73 10.34 6.29
C TRP F 226 14.43 9.85 5.03
N LYS F 227 15.45 8.99 5.17
CA LYS F 227 16.05 8.34 4.00
C LYS F 227 15.01 7.67 3.12
N GLN F 228 13.93 7.19 3.72
CA GLN F 228 12.86 6.55 2.97
C GLN F 228 12.19 7.53 2.02
N VAL F 229 12.31 8.82 2.34
CA VAL F 229 11.70 9.84 1.50
C VAL F 229 12.45 9.89 0.18
N HIS F 230 13.79 9.92 0.27
CA HIS F 230 14.64 9.82 -0.91
C HIS F 230 14.31 8.55 -1.70
N LYS F 231 14.19 7.43 -0.99
CA LYS F 231 13.87 6.16 -1.63
C LYS F 231 12.54 6.23 -2.38
N GLN F 232 11.53 6.79 -1.72
CA GLN F 232 10.25 7.08 -2.38
C GLN F 232 10.47 7.87 -3.67
N VAL F 233 11.31 8.89 -3.60
CA VAL F 233 11.57 9.70 -4.77
C VAL F 233 12.18 8.86 -5.88
N VAL F 234 13.19 8.07 -5.52
CA VAL F 234 13.86 7.18 -6.46
C VAL F 234 12.90 6.17 -7.11
N ASP F 235 11.93 5.69 -6.34
CA ASP F 235 10.99 4.68 -6.84
C ASP F 235 9.71 5.23 -7.47
N SER F 236 9.53 6.55 -7.41
CA SER F 236 8.26 7.15 -7.81
C SER F 236 7.88 6.80 -9.25
N ALA F 237 8.84 6.93 -10.17
CA ALA F 237 8.54 6.70 -11.57
C ALA F 237 8.04 5.27 -11.74
N TYR F 238 8.77 4.34 -11.12
CA TYR F 238 8.46 2.94 -11.27
C TYR F 238 7.09 2.62 -10.64
N GLU F 239 6.78 3.23 -9.50
CA GLU F 239 5.47 2.99 -8.88
C GLU F 239 4.34 3.49 -9.77
N VAL F 240 4.51 4.70 -10.32
CA VAL F 240 3.53 5.25 -11.25
C VAL F 240 3.45 4.41 -12.53
N ILE F 241 4.60 3.97 -13.03
CA ILE F 241 4.62 3.10 -14.19
C ILE F 241 3.85 1.80 -13.92
N LYS F 242 4.06 1.20 -12.77
CA LYS F 242 3.32 -0.01 -12.43
C LYS F 242 1.82 0.26 -12.47
N LEU F 243 1.42 1.49 -12.19
CA LEU F 243 0.00 1.81 -12.01
C LEU F 243 -0.68 2.27 -13.30
N LYS F 244 -0.03 3.16 -14.04
CA LYS F 244 -0.65 3.67 -15.25
C LYS F 244 0.16 3.37 -16.52
N GLY F 245 1.36 2.82 -16.36
CA GLY F 245 2.08 2.31 -17.52
C GLY F 245 3.18 3.21 -18.03
N TYR F 246 3.22 4.44 -17.53
CA TYR F 246 4.23 5.43 -17.91
C TYR F 246 3.99 6.61 -16.97
N THR F 247 4.87 7.60 -16.98
CA THR F 247 4.58 8.87 -16.33
C THR F 247 4.56 9.98 -17.39
N THR F 248 3.80 11.04 -17.15
CA THR F 248 3.74 12.12 -18.11
C THR F 248 3.60 13.51 -17.49
N TRP F 249 2.59 13.67 -16.65
CA TRP F 249 2.17 15.00 -16.25
C TRP F 249 3.25 15.74 -15.49
N ALA F 250 3.87 15.09 -14.51
CA ALA F 250 4.87 15.77 -13.69
C ALA F 250 6.11 16.12 -14.51
N ILE F 251 6.55 15.21 -15.36
CA ILE F 251 7.77 15.47 -16.12
C ILE F 251 7.49 16.59 -17.12
N GLY F 252 6.30 16.55 -17.72
CA GLY F 252 5.87 17.62 -18.61
C GLY F 252 5.89 18.98 -17.93
N LEU F 253 5.28 19.06 -16.75
CA LEU F 253 5.27 20.30 -15.97
C LEU F 253 6.69 20.69 -15.58
N SER F 254 7.46 19.68 -15.20
CA SER F 254 8.86 19.85 -14.84
C SER F 254 9.65 20.50 -16.00
N VAL F 255 9.43 19.99 -17.21
CA VAL F 255 10.14 20.50 -18.39
C VAL F 255 9.69 21.91 -18.75
N ALA F 256 8.39 22.15 -18.69
CA ALA F 256 7.85 23.48 -18.96
C ALA F 256 8.52 24.50 -18.02
N ASP F 257 8.79 24.11 -16.78
CA ASP F 257 9.38 25.02 -15.81
C ASP F 257 10.78 25.42 -16.23
N LEU F 258 11.56 24.44 -16.70
CA LEU F 258 12.88 24.71 -17.26
C LEU F 258 12.79 25.60 -18.49
N ALA F 259 11.84 25.26 -19.36
CA ALA F 259 11.60 26.08 -20.55
C ALA F 259 11.35 27.52 -20.14
N GLU F 260 10.62 27.72 -19.05
CA GLU F 260 10.24 29.08 -18.66
C GLU F 260 11.45 29.91 -18.27
N SER F 261 12.36 29.32 -17.49
CA SER F 261 13.58 30.02 -17.12
C SER F 261 14.40 30.39 -18.37
N ILE F 262 14.39 29.53 -19.38
CA ILE F 262 15.20 29.73 -20.58
C ILE F 262 14.61 30.80 -21.49
N MET F 263 13.31 30.70 -21.77
CA MET F 263 12.67 31.61 -22.71
C MET F 263 12.57 33.02 -22.15
N LYS F 264 12.54 33.14 -20.82
CA LYS F 264 12.40 34.44 -20.17
C LYS F 264 13.69 34.83 -19.45
N ASN F 265 14.75 34.04 -19.64
CA ASN F 265 16.06 34.39 -19.09
C ASN F 265 15.94 34.72 -17.60
N LEU F 266 15.24 33.87 -16.85
CA LEU F 266 14.98 34.16 -15.44
C LEU F 266 16.22 34.04 -14.56
N ARG F 267 17.19 33.23 -15.00
CA ARG F 267 18.35 32.95 -14.18
C ARG F 267 17.94 32.40 -12.81
N ARG F 268 17.02 31.44 -12.81
CA ARG F 268 16.68 30.71 -11.59
C ARG F 268 17.67 29.56 -11.43
N VAL F 269 17.74 29.00 -10.22
CA VAL F 269 18.59 27.85 -9.96
C VAL F 269 17.77 26.56 -9.96
N HIS F 270 18.10 25.65 -10.87
CA HIS F 270 17.39 24.39 -10.99
C HIS F 270 18.38 23.24 -10.83
N PRO F 271 17.97 22.16 -10.14
CA PRO F 271 18.78 20.92 -10.13
C PRO F 271 18.67 20.20 -11.48
N ILE F 272 19.54 20.56 -12.41
CA ILE F 272 19.53 19.93 -13.73
C ILE F 272 20.92 19.43 -14.11
N SER F 273 20.96 18.54 -15.09
CA SER F 273 22.20 17.86 -15.45
C SER F 273 23.06 18.68 -16.41
N THR F 274 24.30 18.93 -16.02
CA THR F 274 25.21 19.78 -16.79
C THR F 274 26.57 19.10 -16.96
N MET F 275 27.37 19.54 -17.92
CA MET F 275 28.73 19.01 -18.07
C MET F 275 29.58 19.58 -16.95
N LEU F 276 29.92 18.76 -15.96
CA LEU F 276 30.54 19.29 -14.75
C LEU F 276 32.02 18.96 -14.58
N LYS F 277 32.65 18.44 -15.63
CA LYS F 277 34.09 18.21 -15.54
C LYS F 277 34.75 19.49 -15.06
N GLY F 278 35.64 19.36 -14.08
CA GLY F 278 36.31 20.52 -13.54
C GLY F 278 35.65 21.05 -12.29
N LEU F 279 34.44 20.59 -12.00
CA LEU F 279 33.72 20.99 -10.79
C LEU F 279 33.39 19.77 -9.93
N TYR F 280 33.25 20.01 -8.63
CA TYR F 280 32.84 18.96 -7.70
C TYR F 280 33.83 17.80 -7.63
N GLY F 281 35.09 18.09 -7.97
CA GLY F 281 36.13 17.08 -7.86
C GLY F 281 36.11 16.09 -9.01
N ILE F 282 35.33 16.40 -10.04
CA ILE F 282 35.14 15.47 -11.15
C ILE F 282 36.06 15.76 -12.33
N LYS F 283 36.60 14.69 -12.91
CA LYS F 283 37.71 14.79 -13.84
C LYS F 283 37.31 14.42 -15.25
N GLU F 284 36.13 13.83 -15.40
CA GLU F 284 35.70 13.29 -16.68
C GLU F 284 34.60 14.11 -17.35
N ASP F 285 34.51 14.00 -18.67
CA ASP F 285 33.42 14.62 -19.41
C ASP F 285 32.14 13.86 -19.16
N VAL F 286 31.41 14.23 -18.12
CA VAL F 286 30.13 13.61 -17.81
C VAL F 286 29.13 14.63 -17.28
N PHE F 287 27.85 14.33 -17.43
CA PHE F 287 26.80 15.21 -16.95
C PHE F 287 26.21 14.72 -15.63
N LEU F 288 26.23 15.59 -14.62
CA LEU F 288 25.56 15.33 -13.35
C LEU F 288 24.66 16.49 -12.96
N SER F 289 23.64 16.22 -12.14
CA SER F 289 22.78 17.29 -11.66
C SER F 289 23.42 18.05 -10.51
N VAL F 290 23.47 19.37 -10.66
CA VAL F 290 23.88 20.29 -9.61
C VAL F 290 23.00 21.53 -9.76
N PRO F 291 22.98 22.42 -8.76
CA PRO F 291 22.16 23.62 -8.91
C PRO F 291 22.73 24.57 -9.98
N CYS F 292 22.06 24.64 -11.13
CA CYS F 292 22.52 25.46 -12.24
C CYS F 292 21.69 26.73 -12.41
N VAL F 293 22.35 27.87 -12.65
CA VAL F 293 21.63 29.07 -13.03
C VAL F 293 21.21 28.96 -14.49
N LEU F 294 19.90 28.96 -14.73
CA LEU F 294 19.36 28.72 -16.06
C LEU F 294 18.79 29.99 -16.68
N GLY F 295 19.24 30.32 -17.88
CA GLY F 295 18.78 31.52 -18.55
C GLY F 295 18.76 31.41 -20.07
N GLN F 296 18.81 32.55 -20.75
CA GLN F 296 18.65 32.58 -22.21
C GLN F 296 19.88 31.98 -22.90
N ASN F 297 20.96 31.80 -22.17
CA ASN F 297 22.14 31.17 -22.75
C ASN F 297 22.40 29.79 -22.16
N GLY F 298 21.34 29.11 -21.74
CA GLY F 298 21.50 27.82 -21.09
C GLY F 298 22.05 27.95 -19.68
N ILE F 299 22.97 27.04 -19.32
CA ILE F 299 23.56 27.04 -17.99
C ILE F 299 24.82 27.91 -18.00
N SER F 300 24.78 29.01 -17.25
CA SER F 300 25.88 29.98 -17.25
C SER F 300 26.70 29.90 -15.97
N ASP F 301 26.09 29.40 -14.91
CA ASP F 301 26.75 29.30 -13.61
C ASP F 301 26.24 28.06 -12.92
N VAL F 302 27.06 27.52 -12.00
CA VAL F 302 26.59 26.47 -11.11
C VAL F 302 26.90 26.83 -9.66
N VAL F 303 25.96 26.53 -8.77
CA VAL F 303 26.17 26.74 -7.36
C VAL F 303 27.09 25.63 -6.85
N LYS F 304 28.08 26.01 -6.06
CA LYS F 304 28.95 25.01 -5.45
C LYS F 304 28.40 24.62 -4.09
N VAL F 305 27.72 23.48 -4.05
CA VAL F 305 27.18 22.98 -2.79
C VAL F 305 28.33 22.41 -1.96
N THR F 306 28.35 22.74 -0.67
CA THR F 306 29.30 22.12 0.23
C THR F 306 28.85 20.70 0.57
N LEU F 307 29.58 19.71 0.09
CA LEU F 307 29.21 18.32 0.32
C LEU F 307 30.07 17.71 1.41
N THR F 308 29.58 16.65 2.04
CA THR F 308 30.38 15.87 2.97
C THR F 308 31.33 14.98 2.18
N SER F 309 32.25 14.34 2.88
CA SER F 309 33.18 13.40 2.25
C SER F 309 32.41 12.33 1.48
N GLU F 310 31.38 11.78 2.11
CA GLU F 310 30.61 10.70 1.50
C GLU F 310 29.90 11.16 0.24
N GLU F 311 29.22 12.31 0.34
CA GLU F 311 28.50 12.86 -0.81
C GLU F 311 29.45 13.11 -1.96
N GLU F 312 30.63 13.68 -1.66
CA GLU F 312 31.65 13.92 -2.68
C GLU F 312 32.02 12.61 -3.36
N ALA F 313 32.16 11.56 -2.56
CA ALA F 313 32.53 10.24 -3.07
C ALA F 313 31.46 9.67 -3.98
N HIS F 314 30.20 9.78 -3.56
CA HIS F 314 29.08 9.27 -4.36
C HIS F 314 29.12 9.83 -5.77
N LEU F 315 29.31 11.15 -5.88
CA LEU F 315 29.33 11.80 -7.18
C LEU F 315 30.49 11.27 -8.01
N LYS F 316 31.66 11.15 -7.40
CA LYS F 316 32.82 10.66 -8.13
C LYS F 316 32.57 9.27 -8.68
N LYS F 317 32.05 8.37 -7.84
CA LYS F 317 31.71 7.03 -8.31
C LYS F 317 30.73 7.10 -9.46
N SER F 318 29.81 8.07 -9.40
CA SER F 318 28.84 8.26 -10.47
C SER F 318 29.51 8.75 -11.75
N ALA F 319 30.41 9.72 -11.61
CA ALA F 319 31.18 10.19 -12.74
C ALA F 319 31.94 9.02 -13.38
N ASP F 320 32.58 8.21 -12.53
CA ASP F 320 33.33 7.04 -12.98
C ASP F 320 32.45 6.06 -13.74
N THR F 321 31.32 5.71 -13.14
CA THR F 321 30.38 4.79 -13.75
C THR F 321 29.86 5.33 -15.07
N LEU F 322 29.51 6.61 -15.09
CA LEU F 322 28.97 7.23 -16.29
C LEU F 322 29.99 7.25 -17.42
N TRP F 323 31.25 7.53 -17.07
CA TRP F 323 32.32 7.55 -18.05
C TRP F 323 32.49 6.15 -18.67
N GLY F 324 32.36 5.13 -17.83
CA GLY F 324 32.54 3.76 -18.30
C GLY F 324 31.52 3.33 -19.34
N ILE F 325 30.28 3.78 -19.18
CA ILE F 325 29.23 3.46 -20.13
C ILE F 325 29.41 4.25 -21.42
N GLN F 326 29.92 5.46 -21.30
CA GLN F 326 30.12 6.31 -22.47
C GLN F 326 31.24 5.76 -23.35
N LYS F 327 32.22 5.11 -22.73
CA LYS F 327 33.32 4.50 -23.47
C LYS F 327 32.81 3.30 -24.28
N GLU F 328 31.72 2.70 -23.82
CA GLU F 328 31.12 1.56 -24.49
C GLU F 328 30.34 1.98 -25.74
N LEU F 329 29.99 3.25 -25.81
CA LEU F 329 29.08 3.71 -26.85
C LEU F 329 29.77 3.88 -28.20
N GLN F 330 29.01 3.62 -29.26
CA GLN F 330 29.51 3.81 -30.62
C GLN F 330 28.84 5.02 -31.25
N PHE F 331 29.64 6.01 -31.62
CA PHE F 331 29.11 7.21 -32.26
C PHE F 331 29.32 7.15 -33.77
N ALA G 1 -41.30 44.25 -26.87
CA ALA G 1 -40.32 43.68 -25.88
C ALA G 1 -38.96 44.34 -26.03
N ALA G 2 -38.28 44.55 -24.91
CA ALA G 2 -36.99 45.22 -24.93
C ALA G 2 -36.02 44.39 -25.77
N LEU G 3 -35.00 45.06 -26.30
CA LEU G 3 -34.00 44.39 -27.10
C LEU G 3 -33.42 43.21 -26.31
N LYS G 4 -33.15 43.43 -25.04
CA LYS G 4 -32.57 42.39 -24.21
C LYS G 4 -33.43 41.13 -24.20
N ASP G 5 -34.74 41.31 -24.09
CA ASP G 5 -35.67 40.19 -23.95
C ASP G 5 -35.93 39.52 -25.31
N GLN G 6 -35.91 40.30 -26.38
CA GLN G 6 -35.88 39.70 -27.71
C GLN G 6 -34.65 38.81 -27.87
N LEU G 7 -33.51 39.30 -27.39
CA LEU G 7 -32.24 38.62 -27.56
C LEU G 7 -32.08 37.43 -26.62
N ILE G 8 -32.48 37.61 -25.37
CA ILE G 8 -32.18 36.64 -24.33
C ILE G 8 -33.41 36.14 -23.60
N HIS G 9 -33.53 34.82 -23.46
CA HIS G 9 -34.59 34.26 -22.66
C HIS G 9 -34.06 33.84 -21.30
N ASN G 10 -34.62 34.43 -20.25
CA ASN G 10 -34.22 34.13 -18.89
C ASN G 10 -34.84 32.83 -18.39
N LEU G 11 -34.01 31.94 -17.86
CA LEU G 11 -34.46 30.62 -17.41
C LEU G 11 -34.34 30.44 -15.90
N LEU G 12 -33.66 31.37 -15.22
CA LEU G 12 -33.33 31.18 -13.82
C LEU G 12 -33.44 32.51 -13.07
N LYS G 13 -33.94 32.47 -11.84
CA LYS G 13 -34.07 33.69 -11.04
C LYS G 13 -32.75 34.12 -10.41
N GLU G 14 -32.50 35.43 -10.47
CA GLU G 14 -31.29 36.05 -9.91
C GLU G 14 -30.89 35.47 -8.57
N GLU G 15 -29.58 35.49 -8.30
CA GLU G 15 -29.01 34.92 -7.09
C GLU G 15 -27.57 35.34 -6.96
N HIS G 16 -27.30 36.63 -6.77
CA HIS G 16 -25.92 37.01 -6.58
C HIS G 16 -25.48 36.76 -5.15
N VAL G 17 -24.74 35.67 -4.96
CA VAL G 17 -23.98 35.44 -3.75
C VAL G 17 -22.53 35.22 -4.13
N PRO G 18 -21.66 36.21 -3.83
CA PRO G 18 -20.25 36.10 -4.19
C PRO G 18 -19.62 34.87 -3.56
N GLN G 19 -18.76 34.19 -4.31
CA GLN G 19 -18.09 33.02 -3.79
C GLN G 19 -16.67 33.33 -3.36
N ASN G 20 -15.99 34.19 -4.12
CA ASN G 20 -14.60 34.47 -3.85
C ASN G 20 -14.33 35.97 -3.86
N LYS G 21 -15.10 36.68 -3.06
CA LYS G 21 -15.08 38.13 -3.08
C LYS G 21 -13.96 38.66 -2.19
N ILE G 22 -13.30 39.70 -2.66
CA ILE G 22 -12.29 40.39 -1.88
C ILE G 22 -12.67 41.85 -1.79
N THR G 23 -12.45 42.47 -0.64
CA THR G 23 -12.64 43.92 -0.49
C THR G 23 -11.32 44.60 -0.18
N VAL G 24 -11.08 45.74 -0.84
CA VAL G 24 -9.97 46.61 -0.46
C VAL G 24 -10.53 47.89 0.12
N VAL G 25 -10.12 48.21 1.34
CA VAL G 25 -10.51 49.45 1.99
C VAL G 25 -9.39 50.49 1.89
N GLY G 26 -9.74 51.67 1.37
CA GLY G 26 -8.73 52.65 1.03
C GLY G 26 -8.32 52.54 -0.43
N VAL G 27 -8.61 53.57 -1.21
CA VAL G 27 -8.24 53.58 -2.61
C VAL G 27 -7.13 54.58 -2.86
N GLY G 28 -6.23 54.68 -1.88
CA GLY G 28 -4.96 55.34 -2.09
C GLY G 28 -4.13 54.60 -3.13
N ALA G 29 -2.90 55.04 -3.30
CA ALA G 29 -2.02 54.43 -4.28
C ALA G 29 -1.69 52.98 -3.89
N VAL G 30 -1.64 52.72 -2.59
CA VAL G 30 -1.41 51.36 -2.08
C VAL G 30 -2.60 50.45 -2.35
N GLY G 31 -3.79 50.89 -1.95
CA GLY G 31 -4.98 50.09 -2.15
C GLY G 31 -5.26 49.74 -3.60
N MET G 32 -5.05 50.70 -4.50
CA MET G 32 -5.33 50.49 -5.92
C MET G 32 -4.28 49.59 -6.56
N ALA G 33 -3.05 49.66 -6.06
CA ALA G 33 -1.98 48.75 -6.50
C ALA G 33 -2.32 47.33 -6.05
N CYS G 34 -2.89 47.22 -4.86
CA CYS G 34 -3.39 45.92 -4.42
C CYS G 34 -4.53 45.46 -5.33
N ALA G 35 -5.44 46.38 -5.66
CA ALA G 35 -6.61 46.02 -6.46
C ALA G 35 -6.21 45.50 -7.83
N ILE G 36 -5.28 46.19 -8.50
CA ILE G 36 -4.94 45.83 -9.87
C ILE G 36 -4.15 44.52 -9.91
N SER G 37 -3.23 44.34 -8.96
CA SER G 37 -2.45 43.10 -8.87
C SER G 37 -3.40 41.90 -8.67
N ILE G 38 -4.34 42.06 -7.75
CA ILE G 38 -5.34 41.04 -7.48
C ILE G 38 -6.24 40.74 -8.69
N LEU G 39 -6.63 41.78 -9.44
CA LEU G 39 -7.49 41.57 -10.61
C LEU G 39 -6.74 40.82 -11.70
N MET G 40 -5.50 41.21 -11.94
CA MET G 40 -4.70 40.60 -12.98
C MET G 40 -4.23 39.21 -12.58
N LYS G 41 -4.39 38.87 -11.31
CA LYS G 41 -4.04 37.52 -10.86
C LYS G 41 -5.26 36.61 -10.73
N ASP G 42 -6.42 37.14 -11.08
CA ASP G 42 -7.66 36.35 -11.11
C ASP G 42 -7.95 35.70 -9.75
N LEU G 43 -7.70 36.42 -8.67
CA LEU G 43 -7.88 35.83 -7.34
C LEU G 43 -9.32 35.89 -6.86
N ALA G 44 -10.13 36.73 -7.50
CA ALA G 44 -11.49 36.97 -7.01
C ALA G 44 -12.53 36.93 -8.12
N ASP G 45 -13.77 36.62 -7.76
CA ASP G 45 -14.87 36.74 -8.71
C ASP G 45 -15.65 38.02 -8.45
N GLU G 46 -15.29 38.71 -7.37
CA GLU G 46 -15.84 40.01 -7.09
C GLU G 46 -14.89 40.89 -6.28
N LEU G 47 -14.74 42.14 -6.70
CA LEU G 47 -13.88 43.10 -5.99
C LEU G 47 -14.69 44.28 -5.48
N ALA G 48 -14.67 44.50 -4.17
CA ALA G 48 -15.34 45.68 -3.61
C ALA G 48 -14.30 46.70 -3.16
N LEU G 49 -14.58 47.97 -3.45
CA LEU G 49 -13.75 49.08 -2.95
C LEU G 49 -14.53 49.97 -2.00
N VAL G 50 -13.91 50.34 -0.88
CA VAL G 50 -14.52 51.28 0.06
C VAL G 50 -13.53 52.38 0.43
N ASP G 51 -14.02 53.61 0.54
CA ASP G 51 -13.22 54.71 1.04
C ASP G 51 -14.19 55.79 1.50
N VAL G 52 -13.67 56.89 2.04
CA VAL G 52 -14.56 58.00 2.40
C VAL G 52 -14.58 59.16 1.41
N MET G 53 -13.61 59.24 0.50
CA MET G 53 -13.66 60.22 -0.58
C MET G 53 -14.42 59.65 -1.78
N GLU G 54 -15.68 60.05 -1.93
CA GLU G 54 -16.62 59.34 -2.78
C GLU G 54 -16.42 59.56 -4.29
N ASP G 55 -15.92 60.73 -4.68
CA ASP G 55 -15.62 60.98 -6.08
C ASP G 55 -14.42 60.13 -6.51
N LYS G 56 -13.38 60.15 -5.69
CA LYS G 56 -12.19 59.33 -5.92
C LYS G 56 -12.58 57.85 -6.02
N LEU G 57 -13.33 57.38 -5.03
CA LEU G 57 -13.74 55.99 -4.94
C LEU G 57 -14.50 55.56 -6.19
N LYS G 58 -15.51 56.35 -6.56
CA LYS G 58 -16.31 56.10 -7.76
C LYS G 58 -15.46 56.10 -9.05
N GLY G 59 -14.54 57.06 -9.16
CA GLY G 59 -13.68 57.12 -10.33
C GLY G 59 -12.78 55.90 -10.50
N GLU G 60 -12.21 55.41 -9.39
CA GLU G 60 -11.35 54.23 -9.46
C GLU G 60 -12.17 53.01 -9.88
N MET G 61 -13.33 52.84 -9.26
CA MET G 61 -14.22 51.76 -9.62
C MET G 61 -14.46 51.77 -11.12
N MET G 62 -14.91 52.90 -11.62
CA MET G 62 -15.26 53.04 -13.03
C MET G 62 -14.07 52.77 -13.94
N ASP G 63 -12.87 53.15 -13.49
CA ASP G 63 -11.68 52.94 -14.30
C ASP G 63 -11.38 51.44 -14.38
N LEU G 64 -11.54 50.73 -13.28
CA LEU G 64 -11.35 49.27 -13.29
C LEU G 64 -12.41 48.57 -14.14
N GLN G 65 -13.67 48.96 -13.97
CA GLN G 65 -14.77 48.39 -14.76
C GLN G 65 -14.55 48.46 -16.28
N HIS G 66 -14.01 49.59 -16.75
CA HIS G 66 -13.84 49.78 -18.18
C HIS G 66 -12.85 48.79 -18.77
N GLY G 67 -12.04 48.20 -17.89
CA GLY G 67 -11.09 47.19 -18.34
C GLY G 67 -11.60 45.77 -18.23
N SER G 68 -12.91 45.60 -17.99
CA SER G 68 -13.50 44.28 -17.80
C SER G 68 -13.18 43.29 -18.92
N LEU G 69 -13.24 43.76 -20.15
CA LEU G 69 -12.97 42.94 -21.32
C LEU G 69 -11.62 42.22 -21.15
N PHE G 70 -10.69 42.85 -20.45
CA PHE G 70 -9.32 42.32 -20.32
C PHE G 70 -9.11 41.57 -19.01
N LEU G 71 -10.15 41.44 -18.19
CA LEU G 71 -10.02 40.74 -16.91
C LEU G 71 -10.93 39.52 -16.85
N ARG G 72 -10.89 38.81 -15.74
CA ARG G 72 -11.78 37.68 -15.51
C ARG G 72 -12.38 37.78 -14.11
N THR G 73 -12.66 39.01 -13.70
CA THR G 73 -13.33 39.26 -12.43
C THR G 73 -14.62 40.00 -12.78
N PRO G 74 -15.76 39.29 -12.75
CA PRO G 74 -16.96 39.80 -13.42
C PRO G 74 -17.65 40.96 -12.73
N LYS G 75 -17.50 41.08 -11.41
CA LYS G 75 -18.17 42.17 -10.69
C LYS G 75 -17.22 43.05 -9.87
N ILE G 76 -17.24 44.34 -10.17
CA ILE G 76 -16.48 45.34 -9.41
C ILE G 76 -17.43 46.40 -8.88
N VAL G 77 -17.45 46.55 -7.55
CA VAL G 77 -18.38 47.47 -6.90
C VAL G 77 -17.64 48.40 -5.96
N SER G 78 -18.29 49.48 -5.57
CA SER G 78 -17.72 50.39 -4.58
C SER G 78 -18.80 51.25 -3.95
N GLY G 79 -18.46 51.87 -2.83
CA GLY G 79 -19.40 52.72 -2.14
C GLY G 79 -18.84 53.02 -0.77
N LYS G 80 -19.28 54.11 -0.16
CA LYS G 80 -18.84 54.44 1.19
C LYS G 80 -19.59 53.57 2.20
N ASP G 81 -20.73 53.03 1.79
CA ASP G 81 -21.50 52.14 2.66
C ASP G 81 -21.01 50.70 2.56
N TYR G 82 -20.81 50.08 3.72
CA TYR G 82 -20.14 48.79 3.79
C TYR G 82 -20.99 47.60 3.36
N SER G 83 -22.25 47.87 3.04
CA SER G 83 -23.08 46.88 2.37
C SER G 83 -22.38 46.35 1.11
N VAL G 84 -21.66 47.21 0.42
CA VAL G 84 -20.97 46.82 -0.80
C VAL G 84 -19.92 45.73 -0.55
N THR G 85 -19.44 45.62 0.70
CA THR G 85 -18.37 44.66 1.04
C THR G 85 -18.90 43.32 1.51
N ALA G 86 -20.23 43.20 1.56
CA ALA G 86 -20.88 42.01 2.13
C ALA G 86 -20.36 40.67 1.57
N ASN G 87 -20.09 39.74 2.48
CA ASN G 87 -19.75 38.37 2.13
C ASN G 87 -18.36 38.22 1.52
N SER G 88 -17.42 39.06 1.96
CA SER G 88 -16.05 38.96 1.48
C SER G 88 -15.34 37.83 2.20
N LYS G 89 -14.51 37.09 1.45
CA LYS G 89 -13.68 36.04 2.05
C LYS G 89 -12.48 36.73 2.70
N LEU G 90 -12.06 37.82 2.07
CA LEU G 90 -10.85 38.52 2.49
C LEU G 90 -11.09 40.02 2.37
N VAL G 91 -10.75 40.75 3.43
CA VAL G 91 -10.89 42.20 3.44
C VAL G 91 -9.53 42.80 3.77
N ILE G 92 -9.03 43.65 2.88
CA ILE G 92 -7.68 44.18 2.99
C ILE G 92 -7.77 45.64 3.41
N ILE G 93 -7.08 45.99 4.48
CA ILE G 93 -7.19 47.34 5.04
C ILE G 93 -5.98 48.16 4.68
N THR G 94 -6.18 49.17 3.85
CA THR G 94 -5.11 50.09 3.53
C THR G 94 -5.46 51.53 3.95
N ALA G 95 -6.48 51.66 4.79
CA ALA G 95 -6.90 52.98 5.26
C ALA G 95 -5.83 53.58 6.19
N GLY G 96 -5.62 54.89 6.06
CA GLY G 96 -4.70 55.59 6.95
C GLY G 96 -5.03 57.07 7.09
N ALA G 97 -4.51 57.69 8.14
CA ALA G 97 -4.71 59.12 8.35
C ALA G 97 -3.64 59.93 7.63
N ARG G 105 2.85 64.10 16.63
CA ARG G 105 2.93 63.07 17.67
C ARG G 105 3.15 61.67 17.11
N LEU G 106 3.54 60.76 18.00
CA LEU G 106 3.19 59.36 17.87
C LEU G 106 1.87 59.18 18.60
N ASN G 107 0.78 59.12 17.84
CA ASN G 107 -0.58 58.92 18.35
C ASN G 107 -1.57 59.50 17.35
N LEU G 108 -1.02 60.19 16.34
CA LEU G 108 -1.38 59.89 14.96
C LEU G 108 -1.86 58.44 14.87
N VAL G 109 -1.17 57.56 15.59
CA VAL G 109 -1.61 56.17 15.77
C VAL G 109 -3.03 56.10 16.33
N GLN G 110 -3.34 56.91 17.33
CA GLN G 110 -4.68 56.88 17.91
C GLN G 110 -5.69 57.38 16.88
N ARG G 111 -5.26 58.28 16.00
CA ARG G 111 -6.11 58.71 14.92
C ARG G 111 -6.34 57.58 13.91
N ASN G 112 -5.27 56.87 13.57
CA ASN G 112 -5.44 55.65 12.78
C ASN G 112 -6.30 54.65 13.56
N VAL G 113 -6.07 54.55 14.86
CA VAL G 113 -6.93 53.74 15.73
C VAL G 113 -8.39 54.18 15.61
N ASN G 114 -8.61 55.49 15.53
CA ASN G 114 -9.96 56.00 15.44
C ASN G 114 -10.59 55.70 14.08
N ILE G 115 -9.79 55.73 13.03
CA ILE G 115 -10.22 55.24 11.72
C ILE G 115 -10.67 53.79 11.85
N PHE G 116 -9.83 52.98 12.48
CA PHE G 116 -10.13 51.56 12.64
C PHE G 116 -11.37 51.31 13.51
N LYS G 117 -11.63 52.20 14.45
CA LYS G 117 -12.81 52.08 15.29
C LYS G 117 -14.09 52.23 14.48
N PHE G 118 -14.02 52.94 13.37
CA PHE G 118 -15.16 53.05 12.47
C PHE G 118 -15.18 51.93 11.42
N ILE G 119 -14.03 51.70 10.79
CA ILE G 119 -13.96 50.77 9.67
C ILE G 119 -14.17 49.31 10.06
N ILE G 120 -13.47 48.87 11.09
CA ILE G 120 -13.43 47.45 11.40
C ILE G 120 -14.80 46.89 11.81
N PRO G 121 -15.54 47.59 12.67
CA PRO G 121 -16.87 47.04 13.00
C PRO G 121 -17.78 46.95 11.78
N ASN G 122 -17.65 47.93 10.88
CA ASN G 122 -18.42 47.96 9.64
C ASN G 122 -18.05 46.77 8.76
N VAL G 123 -16.75 46.49 8.67
CA VAL G 123 -16.29 45.34 7.90
C VAL G 123 -16.86 44.04 8.47
N VAL G 124 -16.79 43.89 9.79
CA VAL G 124 -17.20 42.66 10.45
C VAL G 124 -18.71 42.46 10.37
N LYS G 125 -19.45 43.56 10.49
CA LYS G 125 -20.90 43.53 10.35
C LYS G 125 -21.34 42.84 9.05
N TYR G 126 -20.66 43.21 7.96
CA TYR G 126 -21.09 42.77 6.63
C TYR G 126 -20.35 41.56 6.10
N SER G 127 -19.19 41.26 6.68
CA SER G 127 -18.48 40.02 6.36
C SER G 127 -18.00 39.35 7.64
N PRO G 128 -18.90 38.61 8.32
CA PRO G 128 -18.68 38.02 9.63
C PRO G 128 -17.58 36.97 9.64
N HIS G 129 -17.32 36.40 8.47
CA HIS G 129 -16.46 35.23 8.39
C HIS G 129 -15.19 35.48 7.59
N CYS G 130 -14.92 36.74 7.26
CA CYS G 130 -13.78 37.06 6.40
C CYS G 130 -12.47 36.95 7.18
N LYS G 131 -11.36 36.88 6.45
CA LYS G 131 -10.05 37.16 7.01
C LYS G 131 -9.75 38.65 6.82
N LEU G 132 -9.03 39.22 7.78
CA LEU G 132 -8.56 40.60 7.67
C LEU G 132 -7.07 40.58 7.36
N LEU G 133 -6.65 41.36 6.37
CA LEU G 133 -5.23 41.58 6.11
C LEU G 133 -4.97 43.08 6.20
N VAL G 134 -4.20 43.48 7.21
CA VAL G 134 -3.94 44.89 7.47
C VAL G 134 -2.62 45.30 6.84
N VAL G 135 -2.60 46.44 6.17
CA VAL G 135 -1.41 46.90 5.48
C VAL G 135 -1.03 48.29 5.99
N SER G 136 -1.99 49.01 6.56
CA SER G 136 -1.75 50.35 7.09
C SER G 136 -0.64 50.34 8.15
N ASN G 137 0.19 51.39 8.16
CA ASN G 137 1.26 51.52 9.15
C ASN G 137 0.82 52.40 10.32
N PRO G 138 1.36 52.14 11.51
CA PRO G 138 2.30 51.05 11.82
C PRO G 138 1.61 49.70 11.87
N VAL G 139 2.03 48.79 11.00
CA VAL G 139 1.22 47.62 10.70
C VAL G 139 1.15 46.59 11.83
N ASP G 140 2.20 46.44 12.62
CA ASP G 140 2.15 45.49 13.73
C ASP G 140 1.20 46.01 14.80
N ILE G 141 1.21 47.32 15.00
CA ILE G 141 0.29 47.93 15.95
C ILE G 141 -1.14 47.87 15.44
N LEU G 142 -1.35 48.33 14.20
CA LEU G 142 -2.70 48.41 13.64
C LEU G 142 -3.37 47.06 13.41
N THR G 143 -2.58 46.04 13.11
CA THR G 143 -3.14 44.70 12.97
C THR G 143 -3.62 44.24 14.35
N TYR G 144 -2.90 44.65 15.39
CA TYR G 144 -3.33 44.37 16.77
C TYR G 144 -4.64 45.09 17.07
N VAL G 145 -4.72 46.35 16.66
CA VAL G 145 -5.95 47.12 16.84
C VAL G 145 -7.12 46.45 16.13
N ALA G 146 -6.91 46.03 14.88
CA ALA G 146 -8.00 45.45 14.11
C ALA G 146 -8.50 44.18 14.79
N TRP G 147 -7.56 43.43 15.34
CA TRP G 147 -7.88 42.17 15.99
C TRP G 147 -8.76 42.36 17.22
N LYS G 148 -8.37 43.29 18.09
CA LYS G 148 -9.13 43.55 19.31
C LYS G 148 -10.54 44.02 18.96
N ILE G 149 -10.63 44.95 18.02
CA ILE G 149 -11.91 45.51 17.63
C ILE G 149 -12.80 44.51 16.91
N SER G 150 -12.22 43.71 16.02
CA SER G 150 -13.00 42.79 15.19
C SER G 150 -13.61 41.68 16.04
N GLY G 151 -12.90 41.28 17.08
CA GLY G 151 -13.37 40.18 17.89
C GLY G 151 -13.12 38.83 17.23
N PHE G 152 -12.44 38.82 16.09
CA PHE G 152 -12.07 37.57 15.40
C PHE G 152 -11.03 36.75 16.17
N PRO G 153 -11.05 35.42 16.01
CA PRO G 153 -9.91 34.63 16.48
C PRO G 153 -8.64 35.03 15.72
N LYS G 154 -7.49 34.80 16.36
CA LYS G 154 -6.22 35.33 15.89
C LYS G 154 -5.79 34.79 14.54
N ASN G 155 -6.21 33.58 14.20
CA ASN G 155 -5.83 33.00 12.91
C ASN G 155 -6.35 33.85 11.75
N ARG G 156 -7.45 34.56 11.97
CA ARG G 156 -8.13 35.28 10.88
C ARG G 156 -7.73 36.76 10.75
N VAL G 157 -6.70 37.18 11.48
CA VAL G 157 -6.22 38.55 11.38
C VAL G 157 -4.72 38.62 11.12
N ILE G 158 -4.36 39.19 9.98
CA ILE G 158 -2.99 39.08 9.46
C ILE G 158 -2.45 40.47 9.15
N GLY G 159 -1.23 40.75 9.60
CA GLY G 159 -0.56 41.96 9.14
C GLY G 159 0.42 41.67 8.00
N SER G 160 0.46 42.54 7.01
CA SER G 160 1.40 42.35 5.92
C SER G 160 2.84 42.25 6.45
N GLY G 161 3.10 42.96 7.56
CA GLY G 161 4.34 42.74 8.28
C GLY G 161 5.59 42.90 7.44
N CYS G 162 6.47 41.90 7.50
CA CYS G 162 7.78 42.01 6.86
C CYS G 162 7.80 41.36 5.48
N ASN G 163 6.62 41.07 4.96
CA ASN G 163 6.50 40.35 3.70
C ASN G 163 7.18 41.12 2.57
N LEU G 164 6.94 42.42 2.47
CA LEU G 164 7.57 43.21 1.41
C LEU G 164 9.08 43.34 1.64
N ASP G 165 9.49 43.58 2.88
CA ASP G 165 10.91 43.79 3.17
C ASP G 165 11.73 42.54 2.91
N SER G 166 11.14 41.37 3.13
CA SER G 166 11.81 40.13 2.80
C SER G 166 11.95 39.97 1.29
N ALA G 167 10.94 40.40 0.55
CA ALA G 167 10.99 40.32 -0.90
C ALA G 167 12.04 41.28 -1.45
N ARG G 168 12.12 42.47 -0.85
CA ARG G 168 13.14 43.44 -1.21
C ARG G 168 14.52 42.86 -0.93
N PHE G 169 14.66 42.26 0.24
CA PHE G 169 15.92 41.68 0.66
C PHE G 169 16.36 40.59 -0.30
N ARG G 170 15.41 39.77 -0.74
CA ARG G 170 15.73 38.70 -1.66
C ARG G 170 16.11 39.29 -3.01
N TYR G 171 15.44 40.39 -3.39
CA TYR G 171 15.83 41.14 -4.57
C TYR G 171 17.27 41.63 -4.47
N LEU G 172 17.61 42.23 -3.33
CA LEU G 172 18.94 42.80 -3.16
C LEU G 172 19.98 41.69 -3.14
N MET G 173 19.66 40.58 -2.48
CA MET G 173 20.52 39.41 -2.46
C MET G 173 20.79 38.96 -3.90
N GLY G 174 19.73 38.88 -4.69
CA GLY G 174 19.87 38.44 -6.07
C GLY G 174 20.71 39.36 -6.94
N GLU G 175 20.65 40.66 -6.67
CA GLU G 175 21.49 41.61 -7.39
C GLU G 175 22.97 41.36 -7.11
N ARG G 176 23.33 41.06 -5.87
CA ARG G 176 24.71 40.80 -5.52
C ARG G 176 25.23 39.46 -6.04
N LEU G 177 24.34 38.46 -6.15
CA LEU G 177 24.77 37.10 -6.48
C LEU G 177 24.50 36.73 -7.93
N GLY G 178 23.81 37.61 -8.65
CA GLY G 178 23.58 37.38 -10.06
C GLY G 178 22.58 36.28 -10.33
N VAL G 179 21.68 36.02 -9.38
CA VAL G 179 20.59 35.09 -9.64
C VAL G 179 19.25 35.72 -9.26
N HIS G 180 18.17 35.19 -9.82
CA HIS G 180 16.84 35.72 -9.57
C HIS G 180 16.45 35.68 -8.09
N ALA G 181 15.67 36.66 -7.65
CA ALA G 181 15.19 36.70 -6.26
C ALA G 181 14.51 35.39 -5.86
N LEU G 182 13.78 34.79 -6.80
CA LEU G 182 13.15 33.49 -6.56
C LEU G 182 14.10 32.44 -6.00
N SER G 183 15.38 32.51 -6.38
CA SER G 183 16.34 31.48 -6.00
C SER G 183 17.25 31.94 -4.86
N CYS G 184 17.04 33.16 -4.39
CA CYS G 184 17.75 33.65 -3.21
C CYS G 184 16.79 33.66 -2.03
N HIS G 185 17.19 33.00 -0.95
CA HIS G 185 16.30 32.85 0.20
C HIS G 185 16.83 33.58 1.42
N GLY G 186 15.99 34.37 2.04
CA GLY G 186 16.40 35.16 3.18
C GLY G 186 15.19 35.70 3.88
N TRP G 187 15.26 35.79 5.20
CA TRP G 187 14.09 36.14 5.98
C TRP G 187 14.35 37.35 6.86
N ILE G 188 13.43 38.31 6.80
CA ILE G 188 13.42 39.44 7.71
C ILE G 188 12.19 39.31 8.61
N LEU G 189 12.43 39.15 9.90
CA LEU G 189 11.35 38.85 10.84
C LEU G 189 11.24 39.90 11.92
N GLY G 190 10.20 39.77 12.74
CA GLY G 190 10.04 40.66 13.87
C GLY G 190 9.17 41.88 13.61
N GLU G 191 9.57 43.00 14.19
CA GLU G 191 8.83 44.26 14.09
C GLU G 191 9.07 44.89 12.72
N HIS G 192 7.98 45.24 12.02
CA HIS G 192 8.10 45.83 10.70
C HIS G 192 8.84 47.15 10.81
N GLY G 193 9.80 47.37 9.91
CA GLY G 193 10.51 48.64 9.90
C GLY G 193 11.94 48.58 10.40
N ASP G 194 12.39 49.67 11.00
CA ASP G 194 13.79 49.86 11.38
C ASP G 194 14.31 48.80 12.35
N SER G 195 13.43 48.17 13.10
CA SER G 195 13.88 47.24 14.12
C SER G 195 13.71 45.79 13.71
N SER G 196 13.48 45.55 12.42
CA SER G 196 13.27 44.20 11.92
C SER G 196 14.56 43.39 12.00
N VAL G 197 14.42 42.07 12.03
CA VAL G 197 15.54 41.18 12.21
C VAL G 197 15.92 40.46 10.92
N PRO G 198 17.09 40.79 10.35
CA PRO G 198 17.63 40.00 9.22
C PRO G 198 18.19 38.70 9.76
N VAL G 199 17.62 37.56 9.38
CA VAL G 199 18.07 36.30 9.96
C VAL G 199 19.19 35.70 9.12
N TRP G 200 20.43 36.09 9.44
CA TRP G 200 21.57 35.74 8.62
C TRP G 200 21.74 34.23 8.44
N SER G 201 21.41 33.48 9.48
CA SER G 201 21.62 32.04 9.46
C SER G 201 20.74 31.34 8.43
N GLY G 202 19.68 32.03 7.97
CA GLY G 202 18.77 31.41 7.03
C GLY G 202 19.09 31.70 5.58
N MET G 203 19.97 32.67 5.34
CA MET G 203 20.23 33.10 3.96
C MET G 203 21.01 32.07 3.16
N ASN G 204 20.46 31.68 2.01
CA ASN G 204 21.05 30.60 1.24
C ASN G 204 20.61 30.59 -0.22
N VAL G 205 21.44 30.02 -1.08
CA VAL G 205 21.01 29.64 -2.41
C VAL G 205 21.14 28.12 -2.53
N ALA G 206 20.09 27.47 -3.00
CA ALA G 206 20.06 26.03 -3.24
C ALA G 206 20.44 25.21 -2.00
N GLY G 207 20.19 25.77 -0.82
CA GLY G 207 20.46 25.04 0.41
C GLY G 207 21.86 25.27 0.95
N VAL G 208 22.60 26.20 0.35
CA VAL G 208 23.96 26.50 0.79
C VAL G 208 23.92 27.72 1.69
N SER G 209 24.30 27.53 2.95
CA SER G 209 24.29 28.59 3.94
C SER G 209 25.35 29.63 3.63
N LEU G 210 24.94 30.87 3.42
CA LEU G 210 25.87 31.95 3.13
C LEU G 210 26.69 32.23 4.39
N LYS G 211 26.04 32.06 5.53
CA LYS G 211 26.64 32.36 6.81
C LYS G 211 27.75 31.37 7.10
N THR G 212 27.60 30.14 6.61
CA THR G 212 28.61 29.12 6.81
C THR G 212 29.79 29.25 5.85
N LEU G 213 29.53 29.73 4.64
CA LEU G 213 30.63 30.06 3.73
C LEU G 213 31.34 31.32 4.21
N HIS G 214 30.59 32.22 4.85
CA HIS G 214 31.09 33.56 5.13
C HIS G 214 30.68 33.99 6.53
N PRO G 215 31.38 33.47 7.55
CA PRO G 215 30.94 33.60 8.94
C PRO G 215 30.80 35.05 9.37
N GLU G 216 31.52 35.93 8.67
CA GLU G 216 31.46 37.37 8.95
C GLU G 216 30.13 37.95 8.51
N LEU G 217 29.42 37.21 7.68
CA LEU G 217 28.16 37.68 7.11
C LEU G 217 27.31 38.43 8.13
N GLY G 218 27.01 39.69 7.84
CA GLY G 218 26.13 40.46 8.69
C GLY G 218 26.81 41.09 9.88
N THR G 219 28.13 40.92 9.96
CA THR G 219 28.90 41.48 11.07
C THR G 219 29.46 42.84 10.68
N ASP G 220 29.95 43.59 11.67
CA ASP G 220 30.61 44.84 11.40
C ASP G 220 31.94 44.60 10.70
N ALA G 221 32.44 43.38 10.85
CA ALA G 221 33.73 43.00 10.27
C ALA G 221 33.60 42.68 8.79
N ASP G 222 32.35 42.44 8.36
CA ASP G 222 32.09 41.96 7.02
C ASP G 222 32.70 42.87 5.96
N LYS G 223 33.70 42.36 5.24
CA LYS G 223 34.34 43.11 4.17
C LYS G 223 33.34 43.45 3.07
N GLU G 224 32.33 42.61 2.94
CA GLU G 224 31.29 42.82 1.93
C GLU G 224 30.12 43.62 2.48
N GLN G 225 30.15 43.89 3.79
CA GLN G 225 29.18 44.78 4.40
C GLN G 225 27.73 44.41 4.12
N TRP G 226 27.40 43.12 4.28
CA TRP G 226 26.04 42.64 4.05
C TRP G 226 25.02 43.26 5.00
N LYS G 227 25.48 43.70 6.17
CA LYS G 227 24.62 44.39 7.11
C LYS G 227 23.96 45.56 6.40
N GLN G 228 24.69 46.17 5.46
CA GLN G 228 24.17 47.32 4.72
C GLN G 228 23.00 46.94 3.84
N VAL G 229 22.93 45.67 3.44
CA VAL G 229 21.82 45.20 2.63
C VAL G 229 20.53 45.29 3.45
N HIS G 230 20.62 44.87 4.71
CA HIS G 230 19.48 44.99 5.60
C HIS G 230 19.07 46.45 5.74
N LYS G 231 20.06 47.33 5.93
CA LYS G 231 19.75 48.74 6.11
C LYS G 231 19.14 49.33 4.85
N GLN G 232 19.55 48.82 3.70
CA GLN G 232 19.05 49.29 2.44
C GLN G 232 17.57 48.94 2.30
N VAL G 233 17.21 47.75 2.79
CA VAL G 233 15.81 47.36 2.84
C VAL G 233 15.03 48.24 3.83
N VAL G 234 15.59 48.44 5.01
CA VAL G 234 14.98 49.30 6.01
C VAL G 234 14.77 50.72 5.47
N ASP G 235 15.67 51.16 4.59
CA ASP G 235 15.61 52.50 4.00
C ASP G 235 14.81 52.56 2.71
N SER G 236 14.45 51.41 2.14
CA SER G 236 13.86 51.37 0.80
C SER G 236 12.60 52.22 0.66
N ALA G 237 11.68 52.06 1.59
CA ALA G 237 10.42 52.80 1.54
C ALA G 237 10.73 54.28 1.49
N TYR G 238 11.64 54.72 2.36
CA TYR G 238 11.98 56.13 2.48
C TYR G 238 12.65 56.68 1.21
N GLU G 239 13.54 55.89 0.62
CA GLU G 239 14.21 56.34 -0.60
C GLU G 239 13.19 56.47 -1.74
N VAL G 240 12.27 55.51 -1.83
CA VAL G 240 11.29 55.53 -2.91
C VAL G 240 10.30 56.67 -2.72
N ILE G 241 9.86 56.87 -1.48
CA ILE G 241 9.00 58.00 -1.17
C ILE G 241 9.67 59.32 -1.55
N LYS G 242 10.97 59.40 -1.31
CA LYS G 242 11.73 60.62 -1.59
C LYS G 242 11.75 60.91 -3.09
N LEU G 243 11.78 59.86 -3.90
CA LEU G 243 11.91 60.00 -5.34
C LEU G 243 10.58 60.21 -6.06
N LYS G 244 9.54 59.52 -5.61
CA LYS G 244 8.24 59.55 -6.29
C LYS G 244 7.06 59.84 -5.36
N GLY G 245 7.34 60.02 -4.07
CA GLY G 245 6.33 60.54 -3.17
C GLY G 245 5.63 59.50 -2.30
N TYR G 246 5.68 58.25 -2.74
CA TYR G 246 5.02 57.16 -2.06
C TYR G 246 5.58 55.90 -2.70
N THR G 247 5.22 54.74 -2.19
CA THR G 247 5.49 53.50 -2.91
C THR G 247 4.15 52.82 -3.16
N THR G 248 4.10 51.98 -4.19
CA THR G 248 2.84 51.30 -4.50
C THR G 248 2.98 49.92 -5.11
N TRP G 249 3.76 49.83 -6.19
CA TRP G 249 3.76 48.63 -6.99
C TRP G 249 4.21 47.39 -6.23
N ALA G 250 5.35 47.51 -5.53
CA ALA G 250 5.89 46.38 -4.76
C ALA G 250 4.98 45.94 -3.61
N ILE G 251 4.55 46.89 -2.78
CA ILE G 251 3.63 46.52 -1.70
C ILE G 251 2.36 45.89 -2.33
N GLY G 252 1.88 46.49 -3.42
CA GLY G 252 0.75 45.94 -4.13
C GLY G 252 0.91 44.48 -4.54
N LEU G 253 2.03 44.17 -5.20
CA LEU G 253 2.34 42.82 -5.64
C LEU G 253 2.51 41.84 -4.47
N SER G 254 3.15 42.31 -3.40
CA SER G 254 3.38 41.45 -2.25
C SER G 254 2.07 41.11 -1.52
N VAL G 255 1.15 42.06 -1.45
CA VAL G 255 -0.18 41.80 -0.88
C VAL G 255 -0.98 40.80 -1.71
N ALA G 256 -0.85 40.88 -3.04
CA ALA G 256 -1.54 39.98 -3.94
C ALA G 256 -1.02 38.53 -3.77
N ASP G 257 0.26 38.41 -3.45
CA ASP G 257 0.85 37.11 -3.18
C ASP G 257 0.22 36.47 -1.93
N LEU G 258 0.00 37.27 -0.89
CA LEU G 258 -0.63 36.76 0.33
C LEU G 258 -2.07 36.36 0.03
N ALA G 259 -2.79 37.24 -0.66
CA ALA G 259 -4.17 36.94 -1.03
C ALA G 259 -4.19 35.64 -1.82
N GLU G 260 -3.17 35.39 -2.64
CA GLU G 260 -3.16 34.18 -3.45
C GLU G 260 -3.13 32.92 -2.58
N SER G 261 -2.23 32.91 -1.60
CA SER G 261 -2.13 31.79 -0.67
C SER G 261 -3.45 31.62 0.10
N ILE G 262 -4.06 32.73 0.47
CA ILE G 262 -5.31 32.68 1.19
C ILE G 262 -6.44 32.14 0.33
N MET G 263 -6.64 32.74 -0.85
CA MET G 263 -7.76 32.37 -1.70
C MET G 263 -7.64 30.94 -2.27
N LYS G 264 -6.42 30.46 -2.45
CA LYS G 264 -6.22 29.14 -3.05
C LYS G 264 -5.84 28.08 -2.01
N ASN G 265 -5.89 28.47 -0.74
CA ASN G 265 -5.51 27.60 0.38
C ASN G 265 -4.17 26.92 0.17
N LEU G 266 -3.13 27.68 -0.17
CA LEU G 266 -1.87 27.08 -0.59
C LEU G 266 -1.06 26.50 0.55
N ARG G 267 -1.15 27.13 1.73
CA ARG G 267 -0.31 26.74 2.85
C ARG G 267 1.16 26.96 2.52
N ARG G 268 1.45 28.06 1.83
CA ARG G 268 2.82 28.50 1.67
C ARG G 268 3.24 29.22 2.94
N VAL G 269 4.55 29.38 3.12
CA VAL G 269 5.08 30.07 4.28
C VAL G 269 5.51 31.51 4.00
N HIS G 270 4.94 32.46 4.72
CA HIS G 270 5.22 33.87 4.49
C HIS G 270 5.70 34.56 5.75
N PRO G 271 6.66 35.48 5.62
CA PRO G 271 7.02 36.34 6.76
C PRO G 271 5.97 37.43 6.94
N ILE G 272 4.96 37.15 7.75
CA ILE G 272 3.87 38.09 7.99
C ILE G 272 3.59 38.16 9.48
N SER G 273 2.86 39.20 9.89
CA SER G 273 2.71 39.53 11.29
C SER G 273 1.50 38.80 11.89
N THR G 274 1.73 38.07 12.97
CA THR G 274 0.68 37.27 13.56
C THR G 274 0.71 37.45 15.07
N MET G 275 -0.41 37.17 15.73
CA MET G 275 -0.48 37.30 17.18
C MET G 275 0.33 36.18 17.81
N LEU G 276 1.55 36.47 18.26
CA LEU G 276 2.46 35.39 18.66
C LEU G 276 2.62 35.16 20.15
N LYS G 277 1.68 35.64 20.94
CA LYS G 277 1.74 35.41 22.39
C LYS G 277 1.92 33.93 22.68
N GLY G 278 2.92 33.59 23.48
CA GLY G 278 3.09 32.21 23.87
C GLY G 278 4.06 31.45 22.99
N LEU G 279 4.65 32.15 22.03
CA LEU G 279 5.72 31.60 21.22
C LEU G 279 6.88 32.57 21.19
N TYR G 280 8.06 32.07 20.81
CA TYR G 280 9.24 32.91 20.70
C TYR G 280 9.55 33.65 22.00
N GLY G 281 9.04 33.12 23.10
CA GLY G 281 9.31 33.70 24.41
C GLY G 281 8.49 34.93 24.68
N ILE G 282 7.48 35.19 23.86
CA ILE G 282 6.68 36.40 24.02
C ILE G 282 5.45 36.17 24.91
N LYS G 283 5.21 37.13 25.81
CA LYS G 283 4.24 36.95 26.87
C LYS G 283 3.04 37.88 26.70
N GLU G 284 3.13 38.78 25.74
CA GLU G 284 2.10 39.80 25.58
C GLU G 284 1.30 39.61 24.29
N ASP G 285 0.10 40.17 24.27
CA ASP G 285 -0.70 40.21 23.06
C ASP G 285 -0.10 41.18 22.05
N VAL G 286 0.85 40.71 21.26
CA VAL G 286 1.39 41.52 20.18
C VAL G 286 1.48 40.75 18.87
N PHE G 287 1.66 41.49 17.78
CA PHE G 287 1.85 40.90 16.46
C PHE G 287 3.28 41.12 15.97
N LEU G 288 3.91 40.05 15.52
CA LEU G 288 5.25 40.13 14.95
C LEU G 288 5.36 39.22 13.74
N SER G 289 6.22 39.60 12.80
CA SER G 289 6.42 38.75 11.63
C SER G 289 7.29 37.56 11.96
N VAL G 290 6.72 36.38 11.79
CA VAL G 290 7.47 35.14 11.79
C VAL G 290 6.99 34.35 10.57
N PRO G 291 7.67 33.23 10.24
CA PRO G 291 7.23 32.47 9.07
C PRO G 291 5.90 31.79 9.34
N CYS G 292 4.87 32.24 8.63
CA CYS G 292 3.51 31.75 8.87
C CYS G 292 3.01 30.88 7.71
N VAL G 293 2.38 29.75 8.04
CA VAL G 293 1.68 28.93 7.05
C VAL G 293 0.33 29.59 6.78
N LEU G 294 0.11 29.96 5.52
CA LEU G 294 -1.01 30.82 5.18
C LEU G 294 -1.94 30.13 4.19
N GLY G 295 -3.21 30.02 4.56
CA GLY G 295 -4.19 29.31 3.75
C GLY G 295 -5.59 29.87 3.93
N GLN G 296 -6.60 29.07 3.63
CA GLN G 296 -7.97 29.57 3.63
C GLN G 296 -8.50 29.91 5.02
N ASN G 297 -7.80 29.49 6.07
CA ASN G 297 -8.19 29.83 7.43
C ASN G 297 -7.21 30.84 8.03
N GLY G 298 -6.49 31.54 7.17
CA GLY G 298 -5.52 32.52 7.62
C GLY G 298 -4.26 31.85 8.14
N ILE G 299 -3.80 32.27 9.31
CA ILE G 299 -2.57 31.73 9.85
C ILE G 299 -2.88 30.59 10.81
N SER G 300 -2.54 29.38 10.38
CA SER G 300 -2.91 28.17 11.11
C SER G 300 -1.71 27.57 11.82
N ASP G 301 -0.52 27.88 11.32
CA ASP G 301 0.73 27.34 11.84
C ASP G 301 1.86 28.37 11.70
N VAL G 302 2.81 28.36 12.63
CA VAL G 302 4.01 29.16 12.48
C VAL G 302 5.27 28.29 12.49
N VAL G 303 6.24 28.64 11.65
CA VAL G 303 7.55 28.01 11.73
C VAL G 303 8.31 28.53 12.95
N LYS G 304 8.94 27.62 13.69
CA LYS G 304 9.76 28.01 14.83
C LYS G 304 11.21 28.13 14.41
N VAL G 305 11.65 29.37 14.20
CA VAL G 305 12.99 29.63 13.69
C VAL G 305 13.98 29.55 14.85
N THR G 306 15.12 28.92 14.61
CA THR G 306 16.16 28.84 15.62
C THR G 306 16.94 30.15 15.66
N LEU G 307 16.73 30.93 16.72
CA LEU G 307 17.38 32.24 16.83
C LEU G 307 18.62 32.17 17.70
N THR G 308 19.57 33.06 17.45
CA THR G 308 20.67 33.26 18.38
C THR G 308 20.03 33.95 19.58
N SER G 309 20.74 33.96 20.72
CA SER G 309 20.23 34.59 21.92
C SER G 309 20.08 36.08 21.69
N GLU G 310 20.93 36.65 20.86
CA GLU G 310 20.80 38.04 20.46
C GLU G 310 19.51 38.25 19.67
N GLU G 311 19.28 37.43 18.65
CA GLU G 311 18.09 37.55 17.82
C GLU G 311 16.85 37.42 18.69
N GLU G 312 16.91 36.51 19.65
CA GLU G 312 15.77 36.19 20.49
C GLU G 312 15.42 37.37 21.40
N ALA G 313 16.43 37.96 22.02
CA ALA G 313 16.23 39.13 22.88
C ALA G 313 15.70 40.28 22.06
N HIS G 314 16.04 40.29 20.77
CA HIS G 314 15.61 41.33 19.84
C HIS G 314 14.10 41.35 19.66
N LEU G 315 13.54 40.15 19.52
CA LEU G 315 12.10 40.00 19.30
C LEU G 315 11.35 40.31 20.59
N LYS G 316 11.89 39.85 21.71
CA LYS G 316 11.28 40.14 23.00
C LYS G 316 11.22 41.64 23.22
N LYS G 317 12.30 42.31 22.85
CA LYS G 317 12.34 43.77 22.91
C LYS G 317 11.26 44.41 22.04
N SER G 318 11.09 43.90 20.82
CA SER G 318 10.06 44.43 19.94
C SER G 318 8.68 44.19 20.56
N ALA G 319 8.48 43.01 21.12
CA ALA G 319 7.24 42.71 21.80
C ALA G 319 7.00 43.78 22.86
N ASP G 320 8.00 44.01 23.70
CA ASP G 320 7.88 44.96 24.80
C ASP G 320 7.61 46.38 24.29
N THR G 321 8.24 46.75 23.19
CA THR G 321 8.04 48.06 22.58
C THR G 321 6.61 48.18 22.07
N LEU G 322 6.17 47.16 21.34
CA LEU G 322 4.82 47.14 20.78
C LEU G 322 3.79 47.28 21.91
N TRP G 323 3.92 46.43 22.92
CA TRP G 323 3.01 46.42 24.06
C TRP G 323 2.95 47.80 24.72
N GLY G 324 4.12 48.43 24.88
CA GLY G 324 4.18 49.73 25.52
C GLY G 324 3.33 50.74 24.77
N ILE G 325 3.48 50.73 23.44
CA ILE G 325 2.69 51.63 22.61
C ILE G 325 1.21 51.26 22.70
N GLN G 326 0.93 49.96 22.70
CA GLN G 326 -0.45 49.51 22.69
C GLN G 326 -1.19 49.89 23.97
N LYS G 327 -0.48 49.90 25.10
CA LYS G 327 -1.08 50.27 26.39
C LYS G 327 -1.62 51.71 26.43
N GLU G 328 -1.12 52.57 25.57
CA GLU G 328 -1.55 53.96 25.61
C GLU G 328 -2.56 54.32 24.52
N LEU G 329 -3.04 53.31 23.81
CA LEU G 329 -4.12 53.49 22.86
C LEU G 329 -5.46 53.32 23.58
N GLN G 330 -6.48 54.07 23.16
CA GLN G 330 -7.81 53.90 23.73
C GLN G 330 -8.78 53.38 22.66
N PHE G 331 -9.46 52.27 22.97
CA PHE G 331 -10.37 51.63 22.02
C PHE G 331 -11.83 51.97 22.31
N ALA H 1 8.23 15.82 19.94
CA ALA H 1 9.64 15.41 19.70
C ALA H 1 9.92 15.26 18.22
N ALA H 2 8.90 14.90 17.45
CA ALA H 2 9.06 14.71 16.01
C ALA H 2 9.60 15.99 15.36
N LEU H 3 10.38 15.82 14.29
CA LEU H 3 10.96 16.96 13.59
C LEU H 3 9.88 17.97 13.27
N LYS H 4 8.74 17.47 12.78
CA LYS H 4 7.64 18.34 12.39
C LYS H 4 7.17 19.25 13.51
N ASP H 5 7.21 18.76 14.75
CA ASP H 5 6.70 19.52 15.88
C ASP H 5 7.76 20.47 16.39
N GLN H 6 9.02 20.12 16.19
CA GLN H 6 10.13 21.01 16.50
C GLN H 6 10.08 22.19 15.55
N LEU H 7 9.81 21.89 14.28
CA LEU H 7 9.86 22.87 13.21
C LEU H 7 8.63 23.77 13.24
N ILE H 8 7.47 23.16 13.47
CA ILE H 8 6.23 23.88 13.27
C ILE H 8 5.38 23.87 14.52
N HIS H 9 4.86 25.04 14.88
CA HIS H 9 3.91 25.09 15.98
C HIS H 9 2.50 25.28 15.45
N ASN H 10 1.62 24.37 15.84
CA ASN H 10 0.24 24.41 15.36
C ASN H 10 -0.58 25.37 16.22
N LEU H 11 -1.05 26.45 15.60
CA LEU H 11 -1.84 27.46 16.29
C LEU H 11 -3.32 27.22 16.08
N LEU H 12 -3.67 26.73 14.89
CA LEU H 12 -5.05 26.46 14.59
C LEU H 12 -5.28 24.98 14.83
N LYS H 13 -6.22 24.43 14.08
CA LYS H 13 -7.04 23.34 14.58
C LYS H 13 -8.32 23.32 13.77
N GLU H 14 -8.22 22.99 12.49
CA GLU H 14 -9.39 23.09 11.63
C GLU H 14 -9.52 21.98 10.60
N GLU H 15 -10.62 22.01 9.86
CA GLU H 15 -10.98 20.96 8.95
C GLU H 15 -11.45 21.62 7.65
N HIS H 16 -10.73 21.38 6.56
CA HIS H 16 -11.01 20.25 5.68
C HIS H 16 -11.97 20.57 4.54
N VAL H 17 -12.61 21.75 4.58
CA VAL H 17 -13.72 22.04 3.68
C VAL H 17 -13.35 22.83 2.43
N PRO H 18 -13.16 22.15 1.29
CA PRO H 18 -12.69 22.79 0.06
C PRO H 18 -13.70 23.82 -0.42
N GLN H 19 -13.18 24.90 -1.01
CA GLN H 19 -14.03 26.03 -1.36
C GLN H 19 -14.35 26.07 -2.84
N ASN H 20 -13.39 25.66 -3.67
CA ASN H 20 -13.57 25.67 -5.12
C ASN H 20 -13.19 24.32 -5.74
N LYS H 21 -13.90 23.27 -5.33
CA LYS H 21 -13.50 21.91 -5.64
C LYS H 21 -14.09 21.48 -6.98
N ILE H 22 -13.28 20.80 -7.79
CA ILE H 22 -13.75 20.21 -9.03
C ILE H 22 -13.47 18.70 -9.05
N THR H 23 -14.42 17.92 -9.53
CA THR H 23 -14.21 16.48 -9.71
C THR H 23 -14.24 16.10 -11.18
N VAL H 24 -13.26 15.31 -11.59
CA VAL H 24 -13.32 14.66 -12.90
C VAL H 24 -13.58 13.16 -12.74
N VAL H 25 -14.71 12.71 -13.27
CA VAL H 25 -15.05 11.29 -13.29
C VAL H 25 -14.60 10.71 -14.62
N GLY H 26 -13.79 9.66 -14.57
CA GLY H 26 -13.23 9.09 -15.78
C GLY H 26 -11.84 9.64 -16.02
N VAL H 27 -10.82 8.81 -15.84
CA VAL H 27 -9.45 9.24 -16.07
C VAL H 27 -8.88 8.67 -17.36
N GLY H 28 -9.74 8.52 -18.36
CA GLY H 28 -9.28 8.24 -19.72
C GLY H 28 -8.57 9.46 -20.27
N ALA H 29 -8.22 9.40 -21.55
CA ALA H 29 -7.43 10.46 -22.13
C ALA H 29 -8.21 11.78 -22.05
N VAL H 30 -9.52 11.73 -22.28
CA VAL H 30 -10.35 12.92 -22.15
C VAL H 30 -10.37 13.46 -20.72
N GLY H 31 -10.64 12.60 -19.76
CA GLY H 31 -10.74 13.04 -18.38
C GLY H 31 -9.47 13.73 -17.90
N MET H 32 -8.32 13.12 -18.20
CA MET H 32 -7.03 13.64 -17.74
C MET H 32 -6.65 14.92 -18.47
N ALA H 33 -7.08 15.07 -19.72
CA ALA H 33 -6.84 16.29 -20.47
C ALA H 33 -7.63 17.44 -19.83
N CYS H 34 -8.88 17.16 -19.45
CA CYS H 34 -9.66 18.11 -18.65
C CYS H 34 -8.93 18.46 -17.36
N ALA H 35 -8.42 17.45 -16.69
CA ALA H 35 -7.75 17.64 -15.41
C ALA H 35 -6.54 18.56 -15.55
N ILE H 36 -5.64 18.24 -16.47
CA ILE H 36 -4.41 19.03 -16.59
C ILE H 36 -4.70 20.46 -17.05
N SER H 37 -5.69 20.62 -17.93
CA SER H 37 -6.07 21.97 -18.38
C SER H 37 -6.62 22.79 -17.22
N ILE H 38 -7.46 22.17 -16.40
CA ILE H 38 -8.01 22.83 -15.22
C ILE H 38 -6.93 23.18 -14.20
N LEU H 39 -6.02 22.25 -13.94
CA LEU H 39 -4.93 22.49 -13.01
C LEU H 39 -4.03 23.63 -13.48
N MET H 40 -3.83 23.74 -14.79
CA MET H 40 -2.91 24.78 -15.26
C MET H 40 -3.59 26.12 -15.44
N LYS H 41 -4.90 26.18 -15.28
CA LYS H 41 -5.61 27.46 -15.25
C LYS H 41 -6.02 27.88 -13.84
N ASP H 42 -5.60 27.13 -12.82
CA ASP H 42 -5.84 27.51 -11.43
C ASP H 42 -7.32 27.73 -11.15
N LEU H 43 -8.16 26.81 -11.59
CA LEU H 43 -9.61 26.96 -11.42
C LEU H 43 -10.13 26.37 -10.11
N ALA H 44 -9.34 25.48 -9.49
CA ALA H 44 -9.80 24.76 -8.31
C ALA H 44 -8.79 24.87 -7.16
N ASP H 45 -9.27 24.70 -5.93
CA ASP H 45 -8.36 24.58 -4.80
C ASP H 45 -8.22 23.11 -4.40
N GLU H 46 -9.06 22.25 -4.99
CA GLU H 46 -8.92 20.81 -4.81
C GLU H 46 -9.48 20.07 -6.02
N LEU H 47 -8.77 19.04 -6.47
CA LEU H 47 -9.23 18.25 -7.61
C LEU H 47 -9.38 16.79 -7.19
N ALA H 48 -10.56 16.24 -7.43
CA ALA H 48 -10.77 14.82 -7.18
C ALA H 48 -10.90 14.04 -8.50
N LEU H 49 -10.28 12.88 -8.55
CA LEU H 49 -10.46 11.96 -9.67
C LEU H 49 -11.16 10.68 -9.20
N VAL H 50 -12.13 10.20 -9.97
CA VAL H 50 -12.78 8.93 -9.69
C VAL H 50 -12.87 8.10 -10.96
N ASP H 51 -12.63 6.80 -10.84
CA ASP H 51 -12.80 5.85 -11.95
C ASP H 51 -13.08 4.49 -11.32
N VAL H 52 -13.20 3.45 -12.14
CA VAL H 52 -13.31 2.09 -11.60
C VAL H 52 -12.03 1.27 -11.79
N MET H 53 -11.15 1.73 -12.67
CA MET H 53 -9.82 1.14 -12.82
C MET H 53 -8.90 1.67 -11.72
N GLU H 54 -8.80 0.94 -10.61
CA GLU H 54 -8.17 1.46 -9.41
C GLU H 54 -6.68 1.79 -9.57
N ASP H 55 -5.94 0.97 -10.31
CA ASP H 55 -4.51 1.26 -10.49
C ASP H 55 -4.28 2.46 -11.39
N LYS H 56 -4.99 2.48 -12.51
CA LYS H 56 -4.92 3.59 -13.45
C LYS H 56 -5.25 4.89 -12.72
N LEU H 57 -6.31 4.87 -11.93
CA LEU H 57 -6.76 6.06 -11.21
C LEU H 57 -5.68 6.54 -10.25
N LYS H 58 -5.09 5.61 -9.52
CA LYS H 58 -4.11 5.94 -8.50
C LYS H 58 -2.82 6.44 -9.16
N GLY H 59 -2.48 5.87 -10.30
CA GLY H 59 -1.30 6.30 -11.03
C GLY H 59 -1.44 7.74 -11.53
N GLU H 60 -2.62 8.07 -12.04
CA GLU H 60 -2.84 9.42 -12.54
C GLU H 60 -2.78 10.44 -11.41
N MET H 61 -3.39 10.12 -10.28
CA MET H 61 -3.38 11.04 -9.13
C MET H 61 -1.93 11.34 -8.73
N MET H 62 -1.14 10.30 -8.55
CA MET H 62 0.24 10.44 -8.13
C MET H 62 1.06 11.24 -9.13
N ASP H 63 0.87 10.99 -10.42
CA ASP H 63 1.61 11.72 -11.44
C ASP H 63 1.30 13.23 -11.37
N LEU H 64 0.03 13.57 -11.16
CA LEU H 64 -0.34 14.98 -11.03
C LEU H 64 0.23 15.56 -9.74
N GLN H 65 0.11 14.82 -8.64
CA GLN H 65 0.61 15.28 -7.35
C GLN H 65 2.11 15.57 -7.42
N HIS H 66 2.86 14.75 -8.14
CA HIS H 66 4.30 14.98 -8.25
C HIS H 66 4.63 16.32 -8.90
N GLY H 67 3.67 16.86 -9.64
CA GLY H 67 3.86 18.17 -10.24
C GLY H 67 3.40 19.31 -9.35
N SER H 68 3.13 19.01 -8.07
CA SER H 68 2.57 20.02 -7.18
C SER H 68 3.41 21.30 -7.12
N LEU H 69 4.73 21.17 -7.13
CA LEU H 69 5.60 22.33 -7.03
C LEU H 69 5.32 23.37 -8.12
N PHE H 70 4.78 22.90 -9.25
CA PHE H 70 4.56 23.74 -10.42
C PHE H 70 3.10 24.15 -10.58
N LEU H 71 2.27 23.75 -9.63
CA LEU H 71 0.84 24.04 -9.70
C LEU H 71 0.43 24.91 -8.52
N ARG H 72 -0.79 25.44 -8.56
CA ARG H 72 -1.33 26.22 -7.46
C ARG H 72 -2.69 25.65 -7.10
N THR H 73 -2.82 24.33 -7.17
CA THR H 73 -3.98 23.62 -6.66
C THR H 73 -3.45 22.64 -5.61
N PRO H 74 -3.61 22.99 -4.33
CA PRO H 74 -2.85 22.33 -3.26
C PRO H 74 -3.28 20.90 -2.98
N LYS H 75 -4.49 20.53 -3.40
CA LYS H 75 -4.99 19.23 -3.03
C LYS H 75 -5.51 18.45 -4.24
N ILE H 76 -4.92 17.29 -4.48
CA ILE H 76 -5.41 16.39 -5.51
C ILE H 76 -5.63 15.02 -4.88
N VAL H 77 -6.88 14.55 -4.96
CA VAL H 77 -7.26 13.27 -4.39
C VAL H 77 -7.95 12.40 -5.43
N SER H 78 -7.98 11.10 -5.16
CA SER H 78 -8.69 10.17 -6.03
C SER H 78 -9.16 8.97 -5.25
N GLY H 79 -9.99 8.15 -5.88
CA GLY H 79 -10.45 6.94 -5.23
C GLY H 79 -11.69 6.42 -5.93
N LYS H 80 -11.94 5.13 -5.77
CA LYS H 80 -13.10 4.48 -6.37
C LYS H 80 -14.35 4.93 -5.64
N ASP H 81 -14.21 5.22 -4.35
CA ASP H 81 -15.34 5.62 -3.54
C ASP H 81 -15.60 7.12 -3.70
N TYR H 82 -16.86 7.48 -3.94
CA TYR H 82 -17.23 8.85 -4.26
C TYR H 82 -17.18 9.82 -3.09
N SER H 83 -16.84 9.31 -1.91
CA SER H 83 -16.69 10.18 -0.74
C SER H 83 -15.56 11.18 -0.96
N VAL H 84 -14.59 10.82 -1.81
CA VAL H 84 -13.49 11.72 -2.13
C VAL H 84 -13.97 12.87 -3.01
N THR H 85 -15.23 12.77 -3.42
CA THR H 85 -15.87 13.68 -4.36
C THR H 85 -16.61 14.81 -3.64
N ALA H 86 -16.74 14.66 -2.33
CA ALA H 86 -17.68 15.46 -1.55
C ALA H 86 -17.46 16.96 -1.68
N ASN H 87 -18.57 17.70 -1.69
CA ASN H 87 -18.55 19.16 -1.74
C ASN H 87 -17.91 19.76 -2.99
N SER H 88 -18.09 19.12 -4.14
CA SER H 88 -17.60 19.68 -5.40
C SER H 88 -18.50 20.82 -5.88
N LYS H 89 -17.91 21.89 -6.40
CA LYS H 89 -18.68 22.94 -7.06
C LYS H 89 -19.11 22.43 -8.42
N LEU H 90 -18.29 21.59 -9.01
CA LEU H 90 -18.45 21.20 -10.39
C LEU H 90 -17.94 19.78 -10.57
N VAL H 91 -18.74 18.94 -11.21
CA VAL H 91 -18.38 17.56 -11.43
C VAL H 91 -18.48 17.26 -12.92
N ILE H 92 -17.37 16.78 -13.50
CA ILE H 92 -17.28 16.60 -14.94
C ILE H 92 -17.31 15.13 -15.31
N ILE H 93 -18.29 14.73 -16.11
CA ILE H 93 -18.49 13.31 -16.43
C ILE H 93 -17.89 12.97 -17.79
N THR H 94 -16.82 12.17 -17.78
CA THR H 94 -16.19 11.74 -19.02
C THR H 94 -16.18 10.22 -19.10
N ALA H 95 -16.91 9.60 -18.19
CA ALA H 95 -16.99 8.15 -18.13
C ALA H 95 -17.84 7.63 -19.28
N GLY H 96 -17.43 6.49 -19.84
CA GLY H 96 -18.16 5.94 -20.96
C GLY H 96 -17.92 4.46 -21.17
N ALA H 97 -18.83 3.82 -21.88
CA ALA H 97 -18.76 2.39 -22.17
C ALA H 97 -17.84 2.15 -23.36
N ARG H 98 -17.20 0.99 -23.39
CA ARG H 98 -16.29 0.68 -24.48
C ARG H 98 -16.89 -0.30 -25.47
N GLN H 99 -16.58 -0.08 -26.75
CA GLN H 99 -17.02 -0.94 -27.85
C GLN H 99 -16.96 -2.43 -27.52
N GLN H 100 -18.10 -3.10 -27.66
CA GLN H 100 -18.09 -4.48 -28.12
C GLN H 100 -18.03 -4.39 -29.63
N GLU H 101 -18.12 -5.53 -30.32
CA GLU H 101 -18.22 -5.55 -31.78
C GLU H 101 -17.82 -6.92 -32.30
N SER H 104 -23.67 -3.21 -31.55
CA SER H 104 -25.11 -3.32 -31.77
C SER H 104 -25.84 -2.07 -31.29
N ARG H 105 -25.23 -0.91 -31.56
CA ARG H 105 -25.63 0.39 -31.01
C ARG H 105 -27.14 0.61 -30.92
N LEU H 106 -27.50 1.79 -30.42
CA LEU H 106 -28.36 1.91 -29.25
C LEU H 106 -27.56 1.29 -28.12
N ASN H 107 -28.03 0.17 -27.58
CA ASN H 107 -27.32 -0.63 -26.59
C ASN H 107 -26.02 -0.07 -26.02
N LEU H 108 -25.06 0.23 -26.88
CA LEU H 108 -23.87 0.93 -26.42
C LEU H 108 -24.29 2.16 -25.62
N VAL H 109 -25.41 2.75 -26.00
CA VAL H 109 -26.00 3.86 -25.27
C VAL H 109 -26.62 3.40 -23.97
N GLN H 110 -27.40 2.32 -24.03
CA GLN H 110 -28.05 1.80 -22.82
C GLN H 110 -27.01 1.35 -21.81
N ARG H 111 -25.87 0.88 -22.30
CA ARG H 111 -24.76 0.54 -21.44
C ARG H 111 -24.13 1.79 -20.81
N ASN H 112 -24.12 2.90 -21.53
CA ASN H 112 -23.67 4.16 -20.96
C ASN H 112 -24.69 4.63 -19.93
N VAL H 113 -25.97 4.41 -20.23
CA VAL H 113 -27.02 4.72 -19.28
C VAL H 113 -26.81 3.95 -17.99
N ASN H 114 -26.46 2.67 -18.10
CA ASN H 114 -26.26 1.86 -16.90
C ASN H 114 -25.04 2.32 -16.11
N ILE H 115 -24.00 2.74 -16.81
CA ILE H 115 -22.86 3.36 -16.15
C ILE H 115 -23.31 4.60 -15.37
N PHE H 116 -24.12 5.44 -16.00
CA PHE H 116 -24.61 6.65 -15.35
C PHE H 116 -25.54 6.34 -14.17
N LYS H 117 -26.21 5.19 -14.24
CA LYS H 117 -27.11 4.76 -13.17
C LYS H 117 -26.33 4.55 -11.88
N PHE H 118 -25.07 4.16 -12.02
CA PHE H 118 -24.22 3.95 -10.86
C PHE H 118 -23.48 5.22 -10.46
N ILE H 119 -22.96 5.95 -11.44
CA ILE H 119 -22.15 7.14 -11.18
C ILE H 119 -22.96 8.32 -10.65
N ILE H 120 -24.07 8.63 -11.30
CA ILE H 120 -24.75 9.89 -11.03
C ILE H 120 -25.35 9.98 -9.63
N PRO H 121 -25.98 8.91 -9.14
CA PRO H 121 -26.52 8.97 -7.78
C PRO H 121 -25.40 9.09 -6.76
N ASN H 122 -24.27 8.46 -7.07
CA ASN H 122 -23.09 8.59 -6.24
C ASN H 122 -22.61 10.02 -6.20
N VAL H 123 -22.54 10.65 -7.36
CA VAL H 123 -22.12 12.05 -7.42
C VAL H 123 -23.03 12.96 -6.61
N VAL H 124 -24.34 12.83 -6.80
CA VAL H 124 -25.27 13.76 -6.16
C VAL H 124 -25.34 13.53 -4.66
N LYS H 125 -25.05 12.30 -4.23
CA LYS H 125 -25.00 11.99 -2.81
C LYS H 125 -23.92 12.78 -2.09
N TYR H 126 -22.78 12.95 -2.72
CA TYR H 126 -21.68 13.65 -2.06
C TYR H 126 -21.54 15.12 -2.45
N SER H 127 -22.07 15.49 -3.61
CA SER H 127 -22.13 16.91 -3.95
C SER H 127 -23.53 17.34 -4.39
N PRO H 128 -24.46 17.41 -3.44
CA PRO H 128 -25.87 17.77 -3.68
C PRO H 128 -26.07 19.11 -4.42
N HIS H 129 -25.10 20.01 -4.35
CA HIS H 129 -25.27 21.34 -4.95
C HIS H 129 -24.38 21.60 -6.18
N CYS H 130 -23.67 20.58 -6.63
CA CYS H 130 -22.71 20.79 -7.70
C CYS H 130 -23.42 21.07 -9.01
N LYS H 131 -22.74 21.77 -9.90
CA LYS H 131 -23.10 21.75 -11.32
C LYS H 131 -22.52 20.48 -11.93
N LEU H 132 -23.31 19.82 -12.77
CA LEU H 132 -22.86 18.66 -13.53
C LEU H 132 -22.52 19.09 -14.95
N LEU H 133 -21.34 18.72 -15.42
CA LEU H 133 -20.94 18.94 -16.82
C LEU H 133 -20.66 17.61 -17.49
N VAL H 134 -21.54 17.19 -18.40
CA VAL H 134 -21.41 15.91 -19.07
C VAL H 134 -20.67 16.07 -20.37
N VAL H 135 -19.68 15.21 -20.60
CA VAL H 135 -18.88 15.27 -21.81
C VAL H 135 -19.02 13.96 -22.60
N SER H 136 -19.44 12.89 -21.92
CA SER H 136 -19.52 11.57 -22.55
C SER H 136 -20.42 11.60 -23.78
N ASN H 137 -20.10 10.81 -24.80
CA ASN H 137 -20.95 10.70 -25.97
C ASN H 137 -21.86 9.48 -25.91
N PRO H 138 -23.08 9.59 -26.49
CA PRO H 138 -23.57 10.79 -27.17
C PRO H 138 -23.96 11.87 -26.16
N VAL H 139 -23.36 13.05 -26.26
CA VAL H 139 -23.40 14.01 -25.16
C VAL H 139 -24.78 14.62 -24.91
N ASP H 140 -25.56 14.85 -25.96
CA ASP H 140 -26.89 15.41 -25.76
C ASP H 140 -27.78 14.43 -25.01
N ILE H 141 -27.68 13.15 -25.36
CA ILE H 141 -28.52 12.14 -24.76
C ILE H 141 -28.11 11.82 -23.33
N LEU H 142 -26.79 11.74 -23.09
CA LEU H 142 -26.28 11.42 -21.77
C LEU H 142 -26.44 12.58 -20.79
N THR H 143 -26.49 13.81 -21.29
CA THR H 143 -26.77 14.94 -20.41
C THR H 143 -28.23 14.87 -19.95
N TYR H 144 -29.14 14.48 -20.86
CA TYR H 144 -30.52 14.22 -20.48
C TYR H 144 -30.58 13.13 -19.43
N VAL H 145 -29.84 12.05 -19.66
CA VAL H 145 -29.77 10.96 -18.71
C VAL H 145 -29.34 11.44 -17.31
N ALA H 146 -28.22 12.14 -17.25
CA ALA H 146 -27.70 12.63 -15.98
C ALA H 146 -28.69 13.57 -15.30
N TRP H 147 -29.40 14.37 -16.09
CA TRP H 147 -30.41 15.27 -15.55
C TRP H 147 -31.54 14.46 -14.93
N LYS H 148 -32.00 13.44 -15.66
CA LYS H 148 -33.09 12.60 -15.21
C LYS H 148 -32.74 11.82 -13.94
N ILE H 149 -31.56 11.22 -13.91
CA ILE H 149 -31.13 10.45 -12.76
C ILE H 149 -30.84 11.32 -11.53
N SER H 150 -30.24 12.48 -11.75
CA SER H 150 -29.80 13.32 -10.63
C SER H 150 -30.98 14.02 -9.95
N GLY H 151 -31.98 14.40 -10.73
CA GLY H 151 -33.08 15.19 -10.18
C GLY H 151 -32.69 16.63 -10.00
N PHE H 152 -31.56 17.05 -10.58
CA PHE H 152 -31.16 18.45 -10.50
C PHE H 152 -32.08 19.34 -11.34
N PRO H 153 -32.19 20.62 -10.97
CA PRO H 153 -32.83 21.58 -11.86
C PRO H 153 -31.99 21.76 -13.11
N LYS H 154 -32.63 22.12 -14.21
CA LYS H 154 -31.99 22.05 -15.51
C LYS H 154 -30.78 22.98 -15.62
N ASN H 155 -30.78 24.07 -14.86
CA ASN H 155 -29.70 25.04 -14.95
C ASN H 155 -28.35 24.48 -14.48
N ARG H 156 -28.39 23.42 -13.67
CA ARG H 156 -27.19 22.80 -13.10
C ARG H 156 -26.76 21.54 -13.83
N VAL H 157 -27.39 21.24 -14.96
CA VAL H 157 -26.95 20.09 -15.75
C VAL H 157 -26.66 20.52 -17.17
N ILE H 158 -25.39 20.35 -17.54
CA ILE H 158 -24.83 20.97 -18.74
C ILE H 158 -24.06 19.93 -19.55
N GLY H 159 -24.26 19.95 -20.87
CA GLY H 159 -23.48 19.10 -21.75
C GLY H 159 -22.46 19.91 -22.53
N SER H 160 -21.26 19.37 -22.74
CA SER H 160 -20.25 20.07 -23.50
C SER H 160 -20.74 20.40 -24.90
N GLY H 161 -21.70 19.61 -25.40
CA GLY H 161 -22.41 19.98 -26.61
C GLY H 161 -21.52 20.34 -27.80
N CYS H 162 -21.83 21.46 -28.44
CA CYS H 162 -21.11 21.89 -29.64
C CYS H 162 -19.96 22.86 -29.33
N ASN H 163 -19.55 22.94 -28.07
CA ASN H 163 -18.50 23.88 -27.69
C ASN H 163 -17.21 23.63 -28.46
N LEU H 164 -16.69 22.41 -28.40
CA LEU H 164 -15.47 22.08 -29.14
C LEU H 164 -15.63 22.24 -30.66
N ASP H 165 -16.79 21.85 -31.20
CA ASP H 165 -16.98 21.94 -32.65
C ASP H 165 -17.05 23.38 -33.15
N SER H 166 -17.62 24.28 -32.35
CA SER H 166 -17.58 25.70 -32.69
C SER H 166 -16.15 26.23 -32.64
N ALA H 167 -15.37 25.74 -31.68
CA ALA H 167 -13.96 26.12 -31.57
C ALA H 167 -13.18 25.64 -32.79
N ARG H 168 -13.44 24.41 -33.24
CA ARG H 168 -12.79 23.91 -34.45
C ARG H 168 -13.20 24.76 -35.65
N PHE H 169 -14.47 25.13 -35.69
CA PHE H 169 -15.01 25.94 -36.77
C PHE H 169 -14.26 27.26 -36.89
N ARG H 170 -14.11 27.96 -35.76
CA ARG H 170 -13.42 29.25 -35.74
C ARG H 170 -11.94 29.09 -36.05
N TYR H 171 -11.34 27.98 -35.62
CA TYR H 171 -9.98 27.70 -36.04
C TYR H 171 -9.90 27.56 -37.56
N LEU H 172 -10.78 26.75 -38.14
CA LEU H 172 -10.78 26.53 -39.58
C LEU H 172 -11.08 27.82 -40.34
N MET H 173 -11.95 28.63 -39.75
CA MET H 173 -12.33 29.92 -40.29
C MET H 173 -11.08 30.80 -40.35
N GLY H 174 -10.30 30.77 -39.27
CA GLY H 174 -9.11 31.59 -39.18
C GLY H 174 -8.00 31.16 -40.12
N GLU H 175 -7.92 29.87 -40.41
CA GLU H 175 -6.95 29.38 -41.39
C GLU H 175 -7.26 29.97 -42.76
N ARG H 176 -8.54 30.11 -43.08
CA ARG H 176 -8.94 30.59 -44.39
C ARG H 176 -8.76 32.09 -44.54
N LEU H 177 -8.91 32.82 -43.43
CA LEU H 177 -8.89 34.27 -43.48
C LEU H 177 -7.55 34.88 -43.05
N GLY H 178 -6.65 34.05 -42.54
CA GLY H 178 -5.36 34.54 -42.08
C GLY H 178 -5.45 35.33 -40.78
N VAL H 179 -6.45 35.00 -39.97
CA VAL H 179 -6.70 35.69 -38.71
C VAL H 179 -6.85 34.69 -37.56
N HIS H 180 -6.50 35.10 -36.36
CA HIS H 180 -6.62 34.22 -35.19
C HIS H 180 -8.08 33.85 -34.92
N ALA H 181 -8.31 32.61 -34.53
CA ALA H 181 -9.64 32.10 -34.20
C ALA H 181 -10.37 33.00 -33.19
N LEU H 182 -9.61 33.65 -32.30
CA LEU H 182 -10.21 34.58 -31.34
C LEU H 182 -10.99 35.70 -32.04
N SER H 183 -10.58 36.03 -33.26
CA SER H 183 -11.16 37.16 -33.98
C SER H 183 -12.09 36.69 -35.09
N CYS H 184 -12.26 35.37 -35.22
CA CYS H 184 -13.26 34.81 -36.10
C CYS H 184 -14.47 34.31 -35.32
N HIS H 185 -15.66 34.70 -35.76
CA HIS H 185 -16.84 34.33 -35.01
C HIS H 185 -17.80 33.51 -35.84
N GLY H 186 -18.30 32.44 -35.25
CA GLY H 186 -19.13 31.50 -35.96
C GLY H 186 -19.69 30.50 -34.98
N TRP H 187 -20.91 30.05 -35.22
CA TRP H 187 -21.58 29.20 -34.26
C TRP H 187 -22.09 27.90 -34.86
N ILE H 188 -21.74 26.79 -34.22
CA ILE H 188 -22.35 25.51 -34.55
C ILE H 188 -23.28 25.11 -33.43
N LEU H 189 -24.53 24.84 -33.78
CA LEU H 189 -25.58 24.67 -32.79
C LEU H 189 -26.36 23.38 -32.96
N GLY H 190 -27.25 23.12 -32.01
CA GLY H 190 -28.14 21.98 -32.14
C GLY H 190 -27.52 20.69 -31.63
N GLU H 191 -27.78 19.61 -32.34
CA GLU H 191 -27.35 18.28 -31.91
C GLU H 191 -25.88 18.05 -32.22
N HIS H 192 -25.10 17.69 -31.20
CA HIS H 192 -23.67 17.48 -31.38
C HIS H 192 -23.42 16.38 -32.41
N GLY H 193 -22.48 16.61 -33.31
CA GLY H 193 -22.16 15.60 -34.32
C GLY H 193 -22.53 15.99 -35.75
N ASP H 194 -22.82 14.98 -36.57
CA ASP H 194 -23.09 15.18 -37.99
C ASP H 194 -24.32 16.03 -38.27
N SER H 195 -25.30 16.00 -37.37
CA SER H 195 -26.53 16.74 -37.59
C SER H 195 -26.50 18.17 -37.01
N SER H 196 -25.34 18.64 -36.59
CA SER H 196 -25.24 20.00 -36.04
C SER H 196 -25.46 21.07 -37.11
N VAL H 197 -25.80 22.28 -36.68
CA VAL H 197 -26.18 23.35 -37.58
C VAL H 197 -25.15 24.48 -37.60
N PRO H 198 -24.40 24.62 -38.71
CA PRO H 198 -23.51 25.77 -38.87
C PRO H 198 -24.33 27.02 -39.24
N VAL H 199 -24.33 28.02 -38.37
CA VAL H 199 -25.22 29.15 -38.57
C VAL H 199 -24.58 30.26 -39.41
N TRP H 200 -24.61 30.08 -40.72
CA TRP H 200 -23.92 30.96 -41.66
C TRP H 200 -24.16 32.44 -41.41
N SER H 201 -25.39 32.78 -41.00
CA SER H 201 -25.76 34.17 -40.85
C SER H 201 -25.02 34.87 -39.72
N GLY H 202 -24.39 34.07 -38.85
CA GLY H 202 -23.73 34.65 -37.69
C GLY H 202 -22.23 34.72 -37.83
N MET H 203 -21.69 34.13 -38.88
CA MET H 203 -20.24 34.14 -39.11
C MET H 203 -19.78 35.53 -39.52
N ASN H 204 -18.67 35.99 -38.92
CA ASN H 204 -18.19 37.34 -39.17
C ASN H 204 -16.81 37.59 -38.57
N VAL H 205 -16.12 38.58 -39.11
CA VAL H 205 -14.95 39.15 -38.46
C VAL H 205 -15.19 40.64 -38.21
N ALA H 206 -14.95 41.07 -36.97
CA ALA H 206 -15.12 42.46 -36.58
C ALA H 206 -16.52 42.97 -36.93
N GLY H 207 -17.51 42.10 -36.78
CA GLY H 207 -18.89 42.52 -37.00
C GLY H 207 -19.31 42.59 -38.46
N VAL H 208 -18.41 42.23 -39.37
CA VAL H 208 -18.71 42.20 -40.80
C VAL H 208 -19.26 40.83 -41.22
N SER H 209 -20.55 40.79 -41.57
CA SER H 209 -21.21 39.56 -41.97
C SER H 209 -20.62 38.90 -43.23
N LEU H 210 -20.06 37.71 -43.07
CA LEU H 210 -19.52 36.98 -44.20
C LEU H 210 -20.60 36.63 -45.22
N LYS H 211 -21.84 36.45 -44.76
CA LYS H 211 -22.88 36.03 -45.69
C LYS H 211 -23.47 37.20 -46.46
N THR H 212 -23.43 38.39 -45.88
CA THR H 212 -23.85 39.59 -46.60
C THR H 212 -22.81 39.92 -47.67
N LEU H 213 -21.55 39.63 -47.38
CA LEU H 213 -20.48 39.81 -48.36
C LEU H 213 -20.53 38.72 -49.41
N HIS H 214 -21.01 37.54 -49.01
CA HIS H 214 -20.95 36.36 -49.87
C HIS H 214 -22.21 35.53 -49.65
N PRO H 215 -23.30 35.88 -50.36
CA PRO H 215 -24.61 35.25 -50.15
C PRO H 215 -24.63 33.76 -50.48
N GLU H 216 -23.71 33.31 -51.33
CA GLU H 216 -23.58 31.90 -51.65
C GLU H 216 -22.96 31.13 -50.48
N LEU H 217 -22.50 31.88 -49.47
CA LEU H 217 -21.84 31.26 -48.33
C LEU H 217 -22.66 30.11 -47.78
N GLY H 218 -22.06 28.93 -47.72
CA GLY H 218 -22.73 27.79 -47.14
C GLY H 218 -23.50 26.92 -48.11
N THR H 219 -23.82 27.46 -49.29
CA THR H 219 -24.65 26.73 -50.26
C THR H 219 -23.80 25.82 -51.13
N ASP H 220 -24.46 24.97 -51.91
CA ASP H 220 -23.79 24.13 -52.88
C ASP H 220 -23.19 24.97 -54.00
N ALA H 221 -23.82 26.11 -54.29
CA ALA H 221 -23.34 27.01 -55.34
C ALA H 221 -22.07 27.74 -54.93
N ASP H 222 -21.71 27.63 -53.65
CA ASP H 222 -20.56 28.33 -53.10
C ASP H 222 -19.27 27.88 -53.79
N LYS H 223 -18.75 28.75 -54.66
CA LYS H 223 -17.52 28.43 -55.40
C LYS H 223 -16.36 28.26 -54.43
N GLU H 224 -16.53 28.77 -53.21
CA GLU H 224 -15.49 28.63 -52.19
C GLU H 224 -15.74 27.46 -51.26
N GLN H 225 -16.90 26.82 -51.41
CA GLN H 225 -17.13 25.54 -50.75
C GLN H 225 -17.06 25.62 -49.22
N TRP H 226 -17.54 26.70 -48.66
CA TRP H 226 -17.52 26.87 -47.20
C TRP H 226 -18.34 25.82 -46.48
N LYS H 227 -19.36 25.30 -47.16
CA LYS H 227 -20.14 24.20 -46.62
C LYS H 227 -19.22 23.07 -46.17
N GLN H 228 -18.11 22.89 -46.88
CA GLN H 228 -17.14 21.84 -46.54
C GLN H 228 -16.38 22.15 -45.26
N VAL H 229 -16.39 23.40 -44.83
CA VAL H 229 -15.76 23.74 -43.56
C VAL H 229 -16.53 23.08 -42.42
N HIS H 230 -17.86 23.12 -42.48
CA HIS H 230 -18.68 22.46 -41.48
C HIS H 230 -18.47 20.94 -41.50
N LYS H 231 -18.31 20.39 -42.68
CA LYS H 231 -18.03 18.97 -42.84
C LYS H 231 -16.69 18.58 -42.20
N GLN H 232 -15.67 19.41 -42.39
CA GLN H 232 -14.38 19.17 -41.74
C GLN H 232 -14.55 19.07 -40.23
N VAL H 233 -15.25 20.04 -39.67
CA VAL H 233 -15.53 20.06 -38.25
C VAL H 233 -16.19 18.76 -37.83
N VAL H 234 -17.30 18.43 -38.49
CA VAL H 234 -18.04 17.21 -38.18
C VAL H 234 -17.18 15.94 -38.34
N ASP H 235 -16.18 16.00 -39.22
CA ASP H 235 -15.32 14.85 -39.46
C ASP H 235 -14.04 14.82 -38.62
N SER H 236 -13.68 15.96 -38.03
CA SER H 236 -12.33 16.11 -37.48
C SER H 236 -12.01 15.08 -36.38
N ALA H 237 -12.99 14.75 -35.55
CA ALA H 237 -12.78 13.78 -34.48
C ALA H 237 -12.45 12.41 -35.07
N TYR H 238 -13.22 12.03 -36.09
CA TYR H 238 -12.96 10.81 -36.83
C TYR H 238 -11.57 10.81 -37.47
N GLU H 239 -11.15 11.95 -38.00
CA GLU H 239 -9.81 12.05 -38.59
C GLU H 239 -8.73 11.89 -37.53
N VAL H 240 -8.86 12.62 -36.42
CA VAL H 240 -7.84 12.56 -35.38
C VAL H 240 -7.78 11.17 -34.76
N ILE H 241 -8.95 10.58 -34.49
CA ILE H 241 -8.99 9.20 -34.01
C ILE H 241 -8.29 8.24 -34.96
N LYS H 242 -8.46 8.46 -36.26
CA LYS H 242 -7.77 7.62 -37.24
C LYS H 242 -6.25 7.77 -37.11
N LEU H 243 -5.80 8.97 -36.76
CA LEU H 243 -4.39 9.28 -36.72
C LEU H 243 -3.72 8.90 -35.40
N LYS H 244 -4.33 9.28 -34.28
CA LYS H 244 -3.69 9.07 -32.97
C LYS H 244 -4.49 8.15 -32.06
N GLY H 245 -5.67 7.73 -32.51
CA GLY H 245 -6.42 6.71 -31.81
C GLY H 245 -7.55 7.25 -30.94
N TYR H 246 -7.57 8.57 -30.76
CA TYR H 246 -8.54 9.25 -29.90
C TYR H 246 -8.21 10.74 -30.01
N THR H 247 -9.07 11.60 -29.46
CA THR H 247 -8.71 13.00 -29.26
C THR H 247 -8.73 13.32 -27.78
N THR H 248 -8.04 14.38 -27.37
CA THR H 248 -7.97 14.73 -25.96
C THR H 248 -7.73 16.20 -25.69
N TRP H 249 -6.71 16.76 -26.34
CA TRP H 249 -6.23 18.09 -26.00
C TRP H 249 -7.27 19.17 -26.22
N ALA H 250 -7.87 19.20 -27.40
CA ALA H 250 -8.83 20.25 -27.73
C ALA H 250 -10.06 20.14 -26.84
N ILE H 251 -10.58 18.92 -26.68
CA ILE H 251 -11.78 18.73 -25.87
C ILE H 251 -11.50 19.10 -24.40
N GLY H 252 -10.32 18.72 -23.90
CA GLY H 252 -9.93 19.11 -22.55
C GLY H 252 -9.84 20.62 -22.36
N LEU H 253 -9.25 21.31 -23.33
CA LEU H 253 -9.13 22.76 -23.29
C LEU H 253 -10.51 23.43 -23.33
N SER H 254 -11.39 22.92 -24.17
CA SER H 254 -12.73 23.49 -24.29
C SER H 254 -13.54 23.29 -23.01
N VAL H 255 -13.34 22.17 -22.32
CA VAL H 255 -14.04 21.92 -21.05
C VAL H 255 -13.50 22.85 -19.97
N ALA H 256 -12.19 23.04 -19.97
CA ALA H 256 -11.55 23.90 -18.99
C ALA H 256 -12.04 25.34 -19.18
N ASP H 257 -12.42 25.68 -20.41
CA ASP H 257 -12.97 27.01 -20.69
C ASP H 257 -14.38 27.14 -20.11
N LEU H 258 -15.16 26.08 -20.21
CA LEU H 258 -16.49 26.04 -19.59
C LEU H 258 -16.35 26.09 -18.08
N ALA H 259 -15.37 25.35 -17.56
CA ALA H 259 -15.10 25.35 -16.13
C ALA H 259 -14.79 26.76 -15.67
N GLU H 260 -13.98 27.47 -16.46
CA GLU H 260 -13.59 28.81 -16.06
C GLU H 260 -14.80 29.71 -15.93
N SER H 261 -15.73 29.62 -16.87
CA SER H 261 -16.90 30.46 -16.83
C SER H 261 -17.76 30.16 -15.60
N ILE H 262 -17.86 28.88 -15.25
CA ILE H 262 -18.60 28.43 -14.08
C ILE H 262 -17.95 28.83 -12.75
N MET H 263 -16.68 28.49 -12.57
CA MET H 263 -15.99 28.79 -11.31
C MET H 263 -15.82 30.29 -11.08
N LYS H 264 -15.70 31.08 -12.14
CA LYS H 264 -15.50 32.52 -12.00
C LYS H 264 -16.77 33.32 -12.29
N ASN H 265 -17.90 32.63 -12.41
CA ASN H 265 -19.19 33.29 -12.65
C ASN H 265 -19.06 34.39 -13.72
N LEU H 266 -18.52 34.04 -14.88
CA LEU H 266 -18.23 35.05 -15.90
C LEU H 266 -19.46 35.49 -16.71
N ARG H 267 -20.46 34.61 -16.77
CA ARG H 267 -21.62 34.87 -17.63
C ARG H 267 -21.13 35.15 -19.06
N ARG H 268 -20.20 34.31 -19.52
CA ARG H 268 -19.86 34.27 -20.93
C ARG H 268 -20.88 33.40 -21.66
N VAL H 269 -21.01 33.61 -22.97
CA VAL H 269 -21.96 32.85 -23.78
C VAL H 269 -21.23 31.73 -24.53
N HIS H 270 -21.60 30.49 -24.26
CA HIS H 270 -20.97 29.36 -24.96
C HIS H 270 -22.02 28.54 -25.68
N PRO H 271 -21.63 27.91 -26.80
CA PRO H 271 -22.49 26.94 -27.48
C PRO H 271 -22.40 25.58 -26.81
N ILE H 272 -23.28 25.35 -25.83
CA ILE H 272 -23.32 24.11 -25.05
C ILE H 272 -24.76 23.62 -24.93
N SER H 273 -24.94 22.33 -24.66
CA SER H 273 -26.28 21.74 -24.68
C SER H 273 -27.01 21.92 -23.36
N THR H 274 -28.26 22.36 -23.46
CA THR H 274 -29.08 22.72 -22.33
C THR H 274 -30.49 22.19 -22.59
N MET H 275 -31.26 21.99 -21.53
CA MET H 275 -32.62 21.48 -21.65
C MET H 275 -33.49 22.60 -22.23
N LEU H 276 -33.81 22.53 -23.52
CA LEU H 276 -34.38 23.69 -24.18
C LEU H 276 -35.86 23.59 -24.44
N LYS H 277 -36.53 22.65 -23.79
CA LYS H 277 -37.97 22.55 -23.92
C LYS H 277 -38.57 23.94 -23.76
N GLY H 278 -39.52 24.29 -24.63
CA GLY H 278 -40.21 25.55 -24.48
C GLY H 278 -39.52 26.68 -25.21
N LEU H 279 -38.35 26.39 -25.78
CA LEU H 279 -37.61 27.36 -26.58
C LEU H 279 -37.34 26.82 -27.97
N TYR H 280 -37.17 27.71 -28.95
CA TYR H 280 -36.79 27.30 -30.30
C TYR H 280 -37.82 26.35 -30.89
N GLY H 281 -39.06 26.46 -30.40
CA GLY H 281 -40.14 25.68 -30.96
C GLY H 281 -40.10 24.24 -30.49
N ILE H 282 -39.31 23.96 -29.47
CA ILE H 282 -39.13 22.59 -29.03
C ILE H 282 -40.02 22.23 -27.85
N LYS H 283 -40.69 21.08 -27.95
CA LYS H 283 -41.71 20.68 -26.99
C LYS H 283 -41.33 19.44 -26.19
N GLU H 284 -40.13 18.93 -26.40
CA GLU H 284 -39.70 17.70 -25.73
C GLU H 284 -38.63 18.00 -24.68
N ASP H 285 -38.48 17.09 -23.72
CA ASP H 285 -37.42 17.20 -22.74
C ASP H 285 -36.11 16.69 -23.35
N VAL H 286 -35.48 17.56 -24.13
CA VAL H 286 -34.22 17.22 -24.78
C VAL H 286 -33.19 18.31 -24.55
N PHE H 287 -31.93 17.95 -24.77
CA PHE H 287 -30.82 18.89 -24.65
C PHE H 287 -30.23 19.12 -26.05
N LEU H 288 -30.12 20.40 -26.42
CA LEU H 288 -29.49 20.78 -27.68
C LEU H 288 -28.60 21.98 -27.40
N SER H 289 -27.54 22.15 -28.20
CA SER H 289 -26.67 23.31 -28.04
C SER H 289 -27.30 24.57 -28.61
N VAL H 290 -27.44 25.57 -27.76
CA VAL H 290 -27.74 26.93 -28.19
C VAL H 290 -26.75 27.85 -27.46
N PRO H 291 -26.74 29.15 -27.78
CA PRO H 291 -25.85 30.07 -27.05
C PRO H 291 -26.32 30.27 -25.60
N CYS H 292 -25.56 29.77 -24.63
CA CYS H 292 -25.97 29.78 -23.22
C CYS H 292 -25.10 30.70 -22.35
N VAL H 293 -25.73 31.44 -21.44
CA VAL H 293 -25.01 32.28 -20.50
C VAL H 293 -24.63 31.42 -19.30
N LEU H 294 -23.33 31.22 -19.12
CA LEU H 294 -22.82 30.24 -18.19
C LEU H 294 -22.15 30.93 -16.98
N GLY H 295 -22.57 30.59 -15.77
CA GLY H 295 -22.04 31.22 -14.57
C GLY H 295 -22.08 30.31 -13.36
N GLN H 296 -21.97 30.90 -12.17
CA GLN H 296 -21.85 30.12 -10.93
C GLN H 296 -23.11 29.28 -10.66
N ASN H 297 -24.19 29.59 -11.38
CA ASN H 297 -25.42 28.81 -11.25
C ASN H 297 -25.68 27.95 -12.50
N GLY H 298 -24.61 27.64 -13.24
CA GLY H 298 -24.78 26.91 -14.48
C GLY H 298 -25.41 27.78 -15.54
N ILE H 299 -26.43 27.27 -16.23
CA ILE H 299 -27.04 28.00 -17.33
C ILE H 299 -28.29 28.75 -16.88
N SER H 300 -28.22 30.08 -16.92
CA SER H 300 -29.28 30.92 -16.34
C SER H 300 -30.12 31.58 -17.43
N ASP H 301 -29.57 31.62 -18.63
CA ASP H 301 -30.13 32.40 -19.72
C ASP H 301 -29.64 31.77 -21.02
N VAL H 302 -30.49 31.80 -22.06
CA VAL H 302 -30.03 31.42 -23.39
C VAL H 302 -30.30 32.52 -24.40
N VAL H 303 -29.40 32.65 -25.37
CA VAL H 303 -29.60 33.59 -26.46
C VAL H 303 -30.50 32.95 -27.50
N LYS H 304 -31.49 33.71 -27.97
CA LYS H 304 -32.36 33.21 -29.02
C LYS H 304 -31.84 33.64 -30.40
N VAL H 305 -31.16 32.71 -31.07
CA VAL H 305 -30.61 32.96 -32.39
C VAL H 305 -31.74 33.02 -33.42
N THR H 306 -31.72 34.05 -34.26
CA THR H 306 -32.69 34.15 -35.35
C THR H 306 -32.33 33.15 -36.45
N LEU H 307 -33.18 32.16 -36.65
CA LEU H 307 -32.90 31.08 -37.59
C LEU H 307 -33.81 31.14 -38.80
N THR H 308 -33.33 30.59 -39.92
CA THR H 308 -34.17 30.43 -41.11
C THR H 308 -35.15 29.31 -40.84
N SER H 309 -36.12 29.15 -41.73
CA SER H 309 -37.09 28.07 -41.60
C SER H 309 -36.40 26.72 -41.64
N GLU H 310 -35.39 26.58 -42.51
CA GLU H 310 -34.70 25.32 -42.65
C GLU H 310 -33.86 25.02 -41.40
N GLU H 311 -33.26 26.07 -40.82
CA GLU H 311 -32.49 25.89 -39.60
C GLU H 311 -33.42 25.52 -38.46
N GLU H 312 -34.48 26.29 -38.30
CA GLU H 312 -35.46 26.06 -37.25
C GLU H 312 -36.08 24.67 -37.40
N ALA H 313 -36.29 24.22 -38.65
CA ALA H 313 -36.85 22.90 -38.90
C ALA H 313 -35.83 21.82 -38.57
N HIS H 314 -34.56 22.12 -38.79
CA HIS H 314 -33.48 21.18 -38.53
C HIS H 314 -33.33 20.92 -37.03
N LEU H 315 -33.44 21.99 -36.24
CA LEU H 315 -33.37 21.90 -34.79
C LEU H 315 -34.52 21.05 -34.26
N LYS H 316 -35.72 21.31 -34.76
CA LYS H 316 -36.87 20.50 -34.39
C LYS H 316 -36.67 19.01 -34.70
N LYS H 317 -36.13 18.70 -35.88
CA LYS H 317 -35.86 17.31 -36.24
C LYS H 317 -34.86 16.69 -35.27
N SER H 318 -33.91 17.48 -34.80
CA SER H 318 -32.94 16.99 -33.83
C SER H 318 -33.61 16.68 -32.50
N ALA H 319 -34.53 17.54 -32.10
CA ALA H 319 -35.31 17.31 -30.88
C ALA H 319 -36.06 15.99 -30.97
N ASP H 320 -36.84 15.82 -32.03
CA ASP H 320 -37.65 14.61 -32.22
C ASP H 320 -36.79 13.34 -32.29
N THR H 321 -35.61 13.47 -32.88
CA THR H 321 -34.65 12.36 -32.96
C THR H 321 -34.16 11.94 -31.57
N LEU H 322 -33.72 12.91 -30.78
CA LEU H 322 -33.22 12.63 -29.44
C LEU H 322 -34.33 12.11 -28.54
N TRP H 323 -35.52 12.70 -28.65
CA TRP H 323 -36.62 12.24 -27.83
C TRP H 323 -36.96 10.78 -28.17
N GLY H 324 -36.99 10.47 -29.47
CA GLY H 324 -37.23 9.10 -29.89
C GLY H 324 -36.23 8.11 -29.30
N ILE H 325 -34.95 8.45 -29.34
CA ILE H 325 -33.93 7.59 -28.74
C ILE H 325 -34.10 7.49 -27.22
N GLN H 326 -34.49 8.58 -26.58
CA GLN H 326 -34.66 8.59 -25.15
C GLN H 326 -35.83 7.73 -24.66
N LYS H 327 -36.91 7.71 -25.44
CA LYS H 327 -38.13 7.00 -25.05
C LYS H 327 -37.88 5.52 -24.83
N GLU H 328 -36.72 5.05 -25.30
CA GLU H 328 -36.41 3.63 -25.27
C GLU H 328 -35.21 3.31 -24.37
N LEU H 329 -34.69 4.32 -23.70
CA LEU H 329 -33.70 4.10 -22.66
C LEU H 329 -34.40 3.50 -21.43
N GLN H 330 -33.68 2.67 -20.69
CA GLN H 330 -34.23 2.13 -19.45
C GLN H 330 -33.54 2.68 -18.20
N PHE H 331 -34.30 3.45 -17.42
CA PHE H 331 -33.79 4.09 -16.21
C PHE H 331 -33.97 3.25 -14.96
#